data_3CW2
#
_entry.id   3CW2
#
_cell.length_a   79.200
_cell.length_b   162.920
_cell.length_c   161.280
_cell.angle_alpha   90.00
_cell.angle_beta   90.00
_cell.angle_gamma   90.00
#
_symmetry.space_group_name_H-M   'P 1 21 1'
#
loop_
_entity.id
_entity.type
_entity.pdbx_description
1 polymer 'Translation initiation factor 2 subunit gamma'
2 polymer 'Translation initiation factor 2 subunit alpha'
3 polymer 'Translation initiation factor 2 subunit beta'
#
loop_
_entity_poly.entity_id
_entity_poly.type
_entity_poly.pdbx_seq_one_letter_code
_entity_poly.pdbx_strand_id
1 'polypeptide(L)'
;MAWPKVQPEVNIGVVGHVDHGKTTLVQAITGIWTSKHSEELKRGMTIKLGYAETNIGVCESCKKPEAYVTEPSCKSCGSD
DEPKFLRRISFIDAPGHEVLMATMLSGAALMDGAILVVAANEPFPQPQTREHFVALGIIGVKNLIIVQNKVDVVSKEEAL
SQYRQIKQFTKGTWAENVPIIPVSALHKINIDSLIEGIEEYIKTPYRDLSQKPVMLVIRSFDVNKPGTQFNELKGGVIGG
SIIQGLFKVDQEIKVLPGLRVEKQGKVSYEPIFTKISSIRFGDEEFKEAKPGGLVAIGTYLDPSLTKADNLLGSIITLAD
AEVPVLWNIRIKYNLLERVVGAKEMLKVDPIRAKETLMLSVGSSTTLGIVTSVKKDEIEVELRRPVAVWSNNIRTVISRQ
IAGRWRMIGWGLVEI
;
A,B,E,F
2 'polypeptide(L)'
;MIYSRSKLPSEGEILIATVKQVFDYGSYVSLDEYGGLQAFLPWSEVSSKWVKNIRDVLKENRKVIVKVIRVDRRKGTVDV
SLKKVTDDERRKKNLQWKKIQRLDKILELVSQKLKLSEKDAWEQVAWKLEAKYGDPITAIEKAVKEGEKILIDAGVPEIW
VKPLLEEASKHAEERKVKMSGLITVRTNEPLGVEKIKEVISKALENIEQDYESLLNIKIYTIGAPRYRVDVVGTNPKEAS
EALNQIISNLIKIGKEENVDISVVKK
;
C,D,G,H
3 'polypeptide(L)'
;MSSEKEYVEMLDRLYSKLPEKGRKEGTQSLPNMIILNIGNTTIIRNFAEYCDRIRREDKICMKYLLKELAAPGNVDDKGE
LVIQGKFSSQVINTLMERFLKAYVECSTCKSLDTILKKEKKSWYIVCLACGAQTPVKPL
;
K,L,M,N
#
# COMPACT_ATOMS: atom_id res chain seq x y z
N ALA A 2 17.33 35.13 -26.90
CA ALA A 2 18.51 35.54 -27.65
C ALA A 2 19.63 34.51 -27.51
N TRP A 3 20.77 34.94 -26.98
CA TRP A 3 21.90 34.05 -26.74
C TRP A 3 21.74 33.30 -25.42
N PRO A 4 22.38 32.13 -25.34
CA PRO A 4 22.36 31.31 -24.12
C PRO A 4 23.05 32.00 -22.95
N LYS A 5 22.62 31.67 -21.73
CA LYS A 5 23.23 32.21 -20.53
C LYS A 5 24.39 31.30 -20.11
N VAL A 6 25.59 31.68 -20.53
CA VAL A 6 26.78 30.89 -20.23
C VAL A 6 27.73 31.61 -19.27
N GLN A 7 28.83 30.95 -18.93
CA GLN A 7 29.84 31.55 -18.07
C GLN A 7 31.03 32.02 -18.91
N PRO A 8 31.83 32.94 -18.35
CA PRO A 8 33.06 33.38 -19.03
C PRO A 8 33.99 32.22 -19.27
N GLU A 9 34.46 32.06 -20.50
CA GLU A 9 35.34 30.94 -20.86
C GLU A 9 36.77 31.40 -21.17
N VAL A 10 36.98 32.71 -21.13
CA VAL A 10 38.30 33.28 -21.40
C VAL A 10 38.61 34.43 -20.45
N ASN A 11 39.83 34.45 -19.93
CA ASN A 11 40.30 35.52 -19.06
C ASN A 11 41.33 36.40 -19.76
N ILE A 12 41.02 37.70 -19.85
CA ILE A 12 41.91 38.65 -20.51
C ILE A 12 42.56 39.59 -19.50
N GLY A 13 43.87 39.75 -19.62
CA GLY A 13 44.62 40.63 -18.74
C GLY A 13 44.75 42.04 -19.30
N VAL A 14 44.41 43.03 -18.47
CA VAL A 14 44.54 44.43 -18.86
C VAL A 14 45.80 45.05 -18.26
N VAL A 15 46.79 45.31 -19.13
CA VAL A 15 48.08 45.84 -18.68
C VAL A 15 48.39 47.19 -19.35
N GLY A 16 48.44 48.25 -18.54
CA GLY A 16 48.72 49.58 -19.03
C GLY A 16 49.35 50.50 -18.01
N HIS A 17 49.44 51.78 -18.33
CA HIS A 17 50.04 52.76 -17.44
C HIS A 17 49.22 54.06 -17.41
N VAL A 18 48.57 54.36 -18.53
CA VAL A 18 47.72 55.55 -18.65
C VAL A 18 46.55 55.50 -17.66
N ASP A 19 46.40 56.56 -16.87
CA ASP A 19 45.35 56.63 -15.86
C ASP A 19 43.96 56.52 -16.50
N HIS A 20 43.18 55.55 -16.01
CA HIS A 20 41.81 55.30 -16.48
C HIS A 20 41.74 54.87 -17.95
N GLY A 21 42.84 55.00 -18.66
CA GLY A 21 42.89 54.62 -20.07
C GLY A 21 42.60 53.14 -20.23
N LYS A 22 43.33 52.32 -19.49
CA LYS A 22 43.05 50.89 -19.43
C LYS A 22 41.66 50.61 -18.88
N THR A 23 41.22 51.46 -17.94
CA THR A 23 39.96 51.27 -17.24
C THR A 23 38.75 51.51 -18.14
N THR A 24 38.71 52.68 -18.78
CA THR A 24 37.59 53.04 -19.64
C THR A 24 37.46 52.08 -20.83
N LEU A 25 38.61 51.57 -21.28
CA LEU A 25 38.65 50.62 -22.39
C LEU A 25 37.81 49.39 -22.07
N VAL A 26 37.71 49.06 -20.80
CA VAL A 26 36.92 47.92 -20.34
C VAL A 26 35.44 48.20 -20.49
N GLN A 27 35.00 49.34 -19.94
CA GLN A 27 33.61 49.76 -20.03
C GLN A 27 33.21 49.98 -21.49
N ALA A 28 34.21 50.19 -22.35
CA ALA A 28 33.97 50.39 -23.76
C ALA A 28 33.53 49.08 -24.42
N ILE A 29 33.96 47.96 -23.86
CA ILE A 29 33.56 46.65 -24.36
C ILE A 29 32.41 46.10 -23.52
N THR A 30 32.69 45.87 -22.25
CA THR A 30 31.71 45.32 -21.32
C THR A 30 30.67 46.38 -20.91
N GLY A 31 31.11 47.44 -20.25
CA GLY A 31 30.22 48.49 -19.81
C GLY A 31 30.09 48.55 -18.31
N ILE A 32 30.85 47.69 -17.62
CA ILE A 32 30.81 47.63 -16.17
C ILE A 32 31.82 48.59 -15.54
N TRP A 33 31.32 49.49 -14.70
CA TRP A 33 32.15 50.49 -14.04
C TRP A 33 33.09 49.87 -13.01
N THR A 34 34.38 49.87 -13.31
CA THR A 34 35.37 49.34 -12.39
C THR A 34 36.04 50.45 -11.58
N SER A 35 35.28 51.50 -11.28
CA SER A 35 35.74 52.59 -10.42
C SER A 35 34.83 52.71 -9.21
N LYS A 36 33.67 53.35 -9.40
CA LYS A 36 32.60 53.29 -8.41
C LYS A 36 31.69 52.12 -8.75
N HIS A 37 31.70 51.10 -7.90
CA HIS A 37 31.06 49.83 -8.19
C HIS A 37 29.64 49.71 -7.59
N SER A 38 28.77 49.00 -8.31
CA SER A 38 27.47 48.61 -7.78
C SER A 38 27.52 47.12 -7.45
N GLU A 39 28.73 46.65 -7.16
CA GLU A 39 28.97 45.25 -6.81
C GLU A 39 28.99 45.11 -5.28
N GLU A 40 29.51 46.12 -4.59
CA GLU A 40 29.48 46.16 -3.14
C GLU A 40 28.05 46.48 -2.71
N LEU A 41 27.38 47.31 -3.49
CA LEU A 41 25.97 47.60 -3.27
C LEU A 41 25.12 46.71 -4.16
N LYS A 42 24.99 45.45 -3.76
CA LYS A 42 24.25 44.44 -4.51
C LYS A 42 24.22 43.13 -3.73
N ARG A 43 25.27 42.89 -2.94
CA ARG A 43 25.37 41.67 -2.14
C ARG A 43 25.93 41.93 -0.75
N GLY A 44 27.26 41.96 -0.65
CA GLY A 44 27.93 42.18 0.62
C GLY A 44 29.16 43.05 0.53
N MET A 45 30.28 42.46 0.10
CA MET A 45 31.55 43.17 0.02
C MET A 45 32.53 42.49 -0.93
N THR A 46 32.04 42.06 -2.08
CA THR A 46 32.89 41.41 -3.08
C THR A 46 33.57 42.42 -4.00
N ILE A 47 34.76 42.87 -3.60
CA ILE A 47 35.50 43.88 -4.35
C ILE A 47 37.01 43.73 -4.23
N LYS A 48 37.65 43.23 -5.28
CA LYS A 48 39.11 43.10 -5.32
C LYS A 48 39.69 43.73 -6.57
N LEU A 49 39.71 42.97 -7.67
CA LEU A 49 40.21 43.45 -8.94
C LEU A 49 39.08 43.85 -9.87
N GLY A 50 39.42 44.54 -10.96
CA GLY A 50 38.44 44.93 -11.95
C GLY A 50 37.93 43.71 -12.68
N TYR A 51 36.71 43.28 -12.32
CA TYR A 51 36.10 42.13 -12.97
C TYR A 51 34.95 42.55 -13.87
N ALA A 52 35.17 42.45 -15.18
CA ALA A 52 34.13 42.75 -16.15
C ALA A 52 33.88 41.55 -17.05
N GLU A 53 32.68 41.47 -17.62
CA GLU A 53 32.31 40.35 -18.48
C GLU A 53 31.25 40.76 -19.50
N THR A 54 31.38 40.26 -20.73
CA THR A 54 30.41 40.55 -21.77
C THR A 54 30.35 39.41 -22.80
N ASN A 55 29.18 39.23 -23.39
CA ASN A 55 29.00 38.24 -24.45
C ASN A 55 29.56 38.74 -25.78
N ILE A 56 30.00 37.81 -26.62
CA ILE A 56 30.56 38.16 -27.92
C ILE A 56 29.92 37.37 -29.06
N GLY A 57 29.11 38.04 -29.87
CA GLY A 57 28.48 37.42 -31.01
C GLY A 57 28.93 38.07 -32.30
N VAL A 58 28.43 37.58 -33.42
CA VAL A 58 28.81 38.12 -34.72
C VAL A 58 27.61 38.26 -35.66
N CYS A 59 27.40 39.47 -36.15
CA CYS A 59 26.34 39.73 -37.13
C CYS A 59 26.79 39.28 -38.51
N GLU A 60 26.83 37.97 -38.72
CA GLU A 60 27.24 37.42 -40.01
C GLU A 60 26.36 37.95 -41.13
N SER A 61 26.88 37.89 -42.35
CA SER A 61 26.24 38.51 -43.52
C SER A 61 26.39 40.03 -43.45
N CYS A 62 27.58 40.47 -43.03
CA CYS A 62 27.89 41.89 -42.93
C CYS A 62 29.40 42.10 -42.95
N LYS A 63 29.82 43.30 -43.36
CA LYS A 63 31.25 43.62 -43.45
C LYS A 63 31.84 43.93 -42.07
N LYS A 64 33.12 44.26 -42.04
CA LYS A 64 33.82 44.52 -40.78
C LYS A 64 34.66 45.80 -40.85
N PRO A 65 35.15 46.29 -39.70
CA PRO A 65 34.94 45.75 -38.36
C PRO A 65 33.68 46.33 -37.73
N GLU A 66 32.54 45.65 -37.91
CA GLU A 66 31.26 46.17 -37.44
C GLU A 66 30.24 45.06 -37.23
N ALA A 67 30.50 43.90 -37.82
CA ALA A 67 29.63 42.74 -37.64
C ALA A 67 29.76 42.23 -36.20
N TYR A 68 30.99 42.16 -35.71
CA TYR A 68 31.27 41.71 -34.35
C TYR A 68 30.64 42.63 -33.32
N VAL A 69 29.53 42.19 -32.72
CA VAL A 69 28.83 42.98 -31.71
C VAL A 69 28.94 42.33 -30.33
N THR A 70 28.52 43.06 -29.30
CA THR A 70 28.58 42.54 -27.93
C THR A 70 27.18 42.25 -27.38
N GLU A 71 26.27 43.19 -27.55
CA GLU A 71 24.87 42.98 -27.18
C GLU A 71 24.11 42.40 -28.37
N PRO A 72 22.98 41.73 -28.09
CA PRO A 72 22.16 41.08 -29.11
C PRO A 72 21.59 42.07 -30.13
N SER A 73 21.76 43.36 -29.87
CA SER A 73 21.28 44.40 -30.76
C SER A 73 22.24 44.60 -31.94
N CYS A 74 21.76 44.34 -33.15
CA CYS A 74 22.56 44.55 -34.35
C CYS A 74 22.54 46.01 -34.78
N LYS A 75 22.64 46.91 -33.80
CA LYS A 75 22.59 48.32 -34.07
C LYS A 75 23.98 48.86 -34.38
N SER A 76 24.99 48.04 -34.11
CA SER A 76 26.37 48.38 -34.43
C SER A 76 26.59 48.21 -35.93
N CYS A 77 26.07 47.10 -36.47
CA CYS A 77 26.15 46.84 -37.90
C CYS A 77 25.00 47.55 -38.62
N GLY A 78 24.11 48.15 -37.84
CA GLY A 78 22.98 48.88 -38.39
C GLY A 78 22.00 47.98 -39.10
N SER A 79 21.24 47.20 -38.34
CA SER A 79 20.32 46.24 -38.90
C SER A 79 19.38 45.69 -37.82
N ASP A 80 18.18 45.28 -38.24
CA ASP A 80 17.21 44.71 -37.34
C ASP A 80 17.31 43.19 -37.38
N ASP A 81 18.50 42.67 -37.07
CA ASP A 81 18.74 41.22 -37.14
C ASP A 81 19.21 40.67 -35.79
N GLU A 82 19.52 39.37 -35.76
CA GLU A 82 20.03 38.72 -34.55
C GLU A 82 21.22 37.84 -34.92
N PRO A 83 22.40 38.15 -34.35
CA PRO A 83 23.68 37.52 -34.67
C PRO A 83 23.81 36.09 -34.17
N LYS A 84 24.91 35.44 -34.50
CA LYS A 84 25.23 34.13 -33.95
C LYS A 84 26.02 34.33 -32.67
N PHE A 85 25.87 33.40 -31.73
CA PHE A 85 26.65 33.48 -30.49
C PHE A 85 27.97 32.75 -30.61
N LEU A 86 29.03 33.35 -30.10
CA LEU A 86 30.35 32.75 -30.17
C LEU A 86 30.82 32.31 -28.78
N ARG A 87 30.93 33.27 -27.86
CA ARG A 87 31.44 32.98 -26.53
C ARG A 87 31.26 34.17 -25.59
N ARG A 88 31.35 33.91 -24.29
CA ARG A 88 31.38 34.97 -23.29
C ARG A 88 32.78 35.15 -22.73
N ILE A 89 33.33 36.36 -22.83
CA ILE A 89 34.68 36.61 -22.36
C ILE A 89 34.70 37.57 -21.17
N SER A 90 35.76 37.51 -20.37
CA SER A 90 35.89 38.36 -19.20
C SER A 90 37.26 39.04 -19.14
N PHE A 91 37.34 40.16 -18.43
CA PHE A 91 38.56 40.96 -18.35
C PHE A 91 38.95 41.24 -16.90
N ILE A 92 40.23 41.56 -16.70
CA ILE A 92 40.74 41.90 -15.38
C ILE A 92 41.52 43.21 -15.42
N ASP A 93 40.92 44.27 -14.88
CA ASP A 93 41.56 45.58 -14.84
C ASP A 93 42.85 45.52 -14.01
N ALA A 94 42.79 44.81 -12.89
CA ALA A 94 43.92 44.65 -11.98
C ALA A 94 44.35 45.93 -11.24
N PRO A 95 43.39 46.63 -10.62
CA PRO A 95 43.74 47.76 -9.75
C PRO A 95 44.19 47.23 -8.40
N GLY A 96 43.26 46.58 -7.69
CA GLY A 96 43.57 45.90 -6.44
C GLY A 96 43.99 46.81 -5.31
N HIS A 97 45.06 46.42 -4.62
CA HIS A 97 45.56 47.18 -3.48
C HIS A 97 47.09 47.16 -3.45
N GLU A 98 47.69 48.25 -3.92
CA GLU A 98 49.15 48.37 -4.03
C GLU A 98 49.72 47.64 -5.24
N VAL A 99 48.95 46.70 -5.79
CA VAL A 99 49.42 45.89 -6.91
C VAL A 99 49.54 46.67 -8.21
N LEU A 100 50.73 46.64 -8.79
CA LEU A 100 50.97 47.21 -10.11
C LEU A 100 51.70 46.17 -10.96
N MET A 101 51.58 44.92 -10.55
CA MET A 101 52.17 43.77 -11.24
C MET A 101 52.04 42.55 -10.35
N ALA A 102 51.90 42.80 -9.05
CA ALA A 102 51.87 41.73 -8.05
C ALA A 102 50.67 40.79 -8.19
N THR A 103 49.75 41.14 -9.10
CA THR A 103 48.59 40.29 -9.36
C THR A 103 48.96 39.13 -10.27
N MET A 104 49.66 39.44 -11.35
CA MET A 104 50.07 38.43 -12.32
C MET A 104 51.20 37.55 -11.79
N LEU A 105 50.83 36.60 -10.93
CA LEU A 105 51.75 35.61 -10.39
C LEU A 105 50.93 34.43 -9.87
N SER A 106 49.67 34.40 -10.29
CA SER A 106 48.73 33.38 -9.83
C SER A 106 48.75 32.15 -10.71
N GLY A 107 49.11 32.33 -11.98
CA GLY A 107 49.16 31.22 -12.92
C GLY A 107 48.89 31.65 -14.34
N ALA A 108 48.17 30.82 -15.09
CA ALA A 108 47.87 31.10 -16.49
C ALA A 108 46.37 30.98 -16.78
N ALA A 109 45.68 30.16 -15.99
CA ALA A 109 44.24 29.96 -16.18
C ALA A 109 43.44 31.14 -15.65
N LEU A 110 44.10 32.03 -14.93
CA LEU A 110 43.46 33.24 -14.42
C LEU A 110 43.60 34.36 -15.44
N MET A 111 44.53 34.19 -16.37
CA MET A 111 44.76 35.16 -17.44
C MET A 111 45.22 34.45 -18.71
N ASP A 112 44.27 33.92 -19.46
CA ASP A 112 44.57 33.10 -20.64
C ASP A 112 45.00 33.93 -21.84
N GLY A 113 44.84 35.25 -21.73
CA GLY A 113 45.23 36.15 -22.80
C GLY A 113 45.53 37.54 -22.26
N ALA A 114 46.27 38.34 -23.04
CA ALA A 114 46.66 39.67 -22.59
C ALA A 114 46.45 40.74 -23.64
N ILE A 115 46.05 41.92 -23.19
CA ILE A 115 45.93 43.08 -24.06
C ILE A 115 46.73 44.23 -23.47
N LEU A 116 47.82 44.59 -24.13
CA LEU A 116 48.70 45.64 -23.63
C LEU A 116 48.26 47.01 -24.13
N VAL A 117 47.56 47.75 -23.28
CA VAL A 117 47.08 49.08 -23.64
C VAL A 117 48.19 50.13 -23.50
N VAL A 118 48.41 50.88 -24.59
CA VAL A 118 49.47 51.88 -24.62
C VAL A 118 49.10 53.10 -23.77
N ALA A 119 50.10 53.92 -23.46
CA ALA A 119 49.88 55.14 -22.69
C ALA A 119 49.24 56.22 -23.57
N ALA A 120 49.93 57.36 -23.81
CA ALA A 120 49.18 58.33 -24.64
C ALA A 120 49.99 59.47 -25.28
N ASN A 121 50.65 60.30 -24.51
CA ASN A 121 51.45 61.36 -25.11
C ASN A 121 52.93 61.02 -25.14
N GLU A 122 53.39 60.45 -24.06
CA GLU A 122 54.77 60.00 -23.89
C GLU A 122 55.25 59.18 -25.09
N PRO A 123 56.56 59.24 -25.36
CA PRO A 123 57.20 58.49 -26.45
C PRO A 123 56.65 57.07 -26.58
N PHE A 124 57.04 56.17 -25.68
CA PHE A 124 56.59 54.78 -25.74
C PHE A 124 56.46 54.08 -24.38
N PRO A 125 57.60 53.80 -23.71
CA PRO A 125 57.53 53.06 -22.44
C PRO A 125 57.04 53.92 -21.27
N GLN A 126 56.87 53.31 -20.11
CA GLN A 126 56.43 54.01 -18.90
C GLN A 126 57.07 53.38 -17.66
N PRO A 127 56.86 53.98 -16.48
CA PRO A 127 57.34 53.38 -15.23
C PRO A 127 56.66 52.04 -14.95
N GLN A 128 55.57 51.75 -15.67
CA GLN A 128 54.88 50.49 -15.51
C GLN A 128 54.87 49.68 -16.80
N THR A 129 54.65 50.35 -17.93
CA THR A 129 54.57 49.70 -19.22
C THR A 129 55.79 48.85 -19.55
N ARG A 130 56.98 49.43 -19.39
CA ARG A 130 58.23 48.72 -19.64
C ARG A 130 58.53 47.71 -18.53
N GLU A 131 57.99 47.97 -17.34
CA GLU A 131 58.18 47.11 -16.18
C GLU A 131 57.57 45.73 -16.37
N HIS A 132 56.24 45.69 -16.41
CA HIS A 132 55.50 44.43 -16.48
C HIS A 132 55.25 43.97 -17.93
N PHE A 133 55.96 44.59 -18.87
CA PHE A 133 55.86 44.17 -20.26
C PHE A 133 56.33 42.73 -20.39
N VAL A 134 57.58 42.50 -19.98
CA VAL A 134 58.16 41.17 -20.02
C VAL A 134 57.52 40.28 -18.96
N ALA A 135 56.74 40.87 -18.07
CA ALA A 135 56.01 40.11 -17.05
C ALA A 135 54.97 39.21 -17.69
N LEU A 136 54.68 39.46 -18.97
CA LEU A 136 53.80 38.59 -19.75
C LEU A 136 54.57 37.45 -20.38
N GLY A 137 55.85 37.69 -20.65
CA GLY A 137 56.73 36.66 -21.20
C GLY A 137 57.43 35.89 -20.10
N ILE A 138 57.06 36.17 -18.86
CA ILE A 138 57.64 35.49 -17.71
C ILE A 138 56.69 34.46 -17.13
N ILE A 139 55.41 34.84 -17.03
CA ILE A 139 54.41 34.00 -16.40
C ILE A 139 53.73 33.06 -17.40
N GLY A 140 53.82 33.39 -18.69
CA GLY A 140 53.32 32.51 -19.73
C GLY A 140 52.13 33.04 -20.51
N VAL A 141 52.38 34.10 -21.27
CA VAL A 141 51.35 34.66 -22.15
C VAL A 141 51.95 35.01 -23.50
N LYS A 142 51.77 34.11 -24.47
CA LYS A 142 52.33 34.30 -25.81
C LYS A 142 51.35 34.98 -26.76
N ASN A 143 50.07 34.88 -26.45
CA ASN A 143 49.02 35.55 -27.24
C ASN A 143 48.66 36.93 -26.70
N LEU A 144 49.21 37.97 -27.30
CA LEU A 144 49.07 39.33 -26.81
C LEU A 144 48.51 40.28 -27.87
N ILE A 145 47.84 41.33 -27.42
CA ILE A 145 47.30 42.36 -28.30
C ILE A 145 47.64 43.75 -27.78
N ILE A 146 48.60 44.41 -28.43
CA ILE A 146 49.01 45.74 -28.03
C ILE A 146 48.13 46.79 -28.69
N VAL A 147 47.31 47.48 -27.89
CA VAL A 147 46.37 48.44 -28.43
C VAL A 147 46.87 49.88 -28.33
N GLN A 148 46.58 50.67 -29.36
CA GLN A 148 46.98 52.07 -29.40
C GLN A 148 45.82 52.96 -28.96
N ASN A 149 45.60 53.03 -27.64
CA ASN A 149 44.53 53.83 -27.08
C ASN A 149 44.93 55.28 -26.87
N LYS A 150 44.01 56.08 -26.35
CA LYS A 150 44.25 57.50 -26.08
C LYS A 150 44.67 58.27 -27.34
N VAL A 151 44.40 57.67 -28.50
CA VAL A 151 44.63 58.33 -29.77
C VAL A 151 43.43 59.21 -30.09
N ASP A 152 42.76 59.65 -29.04
CA ASP A 152 41.56 60.47 -29.14
C ASP A 152 41.88 61.80 -29.82
N VAL A 153 43.03 62.37 -29.46
CA VAL A 153 43.51 63.61 -30.08
C VAL A 153 44.97 63.48 -30.49
N VAL A 154 45.19 62.97 -31.70
CA VAL A 154 46.54 62.83 -32.25
C VAL A 154 46.52 62.99 -33.77
N SER A 155 47.58 62.55 -34.43
CA SER A 155 47.67 62.66 -35.88
C SER A 155 48.20 61.37 -36.51
N LYS A 156 48.12 61.30 -37.84
CA LYS A 156 48.66 60.17 -38.58
C LYS A 156 50.15 60.03 -38.28
N GLU A 157 50.84 61.17 -38.18
CA GLU A 157 52.27 61.18 -37.89
C GLU A 157 52.55 60.60 -36.50
N GLU A 158 51.54 60.63 -35.64
CA GLU A 158 51.62 59.98 -34.33
C GLU A 158 51.26 58.50 -34.47
N ALA A 159 51.73 57.90 -35.54
CA ALA A 159 51.50 56.49 -35.83
C ALA A 159 52.52 56.00 -36.86
N LEU A 160 53.13 56.96 -37.56
CA LEU A 160 54.18 56.66 -38.54
C LEU A 160 55.47 56.24 -37.82
N SER A 161 55.55 56.57 -36.54
CA SER A 161 56.69 56.19 -35.70
C SER A 161 56.22 55.77 -34.32
N GLN A 162 54.99 56.15 -33.96
CA GLN A 162 54.40 55.74 -32.69
C GLN A 162 54.04 54.27 -32.74
N TYR A 163 53.88 53.75 -33.95
CA TYR A 163 53.60 52.33 -34.17
C TYR A 163 54.87 51.59 -34.54
N ARG A 164 55.80 52.30 -35.18
CA ARG A 164 57.06 51.70 -35.62
C ARG A 164 58.05 51.61 -34.47
N GLN A 165 57.77 52.36 -33.40
CA GLN A 165 58.58 52.34 -32.20
C GLN A 165 58.32 51.05 -31.43
N ILE A 166 57.10 50.54 -31.57
CA ILE A 166 56.70 49.32 -30.89
C ILE A 166 57.32 48.10 -31.56
N LYS A 167 57.47 48.18 -32.88
CA LYS A 167 58.04 47.09 -33.66
C LYS A 167 59.52 46.88 -33.32
N GLN A 168 60.15 47.92 -32.79
CA GLN A 168 61.50 47.82 -32.29
C GLN A 168 61.50 47.14 -30.91
N PHE A 169 60.55 47.53 -30.07
CA PHE A 169 60.46 46.99 -28.72
C PHE A 169 60.00 45.53 -28.73
N THR A 170 59.34 45.14 -29.83
CA THR A 170 58.90 43.77 -30.00
C THR A 170 60.02 42.93 -30.62
N LYS A 171 60.76 43.54 -31.55
CA LYS A 171 61.89 42.87 -32.18
C LYS A 171 63.10 42.88 -31.26
N GLY A 172 63.29 41.78 -30.54
CA GLY A 172 64.38 41.65 -29.58
C GLY A 172 64.01 40.68 -28.49
N THR A 173 62.77 40.19 -28.53
CA THR A 173 62.28 39.22 -27.55
C THR A 173 61.50 38.08 -28.22
N TRP A 174 60.23 37.94 -27.84
CA TRP A 174 59.39 36.86 -28.34
C TRP A 174 58.19 37.36 -29.15
N ALA A 175 57.52 38.38 -28.62
CA ALA A 175 56.30 38.90 -29.25
C ALA A 175 56.59 39.76 -30.46
N GLU A 176 56.72 39.13 -31.62
CA GLU A 176 57.06 39.83 -32.85
C GLU A 176 55.85 40.41 -33.57
N ASN A 177 55.14 39.56 -34.31
CA ASN A 177 54.00 40.01 -35.10
C ASN A 177 52.72 40.24 -34.27
N VAL A 178 52.89 40.71 -33.04
CA VAL A 178 51.76 41.04 -32.19
C VAL A 178 51.01 42.25 -32.74
N PRO A 179 49.69 42.11 -32.92
CA PRO A 179 48.83 43.13 -33.54
C PRO A 179 48.82 44.45 -32.77
N ILE A 180 48.67 45.55 -33.49
CA ILE A 180 48.55 46.87 -32.88
C ILE A 180 47.32 47.59 -33.42
N ILE A 181 46.26 47.60 -32.62
CA ILE A 181 44.99 48.18 -33.03
C ILE A 181 44.77 49.56 -32.42
N PRO A 182 44.55 50.56 -33.27
CA PRO A 182 44.22 51.92 -32.82
C PRO A 182 42.76 51.96 -32.38
N VAL A 183 42.51 52.34 -31.14
CA VAL A 183 41.15 52.44 -30.63
C VAL A 183 40.92 53.77 -29.91
N SER A 184 39.69 54.25 -29.93
CA SER A 184 39.34 55.46 -29.22
C SER A 184 39.10 55.16 -27.74
N ALA A 185 39.80 55.88 -26.87
CA ALA A 185 39.67 55.69 -25.42
C ALA A 185 38.26 55.97 -24.94
N LEU A 186 37.92 57.25 -24.85
CA LEU A 186 36.60 57.69 -24.41
C LEU A 186 35.49 57.15 -25.30
N HIS A 187 35.53 57.55 -26.56
CA HIS A 187 34.51 57.16 -27.54
C HIS A 187 34.62 55.67 -27.87
N LYS A 188 33.47 55.00 -27.95
CA LYS A 188 33.42 53.57 -28.24
C LYS A 188 33.57 53.29 -29.74
N ILE A 189 34.57 53.93 -30.34
CA ILE A 189 34.80 53.81 -31.78
C ILE A 189 36.04 52.98 -32.08
N ASN A 190 35.94 52.16 -33.12
CA ASN A 190 37.03 51.28 -33.52
C ASN A 190 37.31 50.21 -32.47
N ILE A 191 36.43 50.15 -31.47
CA ILE A 191 36.48 49.11 -30.46
C ILE A 191 36.08 47.79 -31.09
N ASP A 192 35.23 47.88 -32.11
CA ASP A 192 34.83 46.72 -32.89
C ASP A 192 36.06 45.97 -33.37
N SER A 193 37.07 46.72 -33.79
CA SER A 193 38.33 46.15 -34.26
C SER A 193 39.06 45.40 -33.14
N LEU A 194 39.14 46.02 -31.97
CA LEU A 194 39.78 45.40 -30.82
C LEU A 194 39.05 44.11 -30.44
N ILE A 195 37.73 44.15 -30.53
CA ILE A 195 36.89 42.98 -30.27
C ILE A 195 37.20 41.87 -31.26
N GLU A 196 37.25 42.22 -32.54
CA GLU A 196 37.60 41.27 -33.58
C GLU A 196 39.02 40.76 -33.37
N GLY A 197 39.85 41.60 -32.76
CA GLY A 197 41.23 41.25 -32.46
C GLY A 197 41.30 40.19 -31.37
N ILE A 198 40.54 40.41 -30.29
CA ILE A 198 40.48 39.46 -29.19
C ILE A 198 39.97 38.11 -29.70
N GLU A 199 39.11 38.16 -30.72
CA GLU A 199 38.47 36.96 -31.25
C GLU A 199 39.39 36.18 -32.19
N GLU A 200 40.56 36.73 -32.49
CA GLU A 200 41.47 36.09 -33.44
C GLU A 200 42.84 35.75 -32.83
N TYR A 201 43.42 36.73 -32.14
CA TYR A 201 44.76 36.56 -31.59
C TYR A 201 44.75 36.06 -30.16
N ILE A 202 43.58 36.06 -29.52
CA ILE A 202 43.43 35.54 -28.17
C ILE A 202 42.29 34.53 -28.10
N LYS A 203 42.49 33.37 -28.70
CA LYS A 203 41.46 32.33 -28.77
C LYS A 203 41.24 31.66 -27.40
N THR A 204 40.27 30.76 -27.36
CA THR A 204 39.94 30.04 -26.12
C THR A 204 40.82 28.80 -25.96
N PRO A 205 41.76 28.86 -25.01
CA PRO A 205 42.71 27.77 -24.75
C PRO A 205 42.02 26.45 -24.49
N TYR A 206 42.73 25.33 -24.66
CA TYR A 206 42.16 24.02 -24.44
C TYR A 206 41.90 23.76 -22.97
N ARG A 207 40.67 23.39 -22.63
CA ARG A 207 40.31 23.09 -21.26
C ARG A 207 40.08 21.59 -21.04
N ASP A 208 40.99 20.97 -20.30
CA ASP A 208 40.88 19.56 -19.97
C ASP A 208 40.04 19.40 -18.71
N LEU A 209 38.77 19.05 -18.91
CA LEU A 209 37.80 18.97 -17.80
C LEU A 209 37.76 17.57 -17.18
N SER A 210 38.86 16.83 -17.29
CA SER A 210 38.94 15.49 -16.71
C SER A 210 40.04 15.41 -15.66
N GLN A 211 40.60 16.56 -15.31
CA GLN A 211 41.68 16.61 -14.32
C GLN A 211 41.18 17.03 -12.94
N LYS A 212 42.03 16.86 -11.93
CA LYS A 212 41.68 17.22 -10.57
C LYS A 212 41.26 18.69 -10.47
N PRO A 213 40.01 18.92 -10.05
CA PRO A 213 39.48 20.28 -9.86
C PRO A 213 40.36 21.10 -8.92
N VAL A 214 40.81 22.26 -9.37
CA VAL A 214 41.67 23.12 -8.56
C VAL A 214 41.31 24.60 -8.72
N MET A 215 40.69 25.19 -7.71
CA MET A 215 40.38 26.61 -7.71
C MET A 215 41.30 27.40 -6.80
N LEU A 216 41.83 28.50 -7.32
CA LEU A 216 42.69 29.38 -6.53
C LEU A 216 41.88 30.44 -5.82
N VAL A 217 41.77 30.33 -4.50
CA VAL A 217 40.97 31.25 -3.71
C VAL A 217 41.64 32.61 -3.52
N ILE A 218 41.01 33.65 -4.04
CA ILE A 218 41.54 35.01 -3.89
C ILE A 218 40.66 35.84 -2.96
N ARG A 219 39.49 35.30 -2.62
CA ARG A 219 38.58 35.95 -1.68
C ARG A 219 37.76 34.93 -0.89
N SER A 220 37.25 35.37 0.26
CA SER A 220 36.38 34.56 1.10
C SER A 220 35.80 35.46 2.18
N PHE A 221 34.51 35.29 2.47
CA PHE A 221 33.86 36.18 3.42
C PHE A 221 32.53 35.65 3.94
N ASP A 222 31.92 36.42 4.84
CA ASP A 222 30.63 36.07 5.42
C ASP A 222 29.52 36.82 4.69
N VAL A 223 28.62 36.07 4.06
CA VAL A 223 27.57 36.67 3.23
C VAL A 223 26.37 37.10 4.07
N ASN A 224 26.19 36.49 5.22
CA ASN A 224 25.09 36.81 6.12
C ASN A 224 25.19 38.21 6.69
N LYS A 225 24.05 38.88 6.82
CA LYS A 225 24.01 40.21 7.39
C LYS A 225 23.86 40.12 8.91
N PRO A 226 24.34 41.14 9.63
CA PRO A 226 24.17 41.17 11.08
C PRO A 226 22.69 41.19 11.47
N GLY A 227 22.24 40.16 12.17
CA GLY A 227 20.87 40.07 12.60
C GLY A 227 20.15 38.85 12.07
N THR A 228 20.77 38.19 11.09
CA THR A 228 20.18 37.01 10.47
C THR A 228 19.89 35.92 11.50
N GLN A 229 18.66 35.43 11.50
CA GLN A 229 18.27 34.35 12.39
C GLN A 229 19.12 33.11 12.10
N PHE A 230 19.21 32.21 13.07
CA PHE A 230 20.02 31.01 12.89
C PHE A 230 19.45 30.09 11.80
N ASN A 231 18.14 30.16 11.58
CA ASN A 231 17.48 29.34 10.57
C ASN A 231 17.80 29.75 9.12
N GLU A 232 18.22 31.00 8.93
CA GLU A 232 18.51 31.52 7.60
C GLU A 232 19.99 31.85 7.39
N LEU A 233 20.86 31.22 8.18
CA LEU A 233 22.29 31.41 8.03
C LEU A 233 22.79 30.63 6.82
N LYS A 234 23.61 31.29 6.00
CA LYS A 234 24.24 30.63 4.86
C LYS A 234 25.70 30.35 5.12
N GLY A 235 26.25 29.37 4.42
CA GLY A 235 27.64 29.00 4.60
C GLY A 235 28.60 30.05 4.07
N GLY A 236 29.89 29.83 4.29
CA GLY A 236 30.92 30.76 3.83
C GLY A 236 31.01 30.85 2.33
N VAL A 237 31.45 32.01 1.85
CA VAL A 237 31.61 32.23 0.41
C VAL A 237 33.08 32.25 0.05
N ILE A 238 33.47 31.41 -0.90
CA ILE A 238 34.87 31.29 -1.31
C ILE A 238 35.04 31.57 -2.80
N GLY A 239 34.99 32.85 -3.17
CA GLY A 239 35.14 33.24 -4.56
C GLY A 239 36.58 33.17 -5.04
N GLY A 240 36.85 32.23 -5.94
CA GLY A 240 38.18 32.07 -6.47
C GLY A 240 38.24 32.01 -7.98
N SER A 241 39.33 31.45 -8.50
CA SER A 241 39.47 31.26 -9.94
C SER A 241 39.87 29.81 -10.23
N ILE A 242 38.87 28.99 -10.52
CA ILE A 242 39.13 27.61 -10.88
C ILE A 242 40.08 27.56 -12.08
N ILE A 243 41.25 26.96 -11.87
CA ILE A 243 42.30 26.97 -12.88
C ILE A 243 42.29 25.71 -13.75
N GLN A 244 41.57 24.70 -13.29
CA GLN A 244 41.46 23.45 -14.02
C GLN A 244 40.34 22.59 -13.46
N GLY A 245 40.04 21.49 -14.16
CA GLY A 245 39.08 20.52 -13.70
C GLY A 245 37.63 20.93 -13.90
N LEU A 246 36.73 20.31 -13.14
CA LEU A 246 35.31 20.59 -13.26
C LEU A 246 34.63 20.55 -11.88
N PHE A 247 34.17 21.71 -11.43
CA PHE A 247 33.44 21.81 -10.16
C PHE A 247 31.93 21.84 -10.38
N LYS A 248 31.20 21.09 -9.57
CA LYS A 248 29.74 21.08 -9.65
C LYS A 248 29.11 21.37 -8.30
N VAL A 249 27.83 21.73 -8.33
CA VAL A 249 27.07 21.96 -7.11
C VAL A 249 26.80 20.63 -6.39
N ASP A 250 26.73 20.68 -5.07
CA ASP A 250 26.52 19.50 -4.23
C ASP A 250 27.72 18.55 -4.25
N GLN A 251 28.89 19.10 -4.57
CA GLN A 251 30.11 18.30 -4.61
C GLN A 251 30.90 18.45 -3.32
N GLU A 252 31.55 17.37 -2.90
CA GLU A 252 32.37 17.39 -1.70
C GLU A 252 33.80 17.84 -2.02
N ILE A 253 34.29 18.81 -1.26
CA ILE A 253 35.60 19.39 -1.50
C ILE A 253 36.43 19.42 -0.23
N LYS A 254 37.55 20.15 -0.28
CA LYS A 254 38.40 20.32 0.89
C LYS A 254 39.32 21.52 0.72
N VAL A 255 39.46 22.31 1.78
CA VAL A 255 40.29 23.50 1.74
C VAL A 255 41.71 23.23 2.22
N LEU A 256 42.66 23.28 1.29
CA LEU A 256 44.07 23.07 1.62
C LEU A 256 44.77 24.42 1.61
N PRO A 257 45.80 24.58 2.47
CA PRO A 257 46.33 23.57 3.38
C PRO A 257 45.37 23.23 4.53
N GLY A 258 44.62 24.23 4.99
CA GLY A 258 43.67 24.01 6.05
C GLY A 258 43.96 24.85 7.29
N LEU A 259 43.84 24.23 8.45
CA LEU A 259 44.04 24.93 9.71
C LEU A 259 45.28 24.44 10.44
N ARG A 260 45.79 25.24 11.37
CA ARG A 260 46.88 24.82 12.22
C ARG A 260 46.36 23.97 13.36
N VAL A 261 47.03 22.86 13.63
CA VAL A 261 46.63 21.97 14.70
C VAL A 261 47.80 21.56 15.58
N GLU A 262 47.85 22.13 16.79
CA GLU A 262 48.86 21.75 17.79
C GLU A 262 48.47 20.41 18.41
N LYS A 263 49.26 19.38 18.15
CA LYS A 263 48.92 18.03 18.59
C LYS A 263 50.06 17.31 19.29
N GLN A 264 50.38 17.76 20.50
CA GLN A 264 51.38 17.11 21.34
C GLN A 264 52.79 17.26 20.78
N GLY A 265 53.29 18.50 20.76
CA GLY A 265 54.65 18.77 20.33
C GLY A 265 54.76 19.20 18.88
N LYS A 266 54.01 18.53 18.00
CA LYS A 266 54.09 18.80 16.57
C LYS A 266 52.85 19.51 16.06
N VAL A 267 53.03 20.44 15.13
CA VAL A 267 51.92 21.13 14.51
C VAL A 267 51.83 20.80 13.02
N SER A 268 50.64 20.90 12.46
CA SER A 268 50.41 20.59 11.06
C SER A 268 49.25 21.40 10.50
N TYR A 269 48.98 21.22 9.21
CA TYR A 269 47.82 21.85 8.58
C TYR A 269 46.87 20.79 8.04
N GLU A 270 45.68 20.73 8.62
CA GLU A 270 44.70 19.72 8.23
C GLU A 270 43.57 20.34 7.41
N PRO A 271 43.20 19.68 6.30
CA PRO A 271 42.19 20.12 5.34
C PRO A 271 40.86 20.51 5.98
N ILE A 272 40.03 21.22 5.23
CA ILE A 272 38.70 21.58 5.69
C ILE A 272 37.64 21.05 4.72
N PHE A 273 37.11 19.88 5.03
CA PHE A 273 36.12 19.24 4.18
C PHE A 273 34.77 19.94 4.26
N THR A 274 34.17 20.20 3.09
CA THR A 274 32.89 20.90 3.03
C THR A 274 32.16 20.60 1.73
N LYS A 275 30.95 21.14 1.58
CA LYS A 275 30.14 20.93 0.39
C LYS A 275 29.90 22.21 -0.40
N ILE A 276 29.80 22.07 -1.73
CA ILE A 276 29.46 23.19 -2.59
C ILE A 276 27.96 23.43 -2.54
N SER A 277 27.57 24.62 -2.09
CA SER A 277 26.15 24.97 -2.01
C SER A 277 25.65 25.61 -3.30
N SER A 278 26.39 26.59 -3.79
CA SER A 278 25.96 27.33 -4.98
C SER A 278 27.14 27.85 -5.78
N ILE A 279 26.94 27.99 -7.09
CA ILE A 279 27.93 28.60 -7.97
C ILE A 279 27.36 29.89 -8.58
N ARG A 280 28.20 30.92 -8.65
CA ARG A 280 27.75 32.25 -9.09
C ARG A 280 28.80 32.98 -9.91
N PHE A 281 28.65 32.96 -11.23
CA PHE A 281 29.54 33.69 -12.12
C PHE A 281 29.05 35.14 -12.30
N GLY A 282 29.62 36.04 -11.51
CA GLY A 282 29.26 37.44 -11.57
C GLY A 282 27.98 37.76 -10.83
N ASP A 283 26.86 37.28 -11.37
CA ASP A 283 25.55 37.54 -10.76
C ASP A 283 24.52 36.48 -11.16
N GLU A 284 24.92 35.57 -12.03
CA GLU A 284 24.03 34.50 -12.48
C GLU A 284 24.41 33.17 -11.86
N GLU A 285 23.41 32.45 -11.35
CA GLU A 285 23.65 31.22 -10.62
C GLU A 285 23.71 30.00 -11.53
N PHE A 286 24.87 29.37 -11.59
CA PHE A 286 25.06 28.18 -12.41
C PHE A 286 25.09 26.90 -11.56
N LYS A 287 25.25 25.75 -12.21
CA LYS A 287 25.26 24.46 -11.54
C LYS A 287 26.64 23.79 -11.66
N GLU A 288 27.55 24.44 -12.36
CA GLU A 288 28.92 23.95 -12.46
C GLU A 288 29.88 24.99 -13.02
N ALA A 289 31.10 25.00 -12.50
CA ALA A 289 32.10 25.98 -12.87
C ALA A 289 33.33 25.33 -13.50
N LYS A 290 33.84 25.98 -14.54
CA LYS A 290 35.03 25.52 -15.26
C LYS A 290 36.05 26.66 -15.29
N PRO A 291 37.31 26.34 -15.66
CA PRO A 291 38.39 27.34 -15.72
C PRO A 291 38.00 28.58 -16.52
N GLY A 292 38.51 29.74 -16.11
CA GLY A 292 38.18 30.99 -16.77
C GLY A 292 36.94 31.64 -16.18
N GLY A 293 37.09 32.85 -15.67
CA GLY A 293 35.99 33.56 -15.05
C GLY A 293 35.99 33.43 -13.54
N LEU A 294 35.89 34.57 -12.86
CA LEU A 294 35.88 34.59 -11.40
C LEU A 294 34.55 34.07 -10.87
N VAL A 295 34.61 32.94 -10.16
CA VAL A 295 33.41 32.28 -9.67
C VAL A 295 33.28 32.36 -8.15
N ALA A 296 32.07 32.66 -7.68
CA ALA A 296 31.80 32.71 -6.25
C ALA A 296 31.06 31.46 -5.79
N ILE A 297 31.70 30.66 -4.93
CA ILE A 297 31.12 29.41 -4.47
C ILE A 297 30.63 29.45 -3.02
N GLY A 298 29.31 29.42 -2.85
CA GLY A 298 28.73 29.28 -1.53
C GLY A 298 29.02 27.88 -1.02
N THR A 299 29.17 27.73 0.29
CA THR A 299 29.52 26.45 0.87
C THR A 299 28.67 26.13 2.11
N TYR A 300 29.12 25.18 2.92
CA TYR A 300 28.44 24.84 4.16
C TYR A 300 29.34 25.12 5.36
N LEU A 301 30.30 26.01 5.18
CA LEU A 301 31.29 26.32 6.21
C LEU A 301 30.82 27.38 7.19
N ASP A 302 31.29 27.27 8.43
CA ASP A 302 31.05 28.27 9.44
C ASP A 302 31.62 29.61 8.96
N PRO A 303 30.76 30.63 8.86
CA PRO A 303 31.15 31.96 8.39
C PRO A 303 32.30 32.56 9.20
N SER A 304 32.62 31.95 10.34
CA SER A 304 33.71 32.43 11.16
C SER A 304 35.06 32.04 10.58
N LEU A 305 35.03 31.21 9.52
CA LEU A 305 36.25 30.76 8.87
C LEU A 305 36.59 31.63 7.66
N THR A 306 35.58 32.23 7.05
CA THR A 306 35.79 33.06 5.86
C THR A 306 35.72 34.54 6.22
N LYS A 307 34.57 34.94 6.75
CA LYS A 307 34.28 36.30 7.22
C LYS A 307 35.21 37.41 6.72
N ALA A 308 36.27 37.69 7.47
CA ALA A 308 37.16 38.80 7.17
C ALA A 308 38.25 38.40 6.18
N ASP A 309 37.84 37.80 5.06
CA ASP A 309 38.78 37.41 4.01
C ASP A 309 39.79 36.39 4.51
N ASN A 310 39.46 35.75 5.63
CA ASN A 310 40.37 34.82 6.31
C ASN A 310 40.90 33.71 5.40
N LEU A 311 39.98 33.06 4.68
CA LEU A 311 40.34 31.92 3.86
C LEU A 311 40.97 32.33 2.53
N LEU A 312 41.58 33.51 2.52
CA LEU A 312 42.31 33.99 1.36
C LEU A 312 43.66 33.28 1.25
N GLY A 313 44.17 33.14 0.03
CA GLY A 313 45.48 32.56 -0.20
C GLY A 313 45.45 31.10 -0.59
N SER A 314 44.70 30.31 0.17
CA SER A 314 44.63 28.86 -0.02
C SER A 314 43.95 28.48 -1.33
N ILE A 315 44.06 27.20 -1.70
CA ILE A 315 43.38 26.71 -2.89
C ILE A 315 42.41 25.60 -2.50
N ILE A 316 41.52 25.24 -3.41
CA ILE A 316 40.52 24.21 -3.14
C ILE A 316 40.48 23.12 -4.20
N THR A 317 40.38 21.87 -3.75
CA THR A 317 40.27 20.73 -4.64
C THR A 317 39.02 19.92 -4.30
N LEU A 318 39.08 18.62 -4.48
CA LEU A 318 37.97 17.75 -4.07
C LEU A 318 38.35 16.99 -2.80
N ALA A 319 37.34 16.54 -2.06
CA ALA A 319 37.59 15.80 -0.83
C ALA A 319 38.64 14.72 -1.11
N ASP A 320 38.33 13.84 -2.07
CA ASP A 320 39.32 12.91 -2.57
C ASP A 320 40.21 13.62 -3.58
N ALA A 321 41.50 13.74 -3.27
CA ALA A 321 42.39 14.51 -4.11
C ALA A 321 43.78 13.91 -4.28
N GLU A 322 44.38 13.49 -3.17
CA GLU A 322 45.78 13.04 -3.18
C GLU A 322 46.69 14.22 -3.52
N VAL A 323 46.51 15.32 -2.80
CA VAL A 323 47.28 16.54 -3.05
C VAL A 323 48.27 16.86 -1.93
N PRO A 324 49.57 16.84 -2.24
CA PRO A 324 50.66 17.11 -1.30
C PRO A 324 50.73 18.57 -0.85
N VAL A 325 50.31 18.84 0.38
CA VAL A 325 50.49 20.15 0.99
C VAL A 325 51.82 20.15 1.76
N LEU A 326 52.83 20.76 1.17
CA LEU A 326 54.21 20.61 1.64
C LEU A 326 54.75 21.84 2.38
N TRP A 327 55.51 21.59 3.44
CA TRP A 327 56.20 22.66 4.14
C TRP A 327 57.36 23.16 3.30
N ASN A 328 58.43 22.38 3.28
CA ASN A 328 59.62 22.71 2.49
C ASN A 328 59.39 22.48 1.00
N ILE A 329 60.01 23.31 0.16
CA ILE A 329 59.89 23.16 -1.28
C ILE A 329 61.22 23.44 -1.99
N ARG A 330 61.37 22.83 -3.16
CA ARG A 330 62.56 23.02 -3.99
C ARG A 330 62.24 24.00 -5.12
N ILE A 331 62.90 25.15 -5.13
CA ILE A 331 62.60 26.19 -6.11
C ILE A 331 63.77 26.54 -7.03
N LYS A 332 63.53 26.43 -8.34
CA LYS A 332 64.51 26.84 -9.32
C LYS A 332 64.39 28.34 -9.58
N TYR A 333 65.14 29.14 -8.83
CA TYR A 333 65.08 30.59 -8.92
C TYR A 333 65.52 31.09 -10.30
N ASN A 334 65.30 32.38 -10.55
CA ASN A 334 65.61 32.95 -11.85
C ASN A 334 66.36 34.28 -11.78
N LEU A 335 67.26 34.50 -12.74
CA LEU A 335 68.08 35.71 -12.79
C LEU A 335 67.40 36.84 -13.56
N LEU A 336 66.74 37.73 -12.83
CA LEU A 336 66.09 38.89 -13.44
C LEU A 336 67.04 40.08 -13.47
N GLU A 337 66.77 41.02 -14.38
CA GLU A 337 67.60 42.22 -14.50
C GLU A 337 67.30 43.24 -13.40
N ARG A 338 67.50 44.51 -13.72
CA ARG A 338 67.07 45.60 -12.84
C ARG A 338 65.57 45.81 -12.91
N VAL A 339 64.96 46.14 -11.77
CA VAL A 339 63.71 45.52 -11.36
C VAL A 339 62.73 46.55 -10.82
N VAL A 340 63.24 47.49 -10.03
CA VAL A 340 62.39 48.43 -9.30
C VAL A 340 62.33 49.77 -10.02
N GLY A 341 61.37 49.91 -10.94
CA GLY A 341 61.39 50.97 -11.92
C GLY A 341 61.39 52.35 -11.28
N ALA A 342 61.14 52.39 -9.98
CA ALA A 342 61.05 53.65 -9.26
C ALA A 342 62.28 53.88 -8.39
N LYS A 343 63.40 53.29 -8.79
CA LYS A 343 64.68 53.55 -8.15
C LYS A 343 65.84 53.30 -9.11
N GLU A 344 66.05 52.03 -9.44
CA GLU A 344 66.62 51.67 -10.74
C GLU A 344 68.11 51.36 -10.61
N MET A 345 68.47 50.10 -10.79
CA MET A 345 69.83 49.64 -10.51
C MET A 345 70.38 48.79 -11.65
N LEU A 346 71.34 47.93 -11.34
CA LEU A 346 71.92 47.04 -12.34
C LEU A 346 71.54 45.58 -12.06
N LYS A 347 72.20 44.96 -11.08
CA LYS A 347 71.90 43.59 -10.70
C LYS A 347 70.86 43.55 -9.57
N VAL A 348 71.19 42.86 -8.48
CA VAL A 348 70.27 42.74 -7.35
C VAL A 348 70.88 41.96 -6.19
N ASP A 349 70.32 42.13 -5.01
CA ASP A 349 70.75 41.38 -3.83
C ASP A 349 70.53 39.89 -4.04
N PRO A 350 71.63 39.11 -4.02
CA PRO A 350 71.63 37.67 -4.30
C PRO A 350 70.74 36.86 -3.35
N ILE A 351 70.74 35.55 -3.51
CA ILE A 351 69.95 34.67 -2.65
C ILE A 351 70.86 33.86 -1.72
N ARG A 352 70.96 34.31 -0.47
CA ARG A 352 71.82 33.66 0.50
C ARG A 352 71.06 32.62 1.31
N ALA A 353 71.76 31.95 2.22
CA ALA A 353 71.16 30.92 3.06
C ALA A 353 70.51 31.54 4.30
N LYS A 354 69.60 30.79 4.91
CA LYS A 354 68.81 31.26 6.05
C LYS A 354 68.35 32.72 5.87
N GLU A 355 67.79 32.99 4.71
CA GLU A 355 67.25 34.32 4.40
C GLU A 355 65.74 34.23 4.23
N THR A 356 65.03 35.26 4.68
CA THR A 356 63.57 35.29 4.60
C THR A 356 63.10 35.90 3.28
N LEU A 357 62.31 35.14 2.53
CA LEU A 357 61.75 35.60 1.26
C LEU A 357 60.26 35.32 1.16
N MET A 358 59.54 36.17 0.46
CA MET A 358 58.11 35.96 0.25
C MET A 358 57.83 35.18 -1.03
N LEU A 359 57.38 33.94 -0.87
CA LEU A 359 57.05 33.10 -2.02
C LEU A 359 55.57 33.20 -2.34
N SER A 360 55.25 33.92 -3.40
CA SER A 360 53.86 34.09 -3.82
C SER A 360 53.32 32.87 -4.57
N VAL A 361 52.94 31.84 -3.83
CA VAL A 361 52.37 30.63 -4.40
C VAL A 361 50.86 30.81 -4.60
N GLY A 362 50.45 31.02 -5.84
CA GLY A 362 49.07 31.37 -6.13
C GLY A 362 48.76 32.73 -5.56
N SER A 363 48.27 32.76 -4.33
CA SER A 363 48.00 34.01 -3.62
C SER A 363 48.44 33.91 -2.16
N SER A 364 49.42 33.07 -1.89
CA SER A 364 49.92 32.89 -0.53
C SER A 364 51.20 33.69 -0.29
N THR A 365 51.31 34.28 0.90
CA THR A 365 52.49 35.04 1.29
C THR A 365 53.29 34.30 2.37
N THR A 366 53.88 33.17 1.98
CA THR A 366 54.65 32.35 2.91
C THR A 366 56.10 32.83 3.00
N LEU A 367 56.61 32.94 4.23
CA LEU A 367 57.98 33.38 4.44
C LEU A 367 58.89 32.20 4.79
N GLY A 368 59.68 31.77 3.81
CA GLY A 368 60.54 30.60 3.97
C GLY A 368 62.02 30.91 4.02
N ILE A 369 62.65 30.59 5.16
CA ILE A 369 64.08 30.77 5.35
C ILE A 369 64.87 29.81 4.45
N VAL A 370 65.82 30.34 3.69
CA VAL A 370 66.62 29.53 2.77
C VAL A 370 67.41 28.46 3.54
N THR A 371 67.59 27.30 2.93
CA THR A 371 68.34 26.21 3.56
C THR A 371 69.42 25.65 2.65
N SER A 372 69.15 25.66 1.34
CA SER A 372 70.11 25.15 0.36
C SER A 372 70.16 26.06 -0.87
N VAL A 373 71.36 26.23 -1.42
CA VAL A 373 71.54 27.06 -2.61
C VAL A 373 72.46 26.39 -3.63
N LYS A 374 71.95 26.20 -4.84
CA LYS A 374 72.73 25.63 -5.93
C LYS A 374 72.87 26.64 -7.06
N LYS A 375 72.69 26.14 -8.28
CA LYS A 375 72.73 26.97 -9.47
C LYS A 375 71.32 27.14 -10.02
N ASP A 376 70.53 26.08 -9.93
CA ASP A 376 69.17 26.09 -10.43
C ASP A 376 68.24 25.35 -9.45
N GLU A 377 68.49 25.53 -8.16
CA GLU A 377 67.70 24.86 -7.13
C GLU A 377 67.85 25.55 -5.77
N ILE A 378 66.75 25.65 -5.04
CA ILE A 378 66.75 26.31 -3.73
C ILE A 378 65.78 25.64 -2.76
N GLU A 379 66.32 25.02 -1.72
CA GLU A 379 65.50 24.42 -0.67
C GLU A 379 65.00 25.51 0.28
N VAL A 380 63.70 25.48 0.59
CA VAL A 380 63.10 26.53 1.41
C VAL A 380 62.51 25.99 2.72
N GLU A 381 62.47 26.85 3.74
CA GLU A 381 61.91 26.51 5.04
C GLU A 381 60.64 27.33 5.26
N LEU A 382 59.61 27.04 4.47
CA LEU A 382 58.38 27.82 4.49
C LEU A 382 57.72 27.91 5.86
N ARG A 383 57.05 29.03 6.11
CA ARG A 383 56.28 29.21 7.32
C ARG A 383 54.98 28.42 7.18
N ARG A 384 54.20 28.74 6.17
CA ARG A 384 52.97 28.00 5.87
C ARG A 384 53.22 26.97 4.77
N PRO A 385 52.77 25.73 4.99
CA PRO A 385 52.92 24.65 4.01
C PRO A 385 52.06 24.90 2.78
N VAL A 386 52.68 25.35 1.70
CA VAL A 386 51.96 25.57 0.44
C VAL A 386 51.59 24.23 -0.19
N ALA A 387 50.46 24.21 -0.90
CA ALA A 387 49.96 22.98 -1.50
C ALA A 387 50.20 22.95 -3.01
N VAL A 388 50.73 21.84 -3.49
CA VAL A 388 50.97 21.64 -4.92
C VAL A 388 50.13 20.48 -5.45
N TRP A 389 49.55 20.65 -6.63
CA TRP A 389 48.67 19.61 -7.19
C TRP A 389 49.41 18.62 -8.08
N SER A 390 49.98 19.11 -9.18
CA SER A 390 50.66 18.24 -10.14
C SER A 390 51.89 18.90 -10.76
N ASN A 391 51.72 20.10 -11.28
CA ASN A 391 52.79 20.80 -11.98
C ASN A 391 53.47 21.83 -11.08
N ASN A 392 54.66 22.26 -11.48
CA ASN A 392 55.41 23.28 -10.74
C ASN A 392 54.81 24.67 -10.87
N ILE A 393 54.82 25.42 -9.78
CA ILE A 393 54.14 26.72 -9.73
C ILE A 393 55.11 27.89 -9.92
N ARG A 394 54.68 28.89 -10.67
CA ARG A 394 55.45 30.11 -10.85
C ARG A 394 55.24 31.05 -9.69
N THR A 395 56.01 30.86 -8.63
CA THR A 395 55.96 31.74 -7.47
C THR A 395 56.98 32.85 -7.60
N VAL A 396 56.48 34.07 -7.81
CA VAL A 396 57.34 35.25 -7.90
C VAL A 396 57.87 35.59 -6.51
N ILE A 397 59.09 35.14 -6.22
CA ILE A 397 59.71 35.38 -4.93
C ILE A 397 59.98 36.87 -4.72
N SER A 398 60.00 37.30 -3.46
CA SER A 398 60.30 38.69 -3.13
C SER A 398 60.97 38.79 -1.77
N ARG A 399 60.25 39.34 -0.80
CA ARG A 399 60.78 39.50 0.55
C ARG A 399 59.68 39.81 1.55
N GLN A 400 59.12 41.02 1.45
CA GLN A 400 58.09 41.46 2.40
C GLN A 400 56.75 40.80 2.13
N ILE A 401 55.77 41.59 1.71
CA ILE A 401 54.43 41.10 1.45
C ILE A 401 54.10 41.18 -0.04
N ALA A 402 52.88 40.77 -0.41
CA ALA A 402 52.45 40.80 -1.80
C ALA A 402 52.17 42.23 -2.26
N GLY A 403 53.21 42.89 -2.75
CA GLY A 403 53.09 44.27 -3.21
C GLY A 403 54.22 44.66 -4.13
N ARG A 404 54.13 45.87 -4.68
CA ARG A 404 55.16 46.35 -5.61
C ARG A 404 56.47 46.58 -4.86
N TRP A 405 56.37 46.99 -3.60
CA TRP A 405 57.55 47.22 -2.78
C TRP A 405 58.33 45.92 -2.55
N ARG A 406 59.56 45.90 -3.06
CA ARG A 406 60.44 44.75 -2.96
C ARG A 406 60.01 43.59 -3.86
N MET A 407 60.55 43.57 -5.07
CA MET A 407 60.32 42.48 -6.02
C MET A 407 61.67 41.92 -6.46
N ILE A 408 61.75 40.61 -6.64
CA ILE A 408 63.02 39.99 -7.00
C ILE A 408 62.89 38.56 -7.54
N GLY A 409 63.16 38.36 -8.80
CA GLY A 409 63.16 37.01 -9.33
C GLY A 409 61.80 36.36 -9.25
N TRP A 410 61.77 35.08 -9.54
CA TRP A 410 60.62 34.26 -9.67
C TRP A 410 61.12 32.79 -9.58
N GLY A 411 60.72 32.03 -10.58
CA GLY A 411 61.10 30.64 -10.72
C GLY A 411 59.93 29.70 -10.45
N LEU A 412 60.06 28.48 -10.96
CA LEU A 412 59.05 27.44 -10.78
C LEU A 412 59.20 26.78 -9.42
N VAL A 413 58.55 25.64 -9.25
CA VAL A 413 58.63 24.87 -8.02
C VAL A 413 58.88 23.40 -8.32
N GLU A 414 60.16 23.03 -8.42
CA GLU A 414 60.54 21.65 -8.72
C GLU A 414 59.90 20.67 -7.75
N ILE A 415 59.04 19.80 -8.27
CA ILE A 415 58.33 18.82 -7.45
C ILE A 415 58.36 17.42 -8.08
N ALA B 2 23.55 43.47 14.60
CA ALA B 2 23.25 43.91 15.96
C ALA B 2 21.75 44.17 16.13
N TRP B 3 21.01 44.04 15.04
CA TRP B 3 19.57 44.28 15.05
C TRP B 3 18.84 43.11 14.41
N PRO B 4 17.92 42.49 15.15
CA PRO B 4 17.18 41.29 14.72
C PRO B 4 16.54 41.44 13.34
N LYS B 5 17.09 40.73 12.36
CA LYS B 5 16.55 40.73 11.01
C LYS B 5 15.21 39.98 10.99
N VAL B 6 14.13 40.72 10.78
CA VAL B 6 12.80 40.13 10.72
C VAL B 6 12.03 40.64 9.50
N GLN B 7 10.79 40.19 9.38
CA GLN B 7 9.89 40.68 8.34
C GLN B 7 8.92 41.70 8.95
N PRO B 8 8.25 42.48 8.10
CA PRO B 8 7.24 43.44 8.59
C PRO B 8 6.20 42.74 9.44
N GLU B 9 5.72 43.43 10.47
CA GLU B 9 4.65 42.92 11.32
C GLU B 9 3.30 43.42 10.84
N VAL B 10 3.27 44.69 10.42
CA VAL B 10 2.06 45.32 9.89
C VAL B 10 2.39 46.29 8.75
N ASN B 11 1.49 46.38 7.77
CA ASN B 11 1.66 47.30 6.66
C ASN B 11 0.62 48.43 6.63
N ILE B 12 1.10 49.67 6.70
CA ILE B 12 0.23 50.84 6.73
C ILE B 12 -0.23 51.21 5.32
N GLY B 13 -1.10 52.20 5.22
CA GLY B 13 -1.59 52.67 3.94
C GLY B 13 -1.67 54.18 3.84
N VAL B 14 -0.58 54.79 3.41
CA VAL B 14 -0.51 56.24 3.28
C VAL B 14 -1.36 56.74 2.12
N VAL B 15 -2.10 57.81 2.35
CA VAL B 15 -3.00 58.36 1.33
C VAL B 15 -3.05 59.89 1.36
N GLY B 16 -2.91 60.50 0.19
CA GLY B 16 -2.93 61.95 0.08
C GLY B 16 -3.11 62.47 -1.34
N HIS B 17 -2.32 63.49 -1.68
CA HIS B 17 -2.44 64.16 -2.98
C HIS B 17 -1.40 63.71 -4.00
N VAL B 18 -0.27 64.41 -4.04
CA VAL B 18 0.79 64.15 -5.01
C VAL B 18 1.88 63.30 -4.40
N ASP B 19 2.67 62.62 -5.23
CA ASP B 19 3.80 61.85 -4.74
C ASP B 19 4.84 62.78 -4.13
N HIS B 20 4.74 64.06 -4.45
CA HIS B 20 5.62 65.07 -3.89
C HIS B 20 5.07 65.48 -2.51
N GLY B 21 3.94 64.88 -2.14
CA GLY B 21 3.28 65.18 -0.88
C GLY B 21 3.25 63.99 0.07
N LYS B 22 2.68 62.88 -0.38
CA LYS B 22 2.61 61.68 0.45
C LYS B 22 3.75 60.71 0.17
N THR B 23 4.05 60.50 -1.12
CA THR B 23 5.14 59.60 -1.51
C THR B 23 6.47 60.15 -1.02
N THR B 24 6.55 61.46 -0.87
CA THR B 24 7.74 62.11 -0.34
C THR B 24 7.86 61.88 1.16
N LEU B 25 6.71 61.85 1.83
CA LEU B 25 6.67 61.67 3.28
C LEU B 25 7.16 60.28 3.66
N VAL B 26 6.85 59.29 2.83
CA VAL B 26 7.32 57.93 3.03
C VAL B 26 8.84 57.88 2.96
N GLN B 27 9.41 58.65 2.04
CA GLN B 27 10.85 58.72 1.85
C GLN B 27 11.55 59.35 3.06
N ALA B 28 10.83 60.22 3.75
CA ALA B 28 11.37 60.89 4.94
C ALA B 28 11.52 59.90 6.11
N ILE B 29 10.50 59.08 6.31
CA ILE B 29 10.53 58.06 7.37
C ILE B 29 11.56 56.98 7.06
N THR B 30 11.37 56.29 5.94
CA THR B 30 12.24 55.19 5.53
C THR B 30 13.66 55.69 5.28
N GLY B 31 13.82 56.57 4.30
CA GLY B 31 15.11 57.10 3.94
C GLY B 31 15.43 56.84 2.47
N ILE B 32 14.44 56.37 1.73
CA ILE B 32 14.62 56.07 0.32
C ILE B 32 13.43 56.50 -0.53
N TRP B 33 13.71 56.91 -1.77
CA TRP B 33 12.69 57.35 -2.72
C TRP B 33 11.91 56.16 -3.25
N THR B 34 10.60 56.17 -3.05
CA THR B 34 9.76 55.03 -3.42
C THR B 34 8.96 55.25 -4.71
N SER B 35 9.62 55.04 -5.85
CA SER B 35 8.96 55.08 -7.16
C SER B 35 9.93 54.67 -8.25
N THR B 46 8.52 49.16 -11.41
CA THR B 46 7.32 48.41 -11.11
C THR B 46 6.11 49.31 -11.34
N ILE B 47 4.91 48.76 -11.19
CA ILE B 47 3.68 49.52 -11.42
C ILE B 47 2.66 49.34 -10.29
N LYS B 48 3.05 48.59 -9.25
CA LYS B 48 2.15 48.33 -8.13
C LYS B 48 2.85 48.45 -6.77
N LEU B 49 4.14 48.14 -6.75
CA LEU B 49 4.91 48.09 -5.51
C LEU B 49 5.09 49.44 -4.81
N GLY B 50 4.04 49.94 -4.18
CA GLY B 50 4.17 51.05 -3.26
C GLY B 50 4.70 50.45 -1.96
N TYR B 51 5.94 50.00 -1.99
CA TYR B 51 6.48 49.16 -0.93
C TYR B 51 7.84 49.62 -0.44
N ALA B 52 7.92 49.95 0.85
CA ALA B 52 9.17 50.38 1.47
C ALA B 52 9.13 50.09 2.97
N GLU B 53 9.91 49.11 3.40
CA GLU B 53 9.91 48.68 4.79
C GLU B 53 10.91 49.45 5.64
N THR B 54 10.73 49.41 6.96
CA THR B 54 11.64 50.07 7.89
C THR B 54 11.58 49.48 9.30
N ASN B 55 12.65 49.68 10.06
CA ASN B 55 12.70 49.23 11.45
C ASN B 55 12.35 50.36 12.41
N ILE B 56 11.87 50.00 13.59
CA ILE B 56 11.49 50.98 14.61
C ILE B 56 12.18 50.71 15.94
N GLY B 57 12.96 51.68 16.41
CA GLY B 57 13.68 51.54 17.67
C GLY B 57 13.46 52.74 18.58
N VAL B 58 13.92 52.63 19.82
CA VAL B 58 13.75 53.70 20.79
C VAL B 58 14.70 53.56 21.99
N CYS B 59 15.26 54.69 22.41
CA CYS B 59 16.14 54.72 23.58
C CYS B 59 15.39 55.20 24.81
N GLU B 60 15.07 54.26 25.71
CA GLU B 60 14.37 54.58 26.94
C GLU B 60 15.28 55.36 27.90
N SER B 61 16.59 55.13 27.79
CA SER B 61 17.58 55.84 28.58
C SER B 61 17.80 57.26 28.06
N CYS B 62 16.87 57.71 27.22
CA CYS B 62 16.93 59.04 26.63
C CYS B 62 15.61 59.77 26.80
N LYS B 63 15.18 60.45 25.74
CA LYS B 63 13.97 61.26 25.78
C LYS B 63 13.10 61.10 24.53
N LYS B 64 11.80 61.36 24.70
CA LYS B 64 10.83 61.32 23.61
C LYS B 64 10.43 62.73 23.20
N PRO B 65 9.84 62.88 21.99
CA PRO B 65 9.67 61.80 21.01
C PRO B 65 10.81 61.80 20.02
N GLU B 66 12.04 61.92 20.52
CA GLU B 66 13.21 62.03 19.67
C GLU B 66 13.93 60.69 19.55
N ALA B 67 13.77 59.83 20.55
CA ALA B 67 14.43 58.54 20.59
C ALA B 67 13.98 57.61 19.48
N TYR B 68 12.75 57.82 19.00
CA TYR B 68 12.20 57.01 17.91
C TYR B 68 12.96 57.24 16.61
N VAL B 69 13.88 56.33 16.30
CA VAL B 69 14.68 56.42 15.08
C VAL B 69 14.26 55.37 14.05
N THR B 70 14.86 55.45 12.87
CA THR B 70 14.56 54.52 11.79
C THR B 70 15.77 53.66 11.47
N GLU B 71 16.92 54.07 11.98
CA GLU B 71 18.16 53.34 11.80
C GLU B 71 18.81 53.10 13.15
N PRO B 72 19.46 51.93 13.32
CA PRO B 72 20.06 51.50 14.59
C PRO B 72 21.22 52.38 15.03
N SER B 73 20.94 53.42 15.81
CA SER B 73 21.98 54.28 16.37
C SER B 73 21.36 55.43 17.18
N CYS B 74 21.87 55.62 18.39
CA CYS B 74 21.37 56.69 19.26
C CYS B 74 22.09 58.02 19.03
N LYS B 75 22.29 58.36 17.77
CA LYS B 75 22.96 59.61 17.43
C LYS B 75 21.95 60.75 17.38
N SER B 76 20.82 60.55 18.04
CA SER B 76 19.75 61.54 18.09
C SER B 76 19.43 61.94 19.53
N CYS B 77 20.12 61.32 20.47
CA CYS B 77 19.97 61.68 21.88
C CYS B 77 21.35 61.83 22.53
N GLY B 78 22.38 61.38 21.83
CA GLY B 78 23.74 61.50 22.30
C GLY B 78 24.22 60.32 23.12
N SER B 79 23.73 59.12 22.79
CA SER B 79 24.10 57.91 23.53
C SER B 79 24.78 56.89 22.62
N ASP B 80 25.49 55.95 23.22
CA ASP B 80 26.24 54.95 22.46
C ASP B 80 25.58 53.57 22.47
N ASP B 81 25.12 53.14 23.64
CA ASP B 81 24.50 51.82 23.78
C ASP B 81 23.29 51.65 22.86
N GLU B 82 23.18 50.47 22.26
CA GLU B 82 22.17 50.22 21.22
C GLU B 82 20.73 50.36 21.74
N PRO B 83 19.85 50.89 20.88
CA PRO B 83 18.42 51.09 21.20
C PRO B 83 17.66 49.78 21.38
N LYS B 84 16.40 49.89 21.79
CA LYS B 84 15.54 48.73 21.96
C LYS B 84 14.78 48.49 20.67
N PHE B 85 14.75 47.24 20.21
CA PHE B 85 14.02 46.91 19.00
C PHE B 85 12.56 46.58 19.29
N LEU B 86 11.66 47.41 18.74
CA LEU B 86 10.23 47.20 18.93
C LEU B 86 9.69 46.26 17.87
N ARG B 87 9.74 46.70 16.62
CA ARG B 87 9.15 45.95 15.52
C ARG B 87 9.65 46.47 14.18
N ARG B 88 9.35 45.72 13.12
CA ARG B 88 9.61 46.19 11.77
C ARG B 88 8.28 46.38 11.07
N ILE B 89 8.12 47.50 10.40
CA ILE B 89 6.85 47.83 9.74
C ILE B 89 6.96 47.91 8.22
N SER B 90 5.87 48.32 7.60
CA SER B 90 5.79 48.40 6.14
C SER B 90 4.89 49.56 5.76
N PHE B 91 5.13 50.14 4.58
CA PHE B 91 4.28 51.23 4.09
C PHE B 91 3.72 50.91 2.72
N ILE B 92 2.47 51.32 2.48
CA ILE B 92 1.83 51.08 1.19
C ILE B 92 1.13 52.32 0.65
N ASP B 93 1.66 52.84 -0.45
CA ASP B 93 1.07 54.01 -1.11
C ASP B 93 0.77 53.71 -2.56
N ALA B 94 0.28 54.72 -3.27
CA ALA B 94 0.00 54.59 -4.70
C ALA B 94 1.25 55.00 -5.49
N PRO B 95 1.28 54.64 -6.79
CA PRO B 95 2.40 55.02 -7.66
C PRO B 95 2.40 56.51 -7.97
N GLY B 96 2.32 57.33 -6.93
CA GLY B 96 2.20 58.77 -7.09
C GLY B 96 0.75 59.18 -7.19
N HIS B 97 -0.08 58.30 -7.75
CA HIS B 97 -1.50 58.58 -7.94
C HIS B 97 -2.38 57.35 -7.71
N GLU B 98 -3.37 57.50 -6.84
CA GLU B 98 -4.37 56.46 -6.62
C GLU B 98 -5.70 56.94 -7.20
N VAL B 99 -5.62 57.91 -8.10
CA VAL B 99 -6.80 58.48 -8.72
C VAL B 99 -7.52 57.44 -9.59
N LEU B 100 -6.84 56.34 -9.89
CA LEU B 100 -7.44 55.28 -10.70
C LEU B 100 -7.96 54.13 -9.83
N MET B 101 -8.29 54.43 -8.59
CA MET B 101 -8.83 53.44 -7.66
C MET B 101 -7.92 52.22 -7.59
N ALA B 102 -6.66 52.45 -7.26
CA ALA B 102 -5.65 51.39 -7.23
C ALA B 102 -5.92 50.40 -6.10
N THR B 103 -5.08 50.47 -5.06
CA THR B 103 -5.22 49.60 -3.91
C THR B 103 -6.44 50.02 -3.10
N MET B 104 -7.60 49.55 -3.53
CA MET B 104 -8.85 49.92 -2.89
C MET B 104 -9.34 48.79 -1.99
N LEU B 105 -9.66 47.65 -2.60
CA LEU B 105 -10.09 46.48 -1.83
C LEU B 105 -9.17 45.32 -2.15
N SER B 106 -8.51 45.40 -3.30
CA SER B 106 -7.54 44.39 -3.69
C SER B 106 -6.38 44.35 -2.69
N GLY B 107 -6.20 45.45 -1.98
CA GLY B 107 -5.15 45.56 -0.98
C GLY B 107 -5.72 45.75 0.42
N ALA B 108 -6.91 45.20 0.64
CA ALA B 108 -7.57 45.29 1.93
C ALA B 108 -6.81 44.48 2.98
N ALA B 109 -6.48 43.25 2.63
CA ALA B 109 -5.70 42.38 3.50
C ALA B 109 -4.25 42.84 3.54
N LEU B 110 -3.99 44.01 2.97
CA LEU B 110 -2.66 44.58 2.93
C LEU B 110 -2.61 45.88 3.71
N MET B 111 -3.59 46.10 4.58
CA MET B 111 -3.65 47.35 5.33
C MET B 111 -4.23 47.19 6.73
N ASP B 112 -3.36 47.30 7.73
CA ASP B 112 -3.76 47.19 9.13
C ASP B 112 -3.98 48.58 9.72
N GLY B 113 -3.40 49.59 9.08
CA GLY B 113 -3.51 50.96 9.53
C GLY B 113 -3.77 51.91 8.38
N ALA B 114 -3.61 53.20 8.63
CA ALA B 114 -3.85 54.21 7.59
C ALA B 114 -3.22 55.54 7.96
N ILE B 115 -2.42 56.10 7.06
CA ILE B 115 -1.84 57.41 7.28
C ILE B 115 -2.44 58.44 6.33
N LEU B 116 -3.12 59.44 6.90
CA LEU B 116 -3.74 60.48 6.10
C LEU B 116 -2.85 61.72 6.00
N VAL B 117 -2.03 61.77 4.96
CA VAL B 117 -1.16 62.90 4.72
C VAL B 117 -1.95 64.07 4.16
N VAL B 118 -2.22 65.06 5.02
CA VAL B 118 -2.87 66.28 4.59
C VAL B 118 -1.82 67.39 4.42
N ALA B 119 -2.29 68.62 4.26
CA ALA B 119 -1.39 69.75 4.15
C ALA B 119 -2.02 71.00 4.76
N ALA B 120 -1.18 71.82 5.39
CA ALA B 120 -1.65 73.04 6.04
C ALA B 120 -2.23 74.03 5.01
N ASN B 121 -1.49 74.26 3.94
CA ASN B 121 -1.94 75.17 2.89
C ASN B 121 -3.11 74.59 2.09
N GLU B 122 -3.04 73.29 1.82
CA GLU B 122 -4.05 72.63 1.01
C GLU B 122 -5.45 72.79 1.59
N PRO B 123 -6.40 73.15 0.73
CA PRO B 123 -7.81 73.34 1.12
C PRO B 123 -8.37 72.11 1.82
N PHE B 124 -9.18 72.32 2.85
CA PHE B 124 -9.75 71.23 3.62
C PHE B 124 -11.26 71.35 3.79
N PRO B 125 -11.97 70.24 3.60
CA PRO B 125 -11.35 68.98 3.16
C PRO B 125 -11.38 68.87 1.63
N GLN B 126 -10.23 68.57 1.04
CA GLN B 126 -10.15 68.38 -0.41
C GLN B 126 -11.09 67.28 -0.88
N PRO B 127 -11.60 67.39 -2.12
CA PRO B 127 -12.41 66.35 -2.73
C PRO B 127 -11.57 65.11 -3.00
N GLN B 128 -10.26 65.31 -3.13
CA GLN B 128 -9.33 64.21 -3.33
C GLN B 128 -9.19 63.38 -2.04
N THR B 129 -9.31 64.05 -0.90
CA THR B 129 -9.22 63.40 0.40
C THR B 129 -10.53 62.73 0.78
N ARG B 130 -11.63 63.45 0.59
CA ARG B 130 -12.97 62.96 0.91
C ARG B 130 -13.22 61.52 0.43
N GLU B 131 -12.85 61.26 -0.82
CA GLU B 131 -13.09 59.97 -1.44
C GLU B 131 -12.44 58.83 -0.65
N HIS B 132 -11.13 58.94 -0.42
CA HIS B 132 -10.39 57.92 0.30
C HIS B 132 -10.82 57.86 1.76
N PHE B 133 -11.33 58.97 2.28
CA PHE B 133 -11.75 59.07 3.66
C PHE B 133 -12.85 58.06 3.99
N VAL B 134 -14.02 58.25 3.39
CA VAL B 134 -15.16 57.39 3.65
C VAL B 134 -14.95 56.01 3.04
N ALA B 135 -14.09 55.92 2.03
CA ALA B 135 -13.79 54.65 1.37
C ALA B 135 -13.21 53.65 2.37
N LEU B 136 -12.02 53.93 2.87
CA LEU B 136 -11.37 53.06 3.86
C LEU B 136 -12.04 53.18 5.23
N GLY B 137 -12.81 54.25 5.42
CA GLY B 137 -13.54 54.45 6.65
C GLY B 137 -14.64 53.41 6.82
N ILE B 138 -14.91 52.68 5.74
CA ILE B 138 -15.88 51.59 5.78
C ILE B 138 -15.14 50.27 5.58
N ILE B 139 -13.94 50.36 5.02
CA ILE B 139 -13.06 49.21 4.89
C ILE B 139 -12.80 48.57 6.25
N GLY B 140 -12.74 49.39 7.29
CA GLY B 140 -12.54 48.91 8.64
C GLY B 140 -11.21 49.33 9.23
N VAL B 141 -10.50 50.20 8.54
CA VAL B 141 -9.22 50.70 9.02
C VAL B 141 -9.36 52.02 9.78
N LYS B 142 -9.88 51.93 11.01
CA LYS B 142 -10.08 53.11 11.86
C LYS B 142 -8.80 53.49 12.60
N ASN B 143 -7.77 52.67 12.45
CA ASN B 143 -6.47 52.94 13.03
C ASN B 143 -5.69 53.93 12.17
N LEU B 144 -6.13 55.19 12.21
CA LEU B 144 -5.61 56.21 11.30
C LEU B 144 -5.00 57.41 12.03
N ILE B 145 -4.19 58.17 11.29
CA ILE B 145 -3.55 59.37 11.82
C ILE B 145 -3.44 60.44 10.74
N ILE B 146 -3.77 61.68 11.09
CA ILE B 146 -3.70 62.79 10.15
C ILE B 146 -2.34 63.49 10.22
N VAL B 147 -1.68 63.59 9.08
CA VAL B 147 -0.36 64.19 9.01
C VAL B 147 -0.38 65.52 8.26
N GLN B 148 -0.41 66.61 9.00
CA GLN B 148 -0.36 67.94 8.40
C GLN B 148 1.04 68.21 7.85
N ASN B 149 1.17 68.06 6.53
CA ASN B 149 2.45 68.20 5.87
C ASN B 149 2.58 69.57 5.20
N LYS B 150 3.74 69.83 4.62
CA LYS B 150 4.00 71.09 3.91
C LYS B 150 3.69 72.31 4.76
N VAL B 151 3.91 72.18 6.07
CA VAL B 151 3.67 73.27 7.00
C VAL B 151 4.91 74.15 7.13
N ASP B 152 6.00 73.72 6.50
CA ASP B 152 7.21 74.51 6.45
C ASP B 152 6.95 75.76 5.62
N VAL B 153 6.27 75.58 4.49
CA VAL B 153 5.94 76.68 3.61
C VAL B 153 4.47 77.07 3.78
N VAL B 154 4.12 77.46 5.00
CA VAL B 154 2.76 77.86 5.28
C VAL B 154 2.72 78.76 6.52
N SER B 155 1.66 79.55 6.64
CA SER B 155 1.49 80.45 7.78
C SER B 155 1.12 79.66 9.05
N LYS B 156 1.52 80.17 10.20
CA LYS B 156 1.22 79.53 11.48
C LYS B 156 -0.23 79.77 11.90
N GLU B 157 -0.72 80.99 11.66
CA GLU B 157 -2.09 81.34 11.97
C GLU B 157 -3.04 80.62 10.99
N GLU B 158 -2.46 80.08 9.93
CA GLU B 158 -3.19 79.29 8.95
C GLU B 158 -3.01 77.81 9.26
N ALA B 159 -2.00 77.50 10.08
CA ALA B 159 -1.75 76.15 10.53
C ALA B 159 -2.73 75.81 11.65
N LEU B 160 -2.99 76.77 12.52
CA LEU B 160 -3.99 76.61 13.56
C LEU B 160 -5.36 76.65 12.90
N SER B 161 -5.48 77.44 11.84
CA SER B 161 -6.73 77.52 11.09
C SER B 161 -7.05 76.17 10.46
N GLN B 162 -6.02 75.51 9.94
CA GLN B 162 -6.19 74.18 9.35
C GLN B 162 -6.43 73.13 10.42
N TYR B 163 -5.88 73.37 11.61
CA TYR B 163 -6.12 72.48 12.76
C TYR B 163 -7.61 72.40 13.09
N ARG B 164 -8.19 73.55 13.43
CA ARG B 164 -9.59 73.62 13.86
C ARG B 164 -10.56 73.14 12.78
N GLN B 165 -10.09 73.11 11.54
CA GLN B 165 -10.92 72.63 10.44
C GLN B 165 -11.08 71.11 10.49
N ILE B 166 -9.96 70.40 10.70
CA ILE B 166 -9.97 68.95 10.79
C ILE B 166 -10.72 68.49 12.04
N LYS B 167 -10.65 69.31 13.09
CA LYS B 167 -11.32 68.99 14.35
C LYS B 167 -12.83 68.94 14.17
N GLN B 168 -13.43 70.07 13.81
CA GLN B 168 -14.88 70.18 13.66
C GLN B 168 -15.42 69.23 12.60
N PHE B 169 -14.59 68.92 11.60
CA PHE B 169 -15.01 68.03 10.52
C PHE B 169 -15.11 66.58 10.97
N THR B 170 -14.07 66.11 11.66
CA THR B 170 -14.02 64.73 12.11
C THR B 170 -14.78 64.54 13.43
N LYS B 171 -15.74 65.43 13.68
CA LYS B 171 -16.56 65.35 14.87
C LYS B 171 -17.77 64.46 14.63
N GLY B 172 -18.00 63.52 15.54
CA GLY B 172 -19.10 62.57 15.40
C GLY B 172 -18.66 61.28 14.74
N THR B 173 -17.91 61.40 13.65
CA THR B 173 -17.40 60.25 12.92
C THR B 173 -16.35 59.49 13.73
N TRP B 174 -15.84 58.40 13.18
CA TRP B 174 -14.85 57.57 13.87
C TRP B 174 -13.59 58.35 14.22
N ALA B 175 -13.34 59.42 13.48
CA ALA B 175 -12.17 60.26 13.70
C ALA B 175 -12.43 61.30 14.78
N GLU B 176 -13.32 60.97 15.71
CA GLU B 176 -13.64 61.86 16.82
C GLU B 176 -12.41 62.12 17.68
N ASN B 177 -11.58 61.09 17.85
CA ASN B 177 -10.35 61.21 18.63
C ASN B 177 -9.14 60.66 17.88
N VAL B 178 -8.87 61.20 16.70
CA VAL B 178 -7.69 60.81 15.92
C VAL B 178 -6.60 61.88 16.02
N PRO B 179 -5.34 61.45 15.97
CA PRO B 179 -4.17 62.33 16.11
C PRO B 179 -3.90 63.16 14.85
N ILE B 180 -3.18 64.26 15.02
CA ILE B 180 -2.77 65.10 13.90
C ILE B 180 -1.36 65.64 14.13
N ILE B 181 -0.40 65.17 13.32
CA ILE B 181 1.01 65.53 13.50
C ILE B 181 1.54 66.42 12.38
N PRO B 182 2.16 67.55 12.77
CA PRO B 182 2.81 68.46 11.81
C PRO B 182 4.13 67.86 11.33
N VAL B 183 4.57 68.24 10.13
CA VAL B 183 5.82 67.72 9.59
C VAL B 183 6.19 68.42 8.28
N SER B 184 7.47 68.33 7.92
CA SER B 184 7.97 68.92 6.68
C SER B 184 7.95 67.89 5.56
N ALA B 185 8.44 66.69 5.87
CA ALA B 185 8.56 65.61 4.89
C ALA B 185 9.63 65.89 3.86
N LEU B 186 9.87 67.17 3.60
CA LEU B 186 10.88 67.59 2.63
C LEU B 186 12.18 67.89 3.37
N HIS B 187 12.15 67.80 4.69
CA HIS B 187 13.29 68.17 5.51
C HIS B 187 13.52 67.21 6.67
N LYS B 188 12.61 66.25 6.82
CA LYS B 188 12.70 65.23 7.87
C LYS B 188 12.75 65.81 9.28
N ILE B 189 12.01 66.89 9.52
CA ILE B 189 11.90 67.45 10.85
C ILE B 189 10.57 67.08 11.49
N ASN B 190 10.62 66.74 12.78
CA ASN B 190 9.43 66.36 13.53
C ASN B 190 8.85 65.01 13.08
N ILE B 191 9.54 64.35 12.15
CA ILE B 191 9.17 63.00 11.75
C ILE B 191 9.38 62.07 12.94
N ASP B 192 10.18 62.54 13.90
CA ASP B 192 10.46 61.81 15.11
C ASP B 192 9.16 61.51 15.85
N SER B 193 8.35 62.54 16.01
CA SER B 193 7.06 62.40 16.70
C SER B 193 6.06 61.58 15.88
N LEU B 194 6.20 61.61 14.56
CA LEU B 194 5.32 60.85 13.68
C LEU B 194 5.45 59.35 13.93
N ILE B 195 6.67 58.91 14.17
CA ILE B 195 6.94 57.50 14.46
C ILE B 195 6.42 57.15 15.84
N GLU B 196 6.45 58.12 16.75
CA GLU B 196 5.90 57.93 18.08
C GLU B 196 4.41 57.63 17.97
N GLY B 197 3.74 58.34 17.07
CA GLY B 197 2.33 58.15 16.83
C GLY B 197 2.02 56.82 16.17
N ILE B 198 2.91 56.37 15.30
CA ILE B 198 2.76 55.07 14.66
C ILE B 198 2.68 53.98 15.72
N GLU B 199 3.54 54.09 16.73
CA GLU B 199 3.60 53.09 17.80
C GLU B 199 2.42 53.23 18.74
N GLU B 200 2.26 54.42 19.31
CA GLU B 200 1.23 54.65 20.32
C GLU B 200 -0.19 54.61 19.76
N TYR B 201 -0.33 54.95 18.47
CA TYR B 201 -1.66 55.08 17.87
C TYR B 201 -1.95 54.10 16.74
N ILE B 202 -0.93 53.34 16.33
CA ILE B 202 -1.13 52.28 15.35
C ILE B 202 -0.41 51.00 15.79
N LYS B 203 -0.99 50.30 16.77
CA LYS B 203 -0.38 49.10 17.34
C LYS B 203 -0.48 47.92 16.38
N THR B 204 0.34 46.89 16.63
CA THR B 204 0.32 45.68 15.82
C THR B 204 -0.84 44.79 16.24
N PRO B 205 -1.83 44.63 15.35
CA PRO B 205 -3.00 43.79 15.61
C PRO B 205 -2.64 42.33 15.86
N TYR B 206 -3.42 41.65 16.72
CA TYR B 206 -3.21 40.24 17.00
C TYR B 206 -3.38 39.39 15.74
N ARG B 207 -2.49 38.43 15.56
CA ARG B 207 -2.54 37.53 14.41
C ARG B 207 -2.54 36.07 14.85
N ASP B 208 -3.57 35.34 14.43
CA ASP B 208 -3.71 33.93 14.78
C ASP B 208 -3.00 33.04 13.74
N LEU B 209 -2.09 32.20 14.22
CA LEU B 209 -1.31 31.35 13.32
C LEU B 209 -1.96 30.00 13.05
N SER B 210 -2.93 29.63 13.87
CA SER B 210 -3.66 28.38 13.67
C SER B 210 -4.69 28.53 12.57
N GLN B 211 -4.83 29.75 12.06
CA GLN B 211 -5.73 30.02 10.94
C GLN B 211 -5.18 29.37 9.68
N LYS B 212 -6.08 28.94 8.81
CA LYS B 212 -5.68 28.34 7.55
C LYS B 212 -4.84 29.33 6.75
N PRO B 213 -3.67 28.89 6.26
CA PRO B 213 -2.80 29.73 5.46
C PRO B 213 -3.46 30.18 4.16
N VAL B 214 -3.57 31.49 3.97
CA VAL B 214 -4.19 32.05 2.79
C VAL B 214 -3.38 33.23 2.28
N MET B 215 -2.96 33.16 1.02
CA MET B 215 -2.17 34.24 0.43
C MET B 215 -2.95 34.95 -0.67
N LEU B 216 -2.68 36.23 -0.82
CA LEU B 216 -3.29 37.05 -1.86
C LEU B 216 -2.22 37.50 -2.84
N VAL B 217 -2.23 36.91 -4.04
CA VAL B 217 -1.24 37.25 -5.07
C VAL B 217 -1.60 38.53 -5.82
N ILE B 218 -0.81 39.58 -5.60
CA ILE B 218 -1.07 40.87 -6.22
C ILE B 218 -0.31 41.00 -7.54
N ARG B 219 0.63 40.08 -7.77
CA ARG B 219 1.36 40.04 -9.03
C ARG B 219 2.03 38.68 -9.25
N SER B 220 2.38 38.41 -10.50
CA SER B 220 3.04 37.16 -10.86
C SER B 220 4.06 37.41 -11.96
N PHE B 221 5.05 36.53 -12.08
CA PHE B 221 6.09 36.73 -13.07
C PHE B 221 7.06 35.57 -13.18
N ASP B 222 7.83 35.57 -14.26
CA ASP B 222 8.94 34.63 -14.43
C ASP B 222 10.23 35.39 -14.17
N VAL B 223 10.97 34.94 -13.16
CA VAL B 223 12.16 35.65 -12.71
C VAL B 223 13.36 35.37 -13.61
N ASN B 224 13.21 34.42 -14.54
CA ASN B 224 14.28 34.05 -15.46
C ASN B 224 14.67 35.17 -16.42
N LYS B 225 15.89 35.10 -16.94
CA LYS B 225 16.38 36.05 -17.94
C LYS B 225 16.71 35.32 -19.23
N PRO B 226 15.89 35.51 -20.28
CA PRO B 226 15.98 34.80 -21.55
C PRO B 226 17.40 34.45 -21.97
N GLY B 227 17.62 33.17 -22.25
CA GLY B 227 18.94 32.63 -22.50
C GLY B 227 19.28 31.62 -21.43
N THR B 228 18.64 31.76 -20.28
CA THR B 228 18.86 30.85 -19.16
C THR B 228 18.72 29.40 -19.59
N GLN B 229 19.79 28.63 -19.42
CA GLN B 229 19.81 27.23 -19.83
C GLN B 229 18.81 26.40 -19.02
N PHE B 230 18.49 25.21 -19.52
CA PHE B 230 17.41 24.40 -18.96
C PHE B 230 17.74 23.86 -17.57
N ASN B 231 19.03 23.70 -17.28
CA ASN B 231 19.45 23.14 -16.01
C ASN B 231 19.46 24.18 -14.89
N GLU B 232 19.85 25.40 -15.24
CA GLU B 232 19.84 26.51 -14.29
C GLU B 232 18.49 27.22 -14.32
N LEU B 233 17.48 26.52 -14.83
CA LEU B 233 16.13 27.08 -14.95
C LEU B 233 15.47 27.13 -13.57
N LYS B 234 14.47 28.00 -13.42
CA LYS B 234 13.74 28.14 -12.16
C LYS B 234 12.26 28.35 -12.40
N GLY B 235 11.43 27.95 -11.44
CA GLY B 235 9.99 28.04 -11.55
C GLY B 235 9.39 29.43 -11.39
N GLY B 236 8.06 29.48 -11.32
CA GLY B 236 7.35 30.75 -11.24
C GLY B 236 7.42 31.44 -9.89
N VAL B 237 7.25 32.75 -9.90
CA VAL B 237 7.33 33.53 -8.67
C VAL B 237 6.04 34.34 -8.45
N ILE B 238 5.55 34.30 -7.22
CA ILE B 238 4.29 34.96 -6.88
C ILE B 238 4.49 36.05 -5.84
N GLY B 239 4.39 37.30 -6.27
CA GLY B 239 4.37 38.40 -5.33
C GLY B 239 3.00 38.50 -4.69
N GLY B 240 2.86 39.40 -3.71
CA GLY B 240 1.58 39.57 -3.06
C GLY B 240 1.72 39.76 -1.57
N SER B 241 0.84 39.12 -0.81
CA SER B 241 0.84 39.25 0.63
C SER B 241 -0.10 38.25 1.27
N ILE B 242 0.32 37.69 2.41
CA ILE B 242 -0.51 36.77 3.16
C ILE B 242 -1.56 37.53 3.95
N ILE B 243 -2.77 36.97 4.02
CA ILE B 243 -3.84 37.55 4.82
C ILE B 243 -3.96 36.88 6.19
N GLN B 244 -4.02 35.55 6.20
CA GLN B 244 -4.11 34.81 7.46
C GLN B 244 -3.31 33.52 7.42
N GLY B 245 -3.01 32.97 8.59
CA GLY B 245 -2.21 31.76 8.70
C GLY B 245 -0.76 32.04 8.38
N LEU B 246 -0.02 30.99 8.05
CA LEU B 246 1.38 31.15 7.66
C LEU B 246 1.89 29.96 6.85
N PHE B 247 2.81 30.25 5.93
CA PHE B 247 3.33 29.24 5.02
C PHE B 247 4.77 28.89 5.35
N LYS B 248 5.22 27.75 4.84
CA LYS B 248 6.59 27.31 5.05
C LYS B 248 7.24 26.87 3.74
N VAL B 249 8.54 27.08 3.63
CA VAL B 249 9.29 26.60 2.48
C VAL B 249 9.16 25.08 2.40
N ASP B 250 9.05 24.57 1.17
CA ASP B 250 9.00 23.13 0.93
C ASP B 250 7.72 22.47 1.45
N GLN B 251 6.62 23.21 1.41
CA GLN B 251 5.31 22.63 1.73
C GLN B 251 4.35 22.82 0.55
N GLU B 252 3.38 21.94 0.43
CA GLU B 252 2.47 21.94 -0.71
C GLU B 252 1.37 22.98 -0.62
N ILE B 253 1.06 23.59 -1.75
CA ILE B 253 0.02 24.61 -1.86
C ILE B 253 -0.80 24.41 -3.12
N LYS B 254 -1.59 25.42 -3.48
CA LYS B 254 -2.37 25.39 -4.71
C LYS B 254 -2.98 26.75 -5.03
N VAL B 255 -3.13 27.04 -6.31
CA VAL B 255 -3.72 28.30 -6.76
C VAL B 255 -5.21 28.16 -6.99
N LEU B 256 -5.97 29.13 -6.48
CA LEU B 256 -7.41 29.15 -6.69
C LEU B 256 -7.81 30.45 -7.39
N PRO B 257 -8.83 30.39 -8.26
CA PRO B 257 -9.62 29.20 -8.59
C PRO B 257 -8.81 28.11 -9.28
N GLY B 258 -7.84 28.49 -10.11
CA GLY B 258 -7.00 27.51 -10.77
C GLY B 258 -6.91 27.69 -12.27
N LEU B 259 -7.04 26.59 -13.00
CA LEU B 259 -6.93 26.61 -14.46
C LEU B 259 -8.28 26.38 -15.14
N ARG B 260 -8.58 27.20 -16.14
CA ARG B 260 -9.81 27.06 -16.90
C ARG B 260 -9.76 25.77 -17.70
N VAL B 261 -10.77 24.92 -17.53
CA VAL B 261 -10.80 23.61 -18.16
C VAL B 261 -12.07 23.39 -18.99
N GLU B 262 -11.89 23.17 -20.29
CA GLU B 262 -13.00 22.97 -21.21
C GLU B 262 -13.16 21.49 -21.58
N LYS B 263 -14.11 20.83 -20.94
CA LYS B 263 -14.35 19.41 -21.16
C LYS B 263 -15.24 19.19 -22.37
N GLN B 264 -16.26 18.36 -22.18
CA GLN B 264 -17.23 18.08 -23.23
C GLN B 264 -18.47 18.95 -23.08
N GLY B 265 -18.28 20.27 -23.10
CA GLY B 265 -19.37 21.20 -22.99
C GLY B 265 -19.51 21.82 -21.60
N LYS B 266 -18.69 21.36 -20.67
CA LYS B 266 -18.72 21.88 -19.30
C LYS B 266 -17.35 22.40 -18.90
N VAL B 267 -17.32 23.58 -18.28
CA VAL B 267 -16.07 24.18 -17.86
C VAL B 267 -15.99 24.34 -16.34
N SER B 268 -14.76 24.32 -15.82
CA SER B 268 -14.51 24.55 -14.41
C SER B 268 -13.03 24.82 -14.20
N TYR B 269 -12.70 25.56 -13.14
CA TYR B 269 -11.32 25.82 -12.81
C TYR B 269 -10.77 24.77 -11.85
N GLU B 270 -9.53 24.35 -12.10
CA GLU B 270 -8.90 23.33 -11.27
C GLU B 270 -7.63 23.86 -10.61
N PRO B 271 -7.49 23.64 -9.30
CA PRO B 271 -6.35 24.11 -8.49
C PRO B 271 -5.01 23.74 -9.10
N ILE B 272 -4.08 24.69 -9.10
CA ILE B 272 -2.73 24.44 -9.58
C ILE B 272 -1.81 24.15 -8.40
N PHE B 273 -1.45 22.88 -8.23
CA PHE B 273 -0.67 22.46 -7.08
C PHE B 273 0.84 22.67 -7.30
N THR B 274 1.55 22.89 -6.20
CA THR B 274 2.99 23.15 -6.22
C THR B 274 3.49 23.32 -4.80
N LYS B 275 4.77 23.65 -4.64
CA LYS B 275 5.33 23.94 -3.33
C LYS B 275 6.19 25.20 -3.36
N ILE B 276 6.71 25.60 -2.21
CA ILE B 276 7.55 26.78 -2.11
C ILE B 276 9.03 26.38 -2.18
N SER B 277 9.81 27.16 -2.91
CA SER B 277 11.24 26.95 -2.99
C SER B 277 11.98 28.08 -2.29
N SER B 278 11.33 29.23 -2.20
CA SER B 278 11.94 30.41 -1.59
C SER B 278 10.89 31.40 -1.06
N ILE B 279 11.31 32.19 -0.06
CA ILE B 279 10.46 33.25 0.50
C ILE B 279 11.28 34.54 0.63
N ARG B 280 10.74 35.65 0.14
CA ARG B 280 11.51 36.90 0.07
C ARG B 280 10.78 38.10 0.68
N PHE B 281 11.53 38.91 1.43
CA PHE B 281 11.04 40.17 1.97
C PHE B 281 12.07 41.27 1.71
N GLY B 282 12.06 41.79 0.48
CA GLY B 282 13.05 42.78 0.08
C GLY B 282 14.37 42.13 -0.26
N ASP B 283 15.47 42.68 0.26
CA ASP B 283 16.80 42.16 -0.01
C ASP B 283 17.16 40.99 0.91
N GLU B 284 16.18 40.50 1.66
CA GLU B 284 16.41 39.44 2.63
C GLU B 284 15.49 38.24 2.41
N GLU B 285 15.87 37.09 2.93
CA GLU B 285 15.11 35.87 2.73
C GLU B 285 14.82 35.14 4.03
N PHE B 286 13.71 34.41 4.05
CA PHE B 286 13.29 33.66 5.24
C PHE B 286 12.77 32.28 4.85
N LYS B 287 12.34 31.50 5.84
CA LYS B 287 11.77 30.17 5.59
C LYS B 287 10.30 30.09 6.01
N GLU B 288 9.77 31.18 6.56
CA GLU B 288 8.36 31.25 6.95
C GLU B 288 7.72 32.52 6.41
N ALA B 289 6.39 32.49 6.25
CA ALA B 289 5.68 33.63 5.68
C ALA B 289 4.37 33.93 6.39
N LYS B 290 4.39 34.97 7.22
CA LYS B 290 3.20 35.41 7.94
C LYS B 290 2.63 36.67 7.28
N PRO B 291 1.41 37.04 7.68
CA PRO B 291 0.77 38.26 7.17
C PRO B 291 1.54 39.51 7.58
N GLY B 292 1.44 40.56 6.78
CA GLY B 292 2.06 41.83 7.12
C GLY B 292 3.30 42.11 6.30
N GLY B 293 3.13 42.81 5.19
CA GLY B 293 4.22 43.09 4.28
C GLY B 293 4.10 42.25 3.01
N LEU B 294 4.55 42.82 1.89
CA LEU B 294 4.47 42.15 0.61
C LEU B 294 5.59 41.13 0.42
N VAL B 295 5.20 39.89 0.11
CA VAL B 295 6.14 38.79 -0.02
C VAL B 295 6.26 38.29 -1.46
N ALA B 296 7.44 37.77 -1.79
CA ALA B 296 7.67 37.16 -3.10
C ALA B 296 7.94 35.67 -2.91
N ILE B 297 7.05 34.85 -3.48
CA ILE B 297 7.12 33.41 -3.26
C ILE B 297 7.67 32.67 -4.49
N GLY B 298 8.74 31.91 -4.29
CA GLY B 298 9.27 31.07 -5.34
C GLY B 298 8.66 29.68 -5.26
N THR B 299 8.40 29.06 -6.42
CA THR B 299 7.72 27.77 -6.42
C THR B 299 8.27 26.76 -7.44
N TYR B 300 7.78 25.53 -7.32
CA TYR B 300 8.09 24.46 -8.25
C TYR B 300 7.04 24.45 -9.37
N LEU B 301 6.97 25.54 -10.13
CA LEU B 301 5.94 25.69 -11.16
C LEU B 301 6.53 25.95 -12.54
N ASP B 302 5.67 25.82 -13.55
CA ASP B 302 6.02 26.18 -14.91
C ASP B 302 6.04 27.71 -14.99
N PRO B 303 7.18 28.27 -15.42
CA PRO B 303 7.34 29.73 -15.55
C PRO B 303 6.24 30.34 -16.42
N SER B 304 5.60 29.51 -17.25
CA SER B 304 4.53 29.95 -18.13
C SER B 304 3.29 30.34 -17.34
N LEU B 305 2.95 29.52 -16.34
CA LEU B 305 1.77 29.74 -15.51
C LEU B 305 1.80 31.07 -14.77
N THR B 306 3.00 31.62 -14.59
CA THR B 306 3.16 32.86 -13.83
C THR B 306 3.63 33.99 -14.73
N LYS B 307 4.03 33.64 -15.94
CA LYS B 307 4.56 34.58 -16.92
C LYS B 307 3.73 35.86 -17.06
N ALA B 308 4.32 36.97 -16.63
CA ALA B 308 3.71 38.29 -16.76
C ALA B 308 2.33 38.39 -16.12
N ASP B 309 2.30 38.44 -14.79
CA ASP B 309 1.06 38.60 -14.02
C ASP B 309 -0.05 37.64 -14.46
N ASN B 310 0.34 36.51 -15.03
CA ASN B 310 -0.62 35.52 -15.50
C ASN B 310 -1.45 34.95 -14.37
N LEU B 311 -0.93 35.06 -13.15
CA LEU B 311 -1.57 34.43 -12.00
C LEU B 311 -2.26 35.45 -11.08
N LEU B 312 -2.29 36.70 -11.51
CA LEU B 312 -2.95 37.76 -10.75
C LEU B 312 -4.45 37.50 -10.64
N GLY B 313 -5.03 37.84 -9.50
CA GLY B 313 -6.45 37.63 -9.27
C GLY B 313 -6.71 36.26 -8.68
N SER B 314 -5.66 35.62 -8.19
CA SER B 314 -5.78 34.31 -7.58
C SER B 314 -5.54 34.40 -6.07
N ILE B 315 -5.71 33.28 -5.38
CA ILE B 315 -5.27 33.15 -3.99
C ILE B 315 -4.52 31.84 -3.82
N ILE B 316 -3.65 31.80 -2.81
CA ILE B 316 -2.84 30.61 -2.56
C ILE B 316 -3.13 30.01 -1.18
N THR B 317 -3.54 28.75 -1.17
CA THR B 317 -3.78 28.03 0.08
C THR B 317 -3.04 26.70 0.08
N LEU B 318 -3.14 25.97 1.18
CA LEU B 318 -2.50 24.67 1.28
C LEU B 318 -3.26 23.63 0.47
N ALA B 319 -2.55 22.60 0.00
CA ALA B 319 -3.15 21.56 -0.82
C ALA B 319 -4.25 20.81 -0.08
N ASP B 320 -3.96 20.38 1.14
CA ASP B 320 -4.92 19.65 1.96
C ASP B 320 -6.16 20.50 2.28
N ALA B 321 -5.93 21.77 2.61
CA ALA B 321 -7.02 22.67 2.98
C ALA B 321 -8.01 22.88 1.83
N GLU B 322 -9.26 22.52 2.06
CA GLU B 322 -10.30 22.61 1.05
C GLU B 322 -11.08 23.92 1.15
N VAL B 323 -10.91 24.79 0.16
CA VAL B 323 -11.57 26.09 0.15
C VAL B 323 -12.59 26.21 -0.97
N PRO B 324 -13.82 26.63 -0.62
CA PRO B 324 -14.92 26.80 -1.56
C PRO B 324 -14.59 27.78 -2.67
N VAL B 325 -15.18 27.57 -3.84
CA VAL B 325 -15.03 28.47 -4.97
C VAL B 325 -16.09 28.18 -6.03
N LEU B 326 -17.00 29.12 -6.23
CA LEU B 326 -18.06 28.95 -7.22
C LEU B 326 -18.35 30.23 -8.01
N TRP B 327 -19.48 30.24 -8.71
CA TRP B 327 -19.78 31.31 -9.67
C TRP B 327 -20.83 32.28 -9.14
N ASN B 328 -21.86 31.74 -8.50
CA ASN B 328 -22.88 32.57 -7.85
C ASN B 328 -22.36 33.07 -6.51
N ILE B 329 -22.71 34.30 -6.16
CA ILE B 329 -22.15 34.93 -4.97
C ILE B 329 -23.21 35.54 -4.03
N ARG B 330 -23.16 35.14 -2.77
CA ARG B 330 -24.08 35.65 -1.76
C ARG B 330 -23.68 37.04 -1.30
N ILE B 331 -23.71 37.99 -2.23
CA ILE B 331 -23.25 39.35 -1.95
C ILE B 331 -24.40 40.31 -1.68
N LYS B 332 -24.36 40.97 -0.52
CA LYS B 332 -25.34 41.99 -0.15
C LYS B 332 -24.66 43.36 -0.06
N TYR B 333 -25.45 44.40 0.16
CA TYR B 333 -24.92 45.75 0.30
C TYR B 333 -25.99 46.74 0.77
N ASN B 334 -25.54 47.80 1.43
CA ASN B 334 -26.45 48.86 1.88
C ASN B 334 -26.50 50.01 0.87
N LEU B 335 -25.62 50.98 1.06
CA LEU B 335 -25.47 52.10 0.13
C LEU B 335 -26.74 52.94 -0.03
N LEU B 336 -27.26 53.43 1.09
CA LEU B 336 -28.45 54.28 1.07
C LEU B 336 -28.06 55.69 1.47
N GLY B 341 -17.75 63.09 -8.24
CA GLY B 341 -17.24 64.41 -7.93
C GLY B 341 -16.95 65.27 -9.14
N ALA B 342 -17.49 64.88 -10.29
CA ALA B 342 -17.32 65.66 -11.52
C ALA B 342 -18.32 66.82 -11.56
N LYS B 343 -18.36 67.59 -10.47
CA LYS B 343 -19.35 68.64 -10.29
C LYS B 343 -20.73 68.04 -10.05
N GLU B 344 -20.76 66.73 -9.76
CA GLU B 344 -21.99 66.02 -9.50
C GLU B 344 -21.96 65.39 -8.11
N MET B 345 -23.13 65.27 -7.48
CA MET B 345 -23.25 64.61 -6.18
C MET B 345 -24.50 63.75 -6.11
N LEU B 346 -24.42 62.55 -6.70
CA LEU B 346 -25.55 61.63 -6.77
C LEU B 346 -25.91 61.07 -5.39
N LYS B 347 -27.10 60.47 -5.30
CA LYS B 347 -27.57 59.87 -4.06
C LYS B 347 -27.50 58.35 -4.12
N VAL B 348 -28.19 57.77 -5.10
CA VAL B 348 -28.21 56.33 -5.30
C VAL B 348 -28.13 55.98 -6.78
N ASP B 349 -28.51 54.74 -7.11
CA ASP B 349 -28.54 54.28 -8.50
C ASP B 349 -29.31 52.96 -8.56
N PRO B 350 -30.28 52.89 -9.47
CA PRO B 350 -31.08 51.66 -9.64
C PRO B 350 -30.25 50.50 -10.16
N ILE B 351 -29.99 49.51 -9.31
CA ILE B 351 -29.31 48.28 -9.74
C ILE B 351 -30.30 47.14 -9.88
N ARG B 352 -30.67 46.81 -11.11
CA ARG B 352 -31.61 45.71 -11.35
C ARG B 352 -30.89 44.48 -11.91
N ALA B 353 -31.66 43.43 -12.19
CA ALA B 353 -31.10 42.18 -12.68
C ALA B 353 -30.61 42.29 -14.11
N LYS B 354 -29.82 41.30 -14.53
CA LYS B 354 -29.29 41.23 -15.88
C LYS B 354 -28.59 42.51 -16.31
N GLU B 355 -27.54 42.87 -15.59
CA GLU B 355 -26.69 43.99 -15.97
C GLU B 355 -25.27 43.78 -15.45
N THR B 356 -24.29 44.19 -16.24
CA THR B 356 -22.89 43.99 -15.90
C THR B 356 -22.42 44.88 -14.76
N LEU B 357 -21.60 44.33 -13.87
CA LEU B 357 -21.03 45.08 -12.76
C LEU B 357 -19.76 44.44 -12.24
N MET B 358 -18.83 45.28 -11.77
CA MET B 358 -17.54 44.82 -11.30
C MET B 358 -17.58 44.50 -9.80
N LEU B 359 -16.70 43.61 -9.37
CA LEU B 359 -16.67 43.19 -7.97
C LEU B 359 -15.24 43.09 -7.44
N SER B 360 -15.09 42.74 -6.17
CA SER B 360 -13.77 42.70 -5.55
C SER B 360 -13.28 41.29 -5.25
N VAL B 361 -13.46 40.85 -4.00
CA VAL B 361 -12.94 39.57 -3.53
C VAL B 361 -11.41 39.56 -3.57
N GLY B 362 -10.79 40.42 -2.76
CA GLY B 362 -9.36 40.60 -2.79
C GLY B 362 -8.91 41.08 -4.16
N SER B 363 -7.96 40.37 -4.75
CA SER B 363 -7.46 40.71 -6.08
C SER B 363 -8.22 39.94 -7.15
N SER B 364 -9.11 39.04 -6.71
CA SER B 364 -9.92 38.24 -7.61
C SER B 364 -11.07 39.07 -8.20
N THR B 365 -10.84 40.37 -8.30
CA THR B 365 -11.83 41.29 -8.85
C THR B 365 -12.27 40.88 -10.25
N THR B 366 -13.57 40.61 -10.40
CA THR B 366 -14.11 40.13 -11.68
C THR B 366 -15.49 40.73 -11.96
N LEU B 367 -15.96 40.58 -13.19
CA LEU B 367 -17.27 41.11 -13.60
C LEU B 367 -18.34 40.02 -13.58
N GLY B 368 -19.55 40.40 -13.16
CA GLY B 368 -20.66 39.46 -13.09
C GLY B 368 -22.02 40.12 -13.25
N ILE B 369 -22.82 39.58 -14.16
CA ILE B 369 -24.18 40.09 -14.41
C ILE B 369 -25.15 39.63 -13.34
N VAL B 370 -25.96 40.56 -12.85
CA VAL B 370 -26.90 40.30 -11.75
C VAL B 370 -27.87 39.17 -12.07
N THR B 371 -28.41 38.55 -11.03
CA THR B 371 -29.40 37.49 -11.19
C THR B 371 -30.66 37.83 -10.40
N SER B 372 -30.50 38.60 -9.32
CA SER B 372 -31.61 38.96 -8.45
C SER B 372 -31.53 40.40 -7.97
N VAL B 373 -32.68 40.97 -7.62
CA VAL B 373 -32.74 42.35 -7.13
C VAL B 373 -33.37 42.41 -5.73
N LYS B 374 -32.59 42.89 -4.77
CA LYS B 374 -33.07 43.04 -3.39
C LYS B 374 -32.43 44.27 -2.74
N LYS B 375 -33.06 44.77 -1.68
CA LYS B 375 -32.57 45.99 -1.01
C LYS B 375 -31.15 45.83 -0.46
N ASP B 376 -30.83 44.63 0.00
CA ASP B 376 -29.48 44.33 0.48
C ASP B 376 -28.80 43.28 -0.41
N GLU B 377 -29.29 42.05 -0.32
CA GLU B 377 -28.71 40.94 -1.06
C GLU B 377 -28.73 41.19 -2.56
N ILE B 378 -27.97 40.40 -3.31
CA ILE B 378 -27.93 40.51 -4.77
C ILE B 378 -27.82 39.14 -5.43
N GLU B 379 -26.81 38.37 -5.01
CA GLU B 379 -26.55 37.05 -5.59
C GLU B 379 -26.24 37.14 -7.09
N VAL B 380 -24.96 37.21 -7.42
CA VAL B 380 -24.53 37.46 -8.80
C VAL B 380 -23.93 36.23 -9.49
N GLU B 381 -24.16 36.10 -10.79
CA GLU B 381 -23.57 35.04 -11.58
C GLU B 381 -22.29 35.52 -12.26
N LEU B 382 -21.16 35.00 -11.84
CA LEU B 382 -19.86 35.45 -12.35
C LEU B 382 -19.41 34.70 -13.60
N ARG B 383 -18.54 35.33 -14.38
CA ARG B 383 -17.97 34.70 -15.57
C ARG B 383 -16.72 33.91 -15.20
N ARG B 384 -16.19 34.22 -14.02
CA ARG B 384 -15.04 33.52 -13.47
C ARG B 384 -15.25 33.35 -11.96
N PRO B 385 -15.15 32.09 -11.48
CA PRO B 385 -15.39 31.78 -10.06
C PRO B 385 -14.45 32.56 -9.16
N VAL B 386 -14.82 32.69 -7.88
CA VAL B 386 -13.98 33.40 -6.91
C VAL B 386 -13.79 32.56 -5.65
N ALA B 387 -12.54 32.46 -5.20
CA ALA B 387 -12.22 31.66 -4.04
C ALA B 387 -12.60 32.41 -2.76
N VAL B 388 -13.48 31.80 -1.96
CA VAL B 388 -13.93 32.39 -0.71
C VAL B 388 -13.47 31.57 0.50
N TRP B 389 -12.59 32.15 1.31
CA TRP B 389 -11.99 31.42 2.43
C TRP B 389 -12.72 31.62 3.77
N SER B 390 -13.76 32.45 3.77
CA SER B 390 -14.52 32.70 4.98
C SER B 390 -15.90 33.29 4.69
N ASN B 391 -16.72 33.41 5.74
CA ASN B 391 -18.05 33.99 5.60
C ASN B 391 -18.00 35.49 5.32
N ASN B 392 -16.78 36.02 5.20
CA ASN B 392 -16.57 37.42 4.88
C ASN B 392 -16.49 37.62 3.37
N ILE B 393 -17.55 38.15 2.78
CA ILE B 393 -17.64 38.26 1.34
C ILE B 393 -17.95 39.69 0.87
N ARG B 394 -16.96 40.57 0.98
CA ARG B 394 -17.13 41.96 0.56
C ARG B 394 -16.67 42.20 -0.89
N THR B 395 -17.06 43.33 -1.45
CA THR B 395 -16.82 43.63 -2.85
C THR B 395 -16.87 45.12 -3.15
N VAL B 396 -16.33 45.52 -4.30
CA VAL B 396 -16.42 46.89 -4.77
C VAL B 396 -17.01 46.92 -6.18
N ILE B 397 -18.09 47.67 -6.35
CA ILE B 397 -18.81 47.70 -7.62
C ILE B 397 -18.43 48.92 -8.46
N SER B 398 -18.79 48.90 -9.73
CA SER B 398 -18.50 50.01 -10.64
C SER B 398 -19.30 49.84 -11.94
N ARG B 399 -20.29 50.70 -12.14
CA ARG B 399 -21.16 50.59 -13.30
C ARG B 399 -20.46 50.95 -14.60
N GLN B 400 -20.71 50.15 -15.63
CA GLN B 400 -20.16 50.41 -16.95
C GLN B 400 -20.98 51.49 -17.63
N ILE B 401 -20.73 52.75 -17.25
CA ILE B 401 -21.52 53.87 -17.72
C ILE B 401 -20.98 54.50 -19.00
N ALA B 402 -19.69 54.85 -19.00
CA ALA B 402 -19.08 55.49 -20.16
C ALA B 402 -17.60 55.15 -20.29
N GLY B 403 -16.76 55.88 -19.55
CA GLY B 403 -15.32 55.65 -19.55
C GLY B 403 -14.72 56.08 -18.24
N ARG B 404 -13.67 55.39 -17.81
CA ARG B 404 -13.07 55.62 -16.49
C ARG B 404 -14.15 55.59 -15.41
N TRP B 405 -14.75 54.42 -15.22
CA TRP B 405 -15.85 54.25 -14.28
C TRP B 405 -15.44 54.70 -12.88
N ARG B 406 -16.13 55.72 -12.38
CA ARG B 406 -15.81 56.28 -11.07
C ARG B 406 -16.57 55.61 -9.94
N MET B 407 -17.42 54.63 -10.28
CA MET B 407 -18.26 53.99 -9.28
C MET B 407 -17.47 53.09 -8.33
N ILE B 408 -17.76 53.23 -7.04
CA ILE B 408 -17.18 52.37 -6.01
C ILE B 408 -18.32 51.81 -5.16
N GLY B 409 -19.11 50.92 -5.78
CA GLY B 409 -20.31 50.39 -5.18
C GLY B 409 -20.11 49.67 -3.85
N TRP B 410 -21.20 49.51 -3.11
CA TRP B 410 -21.16 48.88 -1.80
C TRP B 410 -20.94 47.38 -1.90
N GLY B 411 -21.06 46.70 -0.77
CA GLY B 411 -20.87 45.26 -0.68
C GLY B 411 -20.19 44.90 0.62
N LEU B 412 -20.56 45.61 1.69
CA LEU B 412 -19.90 45.46 2.98
C LEU B 412 -20.34 44.23 3.77
N VAL B 413 -19.89 43.05 3.32
CA VAL B 413 -20.07 41.83 4.10
C VAL B 413 -18.76 41.52 4.81
N GLU B 414 -17.83 42.48 4.70
CA GLU B 414 -16.52 42.42 5.35
C GLU B 414 -15.61 41.34 4.78
N ILE B 415 -14.34 41.35 5.21
CA ILE B 415 -13.35 40.39 4.73
C ILE B 415 -12.07 40.48 5.55
N MET C 1 -16.39 41.91 39.68
CA MET C 1 -16.14 40.89 40.69
C MET C 1 -15.94 39.52 40.06
N ILE C 2 -15.55 38.55 40.89
CA ILE C 2 -15.33 37.18 40.45
C ILE C 2 -16.52 36.29 40.79
N TYR C 3 -16.99 35.53 39.81
CA TYR C 3 -18.06 34.56 40.03
C TYR C 3 -17.49 33.15 40.10
N SER C 4 -18.34 32.19 40.46
CA SER C 4 -17.90 30.80 40.61
C SER C 4 -19.01 29.81 40.26
N ARG C 5 -18.64 28.79 39.49
CA ARG C 5 -19.58 27.73 39.12
C ARG C 5 -19.94 26.89 40.34
N SER C 6 -18.95 26.62 41.18
CA SER C 6 -19.19 25.95 42.45
C SER C 6 -19.47 27.01 43.52
N LYS C 7 -20.71 27.05 44.00
CA LYS C 7 -21.10 28.02 45.01
C LYS C 7 -20.36 27.76 46.33
N LEU C 8 -20.24 26.49 46.70
CA LEU C 8 -19.53 26.10 47.92
C LEU C 8 -18.13 25.58 47.61
N PRO C 9 -17.12 26.09 48.34
CA PRO C 9 -15.71 25.73 48.18
C PRO C 9 -15.42 24.29 48.62
N SER C 10 -14.23 23.81 48.27
CA SER C 10 -13.78 22.50 48.73
C SER C 10 -13.05 22.67 50.05
N GLU C 11 -12.98 21.60 50.84
CA GLU C 11 -12.34 21.65 52.15
C GLU C 11 -10.82 21.61 52.03
N GLY C 12 -10.15 22.51 52.74
CA GLY C 12 -8.70 22.61 52.71
C GLY C 12 -8.23 23.61 51.68
N GLU C 13 -9.18 24.17 50.93
CA GLU C 13 -8.84 25.12 49.87
C GLU C 13 -8.33 26.44 50.43
N ILE C 14 -7.51 27.13 49.66
CA ILE C 14 -7.01 28.44 50.04
C ILE C 14 -7.61 29.51 49.13
N LEU C 15 -8.31 30.45 49.74
CA LEU C 15 -9.05 31.47 48.99
C LEU C 15 -8.62 32.88 49.37
N ILE C 16 -9.39 33.86 48.90
CA ILE C 16 -9.16 35.26 49.25
C ILE C 16 -10.49 35.92 49.59
N ALA C 17 -10.48 36.73 50.64
CA ALA C 17 -11.69 37.40 51.11
C ALA C 17 -11.39 38.79 51.67
N THR C 18 -12.39 39.66 51.64
CA THR C 18 -12.23 41.04 52.12
C THR C 18 -13.05 41.26 53.38
N VAL C 19 -12.38 41.66 54.47
CA VAL C 19 -13.05 41.91 55.74
C VAL C 19 -14.24 42.85 55.60
N LYS C 20 -15.35 42.48 56.22
CA LYS C 20 -16.56 43.29 56.13
C LYS C 20 -16.99 43.84 57.49
N GLN C 21 -16.62 43.13 58.56
CA GLN C 21 -16.95 43.56 59.91
C GLN C 21 -16.35 42.64 60.97
N VAL C 22 -15.36 43.16 61.68
CA VAL C 22 -14.69 42.40 62.73
C VAL C 22 -15.33 42.67 64.09
N PHE C 23 -16.63 42.38 64.20
CA PHE C 23 -17.36 42.66 65.43
C PHE C 23 -17.14 41.62 66.52
N ASP C 24 -18.18 40.84 66.81
CA ASP C 24 -18.18 39.91 67.93
C ASP C 24 -17.24 38.72 67.79
N TYR C 25 -17.77 37.53 68.10
CA TYR C 25 -17.03 36.28 68.06
C TYR C 25 -16.25 36.11 66.76
N GLY C 26 -14.95 36.42 66.81
CA GLY C 26 -14.10 36.32 65.63
C GLY C 26 -14.24 37.50 64.70
N SER C 27 -14.53 37.20 63.43
CA SER C 27 -14.67 38.23 62.40
C SER C 27 -15.43 37.72 61.19
N TYR C 28 -16.40 38.50 60.72
CA TYR C 28 -17.18 38.13 59.54
C TYR C 28 -16.55 38.66 58.26
N VAL C 29 -16.37 37.78 57.30
CA VAL C 29 -15.67 38.10 56.06
C VAL C 29 -16.47 37.64 54.85
N SER C 30 -16.07 38.09 53.66
CA SER C 30 -16.77 37.72 52.43
C SER C 30 -15.78 37.30 51.34
N LEU C 31 -15.91 36.07 50.88
CA LEU C 31 -15.04 35.52 49.85
C LEU C 31 -15.34 36.16 48.49
N ASP C 32 -14.43 37.02 48.03
CA ASP C 32 -14.64 37.78 46.80
C ASP C 32 -14.54 36.92 45.53
N GLU C 33 -14.16 35.66 45.69
CA GLU C 33 -13.99 34.75 44.57
C GLU C 33 -15.29 34.02 44.22
N TYR C 34 -16.25 34.04 45.14
CA TYR C 34 -17.52 33.37 44.93
C TYR C 34 -18.66 34.37 44.72
N GLY C 35 -18.29 35.61 44.47
CA GLY C 35 -19.26 36.68 44.29
C GLY C 35 -19.48 37.46 45.57
N GLY C 36 -18.89 36.97 46.65
CA GLY C 36 -19.06 37.57 47.96
C GLY C 36 -19.71 36.61 48.92
N LEU C 37 -19.45 35.32 48.70
CA LEU C 37 -19.96 34.27 49.56
C LEU C 37 -19.50 34.53 50.99
N GLN C 38 -20.45 34.93 51.84
CA GLN C 38 -20.14 35.29 53.22
C GLN C 38 -19.53 34.12 53.99
N ALA C 39 -18.30 34.31 54.45
CA ALA C 39 -17.60 33.29 55.21
C ALA C 39 -17.60 33.66 56.69
N PHE C 40 -16.56 33.23 57.40
CA PHE C 40 -16.44 33.49 58.83
C PHE C 40 -15.08 33.07 59.37
N LEU C 41 -14.51 33.89 60.25
CA LEU C 41 -13.21 33.61 60.83
C LEU C 41 -13.25 33.67 62.35
N PRO C 42 -13.23 32.50 63.01
CA PRO C 42 -13.18 32.46 64.48
C PRO C 42 -11.92 33.14 64.99
N TRP C 43 -12.03 33.83 66.13
CA TRP C 43 -10.90 34.52 66.73
C TRP C 43 -9.80 33.53 67.10
N SER C 44 -10.21 32.33 67.50
CA SER C 44 -9.28 31.28 67.88
C SER C 44 -8.36 30.89 66.72
N GLU C 45 -8.82 31.15 65.50
CA GLU C 45 -7.95 31.17 64.33
C GLU C 45 -7.77 32.59 63.81
N VAL C 46 -7.35 33.50 64.69
CA VAL C 46 -6.11 34.24 64.49
C VAL C 46 -4.97 33.66 65.30
N SER C 47 -4.13 34.53 65.85
CA SER C 47 -2.69 34.37 65.77
C SER C 47 -2.19 33.32 66.77
N SER C 48 -1.63 33.79 67.87
CA SER C 48 -1.42 32.94 69.04
C SER C 48 -2.04 33.57 70.29
N LYS C 49 -1.64 33.08 71.45
CA LYS C 49 -1.90 33.77 72.71
C LYS C 49 -0.94 34.95 72.89
N TRP C 50 -0.67 35.66 71.81
CA TRP C 50 0.32 36.74 71.83
C TRP C 50 -0.35 38.08 72.13
N VAL C 51 -1.24 38.09 73.11
CA VAL C 51 -2.05 39.27 73.40
C VAL C 51 -2.77 39.77 72.16
N LYS C 52 -3.89 39.12 71.83
CA LYS C 52 -4.56 39.35 70.56
C LYS C 52 -5.45 40.60 70.57
N ASN C 53 -5.39 41.35 69.46
CA ASN C 53 -6.21 42.54 69.28
C ASN C 53 -6.87 42.55 67.90
N ILE C 54 -7.90 41.74 67.76
CA ILE C 54 -8.59 41.57 66.48
C ILE C 54 -9.15 42.87 65.93
N ARG C 55 -9.16 43.91 66.76
CA ARG C 55 -9.68 45.21 66.34
C ARG C 55 -8.84 45.80 65.23
N ASP C 56 -7.53 45.57 65.28
CA ASP C 56 -6.61 46.18 64.32
C ASP C 56 -5.98 45.16 63.36
N VAL C 57 -5.83 43.93 63.83
CA VAL C 57 -5.27 42.87 62.99
C VAL C 57 -6.10 42.70 61.72
N LEU C 58 -7.42 42.81 61.87
CA LEU C 58 -8.34 42.76 60.74
C LEU C 58 -9.08 44.07 60.63
N LYS C 59 -8.79 44.84 59.58
CA LYS C 59 -9.43 46.13 59.39
C LYS C 59 -10.45 46.08 58.25
N GLU C 60 -11.35 47.06 58.24
CA GLU C 60 -12.43 47.13 57.26
C GLU C 60 -11.89 47.13 55.83
N ASN C 61 -12.38 46.20 55.01
CA ASN C 61 -12.04 46.11 53.59
C ASN C 61 -10.57 45.79 53.30
N ARG C 62 -9.87 45.21 54.27
CA ARG C 62 -8.51 44.72 54.05
C ARG C 62 -8.57 43.29 53.50
N LYS C 63 -8.25 43.11 52.22
CA LYS C 63 -8.30 41.79 51.60
C LYS C 63 -7.18 40.90 52.13
N VAL C 64 -7.55 39.70 52.57
CA VAL C 64 -6.58 38.76 53.13
C VAL C 64 -6.80 37.34 52.61
N ILE C 65 -5.81 36.48 52.85
CA ILE C 65 -5.88 35.10 52.39
C ILE C 65 -6.10 34.14 53.56
N VAL C 66 -7.12 33.30 53.43
CA VAL C 66 -7.49 32.35 54.47
C VAL C 66 -7.53 30.93 53.91
N LYS C 67 -8.07 30.00 54.70
CA LYS C 67 -8.22 28.62 54.27
C LYS C 67 -9.48 28.00 54.84
N VAL C 68 -10.36 27.52 53.96
CA VAL C 68 -11.60 26.88 54.38
C VAL C 68 -11.32 25.61 55.17
N ILE C 69 -11.90 25.53 56.36
CA ILE C 69 -11.72 24.37 57.24
C ILE C 69 -13.05 23.98 57.89
N ARG C 70 -14.15 24.40 57.27
CA ARG C 70 -15.49 24.15 57.81
C ARG C 70 -16.53 24.48 56.75
N VAL C 71 -17.30 23.47 56.32
CA VAL C 71 -18.31 23.68 55.29
C VAL C 71 -19.61 22.91 55.52
N ASP C 72 -20.70 23.65 55.74
CA ASP C 72 -22.02 23.05 55.90
C ASP C 72 -22.90 23.45 54.71
N ARG C 73 -23.38 22.46 53.97
CA ARG C 73 -24.13 22.71 52.75
C ARG C 73 -25.61 22.97 53.01
N ARG C 74 -25.91 23.54 54.17
CA ARG C 74 -27.28 23.89 54.52
C ARG C 74 -27.50 25.38 54.26
N LYS C 75 -27.01 26.22 55.16
CA LYS C 75 -27.04 27.66 54.94
C LYS C 75 -25.69 28.12 54.41
N GLY C 76 -24.68 28.13 55.29
CA GLY C 76 -23.34 28.54 54.90
C GLY C 76 -22.27 27.89 55.76
N THR C 77 -21.96 28.52 56.89
CA THR C 77 -20.92 28.04 57.81
C THR C 77 -19.62 27.71 57.10
N VAL C 78 -18.89 28.75 56.68
CA VAL C 78 -17.61 28.57 56.01
C VAL C 78 -16.46 29.10 56.87
N ASP C 79 -16.23 28.46 58.01
CA ASP C 79 -15.16 28.86 58.90
C ASP C 79 -13.83 28.74 58.18
N VAL C 80 -12.96 29.73 58.37
CA VAL C 80 -11.65 29.74 57.72
C VAL C 80 -10.55 30.10 58.71
N SER C 81 -9.34 29.64 58.43
CA SER C 81 -8.19 29.92 59.28
C SER C 81 -7.38 31.09 58.74
N LEU C 82 -6.45 31.60 59.53
CA LEU C 82 -5.61 32.70 59.09
C LEU C 82 -4.12 32.33 59.09
N LYS C 83 -3.52 32.28 60.28
CA LYS C 83 -2.10 31.93 60.39
C LYS C 83 -1.86 30.42 60.42
N LYS C 84 -2.91 29.66 60.74
CA LYS C 84 -2.83 28.20 60.68
C LYS C 84 -2.93 27.73 59.24
N VAL C 85 -3.05 28.69 58.33
CA VAL C 85 -2.99 28.43 56.89
C VAL C 85 -1.52 28.24 56.51
N THR C 86 -1.24 27.29 55.63
CA THR C 86 0.12 27.03 55.19
C THR C 86 0.77 28.30 54.64
N ASP C 87 1.75 28.81 55.38
CA ASP C 87 2.35 30.12 55.06
C ASP C 87 3.34 30.08 53.88
N ASP C 88 3.27 29.02 53.08
CA ASP C 88 3.98 28.99 51.81
C ASP C 88 2.96 29.13 50.69
N GLU C 89 1.72 28.75 51.01
CA GLU C 89 0.59 29.03 50.14
C GLU C 89 0.26 30.51 50.23
N ARG C 90 1.01 31.20 51.09
CA ARG C 90 0.93 32.64 51.25
C ARG C 90 1.36 33.30 49.95
N ARG C 91 2.48 32.82 49.41
CA ARG C 91 2.99 33.31 48.13
C ARG C 91 2.24 32.61 47.00
N LYS C 92 1.77 31.41 47.26
CA LYS C 92 1.05 30.60 46.28
C LYS C 92 -0.25 31.27 45.85
N LYS C 93 -1.18 31.41 46.80
CA LYS C 93 -2.48 31.99 46.52
C LYS C 93 -2.39 33.47 46.16
N ASN C 94 -1.34 34.14 46.65
CA ASN C 94 -1.13 35.54 46.34
C ASN C 94 -0.80 35.74 44.86
N LEU C 95 0.00 34.82 44.32
CA LEU C 95 0.45 34.90 42.95
C LEU C 95 -0.69 34.56 41.98
N GLN C 96 -1.36 33.44 42.24
CA GLN C 96 -2.51 33.05 41.44
C GLN C 96 -3.53 34.18 41.44
N TRP C 97 -3.67 34.83 42.58
CA TRP C 97 -4.59 35.96 42.73
C TRP C 97 -4.31 37.05 41.72
N LYS C 98 -3.03 37.32 41.49
CA LYS C 98 -2.63 38.34 40.52
C LYS C 98 -3.18 37.99 39.15
N LYS C 99 -3.11 36.70 38.82
CA LYS C 99 -3.58 36.20 37.53
C LYS C 99 -5.11 36.18 37.46
N ILE C 100 -5.75 36.03 38.61
CA ILE C 100 -7.21 36.01 38.69
C ILE C 100 -7.77 37.42 38.50
N GLN C 101 -7.06 38.40 39.04
CA GLN C 101 -7.42 39.80 38.85
C GLN C 101 -7.27 40.16 37.37
N ARG C 102 -6.20 39.64 36.77
CA ARG C 102 -5.94 39.81 35.35
C ARG C 102 -7.11 39.27 34.54
N LEU C 103 -7.50 38.04 34.84
CA LEU C 103 -8.61 37.37 34.15
C LEU C 103 -9.90 38.15 34.28
N ASP C 104 -10.15 38.70 35.46
CA ASP C 104 -11.36 39.47 35.70
C ASP C 104 -11.41 40.68 34.76
N LYS C 105 -10.35 41.47 34.78
CA LYS C 105 -10.25 42.68 33.96
C LYS C 105 -10.47 42.38 32.48
N ILE C 106 -9.69 41.45 31.95
CA ILE C 106 -9.79 41.07 30.54
C ILE C 106 -11.18 40.51 30.24
N LEU C 107 -11.75 39.80 31.22
CA LEU C 107 -13.11 39.32 31.09
C LEU C 107 -14.09 40.48 31.02
N GLU C 108 -13.92 41.46 31.92
CA GLU C 108 -14.80 42.63 31.96
C GLU C 108 -14.73 43.42 30.66
N LEU C 109 -13.53 43.52 30.11
CA LEU C 109 -13.31 44.22 28.84
C LEU C 109 -14.15 43.60 27.72
N VAL C 110 -13.81 42.37 27.36
CA VAL C 110 -14.50 41.64 26.31
C VAL C 110 -16.03 41.64 26.53
N SER C 111 -16.44 41.42 27.77
CA SER C 111 -17.87 41.34 28.11
C SER C 111 -18.59 42.67 27.95
N GLN C 112 -18.04 43.72 28.57
CA GLN C 112 -18.62 45.06 28.47
C GLN C 112 -18.59 45.52 27.02
N LYS C 113 -17.64 45.01 26.27
CA LYS C 113 -17.51 45.35 24.85
C LYS C 113 -18.81 45.06 24.10
N LEU C 114 -19.03 43.78 23.79
CA LEU C 114 -20.27 43.37 23.12
C LEU C 114 -21.45 43.30 24.09
N LYS C 115 -22.53 42.64 23.67
CA LYS C 115 -23.74 42.56 24.48
C LYS C 115 -23.64 41.47 25.56
N LEU C 116 -22.59 41.55 26.37
CA LEU C 116 -22.36 40.57 27.42
C LEU C 116 -22.37 41.19 28.82
N SER C 117 -22.13 40.36 29.82
CA SER C 117 -22.07 40.81 31.21
C SER C 117 -21.06 39.93 31.94
N GLU C 118 -20.62 40.37 33.12
CA GLU C 118 -19.73 39.56 33.93
C GLU C 118 -20.37 38.21 34.25
N LYS C 119 -21.68 38.21 34.37
CA LYS C 119 -22.43 36.99 34.61
C LYS C 119 -22.26 36.00 33.47
N ASP C 120 -22.38 36.50 32.24
CA ASP C 120 -22.29 35.67 31.04
C ASP C 120 -20.86 35.37 30.62
N ALA C 121 -19.96 36.32 30.86
CA ALA C 121 -18.55 36.17 30.47
C ALA C 121 -17.93 34.96 31.16
N TRP C 122 -18.09 34.90 32.48
CA TRP C 122 -17.64 33.75 33.27
C TRP C 122 -18.43 32.51 32.86
N GLU C 123 -19.75 32.67 32.77
CA GLU C 123 -20.67 31.58 32.49
C GLU C 123 -20.40 30.86 31.16
N GLN C 124 -19.67 31.51 30.26
CA GLN C 124 -19.43 30.95 28.93
C GLN C 124 -17.94 30.82 28.57
N VAL C 125 -17.08 31.52 29.29
CA VAL C 125 -15.64 31.47 29.02
C VAL C 125 -14.86 30.72 30.09
N ALA C 126 -14.82 31.29 31.29
CA ALA C 126 -14.08 30.70 32.40
C ALA C 126 -14.65 29.33 32.75
N TRP C 127 -15.98 29.24 32.82
CA TRP C 127 -16.66 27.99 33.14
C TRP C 127 -16.20 26.87 32.21
N LYS C 128 -16.39 27.07 30.90
CA LYS C 128 -16.06 26.07 29.89
C LYS C 128 -14.56 25.73 29.85
N LEU C 129 -13.72 26.72 30.14
CA LEU C 129 -12.29 26.49 30.18
C LEU C 129 -11.89 25.69 31.42
N GLU C 130 -12.59 25.92 32.53
CA GLU C 130 -12.38 25.14 33.75
C GLU C 130 -12.58 23.66 33.43
N ALA C 131 -13.51 23.39 32.50
CA ALA C 131 -13.75 22.04 32.03
C ALA C 131 -13.04 21.79 30.71
N LYS C 132 -11.70 21.80 30.76
CA LYS C 132 -10.87 21.54 29.58
C LYS C 132 -9.44 21.25 29.99
N TYR C 133 -8.86 22.17 30.75
CA TYR C 133 -7.46 22.06 31.11
C TYR C 133 -7.12 22.95 32.31
N GLY C 134 -7.66 22.60 33.47
CA GLY C 134 -7.35 23.29 34.71
C GLY C 134 -7.92 24.69 34.80
N ASP C 135 -7.16 25.59 35.44
CA ASP C 135 -7.59 26.98 35.57
C ASP C 135 -7.45 27.73 34.26
N PRO C 136 -8.45 28.58 33.95
CA PRO C 136 -8.52 29.35 32.71
C PRO C 136 -7.37 30.34 32.57
N ILE C 137 -6.98 30.95 33.70
CA ILE C 137 -5.91 31.95 33.70
C ILE C 137 -4.65 31.46 32.97
N THR C 138 -4.38 30.16 33.08
CA THR C 138 -3.20 29.58 32.45
C THR C 138 -3.54 28.97 31.09
N ALA C 139 -4.80 28.59 30.91
CA ALA C 139 -5.25 28.01 29.66
C ALA C 139 -5.53 29.10 28.62
N ILE C 140 -5.61 30.34 29.08
CA ILE C 140 -5.82 31.48 28.20
C ILE C 140 -4.50 31.93 27.58
N GLU C 141 -3.46 31.96 28.40
CA GLU C 141 -2.12 32.30 27.93
C GLU C 141 -1.60 31.19 27.02
N LYS C 142 -2.27 30.03 27.07
CA LYS C 142 -1.95 28.90 26.21
C LYS C 142 -2.63 29.08 24.85
N ALA C 143 -3.84 29.62 24.88
CA ALA C 143 -4.61 29.85 23.66
C ALA C 143 -3.96 30.91 22.79
N VAL C 144 -3.49 31.99 23.41
CA VAL C 144 -2.88 33.10 22.68
C VAL C 144 -1.64 32.69 21.90
N LYS C 145 -1.09 31.53 22.24
CA LYS C 145 0.12 31.05 21.58
C LYS C 145 -0.18 29.96 20.57
N GLU C 146 -1.24 29.20 20.81
CA GLU C 146 -1.59 28.09 19.93
C GLU C 146 -2.59 28.51 18.85
N GLY C 147 -3.58 29.30 19.24
CA GLY C 147 -4.57 29.78 18.30
C GLY C 147 -5.98 29.81 18.85
N GLU C 148 -6.98 29.72 17.97
CA GLU C 148 -8.37 29.78 18.37
C GLU C 148 -8.99 28.39 18.57
N LYS C 149 -8.18 27.36 18.34
CA LYS C 149 -8.63 25.98 18.50
C LYS C 149 -8.79 25.66 19.99
N ILE C 150 -7.98 26.31 20.82
CA ILE C 150 -7.96 26.06 22.25
C ILE C 150 -9.32 26.32 22.89
N LEU C 151 -9.99 27.39 22.45
CA LEU C 151 -11.23 27.82 23.07
C LEU C 151 -12.46 27.08 22.53
N ILE C 152 -12.36 26.57 21.30
CA ILE C 152 -13.44 25.78 20.74
C ILE C 152 -13.29 24.35 21.23
N ASP C 153 -12.08 23.97 21.62
CA ASP C 153 -11.84 22.67 22.23
C ASP C 153 -12.17 22.69 23.72
N ALA C 154 -12.86 23.75 24.14
CA ALA C 154 -13.35 23.84 25.52
C ALA C 154 -14.88 23.88 25.57
N GLY C 155 -15.48 24.40 24.50
CA GLY C 155 -16.93 24.49 24.43
C GLY C 155 -17.40 25.91 24.14
N VAL C 156 -16.47 26.86 24.19
CA VAL C 156 -16.80 28.26 23.95
C VAL C 156 -17.67 28.43 22.71
N PRO C 157 -18.74 29.19 22.84
CA PRO C 157 -19.72 29.32 21.75
C PRO C 157 -19.26 30.28 20.68
N GLU C 158 -18.52 29.78 19.70
CA GLU C 158 -18.40 30.44 18.41
C GLU C 158 -17.70 31.80 18.55
N ILE C 159 -18.09 32.75 17.71
CA ILE C 159 -17.15 33.72 17.16
C ILE C 159 -17.07 34.97 18.04
N TRP C 160 -17.04 34.76 19.35
CA TRP C 160 -16.69 35.81 20.29
C TRP C 160 -15.40 35.48 21.04
N VAL C 161 -14.75 34.40 20.62
CA VAL C 161 -13.43 34.07 21.15
C VAL C 161 -12.42 35.10 20.71
N LYS C 162 -12.52 35.52 19.46
CA LYS C 162 -11.58 36.48 18.89
C LYS C 162 -11.45 37.77 19.70
N PRO C 163 -12.58 38.34 20.16
CA PRO C 163 -12.49 39.51 21.03
C PRO C 163 -11.66 39.21 22.27
N LEU C 164 -11.79 37.98 22.77
CA LEU C 164 -11.03 37.55 23.93
C LEU C 164 -9.54 37.49 23.61
N LEU C 165 -9.20 36.90 22.48
CA LEU C 165 -7.80 36.78 22.08
C LEU C 165 -7.17 38.11 21.70
N GLU C 166 -7.96 39.00 21.12
CA GLU C 166 -7.50 40.33 20.74
C GLU C 166 -7.23 41.18 21.97
N GLU C 167 -8.04 40.98 23.00
CA GLU C 167 -7.94 41.75 24.23
C GLU C 167 -6.91 41.13 25.20
N ALA C 168 -6.76 39.81 25.12
CA ALA C 168 -5.81 39.11 25.98
C ALA C 168 -4.37 39.36 25.52
N SER C 169 -4.18 39.39 24.21
CA SER C 169 -2.86 39.63 23.62
C SER C 169 -2.43 41.07 23.87
N LYS C 170 -3.39 41.95 24.12
CA LYS C 170 -3.11 43.33 24.48
C LYS C 170 -2.28 43.39 25.76
N HIS C 171 -2.81 42.82 26.83
CA HIS C 171 -2.20 42.91 28.15
C HIS C 171 -0.82 42.24 28.22
N ALA C 172 -0.61 41.23 27.39
CA ALA C 172 0.67 40.50 27.39
C ALA C 172 1.79 41.32 26.75
N GLU C 173 1.48 41.99 25.64
CA GLU C 173 2.45 42.83 24.95
C GLU C 173 2.78 44.10 25.73
N GLU C 174 1.86 44.49 26.61
CA GLU C 174 2.06 45.67 27.46
C GLU C 174 3.18 45.40 28.46
N ARG C 175 3.12 44.24 29.09
CA ARG C 175 4.08 43.84 30.11
C ARG C 175 5.25 43.10 29.48
N LYS C 176 5.83 43.69 28.43
CA LYS C 176 6.92 43.05 27.69
C LYS C 176 8.30 43.44 28.22
N VAL C 177 9.14 42.44 28.44
CA VAL C 177 10.53 42.64 28.81
C VAL C 177 11.38 41.57 28.13
N LYS C 178 12.69 41.82 28.03
CA LYS C 178 13.58 40.88 27.34
C LYS C 178 14.86 40.57 28.10
N MET C 179 15.19 39.27 28.17
CA MET C 179 16.48 38.81 28.70
C MET C 179 17.29 38.20 27.57
N SER C 180 18.49 38.74 27.34
CA SER C 180 19.32 38.29 26.24
C SER C 180 20.76 37.99 26.66
N GLY C 181 21.22 36.77 26.40
CA GLY C 181 22.59 36.39 26.66
C GLY C 181 23.43 36.46 25.40
N LEU C 182 24.73 36.20 25.55
CA LEU C 182 25.65 36.27 24.42
C LEU C 182 26.54 35.03 24.36
N ILE C 183 26.60 34.42 23.17
CA ILE C 183 27.44 33.25 22.96
C ILE C 183 28.31 33.42 21.72
N THR C 184 29.23 32.47 21.52
CA THR C 184 30.05 32.44 20.32
C THR C 184 30.15 31.00 19.82
N VAL C 185 29.80 30.80 18.55
CA VAL C 185 29.80 29.47 17.96
C VAL C 185 30.78 29.39 16.80
N ARG C 186 31.74 28.47 16.90
CA ARG C 186 32.73 28.29 15.84
C ARG C 186 33.09 26.81 15.68
N THR C 187 32.33 26.11 14.86
CA THR C 187 32.58 24.71 14.58
C THR C 187 33.08 24.49 13.15
N ASN C 188 34.08 23.63 12.99
CA ASN C 188 34.59 23.26 11.68
C ASN C 188 34.22 21.82 11.36
N GLU C 189 33.26 21.65 10.46
CA GLU C 189 32.74 20.34 10.13
C GLU C 189 32.46 20.25 8.63
N PRO C 190 32.22 19.02 8.13
CA PRO C 190 31.85 18.84 6.72
C PRO C 190 30.67 19.73 6.35
N LEU C 191 29.69 19.81 7.25
CA LEU C 191 28.56 20.72 7.07
C LEU C 191 28.39 21.54 8.34
N GLY C 192 29.29 22.50 8.55
CA GLY C 192 29.31 23.30 9.76
C GLY C 192 28.01 24.01 10.06
N VAL C 193 27.54 24.81 9.12
CA VAL C 193 26.30 25.57 9.30
C VAL C 193 25.12 24.62 9.51
N GLU C 194 25.22 23.43 8.93
CA GLU C 194 24.16 22.44 9.07
C GLU C 194 24.12 21.90 10.50
N LYS C 195 25.31 21.78 11.10
CA LYS C 195 25.43 21.36 12.49
C LYS C 195 25.05 22.48 13.45
N ILE C 196 25.52 23.69 13.14
CA ILE C 196 25.19 24.86 13.95
C ILE C 196 23.69 25.05 14.07
N LYS C 197 22.99 24.91 12.94
CA LYS C 197 21.54 25.05 12.92
C LYS C 197 20.86 23.85 13.59
N GLU C 198 21.50 22.68 13.48
CA GLU C 198 20.95 21.44 14.02
C GLU C 198 21.03 21.38 15.54
N VAL C 199 22.16 21.83 16.09
CA VAL C 199 22.40 21.78 17.53
C VAL C 199 21.59 22.83 18.29
N ILE C 200 21.51 24.03 17.73
CA ILE C 200 20.70 25.09 18.31
C ILE C 200 19.26 24.61 18.43
N SER C 201 18.81 23.87 17.42
CA SER C 201 17.45 23.34 17.39
C SER C 201 17.24 22.26 18.44
N LYS C 202 18.26 21.45 18.69
CA LYS C 202 18.18 20.38 19.67
C LYS C 202 18.04 20.97 21.06
N ALA C 203 18.79 22.03 21.33
CA ALA C 203 18.74 22.71 22.62
C ALA C 203 17.39 23.39 22.84
N LEU C 204 17.00 24.22 21.88
CA LEU C 204 15.75 24.97 21.96
C LEU C 204 14.53 24.06 22.00
N GLU C 205 14.68 22.84 21.49
CA GLU C 205 13.57 21.90 21.39
C GLU C 205 12.89 21.70 22.74
N ASN C 206 11.58 21.88 22.77
CA ASN C 206 10.80 21.69 23.98
C ASN C 206 11.31 22.52 25.15
N ILE C 207 11.27 23.83 25.00
CA ILE C 207 11.63 24.75 26.07
C ILE C 207 10.45 25.63 26.46
N GLU C 208 9.63 25.98 25.48
CA GLU C 208 8.43 26.77 25.74
C GLU C 208 7.35 25.94 26.42
N GLN C 209 7.49 24.62 26.34
CA GLN C 209 6.52 23.72 26.96
C GLN C 209 6.72 23.64 28.47
N ASP C 210 7.98 23.55 28.90
CA ASP C 210 8.31 23.49 30.32
C ASP C 210 8.26 24.88 30.94
N TYR C 211 8.99 25.82 30.35
CA TYR C 211 8.97 27.20 30.77
C TYR C 211 7.75 27.90 30.16
N GLU C 212 6.70 28.04 30.95
CA GLU C 212 5.49 28.70 30.47
C GLU C 212 5.46 30.17 30.88
N SER C 213 5.70 31.05 29.91
CA SER C 213 5.72 32.50 30.12
C SER C 213 6.07 33.20 28.81
N LEU C 214 7.11 32.69 28.17
CA LEU C 214 7.66 33.29 26.95
C LEU C 214 6.67 33.31 25.78
N LEU C 215 6.95 34.18 24.82
CA LEU C 215 6.13 34.32 23.63
C LEU C 215 6.95 33.92 22.41
N ASN C 216 8.22 34.28 22.42
CA ASN C 216 9.10 34.07 21.27
C ASN C 216 10.58 34.17 21.61
N ILE C 217 11.41 33.43 20.88
CA ILE C 217 12.84 33.41 21.09
C ILE C 217 13.58 33.58 19.76
N LYS C 218 14.71 34.29 19.79
CA LYS C 218 15.48 34.53 18.58
C LYS C 218 16.99 34.43 18.83
N ILE C 219 17.59 33.35 18.33
CA ILE C 219 19.04 33.20 18.37
C ILE C 219 19.64 33.59 17.03
N TYR C 220 19.60 34.88 16.72
CA TYR C 220 20.15 35.37 15.48
C TYR C 220 21.64 35.67 15.63
N THR C 221 22.33 35.81 14.50
CA THR C 221 23.74 36.16 14.50
C THR C 221 23.92 37.66 14.61
N ILE C 222 24.95 38.08 15.33
CA ILE C 222 25.28 39.50 15.46
C ILE C 222 26.55 39.83 14.70
N GLY C 223 27.60 39.04 14.95
CA GLY C 223 28.85 39.19 14.24
C GLY C 223 29.03 38.07 13.24
N ALA C 224 30.13 37.34 13.36
CA ALA C 224 30.39 36.19 12.50
C ALA C 224 30.67 34.95 13.33
N PRO C 225 31.51 35.07 14.37
CA PRO C 225 31.71 33.96 15.30
C PRO C 225 30.78 34.06 16.50
N ARG C 226 30.20 35.22 16.73
CA ARG C 226 29.35 35.45 17.90
C ARG C 226 27.88 35.60 17.52
N TYR C 227 27.00 35.04 18.34
CA TYR C 227 25.57 35.05 18.08
C TYR C 227 24.78 35.49 19.31
N ARG C 228 23.67 36.17 19.09
CA ARG C 228 22.83 36.66 20.18
C ARG C 228 21.66 35.74 20.47
N VAL C 229 21.29 35.64 21.74
CA VAL C 229 20.10 34.90 22.16
C VAL C 229 19.11 35.86 22.81
N ASP C 230 17.86 35.82 22.36
CA ASP C 230 16.81 36.70 22.89
C ASP C 230 15.62 35.91 23.41
N VAL C 231 15.20 36.22 24.63
CA VAL C 231 14.00 35.62 25.20
C VAL C 231 13.03 36.73 25.60
N VAL C 232 11.79 36.65 25.11
CA VAL C 232 10.79 37.65 25.45
C VAL C 232 9.53 37.01 26.02
N GLY C 233 9.31 37.23 27.32
CA GLY C 233 8.18 36.65 28.01
C GLY C 233 7.60 37.59 29.06
N THR C 234 6.56 37.14 29.74
CA THR C 234 5.87 37.96 30.73
C THR C 234 6.19 37.54 32.17
N ASN C 235 7.45 37.18 32.40
CA ASN C 235 7.89 36.74 33.72
C ASN C 235 9.40 36.90 33.89
N PRO C 236 9.83 37.66 34.91
CA PRO C 236 11.24 37.95 35.20
C PRO C 236 12.07 36.68 35.32
N LYS C 237 11.68 35.80 36.25
CA LYS C 237 12.37 34.53 36.47
C LYS C 237 12.38 33.68 35.20
N GLU C 238 11.20 33.45 34.64
CA GLU C 238 11.05 32.63 33.44
C GLU C 238 12.01 33.01 32.32
N ALA C 239 12.11 34.30 32.06
CA ALA C 239 13.01 34.80 31.03
C ALA C 239 14.47 34.44 31.33
N SER C 240 15.00 35.00 32.42
CA SER C 240 16.39 34.80 32.80
C SER C 240 16.71 33.32 33.07
N GLU C 241 15.70 32.57 33.49
CA GLU C 241 15.85 31.16 33.79
C GLU C 241 15.96 30.34 32.50
N ALA C 242 14.95 30.48 31.64
CA ALA C 242 14.93 29.79 30.36
C ALA C 242 16.17 30.15 29.53
N LEU C 243 16.53 31.43 29.54
CA LEU C 243 17.70 31.92 28.83
C LEU C 243 18.95 31.11 29.17
N ASN C 244 19.17 30.87 30.46
CA ASN C 244 20.35 30.12 30.90
C ASN C 244 20.25 28.63 30.58
N GLN C 245 19.05 28.08 30.69
CA GLN C 245 18.84 26.67 30.38
C GLN C 245 19.14 26.42 28.91
N ILE C 246 18.81 27.39 28.07
CA ILE C 246 19.14 27.33 26.66
C ILE C 246 20.64 27.26 26.50
N ILE C 247 21.33 28.28 27.01
CA ILE C 247 22.78 28.41 26.86
C ILE C 247 23.53 27.21 27.41
N SER C 248 23.05 26.65 28.52
CA SER C 248 23.68 25.49 29.12
C SER C 248 23.54 24.30 28.18
N ASN C 249 22.37 24.16 27.57
CA ASN C 249 22.12 23.08 26.63
C ASN C 249 22.92 23.26 25.33
N LEU C 250 23.18 24.51 24.97
CA LEU C 250 23.97 24.81 23.77
C LEU C 250 25.39 24.28 23.94
N ILE C 251 25.99 24.54 25.10
CA ILE C 251 27.34 24.08 25.40
C ILE C 251 27.39 22.56 25.54
N LYS C 252 26.42 22.01 26.27
CA LYS C 252 26.37 20.57 26.52
C LYS C 252 26.21 19.77 25.23
N ILE C 253 25.19 20.10 24.45
CA ILE C 253 24.92 19.42 23.17
C ILE C 253 25.98 19.75 22.13
N GLY C 254 26.61 20.91 22.27
CA GLY C 254 27.63 21.34 21.35
C GLY C 254 28.78 20.36 21.20
N LYS C 255 29.43 20.04 22.31
CA LYS C 255 30.59 19.14 22.30
C LYS C 255 30.22 17.73 21.86
N GLU C 256 28.92 17.42 21.86
CA GLU C 256 28.44 16.11 21.44
C GLU C 256 28.60 15.93 19.94
N GLU C 257 28.49 17.03 19.20
CA GLU C 257 28.60 17.01 17.76
C GLU C 257 29.80 17.82 17.29
N ASN C 258 30.72 18.09 18.21
CA ASN C 258 31.93 18.86 17.92
C ASN C 258 31.65 20.29 17.48
N VAL C 259 30.85 20.99 18.27
CA VAL C 259 30.53 22.39 18.00
C VAL C 259 30.92 23.27 19.19
N ASP C 260 32.02 24.02 19.03
CA ASP C 260 32.51 24.90 20.08
C ASP C 260 31.59 26.08 20.31
N ILE C 261 30.92 26.09 21.47
CA ILE C 261 30.04 27.20 21.83
C ILE C 261 30.30 27.63 23.26
N SER C 262 30.60 28.92 23.44
CA SER C 262 30.92 29.47 24.75
C SER C 262 30.19 30.78 24.99
N VAL C 263 29.87 31.05 26.25
CA VAL C 263 29.22 32.30 26.63
C VAL C 263 30.23 33.43 26.71
N VAL C 264 29.95 34.52 26.02
CA VAL C 264 30.82 35.68 26.01
C VAL C 264 31.09 36.20 27.42
N LYS C 265 32.36 36.26 27.79
CA LYS C 265 32.76 36.75 29.12
C LYS C 265 32.89 38.26 29.14
N LYS C 266 31.79 38.95 28.80
CA LYS C 266 31.75 40.41 28.80
C LYS C 266 30.61 40.92 29.68
N MET D 1 52.30 12.06 -45.56
CA MET D 1 52.51 10.67 -45.96
C MET D 1 52.12 9.69 -44.86
N ILE D 2 51.20 8.80 -45.18
CA ILE D 2 50.74 7.78 -44.24
C ILE D 2 51.68 6.58 -44.22
N TYR D 3 52.40 6.39 -43.12
CA TYR D 3 52.77 5.07 -42.66
C TYR D 3 51.66 4.42 -41.85
N SER D 4 51.05 3.39 -42.41
CA SER D 4 49.95 2.71 -41.75
C SER D 4 50.45 1.84 -40.59
N ARG D 5 51.06 0.72 -40.93
CA ARG D 5 51.72 -0.12 -39.94
C ARG D 5 52.89 -0.88 -40.54
N SER D 6 52.59 -2.02 -41.17
CA SER D 6 53.58 -2.72 -41.97
C SER D 6 53.79 -1.92 -43.25
N LYS D 7 54.91 -2.14 -43.92
CA LYS D 7 55.22 -1.41 -45.15
C LYS D 7 54.67 -2.13 -46.38
N LEU D 8 53.85 -3.16 -46.14
CA LEU D 8 53.24 -3.91 -47.23
C LEU D 8 51.79 -4.26 -46.94
N PRO D 9 50.86 -3.89 -47.85
CA PRO D 9 49.42 -4.11 -47.70
C PRO D 9 49.04 -5.58 -47.66
N SER D 10 47.76 -5.86 -47.44
CA SER D 10 47.28 -7.23 -47.41
C SER D 10 46.24 -7.44 -48.51
N GLU D 11 46.12 -8.67 -48.99
CA GLU D 11 45.23 -8.98 -50.10
C GLU D 11 43.77 -8.63 -49.79
N GLY D 12 43.25 -7.62 -50.47
CA GLY D 12 41.89 -7.18 -50.27
C GLY D 12 41.79 -5.88 -49.50
N GLU D 13 42.92 -5.20 -49.37
CA GLU D 13 42.97 -3.93 -48.65
C GLU D 13 42.67 -2.74 -49.57
N ILE D 14 41.40 -2.35 -49.62
CA ILE D 14 40.98 -1.20 -50.43
C ILE D 14 41.65 0.07 -49.91
N LEU D 15 42.35 0.78 -50.79
CA LEU D 15 43.03 2.02 -50.41
C LEU D 15 43.19 2.99 -51.57
N ILE D 16 43.85 4.11 -51.29
CA ILE D 16 44.03 5.17 -52.29
C ILE D 16 45.44 5.20 -52.85
N ALA D 17 45.52 5.39 -54.17
CA ALA D 17 46.81 5.52 -54.85
C ALA D 17 46.66 6.45 -56.05
N THR D 18 47.64 7.34 -56.22
CA THR D 18 47.60 8.32 -57.29
C THR D 18 48.31 7.84 -58.56
N VAL D 19 47.60 7.91 -59.68
CA VAL D 19 48.10 7.45 -60.96
C VAL D 19 49.39 8.15 -61.38
N LYS D 20 50.35 7.38 -61.86
CA LYS D 20 51.60 7.95 -62.36
C LYS D 20 51.72 7.78 -63.88
N GLN D 21 52.34 6.69 -64.30
CA GLN D 21 52.52 6.42 -65.72
C GLN D 21 51.53 5.35 -66.21
N VAL D 22 50.73 5.71 -67.20
CA VAL D 22 49.69 4.83 -67.73
C VAL D 22 50.07 4.28 -69.10
N PHE D 23 50.05 2.96 -69.23
CA PHE D 23 50.41 2.31 -70.49
C PHE D 23 49.27 1.47 -71.03
N ASP D 24 49.55 0.73 -72.11
CA ASP D 24 48.54 -0.08 -72.78
C ASP D 24 48.16 -1.33 -71.97
N TYR D 25 49.15 -1.93 -71.30
CA TYR D 25 48.94 -3.18 -70.58
C TYR D 25 48.59 -2.95 -69.11
N GLY D 26 48.48 -1.68 -68.71
CA GLY D 26 48.13 -1.35 -67.35
C GLY D 26 48.59 0.03 -66.95
N SER D 27 48.72 0.26 -65.64
CA SER D 27 49.18 1.54 -65.12
C SER D 27 49.79 1.38 -63.72
N TYR D 28 51.09 1.67 -63.62
CA TYR D 28 51.78 1.61 -62.34
C TYR D 28 51.40 2.82 -61.48
N VAL D 29 51.16 2.56 -60.19
CA VAL D 29 50.63 3.58 -59.29
C VAL D 29 51.33 3.53 -57.93
N SER D 30 51.34 4.65 -57.23
CA SER D 30 51.98 4.72 -55.91
C SER D 30 50.96 4.84 -54.79
N LEU D 31 50.93 3.84 -53.91
CA LEU D 31 49.97 3.79 -52.82
C LEU D 31 50.25 4.87 -51.79
N ASP D 32 49.46 5.95 -51.83
CA ASP D 32 49.69 7.10 -50.96
C ASP D 32 49.50 6.76 -49.48
N GLU D 33 48.74 5.72 -49.19
CA GLU D 33 48.51 5.27 -47.81
C GLU D 33 49.62 4.37 -47.34
N TYR D 34 50.49 3.95 -48.24
CA TYR D 34 51.59 3.09 -47.82
C TYR D 34 52.92 3.69 -48.27
N GLY D 35 52.97 5.02 -48.35
CA GLY D 35 54.18 5.72 -48.77
C GLY D 35 54.19 6.01 -50.25
N GLY D 36 53.93 4.98 -51.07
CA GLY D 36 53.89 5.14 -52.51
C GLY D 36 54.77 4.13 -53.20
N LEU D 37 54.62 2.86 -52.81
CA LEU D 37 55.49 1.79 -53.28
C LEU D 37 55.06 1.21 -54.63
N GLN D 38 55.60 0.03 -54.93
CA GLN D 38 55.26 -0.69 -56.15
C GLN D 38 53.79 -1.06 -56.19
N ALA D 39 53.13 -0.75 -57.31
CA ALA D 39 51.74 -1.14 -57.51
C ALA D 39 51.39 -1.07 -58.99
N PHE D 40 50.62 -2.05 -59.46
CA PHE D 40 50.25 -2.11 -60.87
C PHE D 40 48.74 -2.30 -61.03
N LEU D 41 48.18 -1.62 -62.01
CA LEU D 41 46.76 -1.75 -62.33
C LEU D 41 46.57 -2.24 -63.76
N PRO D 42 46.41 -3.56 -63.93
CA PRO D 42 46.27 -4.18 -65.26
C PRO D 42 45.12 -3.58 -66.06
N TRP D 43 45.23 -3.66 -67.38
CA TRP D 43 44.23 -3.08 -68.26
C TRP D 43 42.96 -3.90 -68.21
N SER D 44 43.08 -5.12 -67.67
CA SER D 44 41.92 -5.97 -67.43
C SER D 44 41.36 -5.69 -66.04
N GLU D 45 41.89 -4.66 -65.39
CA GLU D 45 41.44 -4.28 -64.05
C GLU D 45 40.95 -2.83 -64.01
N VAL D 46 40.44 -2.34 -65.14
CA VAL D 46 39.95 -0.96 -65.24
C VAL D 46 38.43 -0.91 -65.19
N SER D 47 37.79 -1.23 -66.31
CA SER D 47 36.33 -1.24 -66.39
C SER D 47 35.80 -2.03 -67.58
N SER D 48 36.38 -1.80 -68.76
CA SER D 48 35.89 -2.42 -69.99
C SER D 48 36.95 -2.45 -71.09
N LYS D 49 37.27 -1.27 -71.62
CA LYS D 49 38.12 -1.15 -72.80
C LYS D 49 39.52 -1.73 -72.61
N TRP D 50 40.14 -2.16 -73.71
CA TRP D 50 41.48 -2.74 -73.70
C TRP D 50 42.31 -2.20 -74.88
N VAL D 51 43.54 -1.80 -74.58
CA VAL D 51 44.45 -1.25 -75.59
C VAL D 51 43.88 0.03 -76.20
N LYS D 52 43.63 1.02 -75.35
CA LYS D 52 43.14 2.31 -75.80
C LYS D 52 44.27 3.12 -76.44
N ASN D 53 44.84 4.02 -75.65
CA ASN D 53 45.96 4.85 -76.10
C ASN D 53 46.91 5.13 -74.94
N ILE D 54 46.48 6.04 -74.06
CA ILE D 54 47.26 6.38 -72.88
C ILE D 54 46.44 7.20 -71.90
N ARG D 55 45.89 8.32 -72.38
CA ARG D 55 45.04 9.16 -71.55
C ARG D 55 43.61 8.60 -71.53
N ASP D 56 43.48 7.33 -71.16
CA ASP D 56 42.19 6.67 -71.15
C ASP D 56 41.28 7.27 -70.09
N VAL D 57 41.39 6.76 -68.87
CA VAL D 57 40.64 7.28 -67.75
C VAL D 57 41.59 7.57 -66.59
N LEU D 58 42.87 7.32 -66.82
CA LEU D 58 43.90 7.62 -65.84
C LEU D 58 44.80 8.75 -66.34
N LYS D 59 45.23 9.60 -65.42
CA LYS D 59 46.08 10.73 -65.76
C LYS D 59 47.22 10.94 -64.78
N GLU D 60 48.20 11.75 -65.19
CA GLU D 60 49.36 12.06 -64.37
C GLU D 60 48.95 12.76 -63.07
N ASN D 61 49.25 12.12 -61.95
CA ASN D 61 48.98 12.68 -60.63
C ASN D 61 47.50 12.85 -60.34
N ARG D 62 46.72 11.79 -60.57
CA ARG D 62 45.31 11.81 -60.26
C ARG D 62 44.95 10.59 -59.41
N LYS D 63 44.41 10.84 -58.23
CA LYS D 63 44.12 9.77 -57.28
C LYS D 63 42.82 9.04 -57.59
N VAL D 64 42.84 7.72 -57.41
CA VAL D 64 41.67 6.89 -57.61
C VAL D 64 41.59 5.81 -56.53
N ILE D 65 40.42 5.22 -56.36
CA ILE D 65 40.21 4.22 -55.31
C ILE D 65 40.37 2.79 -55.84
N VAL D 66 41.47 2.14 -55.45
CA VAL D 66 41.81 0.81 -55.94
C VAL D 66 41.58 -0.26 -54.88
N LYS D 67 41.92 -1.50 -55.23
CA LYS D 67 41.84 -2.62 -54.29
C LYS D 67 42.85 -3.70 -54.67
N VAL D 68 43.78 -3.98 -53.75
CA VAL D 68 44.80 -4.98 -54.01
C VAL D 68 44.22 -6.36 -54.28
N ILE D 69 44.64 -6.96 -55.39
CA ILE D 69 44.15 -8.27 -55.80
C ILE D 69 45.26 -9.33 -55.67
N ARG D 70 46.49 -8.87 -55.50
CA ARG D 70 47.64 -9.75 -55.42
C ARG D 70 48.83 -9.02 -54.81
N VAL D 71 49.47 -9.66 -53.83
CA VAL D 71 50.64 -9.05 -53.18
C VAL D 71 51.83 -10.01 -53.12
N ASP D 72 52.71 -9.90 -54.11
CA ASP D 72 53.92 -10.72 -54.16
C ASP D 72 54.93 -10.17 -53.16
N ARG D 73 54.79 -10.57 -51.90
CA ARG D 73 55.64 -10.07 -50.83
C ARG D 73 57.10 -10.54 -51.00
N ARG D 74 57.30 -11.50 -51.89
CA ARG D 74 58.64 -11.99 -52.21
C ARG D 74 59.57 -10.82 -52.54
N LYS D 75 59.15 -9.99 -53.48
CA LYS D 75 59.95 -8.85 -53.91
C LYS D 75 59.34 -7.52 -53.48
N GLY D 76 58.01 -7.45 -53.51
CA GLY D 76 57.30 -6.25 -53.09
C GLY D 76 56.22 -5.84 -54.06
N THR D 77 55.94 -6.69 -55.04
CA THR D 77 54.93 -6.41 -56.06
C THR D 77 53.54 -6.34 -55.46
N VAL D 78 52.73 -5.41 -55.96
CA VAL D 78 51.35 -5.29 -55.52
C VAL D 78 50.45 -4.99 -56.72
N ASP D 79 49.40 -5.78 -56.87
CA ASP D 79 48.47 -5.60 -57.98
C ASP D 79 47.15 -5.05 -57.47
N VAL D 80 46.47 -4.25 -58.29
CA VAL D 80 45.22 -3.62 -57.88
C VAL D 80 44.16 -3.69 -58.99
N SER D 81 43.04 -3.02 -58.76
CA SER D 81 41.96 -2.97 -59.75
C SER D 81 40.90 -1.93 -59.38
N LEU D 82 40.13 -1.51 -60.38
CA LEU D 82 38.97 -0.66 -60.15
C LEU D 82 37.71 -1.48 -60.43
N LYS D 83 37.92 -2.71 -60.88
CA LYS D 83 36.81 -3.62 -61.16
C LYS D 83 36.23 -4.20 -59.88
N LYS D 84 37.09 -4.82 -59.05
CA LYS D 84 36.68 -5.44 -57.80
C LYS D 84 36.14 -4.43 -56.79
N VAL D 85 36.50 -3.16 -57.00
CA VAL D 85 36.05 -2.08 -56.13
C VAL D 85 34.53 -1.98 -56.13
N THR D 86 33.93 -2.31 -54.99
CA THR D 86 32.48 -2.31 -54.83
C THR D 86 31.94 -0.88 -54.80
N ASP D 87 30.69 -0.70 -55.21
CA ASP D 87 30.08 0.62 -55.23
C ASP D 87 29.76 1.12 -53.83
N ASP D 88 29.89 0.24 -52.84
CA ASP D 88 29.67 0.60 -51.44
C ASP D 88 30.98 0.71 -50.66
N GLU D 89 32.03 0.07 -51.18
CA GLU D 89 33.35 0.11 -50.57
C GLU D 89 34.10 1.37 -51.00
N ARG D 90 33.68 1.95 -52.12
CA ARG D 90 34.22 3.24 -52.55
C ARG D 90 33.65 4.36 -51.71
N ARG D 91 32.38 4.21 -51.32
CA ARG D 91 31.72 5.16 -50.45
C ARG D 91 32.23 5.02 -49.02
N LYS D 92 32.51 3.79 -48.62
CA LYS D 92 33.03 3.51 -47.29
C LYS D 92 34.47 4.00 -47.14
N LYS D 93 35.24 3.87 -48.22
CA LYS D 93 36.61 4.33 -48.23
C LYS D 93 36.69 5.75 -48.76
N ASN D 94 35.54 6.32 -49.09
CA ASN D 94 35.48 7.69 -49.61
C ASN D 94 35.63 8.71 -48.49
N LEU D 95 34.77 8.61 -47.49
CA LEU D 95 34.85 9.51 -46.32
C LEU D 95 36.02 9.12 -45.43
N GLN D 96 36.44 7.86 -45.54
CA GLN D 96 37.57 7.35 -44.76
C GLN D 96 38.88 7.95 -45.26
N TRP D 97 38.82 8.56 -46.44
CA TRP D 97 39.97 9.24 -47.02
C TRP D 97 40.10 10.65 -46.46
N LYS D 98 38.97 11.26 -46.14
CA LYS D 98 38.92 12.61 -45.60
C LYS D 98 39.33 12.62 -44.13
N LYS D 99 39.09 11.50 -43.45
CA LYS D 99 39.46 11.36 -42.04
C LYS D 99 40.98 11.26 -41.91
N ILE D 100 41.57 10.35 -42.67
CA ILE D 100 43.01 10.15 -42.66
C ILE D 100 43.72 11.41 -43.18
N GLN D 101 43.02 12.15 -44.03
CA GLN D 101 43.50 13.45 -44.48
C GLN D 101 43.81 14.32 -43.27
N ARG D 102 42.83 14.46 -42.39
CA ARG D 102 42.96 15.27 -41.18
C ARG D 102 44.08 14.76 -40.30
N LEU D 103 44.16 13.44 -40.14
CA LEU D 103 45.18 12.83 -39.29
C LEU D 103 46.57 13.12 -39.85
N ASP D 104 46.68 13.08 -41.17
CA ASP D 104 47.95 13.36 -41.84
C ASP D 104 48.20 14.88 -41.89
N LYS D 105 47.29 15.65 -41.28
CA LYS D 105 47.44 17.09 -41.21
C LYS D 105 47.77 17.54 -39.79
N ILE D 106 47.23 16.82 -38.81
CA ILE D 106 47.52 17.09 -37.41
C ILE D 106 49.00 16.85 -37.14
N LEU D 107 49.45 15.62 -37.41
CA LEU D 107 50.82 15.21 -37.14
C LEU D 107 51.83 16.00 -37.98
N GLU D 108 51.43 16.37 -39.19
CA GLU D 108 52.32 17.07 -40.10
C GLU D 108 52.49 18.53 -39.71
N LEU D 109 51.50 19.07 -38.98
CA LEU D 109 51.56 20.44 -38.50
C LEU D 109 52.09 20.50 -37.07
N VAL D 110 51.60 19.61 -36.22
CA VAL D 110 52.01 19.57 -34.83
C VAL D 110 53.45 19.10 -34.71
N SER D 111 53.96 18.46 -35.77
CA SER D 111 55.35 18.05 -35.84
C SER D 111 56.21 19.28 -36.05
N GLN D 112 55.58 20.35 -36.53
CA GLN D 112 56.25 21.61 -36.80
C GLN D 112 56.27 22.50 -35.54
N LYS D 113 56.02 21.87 -34.39
CA LYS D 113 56.15 22.56 -33.11
C LYS D 113 57.46 22.16 -32.43
N LEU D 114 57.93 20.95 -32.73
CA LEU D 114 59.19 20.46 -32.19
C LEU D 114 60.07 19.93 -33.33
N LYS D 115 61.27 19.48 -32.98
CA LYS D 115 62.18 18.94 -33.98
C LYS D 115 62.03 17.42 -34.12
N LEU D 116 60.89 16.99 -34.63
CA LEU D 116 60.63 15.58 -34.87
C LEU D 116 60.03 15.38 -36.27
N SER D 117 60.50 14.35 -36.98
CA SER D 117 60.02 14.05 -38.32
C SER D 117 58.56 13.57 -38.30
N GLU D 118 57.94 13.49 -39.47
CA GLU D 118 56.57 12.99 -39.57
C GLU D 118 56.55 11.48 -39.42
N LYS D 119 57.63 10.83 -39.85
CA LYS D 119 57.83 9.42 -39.60
C LYS D 119 57.87 9.23 -38.09
N ASP D 120 58.44 10.21 -37.39
CA ASP D 120 58.54 10.19 -35.94
C ASP D 120 57.20 10.52 -35.30
N ALA D 121 56.37 11.27 -36.02
CA ALA D 121 55.04 11.65 -35.54
C ALA D 121 54.04 10.51 -35.71
N TRP D 122 54.19 9.74 -36.79
CA TRP D 122 53.40 8.54 -37.01
C TRP D 122 53.99 7.41 -36.18
N GLU D 123 55.25 7.56 -35.76
CA GLU D 123 55.90 6.63 -34.86
C GLU D 123 55.40 6.89 -33.44
N GLN D 124 55.01 8.14 -33.20
CA GLN D 124 54.40 8.52 -31.93
C GLN D 124 52.90 8.25 -31.96
N VAL D 125 52.14 9.26 -32.34
CA VAL D 125 50.67 9.22 -32.29
C VAL D 125 50.07 8.08 -33.11
N ALA D 126 50.42 8.01 -34.39
CA ALA D 126 49.79 7.08 -35.32
C ALA D 126 49.90 5.62 -34.88
N TRP D 127 51.10 5.05 -34.97
CA TRP D 127 51.31 3.63 -34.69
C TRP D 127 50.85 3.22 -33.29
N LYS D 128 51.03 4.11 -32.32
CA LYS D 128 50.65 3.84 -30.94
C LYS D 128 49.14 3.83 -30.75
N LEU D 129 48.48 4.91 -31.17
CA LEU D 129 47.04 5.01 -31.06
C LEU D 129 46.37 4.09 -32.07
N GLU D 130 47.18 3.48 -32.94
CA GLU D 130 46.68 2.52 -33.92
C GLU D 130 46.15 1.29 -33.20
N ALA D 131 46.76 0.97 -32.06
CA ALA D 131 46.37 -0.19 -31.27
C ALA D 131 45.27 0.16 -30.25
N LYS D 132 44.06 0.40 -30.76
CA LYS D 132 42.92 0.69 -29.90
C LYS D 132 41.64 0.12 -30.52
N TYR D 133 40.92 0.96 -31.27
CA TYR D 133 39.74 0.51 -32.02
C TYR D 133 39.21 1.57 -32.98
N GLY D 134 38.77 1.13 -34.15
CA GLY D 134 38.21 2.02 -35.15
C GLY D 134 39.26 2.97 -35.71
N ASP D 135 38.81 4.00 -36.39
CA ASP D 135 39.71 5.00 -36.94
C ASP D 135 40.40 5.77 -35.82
N PRO D 136 41.74 5.85 -35.88
CA PRO D 136 42.54 6.56 -34.88
C PRO D 136 42.11 8.02 -34.71
N ILE D 137 41.62 8.63 -35.79
CA ILE D 137 41.14 10.00 -35.74
C ILE D 137 39.86 10.08 -34.91
N THR D 138 39.03 9.05 -35.02
CA THR D 138 37.82 8.94 -34.22
C THR D 138 38.19 8.75 -32.75
N ALA D 139 39.42 8.31 -32.53
CA ALA D 139 39.94 8.11 -31.18
C ALA D 139 40.64 9.36 -30.67
N ILE D 140 41.07 10.23 -31.59
CA ILE D 140 41.65 11.52 -31.21
C ILE D 140 40.54 12.47 -30.82
N GLU D 141 39.41 12.36 -31.50
CA GLU D 141 38.22 13.13 -31.16
C GLU D 141 37.67 12.64 -29.82
N LYS D 142 37.97 11.38 -29.51
CA LYS D 142 37.57 10.78 -28.24
C LYS D 142 38.59 11.13 -27.16
N ALA D 143 39.75 11.63 -27.59
CA ALA D 143 40.82 12.01 -26.68
C ALA D 143 40.88 13.52 -26.47
N VAL D 144 39.89 14.24 -26.99
CA VAL D 144 39.78 15.68 -26.75
C VAL D 144 38.59 15.99 -25.85
N LYS D 145 37.55 15.18 -25.97
CA LYS D 145 36.34 15.36 -25.17
C LYS D 145 36.44 14.65 -23.83
N GLU D 146 37.25 13.59 -23.79
CA GLU D 146 37.39 12.78 -22.58
C GLU D 146 38.81 12.83 -22.01
N GLY D 147 39.58 13.84 -22.41
CA GLY D 147 40.88 14.08 -21.84
C GLY D 147 42.02 13.24 -22.38
N GLU D 148 43.20 13.42 -21.80
CA GLU D 148 44.41 12.71 -22.22
C GLU D 148 44.44 11.28 -21.68
N LYS D 149 43.29 10.81 -21.20
CA LYS D 149 43.18 9.45 -20.68
C LYS D 149 43.33 8.46 -21.83
N ILE D 150 42.79 8.82 -22.99
CA ILE D 150 42.89 7.99 -24.19
C ILE D 150 44.29 8.04 -24.77
N LEU D 151 44.90 9.22 -24.74
CA LEU D 151 46.23 9.43 -25.31
C LEU D 151 47.33 8.83 -24.45
N ILE D 152 47.06 8.66 -23.15
CA ILE D 152 48.03 8.06 -22.25
C ILE D 152 47.95 6.55 -22.29
N ASP D 153 46.83 6.03 -22.80
CA ASP D 153 46.68 4.60 -23.02
C ASP D 153 47.18 4.25 -24.41
N ALA D 154 48.06 5.10 -24.94
CA ALA D 154 48.68 4.87 -26.23
C ALA D 154 50.17 4.58 -26.04
N GLY D 155 51.02 5.54 -26.38
CA GLY D 155 52.45 5.36 -26.26
C GLY D 155 53.21 6.68 -26.16
N VAL D 156 52.48 7.78 -26.04
CA VAL D 156 53.09 9.10 -25.91
C VAL D 156 53.81 9.23 -24.57
N PRO D 157 55.15 9.37 -24.61
CA PRO D 157 55.98 9.48 -23.41
C PRO D 157 55.59 10.69 -22.58
N GLU D 158 55.53 10.51 -21.25
CA GLU D 158 55.15 11.60 -20.35
C GLU D 158 53.91 12.33 -20.84
N ILE D 159 54.02 13.65 -20.98
CA ILE D 159 52.98 14.45 -21.58
C ILE D 159 53.55 15.11 -22.85
N TRP D 160 54.31 14.33 -23.61
CA TRP D 160 54.94 14.80 -24.83
C TRP D 160 53.91 15.23 -25.85
N VAL D 161 53.49 14.29 -26.69
CA VAL D 161 52.50 14.58 -27.73
C VAL D 161 51.08 14.35 -27.22
N LYS D 162 50.70 15.07 -26.17
CA LYS D 162 49.34 15.04 -25.67
C LYS D 162 48.70 16.43 -25.72
N PRO D 163 49.31 17.42 -25.05
CA PRO D 163 48.82 18.80 -25.18
C PRO D 163 49.03 19.30 -26.59
N LEU D 164 49.98 18.68 -27.29
CA LEU D 164 50.28 19.02 -28.68
C LEU D 164 49.18 18.49 -29.59
N LEU D 165 48.68 17.30 -29.26
CA LEU D 165 47.57 16.70 -29.97
C LEU D 165 46.28 17.46 -29.63
N GLU D 166 46.38 18.38 -28.69
CA GLU D 166 45.27 19.26 -28.34
C GLU D 166 45.37 20.57 -29.12
N GLU D 167 46.19 20.55 -30.16
CA GLU D 167 46.27 21.63 -31.14
C GLU D 167 45.51 21.16 -32.38
N ALA D 168 44.93 19.98 -32.27
CA ALA D 168 44.10 19.41 -33.32
C ALA D 168 42.63 19.62 -32.97
N SER D 169 42.36 19.83 -31.69
CA SER D 169 41.04 20.23 -31.24
C SER D 169 40.85 21.71 -31.55
N LYS D 170 41.96 22.40 -31.76
CA LYS D 170 41.95 23.78 -32.21
C LYS D 170 41.49 23.79 -33.66
N HIS D 171 41.79 22.70 -34.36
CA HIS D 171 41.35 22.49 -35.73
C HIS D 171 39.97 21.83 -35.78
N ALA D 172 39.54 21.30 -34.64
CA ALA D 172 38.24 20.63 -34.55
C ALA D 172 37.09 21.64 -34.50
N GLU D 173 37.36 22.83 -33.99
CA GLU D 173 36.34 23.88 -33.95
C GLU D 173 36.36 24.73 -35.22
N GLU D 174 37.30 24.43 -36.12
CA GLU D 174 37.32 25.05 -37.44
C GLU D 174 36.06 24.64 -38.18
N ARG D 175 35.77 23.34 -38.11
CA ARG D 175 34.57 22.78 -38.73
C ARG D 175 33.47 22.75 -37.69
N LYS D 176 32.59 23.74 -37.71
CA LYS D 176 31.49 23.80 -36.75
C LYS D 176 30.20 24.33 -37.36
N VAL D 177 29.08 23.81 -36.87
CA VAL D 177 27.75 24.22 -37.32
C VAL D 177 26.74 24.14 -36.19
N LYS D 178 25.69 24.96 -36.27
CA LYS D 178 24.66 24.99 -35.24
C LYS D 178 23.27 24.69 -35.81
N MET D 179 22.78 23.49 -35.54
CA MET D 179 21.43 23.09 -35.96
C MET D 179 20.43 23.44 -34.86
N SER D 180 19.82 24.61 -34.98
CA SER D 180 18.90 25.11 -33.96
C SER D 180 17.51 24.49 -34.05
N GLY D 181 16.50 25.25 -33.62
CA GLY D 181 15.14 24.75 -33.57
C GLY D 181 14.43 25.28 -32.33
N LEU D 182 13.12 25.44 -32.44
CA LEU D 182 12.32 25.97 -31.33
C LEU D 182 11.15 25.05 -30.98
N ILE D 183 10.80 25.02 -29.70
CA ILE D 183 9.70 24.19 -29.21
C ILE D 183 8.90 24.97 -28.19
N THR D 184 7.78 24.37 -27.76
CA THR D 184 6.97 24.94 -26.70
C THR D 184 6.74 23.92 -25.61
N VAL D 185 7.56 23.98 -24.57
CA VAL D 185 7.46 23.05 -23.45
C VAL D 185 6.60 23.64 -22.34
N ARG D 186 5.50 22.96 -22.04
CA ARG D 186 4.60 23.35 -20.96
C ARG D 186 4.26 22.15 -20.09
N THR D 187 3.78 22.42 -18.88
CA THR D 187 3.38 21.34 -17.97
C THR D 187 2.56 21.87 -16.79
N ASN D 188 1.68 21.01 -16.28
CA ASN D 188 0.83 21.34 -15.15
C ASN D 188 1.06 20.41 -13.97
N GLU D 189 2.05 19.52 -14.10
CA GLU D 189 2.46 18.66 -13.01
C GLU D 189 2.90 19.51 -11.82
N PRO D 190 2.45 19.14 -10.61
CA PRO D 190 2.76 19.85 -9.37
C PRO D 190 4.23 20.27 -9.33
N LEU D 191 5.12 19.35 -9.70
CA LEU D 191 6.52 19.66 -9.86
C LEU D 191 6.74 20.18 -11.28
N GLY D 192 6.85 21.49 -11.42
CA GLY D 192 6.91 22.12 -12.72
C GLY D 192 8.23 21.93 -13.45
N VAL D 193 9.15 22.88 -13.26
CA VAL D 193 10.45 22.82 -13.93
C VAL D 193 11.25 21.59 -13.53
N GLU D 194 10.92 21.00 -12.39
CA GLU D 194 11.59 19.80 -11.92
C GLU D 194 11.17 18.59 -12.75
N LYS D 195 9.94 18.63 -13.25
CA LYS D 195 9.43 17.58 -14.12
C LYS D 195 9.85 17.86 -15.56
N ILE D 196 10.07 19.13 -15.86
CA ILE D 196 10.60 19.54 -17.16
C ILE D 196 12.03 19.08 -17.32
N LYS D 197 12.88 19.47 -16.37
CA LYS D 197 14.27 19.04 -16.36
C LYS D 197 14.33 17.51 -16.38
N GLU D 198 13.47 16.88 -15.58
CA GLU D 198 13.39 15.43 -15.51
C GLU D 198 13.24 14.82 -16.89
N VAL D 199 12.48 15.51 -17.74
CA VAL D 199 12.24 15.06 -19.11
C VAL D 199 13.44 15.28 -20.02
N ILE D 200 13.85 16.54 -20.16
CA ILE D 200 14.95 16.90 -21.05
C ILE D 200 16.22 16.08 -20.79
N SER D 201 16.56 15.91 -19.52
CA SER D 201 17.78 15.18 -19.15
C SER D 201 17.70 13.72 -19.56
N LYS D 202 16.50 13.15 -19.48
CA LYS D 202 16.31 11.73 -19.83
C LYS D 202 16.07 11.53 -21.31
N ALA D 203 16.00 12.63 -22.06
CA ALA D 203 15.80 12.56 -23.51
C ALA D 203 17.10 12.86 -24.25
N LEU D 204 18.05 13.48 -23.55
CA LEU D 204 19.36 13.80 -24.10
C LEU D 204 20.35 12.68 -23.81
N GLU D 205 19.88 11.63 -23.15
CA GLU D 205 20.75 10.54 -22.74
C GLU D 205 21.26 9.72 -23.92
N ASN D 206 22.52 9.29 -23.83
CA ASN D 206 23.14 8.44 -24.85
C ASN D 206 23.14 9.06 -26.24
N ILE D 207 23.37 10.36 -26.31
CA ILE D 207 23.37 11.06 -27.60
C ILE D 207 24.79 11.38 -28.05
N GLU D 208 25.66 11.74 -27.11
CA GLU D 208 27.06 11.98 -27.43
C GLU D 208 27.78 10.64 -27.64
N GLN D 209 27.16 9.57 -27.16
CA GLN D 209 27.67 8.23 -27.36
C GLN D 209 27.30 7.75 -28.76
N ASP D 210 25.99 7.74 -29.04
CA ASP D 210 25.47 7.31 -30.33
C ASP D 210 25.96 8.21 -31.45
N TYR D 211 25.88 9.51 -31.22
CA TYR D 211 26.34 10.49 -32.20
C TYR D 211 27.62 11.14 -31.72
N GLU D 212 28.70 10.95 -32.47
CA GLU D 212 29.95 11.62 -32.19
C GLU D 212 30.09 12.77 -33.20
N SER D 213 31.28 13.33 -33.30
CA SER D 213 31.51 14.44 -34.21
C SER D 213 30.60 15.61 -33.83
N LEU D 214 30.69 16.02 -32.57
CA LEU D 214 29.87 17.10 -32.05
C LEU D 214 30.50 17.71 -30.80
N LEU D 215 30.21 18.98 -30.56
CA LEU D 215 30.85 19.73 -29.48
C LEU D 215 30.01 19.77 -28.21
N ASN D 216 28.71 20.03 -28.35
CA ASN D 216 27.80 20.10 -27.21
C ASN D 216 26.34 20.20 -27.58
N ILE D 217 25.49 20.18 -26.56
CA ILE D 217 24.06 20.40 -26.72
C ILE D 217 23.62 21.39 -25.64
N LYS D 218 22.94 22.46 -26.05
CA LYS D 218 22.46 23.45 -25.10
C LYS D 218 21.00 23.79 -25.33
N ILE D 219 20.16 23.49 -24.35
CA ILE D 219 18.74 23.83 -24.42
C ILE D 219 18.45 24.93 -23.41
N TYR D 220 17.95 26.05 -23.90
CA TYR D 220 17.68 27.20 -23.05
C TYR D 220 16.30 27.82 -23.31
N THR D 221 16.00 28.89 -22.59
CA THR D 221 14.69 29.51 -22.65
C THR D 221 14.68 30.87 -23.33
N ILE D 222 13.50 31.32 -23.72
CA ILE D 222 13.28 32.69 -24.16
C ILE D 222 11.99 33.23 -23.56
N GLY D 223 11.88 33.13 -22.23
CA GLY D 223 10.71 33.62 -21.51
C GLY D 223 9.54 32.65 -21.52
N ALA D 224 8.82 32.63 -22.64
CA ALA D 224 7.64 31.78 -22.81
C ALA D 224 8.01 30.30 -22.81
N PRO D 225 7.01 29.42 -23.01
CA PRO D 225 7.31 27.99 -23.20
C PRO D 225 8.18 27.75 -24.43
N ARG D 226 8.58 28.82 -25.10
CA ARG D 226 9.51 28.72 -26.22
C ARG D 226 10.90 28.35 -25.72
N TYR D 227 11.44 27.28 -26.29
CA TYR D 227 12.78 26.84 -25.96
C TYR D 227 13.56 26.52 -27.22
N ARG D 228 14.81 26.97 -27.27
CA ARG D 228 15.66 26.70 -28.42
C ARG D 228 16.68 25.62 -28.09
N VAL D 229 16.63 24.53 -28.84
CA VAL D 229 17.60 23.46 -28.68
C VAL D 229 18.70 23.53 -29.75
N ASP D 230 19.90 23.89 -29.31
CA ASP D 230 21.03 24.03 -30.22
C ASP D 230 21.94 22.80 -30.19
N VAL D 231 22.24 22.28 -31.37
CA VAL D 231 23.17 21.16 -31.46
C VAL D 231 24.37 21.55 -32.34
N VAL D 232 25.55 21.63 -31.71
CA VAL D 232 26.78 21.92 -32.43
C VAL D 232 27.58 20.65 -32.68
N GLY D 233 28.12 20.52 -33.89
CA GLY D 233 28.86 19.33 -34.27
C GLY D 233 29.94 19.58 -35.29
N THR D 234 30.78 18.58 -35.50
CA THR D 234 31.88 18.68 -36.45
C THR D 234 31.42 18.38 -37.87
N ASN D 235 30.50 17.44 -38.01
CA ASN D 235 29.95 17.10 -39.32
C ASN D 235 28.45 17.37 -39.39
N PRO D 236 28.03 18.24 -40.33
CA PRO D 236 26.65 18.66 -40.54
C PRO D 236 25.69 17.48 -40.67
N LYS D 237 26.25 16.30 -40.98
CA LYS D 237 25.46 15.08 -41.04
C LYS D 237 24.90 14.77 -39.66
N GLU D 238 25.80 14.59 -38.70
CA GLU D 238 25.43 14.22 -37.34
C GLU D 238 24.56 15.26 -36.65
N ALA D 239 24.96 16.52 -36.74
CA ALA D 239 24.24 17.62 -36.08
C ALA D 239 22.75 17.65 -36.37
N SER D 240 22.39 17.52 -37.64
CA SER D 240 20.99 17.53 -38.04
C SER D 240 20.27 16.27 -37.59
N GLU D 241 20.94 15.12 -37.73
CA GLU D 241 20.38 13.83 -37.36
C GLU D 241 20.03 13.75 -35.86
N ALA D 242 20.99 14.12 -35.03
CA ALA D 242 20.79 14.11 -33.58
C ALA D 242 19.68 15.07 -33.16
N LEU D 243 19.73 16.29 -33.69
CA LEU D 243 18.73 17.32 -33.39
C LEU D 243 17.30 16.83 -33.59
N ASN D 244 17.05 16.17 -34.71
CA ASN D 244 15.73 15.65 -35.02
C ASN D 244 15.33 14.54 -34.05
N GLN D 245 16.30 13.70 -33.70
CA GLN D 245 16.08 12.61 -32.76
C GLN D 245 15.70 13.14 -31.39
N ILE D 246 16.49 14.10 -30.89
CA ILE D 246 16.27 14.68 -29.57
C ILE D 246 14.85 15.21 -29.41
N ILE D 247 14.40 16.00 -30.37
CA ILE D 247 13.08 16.63 -30.29
C ILE D 247 11.95 15.60 -30.27
N SER D 248 12.06 14.57 -31.09
CA SER D 248 11.05 13.53 -31.14
C SER D 248 11.06 12.70 -29.85
N ASN D 249 12.21 12.66 -29.19
CA ASN D 249 12.33 12.00 -27.90
C ASN D 249 11.78 12.88 -26.78
N LEU D 250 12.02 14.19 -26.90
CA LEU D 250 11.49 15.15 -25.93
C LEU D 250 9.97 15.06 -25.91
N ILE D 251 9.38 14.79 -27.07
CA ILE D 251 7.94 14.62 -27.20
C ILE D 251 7.53 13.21 -26.80
N LYS D 252 8.41 12.25 -27.10
CA LYS D 252 8.17 10.85 -26.76
C LYS D 252 8.16 10.64 -25.25
N ILE D 253 9.00 11.41 -24.55
CA ILE D 253 9.12 11.29 -23.11
C ILE D 253 8.23 12.31 -22.40
N GLY D 254 8.06 13.48 -23.01
CA GLY D 254 7.23 14.52 -22.46
C GLY D 254 5.82 14.05 -22.18
N LYS D 255 5.15 13.57 -23.22
CA LYS D 255 3.79 13.08 -23.13
C LYS D 255 3.64 11.92 -22.14
N GLU D 256 4.77 11.31 -21.78
CA GLU D 256 4.77 10.22 -20.80
C GLU D 256 4.47 10.75 -19.40
N GLU D 257 5.30 11.69 -18.95
CA GLU D 257 5.15 12.26 -17.61
C GLU D 257 4.38 13.57 -17.61
N ASN D 258 3.43 13.68 -18.53
CA ASN D 258 2.53 14.84 -18.58
C ASN D 258 3.27 16.16 -18.85
N VAL D 259 3.92 16.24 -20.00
CA VAL D 259 4.66 17.43 -20.40
C VAL D 259 4.46 17.74 -21.88
N ASP D 260 3.75 18.81 -22.19
CA ASP D 260 3.49 19.21 -23.58
C ASP D 260 4.74 19.71 -24.28
N ILE D 261 5.19 18.95 -25.28
CA ILE D 261 6.33 19.36 -26.10
C ILE D 261 6.03 19.15 -27.58
N SER D 262 6.28 20.17 -28.38
CA SER D 262 6.01 20.10 -29.81
C SER D 262 6.79 21.18 -30.58
N VAL D 263 7.42 20.79 -31.68
CA VAL D 263 8.18 21.72 -32.50
C VAL D 263 7.30 22.85 -33.02
N VAL D 264 7.85 24.06 -33.03
CA VAL D 264 7.13 25.24 -33.48
C VAL D 264 7.96 26.00 -34.52
N LYS D 265 7.51 27.21 -34.87
CA LYS D 265 8.22 28.08 -35.80
C LYS D 265 8.48 27.43 -37.16
N LYS D 266 9.60 27.80 -37.77
CA LYS D 266 9.98 27.28 -39.08
C LYS D 266 11.49 27.08 -39.19
N SER E 2 44.47 41.45 -38.63
CA SER E 2 44.63 40.84 -39.95
C SER E 2 45.48 41.71 -40.87
N SER E 3 46.22 42.64 -40.28
CA SER E 3 47.09 43.54 -41.03
C SER E 3 48.33 43.96 -40.24
N GLU E 4 49.43 44.20 -40.96
CA GLU E 4 50.69 44.59 -40.33
C GLU E 4 50.91 46.10 -40.40
N LYS E 5 51.76 46.53 -41.32
CA LYS E 5 51.99 47.96 -41.54
C LYS E 5 50.85 48.57 -42.34
N GLU E 6 50.12 47.72 -43.05
CA GLU E 6 48.98 48.13 -43.85
C GLU E 6 47.76 48.43 -42.97
N TYR E 7 47.98 48.50 -41.66
CA TYR E 7 46.91 48.75 -40.70
C TYR E 7 46.51 50.23 -40.71
N VAL E 8 47.09 50.99 -41.63
CA VAL E 8 46.80 52.40 -41.77
C VAL E 8 45.33 52.64 -42.12
N GLU E 9 44.79 51.77 -42.97
CA GLU E 9 43.39 51.88 -43.39
C GLU E 9 42.39 51.55 -42.27
N MET E 10 42.89 50.95 -41.19
CA MET E 10 42.09 50.75 -39.99
C MET E 10 42.22 51.98 -39.11
N LEU E 11 43.38 52.61 -39.19
CA LEU E 11 43.63 53.87 -38.48
C LEU E 11 42.89 55.00 -39.17
N ASP E 12 42.68 54.86 -40.47
CA ASP E 12 41.89 55.81 -41.24
C ASP E 12 40.42 55.66 -40.85
N ARG E 13 40.05 54.45 -40.43
CA ARG E 13 38.72 54.19 -39.91
C ARG E 13 38.46 55.01 -38.66
N LEU E 14 39.54 55.34 -37.95
CA LEU E 14 39.46 56.15 -36.75
C LEU E 14 39.36 57.64 -37.08
N TYR E 15 40.17 58.08 -38.03
CA TYR E 15 40.15 59.48 -38.47
C TYR E 15 39.02 59.74 -39.47
N SER E 16 38.21 58.71 -39.71
CA SER E 16 37.03 58.83 -40.56
C SER E 16 35.79 58.78 -39.67
N LYS E 17 35.95 58.12 -38.53
CA LYS E 17 34.90 58.10 -37.53
C LYS E 17 35.19 59.23 -36.55
N LEU E 18 36.29 59.95 -36.81
CA LEU E 18 36.66 61.11 -36.03
C LEU E 18 35.86 62.34 -36.44
N PRO E 19 35.63 62.51 -37.76
CA PRO E 19 34.69 63.54 -38.22
C PRO E 19 33.26 63.13 -37.90
N GLU E 20 33.11 61.94 -37.35
CA GLU E 20 31.82 61.47 -36.82
C GLU E 20 31.73 61.93 -35.37
N LYS E 21 32.78 62.59 -34.92
CA LYS E 21 32.89 63.10 -33.55
C LYS E 21 33.78 64.33 -33.53
N GLY E 22 33.59 65.21 -34.52
CA GLY E 22 34.43 66.37 -34.69
C GLY E 22 34.27 67.40 -33.58
N ARG E 23 33.25 68.24 -33.70
CA ARG E 23 33.01 69.30 -32.72
C ARG E 23 31.76 69.02 -31.90
N LYS E 24 31.93 68.23 -30.85
CA LYS E 24 30.80 67.85 -29.99
C LYS E 24 30.99 68.35 -28.57
N GLU E 25 31.86 67.66 -27.82
CA GLU E 25 32.08 67.97 -26.42
C GLU E 25 32.76 69.33 -26.25
N GLY E 26 31.99 70.33 -25.84
CA GLY E 26 32.52 71.67 -25.64
C GLY E 26 31.45 72.75 -25.61
N THR E 27 31.86 73.98 -25.85
CA THR E 27 30.93 75.09 -25.96
C THR E 27 30.93 75.69 -27.36
N GLN E 28 29.74 75.91 -27.91
CA GLN E 28 29.59 76.67 -29.14
C GLN E 28 28.54 77.76 -29.00
N SER E 29 27.88 78.08 -30.10
CA SER E 29 27.70 79.47 -30.51
C SER E 29 27.23 80.33 -29.34
N LEU E 30 28.18 80.70 -28.48
CA LEU E 30 28.01 81.86 -27.60
C LEU E 30 27.33 81.45 -26.29
N PRO E 31 28.07 81.61 -25.18
CA PRO E 31 27.72 80.93 -23.94
C PRO E 31 26.94 81.84 -23.00
N ASN E 32 27.63 82.73 -22.30
CA ASN E 32 27.05 83.49 -21.21
C ASN E 32 26.13 84.60 -21.69
N MET E 33 24.86 84.54 -21.28
CA MET E 33 23.88 85.52 -21.71
C MET E 33 23.55 86.50 -20.58
N ILE E 34 24.41 86.53 -19.57
CA ILE E 34 24.23 87.41 -18.42
C ILE E 34 24.73 88.82 -18.74
N ILE E 35 23.91 89.82 -18.44
CA ILE E 35 24.26 91.20 -18.75
C ILE E 35 24.65 92.01 -17.50
N LEU E 36 25.19 93.20 -17.72
CA LEU E 36 25.75 94.01 -16.65
C LEU E 36 24.68 94.82 -15.90
N ASN E 37 24.25 94.30 -14.74
CA ASN E 37 23.27 95.00 -13.92
C ASN E 37 23.71 95.13 -12.45
N ILE E 38 23.62 96.34 -11.92
CA ILE E 38 23.97 96.60 -10.53
C ILE E 38 22.95 97.52 -9.87
N GLY E 39 21.78 96.96 -9.55
CA GLY E 39 20.76 97.73 -8.86
C GLY E 39 20.83 97.46 -7.36
N ASN E 40 19.77 96.89 -6.80
CA ASN E 40 19.79 96.43 -5.43
C ASN E 40 20.70 95.21 -5.32
N THR E 41 20.42 94.21 -6.15
CA THR E 41 21.24 93.01 -6.25
C THR E 41 21.73 92.88 -7.68
N THR E 42 20.99 92.13 -8.49
CA THR E 42 21.28 91.97 -9.91
C THR E 42 20.30 90.97 -10.53
N ILE E 43 19.78 91.32 -11.71
CA ILE E 43 18.81 90.49 -12.40
C ILE E 43 19.11 90.43 -13.90
N ILE E 44 19.23 89.21 -14.43
CA ILE E 44 19.52 89.02 -15.85
C ILE E 44 18.30 89.30 -16.72
N ARG E 45 18.49 90.07 -17.78
CA ARG E 45 17.39 90.38 -18.71
C ARG E 45 17.11 89.19 -19.61
N ASN E 46 18.03 88.25 -19.65
CA ASN E 46 17.89 87.07 -20.49
C ASN E 46 18.17 85.78 -19.74
N PHE E 47 17.16 85.32 -18.99
CA PHE E 47 17.26 84.06 -18.27
C PHE E 47 16.09 83.17 -18.68
N ALA E 48 15.10 83.78 -19.33
CA ALA E 48 13.93 83.08 -19.80
C ALA E 48 14.03 82.72 -21.28
N GLU E 49 15.24 82.38 -21.72
CA GLU E 49 15.47 81.88 -23.08
C GLU E 49 16.52 80.78 -23.08
N TYR E 50 17.44 80.85 -22.13
CA TYR E 50 18.41 79.78 -21.91
C TYR E 50 17.74 78.65 -21.12
N CYS E 51 16.56 78.96 -20.58
CA CYS E 51 15.77 77.97 -19.85
C CYS E 51 15.32 76.84 -20.79
N ASP E 52 14.81 77.23 -21.95
CA ASP E 52 14.36 76.26 -22.95
C ASP E 52 15.49 75.86 -23.88
N ARG E 53 16.60 76.59 -23.81
CA ARG E 53 17.81 76.22 -24.54
C ARG E 53 18.68 75.27 -23.72
N ILE E 54 18.06 74.61 -22.74
CA ILE E 54 18.58 73.35 -22.22
C ILE E 54 17.54 72.23 -22.36
N ARG E 55 16.34 72.48 -21.84
CA ARG E 55 15.29 71.48 -21.82
C ARG E 55 13.93 72.09 -21.54
N ARG E 56 13.57 72.19 -20.26
CA ARG E 56 12.21 72.65 -19.85
C ARG E 56 12.24 73.91 -18.95
N GLU E 57 11.42 73.92 -17.90
CA GLU E 57 11.35 75.06 -16.98
C GLU E 57 12.66 75.23 -16.23
N ASP E 58 13.17 74.12 -15.70
CA ASP E 58 14.45 74.11 -14.99
C ASP E 58 14.44 75.05 -13.78
N LYS E 59 13.36 75.02 -13.03
CA LYS E 59 13.29 75.75 -11.77
C LYS E 59 14.11 74.99 -10.73
N ILE E 60 14.05 73.66 -10.82
CA ILE E 60 14.87 72.81 -9.98
C ILE E 60 16.18 72.52 -10.68
N CYS E 61 16.74 73.56 -11.31
CA CYS E 61 17.99 73.44 -12.04
C CYS E 61 18.70 74.78 -12.12
N MET E 62 18.18 75.67 -12.95
CA MET E 62 18.76 77.00 -13.12
C MET E 62 18.75 77.77 -11.80
N LYS E 63 17.55 78.05 -11.30
CA LYS E 63 17.40 78.82 -10.07
C LYS E 63 17.74 77.98 -8.85
N TYR E 64 17.47 76.68 -8.95
CA TYR E 64 17.71 75.74 -7.86
C TYR E 64 19.19 75.69 -7.49
N LEU E 65 20.04 75.48 -8.48
CA LEU E 65 21.48 75.34 -8.26
C LEU E 65 22.17 76.67 -7.98
N LEU E 66 21.74 77.71 -8.69
CA LEU E 66 22.31 79.04 -8.53
C LEU E 66 21.60 79.84 -7.43
N LYS E 67 21.99 79.59 -6.19
CA LYS E 67 21.35 80.25 -5.05
C LYS E 67 22.08 79.93 -3.74
N GLU E 68 22.39 80.97 -2.98
CA GLU E 68 23.46 80.91 -2.00
C GLU E 68 22.93 80.58 -0.61
N LEU E 69 22.16 81.51 -0.05
CA LEU E 69 21.81 81.46 1.37
C LEU E 69 20.30 81.41 1.57
N ALA E 70 19.69 82.57 1.76
CA ALA E 70 18.25 82.71 1.63
C ALA E 70 17.89 83.57 0.42
N ALA E 71 17.88 82.94 -0.76
CA ALA E 71 17.69 83.67 -2.01
C ALA E 71 16.24 83.61 -2.46
N PRO E 72 15.56 84.75 -2.42
CA PRO E 72 14.15 84.83 -2.83
C PRO E 72 14.01 85.00 -4.33
N GLY E 73 12.86 84.59 -4.88
CA GLY E 73 12.45 85.02 -6.20
C GLY E 73 12.93 84.09 -7.29
N ASN E 74 12.00 83.61 -8.12
CA ASN E 74 12.34 82.77 -9.26
C ASN E 74 12.25 83.54 -10.59
N VAL E 75 11.73 82.89 -11.62
CA VAL E 75 11.64 83.51 -12.94
C VAL E 75 10.21 83.53 -13.48
N ASP E 76 9.47 84.59 -13.17
CA ASP E 76 8.14 84.79 -13.75
C ASP E 76 8.21 85.84 -14.85
N ASP E 77 9.09 86.81 -14.69
CA ASP E 77 9.36 87.82 -15.70
C ASP E 77 10.67 87.49 -16.41
N LYS E 78 11.73 88.18 -16.01
CA LYS E 78 13.07 87.91 -16.50
C LYS E 78 14.05 87.86 -15.33
N GLY E 79 14.99 86.93 -15.38
CA GLY E 79 15.99 86.78 -14.33
C GLY E 79 15.40 86.33 -13.01
N GLU E 80 16.16 86.51 -11.93
CA GLU E 80 15.74 86.06 -10.60
C GLU E 80 16.48 86.82 -9.49
N LEU E 81 16.56 86.19 -8.33
CA LEU E 81 17.25 86.75 -7.17
C LEU E 81 16.79 88.16 -6.82
N VAL E 82 15.49 88.40 -6.86
CA VAL E 82 14.95 89.75 -6.86
C VAL E 82 15.44 90.53 -5.66
N ILE E 83 15.41 89.90 -4.49
CA ILE E 83 15.99 90.49 -3.28
C ILE E 83 16.93 89.49 -2.59
N GLN E 84 18.15 89.95 -2.31
CA GLN E 84 18.99 89.28 -1.32
C GLN E 84 19.61 88.01 -1.88
N GLY E 85 19.81 87.98 -3.19
CA GLY E 85 20.19 86.76 -3.89
C GLY E 85 21.39 86.08 -3.25
N LYS E 86 22.03 86.77 -2.32
CA LYS E 86 23.39 86.43 -1.92
C LYS E 86 24.31 86.32 -3.13
N PHE E 87 23.98 87.05 -4.19
CA PHE E 87 24.77 87.04 -5.41
C PHE E 87 24.61 88.34 -6.19
N SER E 88 24.84 89.46 -5.51
CA SER E 88 24.74 90.77 -6.13
C SER E 88 26.07 91.18 -6.75
N SER E 89 26.19 91.04 -8.06
CA SER E 89 27.45 91.34 -8.73
C SER E 89 27.25 91.63 -10.21
N GLN E 90 28.37 91.66 -10.93
CA GLN E 90 28.36 91.83 -12.38
C GLN E 90 29.14 90.70 -13.03
N VAL E 91 29.31 89.60 -12.30
CA VAL E 91 30.05 88.45 -12.78
C VAL E 91 29.35 87.83 -13.99
N ILE E 92 29.81 88.20 -15.18
CA ILE E 92 29.22 87.70 -16.42
C ILE E 92 29.51 86.22 -16.58
N ASN E 93 30.45 85.72 -15.77
CA ASN E 93 30.81 84.32 -15.80
C ASN E 93 30.42 83.60 -14.50
N THR E 94 29.17 83.16 -14.42
CA THR E 94 28.70 82.39 -13.28
C THR E 94 27.89 81.19 -13.75
N LEU E 95 27.20 81.37 -14.88
CA LEU E 95 26.34 80.34 -15.44
C LEU E 95 27.14 79.30 -16.22
N MET E 96 28.44 79.25 -15.96
CA MET E 96 29.34 78.37 -16.71
C MET E 96 29.97 77.29 -15.84
N GLU E 97 30.30 77.63 -14.60
CA GLU E 97 30.98 76.69 -13.72
C GLU E 97 29.96 75.93 -12.86
N ARG E 98 28.90 76.61 -12.47
CA ARG E 98 27.84 75.99 -11.68
C ARG E 98 27.10 74.95 -12.50
N PHE E 99 27.16 75.09 -13.83
CA PHE E 99 26.60 74.11 -14.75
C PHE E 99 27.71 73.45 -15.57
N LEU E 100 28.81 73.11 -14.90
CA LEU E 100 29.92 72.45 -15.56
C LEU E 100 29.87 70.93 -15.33
N LYS E 101 29.00 70.51 -14.41
CA LYS E 101 28.74 69.10 -14.21
C LYS E 101 27.26 68.78 -14.33
N ALA E 102 26.49 69.19 -13.33
CA ALA E 102 25.08 69.54 -13.53
C ALA E 102 24.93 70.56 -14.66
N TYR E 103 25.09 70.09 -15.89
CA TYR E 103 24.19 70.45 -16.97
C TYR E 103 22.76 69.99 -16.68
N VAL E 104 21.93 69.96 -17.72
CA VAL E 104 20.90 68.94 -17.84
C VAL E 104 21.51 67.58 -18.19
N GLU E 105 22.19 67.53 -19.33
CA GLU E 105 22.09 66.38 -20.23
C GLU E 105 23.42 66.10 -20.93
N CYS E 106 24.51 66.58 -20.32
CA CYS E 106 25.83 66.51 -20.95
C CYS E 106 26.84 65.88 -20.01
N SER E 107 27.38 64.73 -20.43
CA SER E 107 28.00 63.79 -19.50
C SER E 107 29.51 63.72 -19.73
N THR E 108 29.93 62.77 -20.56
CA THR E 108 31.28 62.78 -21.12
C THR E 108 31.38 61.86 -22.33
N CYS E 109 30.29 61.76 -23.07
CA CYS E 109 30.26 62.21 -24.47
C CYS E 109 29.08 63.15 -24.70
N LYS E 110 29.12 63.86 -25.83
CA LYS E 110 28.19 64.97 -26.07
C LYS E 110 27.01 64.52 -26.91
N SER E 111 27.29 64.01 -28.10
CA SER E 111 26.35 63.15 -28.80
C SER E 111 25.98 61.94 -27.95
N LEU E 112 24.75 61.95 -27.42
CA LEU E 112 23.82 60.85 -27.60
C LEU E 112 23.92 59.85 -26.46
N ASP E 113 24.72 60.18 -25.45
CA ASP E 113 25.41 59.18 -24.65
C ASP E 113 24.49 58.63 -23.56
N THR E 114 24.69 59.09 -22.33
CA THR E 114 24.21 58.39 -21.15
C THR E 114 23.96 59.35 -20.00
N ILE E 115 22.79 59.98 -20.00
CA ILE E 115 22.68 61.41 -20.22
C ILE E 115 22.96 62.20 -18.95
N LEU E 116 23.25 61.48 -17.87
CA LEU E 116 22.90 61.94 -16.53
C LEU E 116 23.36 60.94 -15.47
N LYS E 117 24.59 61.10 -14.99
CA LYS E 117 25.51 59.99 -14.87
C LYS E 117 26.86 60.45 -14.32
N LYS E 118 26.85 61.55 -13.59
CA LYS E 118 27.69 61.69 -12.41
C LYS E 118 26.86 62.11 -11.19
N GLU E 119 25.70 62.70 -11.44
CA GLU E 119 24.80 63.10 -10.38
C GLU E 119 23.46 62.38 -10.47
N LYS E 120 23.24 61.43 -9.56
CA LYS E 120 22.02 60.63 -9.56
C LYS E 120 21.46 60.47 -8.15
N LYS E 121 20.58 59.49 -7.99
CA LYS E 121 19.99 59.21 -6.68
C LYS E 121 19.46 57.77 -6.63
N SER E 122 18.91 57.31 -7.75
CA SER E 122 18.39 55.95 -7.86
C SER E 122 19.48 54.98 -8.28
N TRP E 123 20.73 55.37 -8.04
CA TRP E 123 21.89 54.57 -8.34
C TRP E 123 22.43 53.92 -7.07
N TYR E 124 21.89 54.34 -5.93
CA TYR E 124 22.35 53.85 -4.64
C TYR E 124 21.20 53.23 -3.85
N ILE E 125 20.01 53.78 -3.98
CA ILE E 125 18.84 53.29 -3.27
C ILE E 125 18.48 51.87 -3.71
N VAL E 126 18.19 51.71 -5.00
CA VAL E 126 17.93 50.38 -5.57
C VAL E 126 18.61 50.24 -6.92
N CYS E 127 19.51 49.27 -7.01
CA CYS E 127 20.32 49.06 -8.21
C CYS E 127 19.45 48.75 -9.43
N LEU E 128 19.27 49.73 -10.30
CA LEU E 128 18.51 49.55 -11.53
C LEU E 128 19.39 48.93 -12.62
N ALA E 129 20.69 49.20 -12.53
CA ALA E 129 21.65 48.69 -13.48
C ALA E 129 23.08 48.84 -12.96
N SER F 2 -5.13 61.81 26.60
CA SER F 2 -4.48 62.86 25.83
C SER F 2 -4.48 62.58 24.34
N SER F 3 -5.00 63.53 23.56
CA SER F 3 -5.01 63.42 22.10
C SER F 3 -4.95 64.80 21.46
N GLU F 4 -5.78 65.71 21.95
CA GLU F 4 -5.80 67.08 21.46
C GLU F 4 -5.00 67.98 22.41
N LYS F 5 -4.94 69.27 22.07
CA LYS F 5 -4.20 70.25 22.88
C LYS F 5 -2.69 70.00 22.83
N GLU F 6 -2.29 68.92 22.16
CA GLU F 6 -0.88 68.56 22.02
C GLU F 6 -0.32 69.16 20.73
N TYR F 7 -1.22 69.58 19.86
CA TYR F 7 -0.84 70.29 18.64
C TYR F 7 -0.14 71.59 19.00
N VAL F 8 -0.32 72.00 20.25
CA VAL F 8 0.24 73.25 20.75
C VAL F 8 1.76 73.28 20.69
N GLU F 9 2.41 72.26 21.25
CA GLU F 9 3.87 72.24 21.31
C GLU F 9 4.49 71.37 20.23
N MET F 10 3.67 70.54 19.59
CA MET F 10 4.15 69.70 18.51
C MET F 10 4.28 70.51 17.22
N LEU F 11 3.37 71.46 17.03
CA LEU F 11 3.47 72.39 15.91
C LEU F 11 4.61 73.36 16.19
N ASP F 12 5.02 73.41 17.46
CA ASP F 12 6.11 74.26 17.90
C ASP F 12 7.46 73.68 17.49
N ARG F 13 7.58 72.36 17.63
CA ARG F 13 8.80 71.66 17.25
C ARG F 13 8.90 71.56 15.74
N LEU F 14 8.92 72.70 15.07
CA LEU F 14 8.99 72.76 13.61
C LEU F 14 9.35 74.17 13.17
N TYR F 15 8.83 75.16 13.89
CA TYR F 15 9.26 76.55 13.70
C TYR F 15 10.51 76.78 14.53
N SER F 16 10.72 75.88 15.49
CA SER F 16 11.95 75.85 16.26
C SER F 16 12.99 75.06 15.46
N LYS F 17 12.48 74.28 14.50
CA LYS F 17 13.34 73.53 13.59
C LYS F 17 13.19 74.07 12.16
N LEU F 18 12.82 75.34 12.06
CA LEU F 18 12.68 76.01 10.78
C LEU F 18 14.05 76.58 10.39
N PRO F 19 14.21 77.03 9.13
CA PRO F 19 15.47 77.61 8.67
C PRO F 19 16.05 78.65 9.64
N GLU F 20 17.12 78.28 10.32
CA GLU F 20 17.81 79.16 11.26
C GLU F 20 19.28 79.28 10.89
N LYS F 21 19.97 78.15 10.86
CA LYS F 21 21.37 78.07 10.45
C LYS F 21 22.33 78.70 11.45
N GLY F 22 23.62 78.53 11.20
CA GLY F 22 24.65 79.08 12.07
C GLY F 22 26.00 78.44 11.87
N ALA G 2 -16.66 -31.93 26.70
CA ALA G 2 -17.39 -31.63 27.93
C ALA G 2 -18.90 -31.65 27.70
N TRP G 3 -19.30 -31.48 26.44
CA TRP G 3 -20.72 -31.41 26.09
C TRP G 3 -21.16 -32.60 25.24
N PRO G 4 -22.24 -33.28 25.66
CA PRO G 4 -22.80 -34.46 25.00
C PRO G 4 -23.35 -34.16 23.60
N LYS G 5 -23.01 -35.01 22.63
CA LYS G 5 -23.56 -34.93 21.29
C LYS G 5 -24.86 -35.72 21.25
N VAL G 6 -25.98 -35.02 21.31
CA VAL G 6 -27.29 -35.66 21.30
C VAL G 6 -28.14 -35.20 20.12
N GLN G 7 -29.25 -35.90 19.89
CA GLN G 7 -30.25 -35.51 18.91
C GLN G 7 -31.05 -34.33 19.43
N PRO G 8 -31.52 -33.44 18.52
CA PRO G 8 -32.39 -32.33 18.91
C PRO G 8 -33.60 -32.81 19.72
N GLU G 9 -33.83 -32.19 20.87
CA GLU G 9 -34.86 -32.66 21.82
C GLU G 9 -36.27 -32.17 21.48
N VAL G 10 -36.38 -30.97 20.92
CA VAL G 10 -37.68 -30.40 20.58
C VAL G 10 -37.73 -29.89 19.14
N ASN G 11 -38.73 -29.07 18.85
CA ASN G 11 -38.90 -28.48 17.52
C ASN G 11 -39.72 -27.20 17.57
N ILE G 12 -39.05 -26.07 17.72
CA ILE G 12 -39.72 -24.77 17.82
C ILE G 12 -39.93 -24.16 16.44
N GLY G 13 -41.14 -23.69 16.17
CA GLY G 13 -41.48 -23.15 14.88
C GLY G 13 -41.46 -21.63 14.84
N VAL G 14 -40.56 -21.08 14.05
CA VAL G 14 -40.45 -19.63 13.92
C VAL G 14 -41.28 -19.14 12.74
N VAL G 15 -42.01 -18.04 12.95
CA VAL G 15 -42.89 -17.50 11.93
C VAL G 15 -42.70 -15.99 11.75
N GLY G 16 -42.33 -15.58 10.54
CA GLY G 16 -42.11 -14.18 10.23
C GLY G 16 -42.87 -13.72 9.00
N HIS G 17 -43.43 -12.52 9.08
CA HIS G 17 -44.12 -11.91 7.95
C HIS G 17 -43.15 -11.04 7.16
N VAL G 18 -42.37 -10.24 7.88
CA VAL G 18 -41.31 -9.44 7.27
C VAL G 18 -40.23 -10.38 6.74
N ASP G 19 -39.64 -10.01 5.60
CA ASP G 19 -38.66 -10.85 4.91
C ASP G 19 -37.53 -11.38 5.80
N HIS G 20 -36.45 -10.60 5.92
CA HIS G 20 -35.29 -11.01 6.69
C HIS G 20 -35.64 -11.29 8.15
N GLY G 21 -36.64 -10.56 8.66
CA GLY G 21 -37.04 -10.65 10.05
C GLY G 21 -37.44 -12.05 10.51
N LYS G 22 -37.59 -12.95 9.56
CA LYS G 22 -37.90 -14.34 9.86
C LYS G 22 -36.69 -15.08 10.44
N THR G 23 -35.57 -15.00 9.72
CA THR G 23 -34.38 -15.80 10.03
C THR G 23 -33.33 -15.00 10.79
N THR G 24 -33.49 -13.68 10.84
CA THR G 24 -32.54 -12.82 11.53
C THR G 24 -32.32 -13.30 12.96
N LEU G 25 -33.40 -13.74 13.59
CA LEU G 25 -33.34 -14.25 14.95
C LEU G 25 -32.54 -15.55 15.02
N VAL G 26 -32.78 -16.44 14.07
CA VAL G 26 -32.14 -17.75 14.03
C VAL G 26 -30.62 -17.65 13.84
N GLN G 27 -30.19 -16.66 13.05
CA GLN G 27 -28.78 -16.43 12.80
C GLN G 27 -28.04 -16.17 14.10
N ALA G 28 -28.68 -15.43 14.99
CA ALA G 28 -28.11 -15.10 16.28
C ALA G 28 -28.08 -16.32 17.20
N ILE G 29 -29.24 -16.95 17.36
CA ILE G 29 -29.36 -18.11 18.23
C ILE G 29 -28.40 -19.21 17.81
N THR G 30 -28.27 -19.40 16.50
CA THR G 30 -27.37 -20.40 15.96
C THR G 30 -26.44 -19.79 14.92
N GLY G 31 -26.85 -19.87 13.66
CA GLY G 31 -26.05 -19.31 12.58
C GLY G 31 -26.19 -20.09 11.27
N ILE G 32 -27.34 -19.96 10.63
CA ILE G 32 -27.60 -20.52 9.30
C ILE G 32 -27.33 -22.02 9.18
N TRP G 33 -27.45 -22.53 7.95
CA TRP G 33 -27.19 -23.93 7.66
C TRP G 33 -26.46 -24.05 6.33
N THR G 34 -25.20 -23.64 6.33
CA THR G 34 -24.34 -23.68 5.14
C THR G 34 -24.91 -22.90 3.94
N SER G 35 -24.29 -23.09 2.78
CA SER G 35 -24.70 -22.38 1.56
C SER G 35 -25.71 -23.18 0.74
N LYS G 36 -26.33 -22.50 -0.22
CA LYS G 36 -27.38 -23.10 -1.05
C LYS G 36 -26.81 -24.10 -2.06
N HIS G 37 -26.13 -23.58 -3.08
CA HIS G 37 -25.55 -24.44 -4.11
C HIS G 37 -24.21 -25.00 -3.65
N SER G 38 -23.94 -24.88 -2.35
CA SER G 38 -22.72 -25.44 -1.77
C SER G 38 -22.78 -26.96 -1.81
N GLU G 39 -23.98 -27.49 -2.06
CA GLU G 39 -24.22 -28.93 -2.11
C GLU G 39 -24.17 -29.57 -0.71
N GLU G 40 -24.16 -28.73 0.32
CA GLU G 40 -24.15 -29.20 1.70
C GLU G 40 -25.57 -29.26 2.26
N LEU G 41 -26.50 -29.74 1.43
CA LEU G 41 -27.90 -29.86 1.81
C LEU G 41 -28.35 -31.31 1.75
N LYS G 42 -28.51 -31.94 2.91
CA LYS G 42 -28.93 -33.33 2.98
C LYS G 42 -30.00 -33.57 4.05
N ARG G 43 -29.55 -33.68 5.30
CA ARG G 43 -30.40 -34.12 6.40
C ARG G 43 -31.58 -33.20 6.70
N GLY G 44 -32.75 -33.58 6.20
CA GLY G 44 -33.97 -32.85 6.43
C GLY G 44 -34.52 -32.19 5.20
N MET G 45 -33.67 -31.44 4.50
CA MET G 45 -34.13 -30.61 3.38
C MET G 45 -33.04 -30.41 2.31
N THR G 46 -33.36 -29.62 1.30
CA THR G 46 -32.41 -29.24 0.25
C THR G 46 -32.91 -28.03 -0.55
N ILE G 47 -34.20 -28.03 -0.85
CA ILE G 47 -34.82 -26.93 -1.61
C ILE G 47 -36.18 -26.57 -1.04
N LYS G 48 -36.38 -26.89 0.25
CA LYS G 48 -37.68 -26.69 0.89
C LYS G 48 -37.62 -25.78 2.12
N LEU G 49 -37.83 -26.38 3.28
CA LEU G 49 -37.97 -25.62 4.53
C LEU G 49 -36.63 -25.36 5.24
N GLY G 50 -36.66 -24.44 6.20
CA GLY G 50 -35.47 -24.07 6.93
C GLY G 50 -35.20 -24.97 8.12
N TYR G 51 -33.92 -25.17 8.43
CA TYR G 51 -33.52 -26.08 9.49
C TYR G 51 -32.26 -25.57 10.19
N ALA G 52 -32.38 -25.29 11.49
CA ALA G 52 -31.26 -24.80 12.28
C ALA G 52 -31.38 -25.25 13.73
N GLU G 53 -30.42 -26.05 14.18
CA GLU G 53 -30.43 -26.59 15.53
C GLU G 53 -29.23 -26.11 16.35
N THR G 54 -29.44 -25.84 17.63
CA THR G 54 -28.37 -25.39 18.50
C THR G 54 -28.45 -26.02 19.88
N ASN G 55 -27.30 -26.15 20.54
CA ASN G 55 -27.25 -26.68 21.90
C ASN G 55 -27.52 -25.59 22.93
N ILE G 56 -28.21 -25.96 24.01
CA ILE G 56 -28.56 -24.99 25.05
C ILE G 56 -28.10 -25.44 26.43
N GLY G 57 -27.30 -24.60 27.09
CA GLY G 57 -26.81 -24.88 28.42
C GLY G 57 -26.81 -23.65 29.30
N VAL G 58 -26.28 -23.78 30.51
CA VAL G 58 -26.24 -22.67 31.46
C VAL G 58 -25.35 -22.94 32.68
N CYS G 59 -24.67 -21.89 33.14
CA CYS G 59 -23.92 -21.96 34.39
C CYS G 59 -24.58 -21.07 35.44
N GLU G 60 -25.04 -21.68 36.53
CA GLU G 60 -25.83 -21.01 37.55
C GLU G 60 -25.02 -19.96 38.33
N SER G 61 -23.70 -20.06 38.25
CA SER G 61 -22.82 -19.16 38.98
C SER G 61 -22.85 -17.73 38.45
N CYS G 62 -22.70 -17.58 37.14
CA CYS G 62 -22.67 -16.27 36.49
C CYS G 62 -23.88 -15.40 36.83
N LYS G 63 -24.93 -15.50 36.01
CA LYS G 63 -26.11 -14.67 36.18
C LYS G 63 -27.39 -15.50 36.15
N LYS G 64 -28.44 -14.91 35.60
CA LYS G 64 -29.72 -15.59 35.40
C LYS G 64 -30.37 -15.15 34.10
N PRO G 65 -30.53 -13.83 33.90
CA PRO G 65 -31.12 -13.35 32.64
C PRO G 65 -30.10 -13.30 31.50
N GLU G 66 -28.95 -13.93 31.69
CA GLU G 66 -27.90 -13.92 30.67
C GLU G 66 -26.83 -15.00 30.89
N ALA G 67 -27.15 -15.98 31.73
CA ALA G 67 -26.24 -17.08 31.97
C ALA G 67 -26.44 -18.17 30.93
N TYR G 68 -27.48 -18.02 30.11
CA TYR G 68 -27.78 -19.00 29.06
C TYR G 68 -26.93 -18.78 27.81
N VAL G 69 -26.13 -19.79 27.47
CA VAL G 69 -25.24 -19.72 26.30
C VAL G 69 -25.52 -20.84 25.29
N THR G 70 -24.82 -20.79 24.17
CA THR G 70 -24.96 -21.82 23.12
C THR G 70 -23.62 -22.46 22.77
N GLU G 71 -22.65 -22.34 23.66
CA GLU G 71 -21.33 -22.96 23.49
C GLU G 71 -20.97 -23.81 24.69
N PRO G 72 -20.12 -24.84 24.48
CA PRO G 72 -19.67 -25.75 25.53
C PRO G 72 -18.68 -25.11 26.51
N SER G 73 -18.46 -23.80 26.39
CA SER G 73 -17.56 -23.08 27.27
C SER G 73 -18.21 -21.81 27.83
N CYS G 74 -18.19 -21.67 29.16
CA CYS G 74 -18.81 -20.52 29.82
C CYS G 74 -17.83 -19.34 29.89
N LYS G 75 -17.31 -18.93 28.75
CA LYS G 75 -16.34 -17.86 28.68
C LYS G 75 -16.90 -16.64 27.95
N SER G 76 -18.21 -16.43 28.08
CA SER G 76 -18.87 -15.28 27.47
C SER G 76 -19.08 -14.18 28.49
N CYS G 77 -19.24 -14.58 29.76
CA CYS G 77 -19.41 -13.63 30.86
C CYS G 77 -18.20 -13.67 31.79
N GLY G 78 -17.11 -14.26 31.32
CA GLY G 78 -15.88 -14.34 32.10
C GLY G 78 -15.94 -15.36 33.22
N SER G 79 -15.53 -16.59 32.92
CA SER G 79 -15.55 -17.67 33.90
C SER G 79 -14.94 -18.96 33.34
N ASP G 80 -14.27 -19.71 34.20
CA ASP G 80 -13.75 -21.03 33.84
C ASP G 80 -14.70 -22.13 34.27
N ASP G 81 -16.00 -21.88 34.09
CA ASP G 81 -17.03 -22.85 34.50
C ASP G 81 -17.55 -23.66 33.32
N GLU G 82 -17.97 -24.89 33.60
CA GLU G 82 -18.58 -25.75 32.59
C GLU G 82 -20.09 -25.71 32.74
N PRO G 83 -20.77 -25.03 31.81
CA PRO G 83 -22.24 -24.91 31.83
C PRO G 83 -22.92 -26.25 31.69
N LYS G 84 -23.68 -26.65 32.69
CA LYS G 84 -24.42 -27.89 32.65
C LYS G 84 -25.34 -27.91 31.43
N PHE G 85 -25.11 -28.87 30.53
CA PHE G 85 -25.95 -29.02 29.35
C PHE G 85 -27.38 -29.33 29.73
N LEU G 86 -28.33 -28.68 29.06
CA LEU G 86 -29.74 -28.88 29.36
C LEU G 86 -30.43 -29.71 28.29
N ARG G 87 -30.47 -29.17 27.07
CA ARG G 87 -31.16 -29.81 25.96
C ARG G 87 -30.84 -29.08 24.65
N ARG G 88 -30.81 -29.82 23.54
CA ARG G 88 -30.57 -29.22 22.23
C ARG G 88 -31.89 -28.94 21.53
N ILE G 89 -32.00 -27.76 20.94
CA ILE G 89 -33.23 -27.32 20.28
C ILE G 89 -33.04 -27.17 18.79
N SER G 90 -34.14 -27.12 18.05
CA SER G 90 -34.11 -26.92 16.61
C SER G 90 -35.34 -26.16 16.15
N PHE G 91 -35.13 -25.22 15.24
CA PHE G 91 -36.23 -24.38 14.74
C PHE G 91 -36.62 -24.76 13.32
N ILE G 92 -37.76 -24.23 12.87
CA ILE G 92 -38.24 -24.48 11.53
C ILE G 92 -38.81 -23.21 10.90
N ASP G 93 -38.02 -22.60 10.02
CA ASP G 93 -38.43 -21.36 9.37
C ASP G 93 -38.48 -21.49 7.85
N ALA G 94 -39.55 -20.96 7.26
CA ALA G 94 -39.68 -20.96 5.80
C ALA G 94 -38.82 -19.87 5.17
N PRO G 95 -37.94 -20.26 4.23
CA PRO G 95 -37.05 -19.35 3.52
C PRO G 95 -37.81 -18.36 2.65
N GLY G 96 -38.95 -18.81 2.13
CA GLY G 96 -39.80 -17.96 1.30
C GLY G 96 -41.22 -17.94 1.83
N HIS G 97 -41.45 -17.13 2.86
CA HIS G 97 -42.74 -17.05 3.51
C HIS G 97 -43.67 -16.03 2.85
N GLU G 98 -43.40 -15.71 1.58
CA GLU G 98 -44.27 -14.81 0.82
C GLU G 98 -45.66 -15.41 0.71
N VAL G 99 -45.73 -16.68 0.35
CA VAL G 99 -46.95 -17.45 0.46
C VAL G 99 -46.95 -18.17 1.81
N LEU G 100 -48.12 -18.52 2.32
CA LEU G 100 -48.21 -19.17 3.60
C LEU G 100 -47.66 -20.60 3.55
N MET G 101 -46.34 -20.72 3.70
CA MET G 101 -45.68 -22.01 3.75
C MET G 101 -45.84 -22.62 5.13
N ALA G 102 -46.32 -21.81 6.07
CA ALA G 102 -46.56 -22.26 7.43
C ALA G 102 -47.72 -23.24 7.48
N THR G 103 -48.44 -23.38 6.37
CA THR G 103 -49.59 -24.28 6.29
C THR G 103 -49.15 -25.75 6.37
N MET G 104 -48.00 -26.05 5.76
CA MET G 104 -47.45 -27.41 5.80
C MET G 104 -46.72 -27.65 7.10
N LEU G 105 -46.99 -26.80 8.09
CA LEU G 105 -46.52 -27.00 9.45
C LEU G 105 -47.71 -26.93 10.38
N SER G 106 -48.71 -26.16 9.97
CA SER G 106 -49.97 -26.04 10.71
C SER G 106 -50.97 -27.04 10.14
N GLY G 107 -50.64 -28.32 10.22
CA GLY G 107 -51.47 -29.37 9.68
C GLY G 107 -50.69 -30.29 8.77
N ALA G 108 -49.36 -30.20 8.82
CA ALA G 108 -48.50 -31.00 7.95
C ALA G 108 -47.04 -31.09 8.42
N ALA G 109 -46.80 -30.81 9.69
CA ALA G 109 -45.44 -30.89 10.23
C ALA G 109 -45.44 -30.82 11.76
N LEU G 110 -44.52 -31.55 12.39
CA LEU G 110 -44.39 -31.53 13.85
C LEU G 110 -43.80 -30.19 14.30
N MET G 111 -44.29 -29.70 15.44
CA MET G 111 -43.85 -28.43 15.98
C MET G 111 -44.39 -28.25 17.39
N ASP G 112 -43.52 -28.42 18.38
CA ASP G 112 -43.91 -28.34 19.78
C ASP G 112 -44.18 -26.90 20.22
N GLY G 113 -43.14 -26.08 20.20
CA GLY G 113 -43.28 -24.68 20.59
C GLY G 113 -43.31 -23.77 19.38
N ALA G 114 -43.53 -22.48 19.62
CA ALA G 114 -43.61 -21.51 18.53
C ALA G 114 -42.93 -20.19 18.88
N ILE G 115 -42.35 -19.54 17.88
CA ILE G 115 -41.75 -18.22 18.07
C ILE G 115 -42.24 -17.24 17.02
N LEU G 116 -43.17 -16.37 17.42
CA LEU G 116 -43.73 -15.38 16.51
C LEU G 116 -42.95 -14.07 16.61
N VAL G 117 -42.19 -13.75 15.56
CA VAL G 117 -41.37 -12.56 15.54
C VAL G 117 -42.18 -11.32 15.17
N VAL G 118 -42.05 -10.27 15.98
CA VAL G 118 -42.79 -9.03 15.77
C VAL G 118 -41.86 -7.83 15.79
N ALA G 119 -41.86 -7.07 14.70
CA ALA G 119 -41.04 -5.86 14.61
C ALA G 119 -41.78 -4.67 15.22
N ALA G 120 -41.43 -3.47 14.76
CA ALA G 120 -42.05 -2.25 15.27
C ALA G 120 -42.15 -1.19 14.17
N ASN G 121 -41.75 -1.56 12.97
CA ASN G 121 -41.77 -0.65 11.82
C ASN G 121 -43.16 -0.53 11.21
N GLU G 122 -43.96 -1.59 11.36
CA GLU G 122 -45.35 -1.57 10.88
C GLU G 122 -46.32 -1.57 12.06
N PRO G 123 -47.47 -0.91 11.87
CA PRO G 123 -48.51 -0.82 12.90
C PRO G 123 -49.06 -2.19 13.29
N PHE G 124 -48.71 -2.65 14.49
CA PHE G 124 -49.21 -3.91 15.00
C PHE G 124 -50.70 -3.81 15.34
N PRO G 125 -51.45 -4.91 15.16
CA PRO G 125 -50.94 -6.17 14.61
C PRO G 125 -50.90 -6.15 13.09
N GLN G 126 -49.96 -6.91 12.52
CA GLN G 126 -49.85 -7.03 11.07
C GLN G 126 -51.01 -7.87 10.52
N PRO G 127 -51.52 -7.49 9.32
CA PRO G 127 -52.63 -8.18 8.65
C PRO G 127 -52.42 -9.69 8.49
N GLN G 128 -51.26 -10.10 7.99
CA GLN G 128 -51.00 -11.52 7.74
C GLN G 128 -50.62 -12.29 9.01
N THR G 129 -49.98 -11.60 9.95
CA THR G 129 -49.54 -12.23 11.19
C THR G 129 -50.71 -12.61 12.10
N ARG G 130 -51.88 -12.04 11.81
CA ARG G 130 -53.09 -12.38 12.55
C ARG G 130 -53.57 -13.77 12.12
N GLU G 131 -53.26 -14.13 10.88
CA GLU G 131 -53.52 -15.45 10.35
C GLU G 131 -52.53 -16.46 10.94
N HIS G 132 -51.31 -15.99 11.18
CA HIS G 132 -50.27 -16.82 11.79
C HIS G 132 -50.68 -17.24 13.20
N PHE G 133 -51.19 -16.29 13.97
CA PHE G 133 -51.61 -16.56 15.33
C PHE G 133 -52.80 -17.52 15.37
N VAL G 134 -53.66 -17.44 14.37
CA VAL G 134 -54.81 -18.34 14.29
C VAL G 134 -54.35 -19.75 13.95
N ALA G 135 -53.56 -19.87 12.88
CA ALA G 135 -53.02 -21.16 12.45
C ALA G 135 -52.14 -21.77 13.54
N LEU G 136 -51.46 -20.91 14.29
CA LEU G 136 -50.62 -21.37 15.40
C LEU G 136 -51.37 -21.28 16.72
N GLY G 137 -52.61 -21.76 16.72
CA GLY G 137 -53.43 -21.78 17.93
C GLY G 137 -54.42 -22.91 17.87
N ILE G 138 -54.91 -23.21 16.67
CA ILE G 138 -55.84 -24.29 16.46
C ILE G 138 -55.12 -25.64 16.45
N ILE G 139 -53.90 -25.63 15.95
CA ILE G 139 -53.08 -26.84 15.88
C ILE G 139 -52.65 -27.30 17.27
N GLY G 140 -52.61 -26.37 18.22
CA GLY G 140 -52.33 -26.70 19.60
C GLY G 140 -50.99 -26.22 20.14
N VAL G 141 -50.37 -25.27 19.44
CA VAL G 141 -49.09 -24.72 19.88
C VAL G 141 -49.30 -23.54 20.82
N LYS G 142 -49.78 -23.82 22.03
CA LYS G 142 -50.01 -22.78 23.04
C LYS G 142 -48.71 -22.36 23.71
N ASN G 143 -47.63 -23.03 23.34
CA ASN G 143 -46.30 -22.69 23.85
C ASN G 143 -45.66 -21.62 22.96
N LEU G 144 -46.46 -20.65 22.55
CA LEU G 144 -45.99 -19.58 21.67
C LEU G 144 -45.33 -18.46 22.47
N ILE G 145 -44.32 -17.84 21.88
CA ILE G 145 -43.63 -16.72 22.48
C ILE G 145 -43.50 -15.58 21.48
N ILE G 146 -43.90 -14.37 21.90
CA ILE G 146 -43.75 -13.19 21.06
C ILE G 146 -42.37 -12.59 21.22
N VAL G 147 -41.75 -12.24 20.10
CA VAL G 147 -40.41 -11.69 20.12
C VAL G 147 -40.38 -10.28 19.54
N GLN G 148 -40.35 -9.28 20.41
CA GLN G 148 -40.24 -7.89 19.98
C GLN G 148 -38.86 -7.63 19.39
N ASN G 149 -38.72 -7.85 18.10
CA ASN G 149 -37.44 -7.65 17.43
C ASN G 149 -37.36 -6.29 16.78
N LYS G 150 -36.14 -5.87 16.44
CA LYS G 150 -35.92 -4.56 15.82
C LYS G 150 -36.42 -3.44 16.71
N VAL G 151 -35.85 -3.35 17.92
CA VAL G 151 -36.19 -2.30 18.86
C VAL G 151 -35.16 -1.18 18.75
N ASP G 152 -34.45 -1.15 17.64
CA ASP G 152 -33.42 -0.13 17.39
C ASP G 152 -33.99 1.09 16.69
N VAL G 153 -35.30 1.26 16.79
CA VAL G 153 -35.97 2.42 16.21
C VAL G 153 -36.92 3.07 17.22
N VAL G 154 -37.80 2.25 17.82
CA VAL G 154 -38.74 2.73 18.82
C VAL G 154 -38.00 3.14 20.10
N SER G 155 -38.74 3.69 21.07
CA SER G 155 -38.09 4.22 22.28
C SER G 155 -38.97 4.13 23.53
N LYS G 156 -38.99 5.22 24.29
CA LYS G 156 -39.70 5.28 25.57
C LYS G 156 -41.20 5.45 25.38
N GLU G 157 -41.60 5.82 24.16
CA GLU G 157 -43.01 6.01 23.85
C GLU G 157 -43.44 5.16 22.65
N GLU G 158 -42.48 4.86 21.77
CA GLU G 158 -42.78 4.11 20.55
C GLU G 158 -42.75 2.61 20.78
N ALA G 159 -41.82 2.14 21.59
CA ALA G 159 -41.77 0.74 21.96
C ALA G 159 -42.88 0.42 22.95
N LEU G 160 -43.32 1.45 23.67
CA LEU G 160 -44.42 1.31 24.62
C LEU G 160 -45.71 0.93 23.92
N SER G 161 -46.10 1.73 22.94
CA SER G 161 -47.34 1.52 22.20
C SER G 161 -47.41 0.12 21.60
N GLN G 162 -46.36 -0.29 20.90
CA GLN G 162 -46.29 -1.60 20.28
C GLN G 162 -46.57 -2.72 21.27
N TYR G 163 -46.07 -2.55 22.49
CA TYR G 163 -46.29 -3.53 23.56
C TYR G 163 -47.70 -3.40 24.14
N ARG G 164 -48.24 -2.18 24.09
CA ARG G 164 -49.59 -1.93 24.59
C ARG G 164 -50.64 -2.34 23.57
N GLN G 165 -50.21 -2.51 22.32
CA GLN G 165 -51.11 -2.95 21.26
C GLN G 165 -51.28 -4.46 21.31
N ILE G 166 -50.34 -5.13 21.97
CA ILE G 166 -50.28 -6.60 21.94
C ILE G 166 -50.73 -7.27 23.25
N LYS G 167 -50.33 -6.71 24.38
CA LYS G 167 -50.66 -7.30 25.68
C LYS G 167 -52.17 -7.37 25.92
N GLN G 168 -52.86 -6.28 25.63
CA GLN G 168 -54.30 -6.23 25.84
C GLN G 168 -55.06 -6.90 24.70
N PHE G 169 -54.39 -7.07 23.57
CA PHE G 169 -54.96 -7.79 22.46
C PHE G 169 -55.17 -9.25 22.84
N THR G 170 -54.17 -9.83 23.49
CA THR G 170 -54.22 -11.21 23.93
C THR G 170 -54.47 -11.31 25.43
N LYS G 171 -55.71 -11.04 25.84
CA LYS G 171 -56.06 -11.05 27.26
C LYS G 171 -56.99 -12.21 27.58
N GLY G 172 -58.01 -12.39 26.75
CA GLY G 172 -58.96 -13.47 26.94
C GLY G 172 -58.86 -14.52 25.83
N THR G 173 -57.81 -14.41 25.02
CA THR G 173 -57.61 -15.34 23.90
C THR G 173 -56.90 -16.62 24.32
N TRP G 174 -56.55 -17.45 23.35
CA TRP G 174 -55.86 -18.71 23.62
C TRP G 174 -54.38 -18.49 23.96
N ALA G 175 -53.94 -17.24 23.84
CA ALA G 175 -52.59 -16.86 24.25
C ALA G 175 -52.66 -15.88 25.41
N GLU G 176 -53.19 -16.36 26.54
CA GLU G 176 -53.35 -15.54 27.74
C GLU G 176 -52.09 -14.76 28.06
N ASN G 177 -51.09 -15.46 28.60
CA ASN G 177 -49.81 -14.85 28.92
C ASN G 177 -48.76 -15.15 27.85
N VAL G 178 -48.27 -14.09 27.21
CA VAL G 178 -47.18 -14.21 26.25
C VAL G 178 -46.08 -13.23 26.60
N PRO G 179 -44.86 -13.74 26.82
CA PRO G 179 -43.68 -12.98 27.29
C PRO G 179 -43.44 -11.68 26.53
N ILE G 180 -43.31 -11.76 25.21
CA ILE G 180 -42.99 -10.59 24.39
C ILE G 180 -41.64 -10.01 24.79
N ILE G 181 -40.58 -10.55 24.22
CA ILE G 181 -39.22 -10.18 24.59
C ILE G 181 -38.60 -9.18 23.64
N PRO G 182 -38.20 -8.01 24.17
CA PRO G 182 -37.54 -6.95 23.40
C PRO G 182 -36.12 -7.35 23.00
N VAL G 183 -35.91 -7.60 21.72
CA VAL G 183 -34.58 -8.01 21.23
C VAL G 183 -34.13 -7.20 20.04
N SER G 184 -32.81 -7.12 19.86
CA SER G 184 -32.21 -6.50 18.70
C SER G 184 -31.33 -7.52 18.00
N ALA G 185 -31.90 -8.22 17.04
CA ALA G 185 -31.24 -9.35 16.38
C ALA G 185 -30.19 -8.91 15.35
N LEU G 186 -29.92 -7.61 15.29
CA LEU G 186 -28.87 -7.09 14.42
C LEU G 186 -27.62 -6.85 15.24
N HIS G 187 -27.69 -7.17 16.53
CA HIS G 187 -26.58 -6.98 17.44
C HIS G 187 -26.55 -8.09 18.48
N LYS G 188 -27.41 -9.08 18.30
CA LYS G 188 -27.52 -10.22 19.20
C LYS G 188 -27.87 -9.81 20.63
N ILE G 189 -28.65 -8.74 20.75
CA ILE G 189 -29.02 -8.22 22.05
C ILE G 189 -30.21 -8.96 22.65
N ASN G 190 -30.12 -9.27 23.93
CA ASN G 190 -31.21 -9.92 24.67
C ASN G 190 -31.60 -11.29 24.12
N ILE G 191 -30.76 -11.85 23.26
CA ILE G 191 -30.95 -13.21 22.80
C ILE G 191 -30.82 -14.12 24.01
N ASP G 192 -29.92 -13.72 24.91
CA ASP G 192 -29.74 -14.40 26.18
C ASP G 192 -31.04 -14.40 26.99
N SER G 193 -31.88 -13.41 26.71
CA SER G 193 -33.17 -13.30 27.39
C SER G 193 -34.27 -14.06 26.65
N LEU G 194 -34.12 -14.18 25.34
CA LEU G 194 -35.08 -14.93 24.53
C LEU G 194 -34.95 -16.43 24.80
N ILE G 195 -33.71 -16.88 24.91
CA ILE G 195 -33.42 -18.29 25.20
C ILE G 195 -33.79 -18.58 26.65
N GLU G 196 -33.66 -17.57 27.50
CA GLU G 196 -34.04 -17.66 28.91
C GLU G 196 -35.51 -18.03 29.01
N GLY G 197 -36.32 -17.41 28.16
CA GLY G 197 -37.75 -17.66 28.15
C GLY G 197 -38.10 -18.95 27.47
N ILE G 198 -37.22 -19.40 26.57
CA ILE G 198 -37.41 -20.68 25.89
C ILE G 198 -37.37 -21.83 26.88
N GLU G 199 -36.53 -21.70 27.90
CA GLU G 199 -36.30 -22.79 28.84
C GLU G 199 -37.35 -22.87 29.96
N GLU G 200 -38.26 -21.90 30.01
CA GLU G 200 -39.30 -21.89 31.03
C GLU G 200 -40.70 -21.83 30.38
N TYR G 201 -40.76 -21.39 29.13
CA TYR G 201 -42.02 -21.26 28.40
C TYR G 201 -42.14 -22.29 27.28
N ILE G 202 -41.05 -22.57 26.59
CA ILE G 202 -41.04 -23.58 25.53
C ILE G 202 -40.39 -24.87 26.05
N LYS G 203 -40.85 -25.34 27.19
CA LYS G 203 -40.28 -26.54 27.81
C LYS G 203 -40.45 -27.75 26.91
N THR G 204 -39.60 -28.75 27.09
CA THR G 204 -39.64 -29.95 26.26
C THR G 204 -40.85 -30.81 26.59
N PRO G 205 -41.76 -30.97 25.63
CA PRO G 205 -42.97 -31.80 25.81
C PRO G 205 -42.59 -33.25 26.08
N TYR G 206 -43.26 -33.86 27.07
CA TYR G 206 -43.03 -35.27 27.39
C TYR G 206 -43.18 -36.15 26.15
N ARG G 207 -42.38 -37.22 26.10
CA ARG G 207 -42.41 -38.12 24.95
C ARG G 207 -42.65 -39.57 25.39
N ASP G 208 -43.69 -40.16 24.84
CA ASP G 208 -44.00 -41.56 25.10
C ASP G 208 -43.34 -42.43 24.03
N LEU G 209 -42.25 -43.09 24.43
CA LEU G 209 -41.51 -43.94 23.50
C LEU G 209 -42.22 -45.28 23.32
N SER G 210 -43.34 -45.45 24.01
CA SER G 210 -44.16 -46.64 23.89
C SER G 210 -45.02 -46.63 22.64
N GLN G 211 -45.45 -45.44 22.25
CA GLN G 211 -46.33 -45.28 21.09
C GLN G 211 -45.72 -45.85 19.80
N LYS G 212 -46.58 -46.07 18.82
CA LYS G 212 -46.18 -46.66 17.54
C LYS G 212 -45.20 -45.76 16.80
N PRO G 213 -44.02 -46.30 16.45
CA PRO G 213 -43.00 -45.56 15.68
C PRO G 213 -43.55 -45.03 14.36
N VAL G 214 -43.62 -43.72 14.23
CA VAL G 214 -44.13 -43.08 13.02
C VAL G 214 -43.36 -41.80 12.70
N MET G 215 -42.84 -41.72 11.48
CA MET G 215 -42.18 -40.50 11.01
C MET G 215 -42.79 -40.08 9.68
N LEU G 216 -43.07 -38.79 9.55
CA LEU G 216 -43.67 -38.25 8.34
C LEU G 216 -42.63 -37.82 7.31
N VAL G 217 -42.66 -38.45 6.14
CA VAL G 217 -41.70 -38.15 5.08
C VAL G 217 -41.93 -36.78 4.47
N ILE G 218 -40.89 -35.94 4.51
CA ILE G 218 -40.97 -34.59 3.94
C ILE G 218 -39.85 -34.36 2.94
N ARG G 219 -39.06 -35.40 2.70
CA ARG G 219 -37.95 -35.28 1.77
C ARG G 219 -37.67 -36.66 1.16
N SER G 220 -36.96 -36.66 0.04
CA SER G 220 -36.62 -37.89 -0.65
C SER G 220 -35.60 -37.61 -1.74
N PHE G 221 -34.58 -38.45 -1.83
CA PHE G 221 -33.52 -38.26 -2.80
C PHE G 221 -32.56 -39.44 -2.89
N ASP G 222 -31.54 -39.31 -3.73
CA ASP G 222 -30.48 -40.29 -3.84
C ASP G 222 -29.13 -39.58 -3.79
N VAL G 223 -28.31 -39.95 -2.81
CA VAL G 223 -27.04 -39.27 -2.60
C VAL G 223 -25.91 -39.96 -3.37
N ASN G 224 -26.21 -40.38 -4.59
CA ASN G 224 -25.22 -41.02 -5.45
C ASN G 224 -24.84 -40.14 -6.63
N LYS G 225 -23.62 -39.60 -6.59
CA LYS G 225 -23.10 -38.80 -7.69
C LYS G 225 -22.92 -39.68 -8.92
N PRO G 226 -23.56 -39.32 -10.03
CA PRO G 226 -23.55 -40.08 -11.28
C PRO G 226 -22.17 -40.60 -11.67
N GLY G 227 -22.04 -41.93 -11.73
CA GLY G 227 -20.77 -42.56 -12.04
C GLY G 227 -20.41 -43.64 -11.03
N THR G 228 -21.08 -43.61 -9.90
CA THR G 228 -20.81 -44.57 -8.82
C THR G 228 -20.96 -46.01 -9.29
N GLN G 229 -19.93 -46.82 -9.03
CA GLN G 229 -19.96 -48.25 -9.36
C GLN G 229 -21.13 -48.93 -8.65
N PHE G 230 -21.53 -50.08 -9.16
CA PHE G 230 -22.67 -50.80 -8.59
C PHE G 230 -22.39 -51.29 -7.17
N ASN G 231 -21.14 -51.67 -6.92
CA ASN G 231 -20.75 -52.24 -5.63
C ASN G 231 -20.69 -51.20 -4.52
N GLU G 232 -20.31 -49.98 -4.88
CA GLU G 232 -20.21 -48.88 -3.92
C GLU G 232 -21.45 -48.00 -3.95
N LEU G 233 -22.60 -48.62 -4.18
CA LEU G 233 -23.84 -47.89 -4.36
C LEU G 233 -24.64 -47.77 -3.05
N LYS G 234 -25.29 -46.63 -2.87
CA LYS G 234 -26.10 -46.39 -1.68
C LYS G 234 -27.59 -46.47 -2.00
N GLY G 235 -28.40 -46.81 -1.00
CA GLY G 235 -29.83 -46.92 -1.18
C GLY G 235 -30.55 -45.59 -1.06
N GLY G 236 -31.87 -45.62 -1.18
CA GLY G 236 -32.66 -44.41 -1.12
C GLY G 236 -32.54 -43.69 0.21
N VAL G 237 -32.80 -42.40 0.21
CA VAL G 237 -32.75 -41.59 1.43
C VAL G 237 -34.08 -40.86 1.66
N ILE G 238 -34.44 -40.72 2.93
CA ILE G 238 -35.74 -40.20 3.31
C ILE G 238 -35.63 -39.14 4.39
N GLY G 239 -36.10 -37.93 4.10
CA GLY G 239 -36.14 -36.87 5.08
C GLY G 239 -37.43 -36.87 5.88
N GLY G 240 -37.59 -35.89 6.77
CA GLY G 240 -38.82 -35.76 7.53
C GLY G 240 -38.67 -35.90 9.03
N SER G 241 -39.57 -35.26 9.77
CA SER G 241 -39.55 -35.32 11.23
C SER G 241 -40.39 -36.48 11.75
N ILE G 242 -39.94 -37.08 12.85
CA ILE G 242 -40.69 -38.15 13.50
C ILE G 242 -41.59 -37.55 14.56
N ILE G 243 -42.83 -38.02 14.61
CA ILE G 243 -43.84 -37.42 15.48
C ILE G 243 -44.10 -38.21 16.78
N GLN G 244 -43.81 -39.52 16.75
CA GLN G 244 -44.01 -40.35 17.93
C GLN G 244 -43.18 -41.63 17.86
N GLY G 245 -43.10 -42.35 18.97
CA GLY G 245 -42.33 -43.58 19.05
C GLY G 245 -40.86 -43.35 18.76
N LEU G 246 -40.21 -44.33 18.15
CA LEU G 246 -38.80 -44.19 17.78
C LEU G 246 -38.37 -45.25 16.78
N PHE G 247 -37.27 -44.99 16.08
CA PHE G 247 -36.72 -45.95 15.13
C PHE G 247 -35.25 -46.24 15.46
N LYS G 248 -34.76 -47.37 14.97
CA LYS G 248 -33.35 -47.74 15.16
C LYS G 248 -32.71 -48.21 13.86
N VAL G 249 -31.38 -48.24 13.82
CA VAL G 249 -30.67 -48.74 12.65
C VAL G 249 -30.88 -50.24 12.53
N ASP G 250 -30.91 -50.73 11.30
CA ASP G 250 -31.10 -52.15 11.00
C ASP G 250 -32.51 -52.65 11.30
N GLN G 251 -33.44 -51.70 11.50
CA GLN G 251 -34.82 -52.05 11.80
C GLN G 251 -35.69 -52.01 10.54
N GLU G 252 -36.49 -53.06 10.34
CA GLU G 252 -37.32 -53.17 9.14
C GLU G 252 -38.53 -52.24 9.17
N ILE G 253 -38.63 -51.38 8.16
CA ILE G 253 -39.74 -50.44 8.08
C ILE G 253 -40.51 -50.58 6.77
N LYS G 254 -41.63 -49.88 6.67
CA LYS G 254 -42.46 -49.90 5.47
C LYS G 254 -43.05 -48.51 5.21
N VAL G 255 -43.43 -48.26 3.96
CA VAL G 255 -43.98 -46.97 3.57
C VAL G 255 -45.46 -47.05 3.21
N LEU G 256 -46.20 -46.01 3.58
CA LEU G 256 -47.62 -45.94 3.28
C LEU G 256 -47.94 -44.67 2.50
N PRO G 257 -48.82 -44.78 1.49
CA PRO G 257 -49.55 -46.00 1.08
C PRO G 257 -48.63 -47.03 0.44
N GLY G 258 -47.82 -46.60 -0.52
CA GLY G 258 -46.88 -47.48 -1.19
C GLY G 258 -46.94 -47.45 -2.70
N LEU G 259 -46.96 -48.63 -3.30
CA LEU G 259 -46.91 -48.77 -4.75
C LEU G 259 -48.30 -48.97 -5.38
N ARG G 260 -48.62 -48.15 -6.36
CA ARG G 260 -49.90 -48.26 -7.05
C ARG G 260 -49.89 -49.45 -8.01
N VAL G 261 -50.72 -50.44 -7.72
CA VAL G 261 -50.73 -51.68 -8.51
C VAL G 261 -52.13 -52.10 -8.97
N GLU G 262 -52.21 -52.59 -10.21
CA GLU G 262 -53.46 -53.12 -10.75
C GLU G 262 -53.34 -54.62 -11.05
N LYS G 263 -53.91 -55.44 -10.17
CA LYS G 263 -53.85 -56.89 -10.32
C LYS G 263 -54.81 -57.38 -11.40
N GLN G 264 -56.03 -56.85 -11.38
CA GLN G 264 -57.08 -57.27 -12.31
C GLN G 264 -57.89 -56.06 -12.76
N GLY G 265 -59.04 -55.86 -12.12
CA GLY G 265 -59.87 -54.70 -12.39
C GLY G 265 -59.83 -53.75 -11.21
N LYS G 266 -59.11 -54.14 -10.16
CA LYS G 266 -59.02 -53.36 -8.94
C LYS G 266 -57.59 -52.89 -8.69
N VAL G 267 -57.43 -51.60 -8.42
CA VAL G 267 -56.12 -51.07 -8.07
C VAL G 267 -55.97 -50.93 -6.56
N SER G 268 -54.73 -50.88 -6.09
CA SER G 268 -54.44 -50.78 -4.67
C SER G 268 -53.00 -50.33 -4.43
N TYR G 269 -52.67 -50.02 -3.18
CA TYR G 269 -51.32 -49.61 -2.83
C TYR G 269 -50.63 -50.60 -1.89
N GLU G 270 -49.49 -51.10 -2.32
CA GLU G 270 -48.71 -52.06 -1.55
C GLU G 270 -47.70 -51.36 -0.65
N PRO G 271 -47.69 -51.70 0.65
CA PRO G 271 -46.66 -51.21 1.57
C PRO G 271 -45.29 -51.66 1.10
N ILE G 272 -44.39 -50.71 0.88
CA ILE G 272 -43.03 -51.02 0.43
C ILE G 272 -42.13 -51.35 1.61
N PHE G 273 -41.68 -52.60 1.69
CA PHE G 273 -40.86 -53.03 2.82
C PHE G 273 -39.37 -52.81 2.60
N THR G 274 -38.64 -52.71 3.71
CA THR G 274 -37.20 -52.43 3.69
C THR G 274 -36.75 -52.32 5.15
N LYS G 275 -35.52 -51.86 5.35
CA LYS G 275 -35.05 -51.55 6.70
C LYS G 275 -34.04 -50.40 6.71
N ILE G 276 -33.92 -49.75 7.85
CA ILE G 276 -33.05 -48.59 8.00
C ILE G 276 -31.58 -48.98 7.95
N SER G 277 -30.77 -48.17 7.29
CA SER G 277 -29.33 -48.42 7.19
C SER G 277 -28.54 -47.33 7.92
N SER G 278 -29.11 -46.13 7.98
CA SER G 278 -28.44 -45.00 8.61
C SER G 278 -29.44 -44.04 9.25
N ILE G 279 -29.02 -43.40 10.33
CA ILE G 279 -29.82 -42.36 10.98
C ILE G 279 -28.93 -41.16 11.29
N ARG G 280 -29.34 -39.99 10.81
CA ARG G 280 -28.49 -38.81 10.88
C ARG G 280 -29.28 -37.51 11.05
N PHE G 281 -29.03 -36.82 12.16
CA PHE G 281 -29.64 -35.52 12.40
C PHE G 281 -28.69 -34.40 11.99
N GLY G 282 -28.92 -33.81 10.82
CA GLY G 282 -28.07 -32.76 10.32
C GLY G 282 -26.73 -33.28 9.83
N ASP G 283 -25.66 -32.93 10.55
CA ASP G 283 -24.31 -33.36 10.19
C ASP G 283 -23.84 -34.53 11.05
N GLU G 284 -24.41 -34.67 12.24
CA GLU G 284 -24.02 -35.72 13.17
C GLU G 284 -24.88 -36.98 13.01
N GLU G 285 -24.29 -38.14 13.26
CA GLU G 285 -25.00 -39.41 13.07
C GLU G 285 -25.28 -40.14 14.38
N PHE G 286 -26.42 -40.82 14.46
CA PHE G 286 -26.81 -41.57 15.65
C PHE G 286 -27.27 -42.98 15.31
N LYS G 287 -27.59 -43.77 16.34
CA LYS G 287 -28.06 -45.14 16.14
C LYS G 287 -29.57 -45.24 16.34
N GLU G 288 -30.14 -44.26 17.03
CA GLU G 288 -31.58 -44.22 17.25
C GLU G 288 -32.17 -42.90 16.79
N ALA G 289 -33.50 -42.84 16.70
CA ALA G 289 -34.19 -41.62 16.28
C ALA G 289 -35.49 -41.41 17.05
N LYS G 290 -35.44 -40.56 18.07
CA LYS G 290 -36.65 -40.17 18.80
C LYS G 290 -37.29 -38.99 18.09
N PRO G 291 -38.54 -38.65 18.46
CA PRO G 291 -39.19 -37.48 17.86
C PRO G 291 -38.41 -36.21 18.17
N GLY G 292 -38.56 -35.20 17.31
CA GLY G 292 -37.84 -33.95 17.50
C GLY G 292 -36.85 -33.69 16.38
N GLY G 293 -36.92 -32.50 15.80
CA GLY G 293 -36.04 -32.12 14.71
C GLY G 293 -36.34 -32.83 13.42
N LEU G 294 -35.66 -32.43 12.35
CA LEU G 294 -35.82 -33.04 11.04
C LEU G 294 -34.72 -34.06 10.81
N VAL G 295 -35.08 -35.34 10.81
CA VAL G 295 -34.10 -36.39 10.65
C VAL G 295 -34.09 -36.93 9.22
N ALA G 296 -32.90 -37.27 8.74
CA ALA G 296 -32.78 -37.97 7.46
C ALA G 296 -32.55 -39.45 7.74
N ILE G 297 -33.09 -40.30 6.88
CA ILE G 297 -33.06 -41.74 7.11
C ILE G 297 -32.59 -42.49 5.87
N GLY G 298 -31.38 -43.01 5.92
CA GLY G 298 -30.88 -43.87 4.86
C GLY G 298 -31.51 -45.25 4.96
N THR G 299 -31.76 -45.87 3.81
CA THR G 299 -32.44 -47.17 3.77
C THR G 299 -31.85 -48.09 2.71
N TYR G 300 -32.29 -49.35 2.73
CA TYR G 300 -31.87 -50.33 1.72
C TYR G 300 -32.87 -50.35 0.57
N LEU G 301 -33.14 -49.17 0.01
CA LEU G 301 -34.14 -49.05 -1.05
C LEU G 301 -33.51 -48.91 -2.43
N ASP G 302 -34.35 -48.95 -3.46
CA ASP G 302 -33.95 -48.58 -4.80
C ASP G 302 -33.91 -47.06 -4.85
N PRO G 303 -32.74 -46.49 -5.17
CA PRO G 303 -32.55 -45.04 -5.25
C PRO G 303 -33.59 -44.35 -6.14
N SER G 304 -34.20 -45.10 -7.06
CA SER G 304 -35.18 -44.53 -7.98
C SER G 304 -36.54 -44.32 -7.31
N LEU G 305 -36.85 -45.13 -6.29
CA LEU G 305 -38.10 -44.99 -5.56
C LEU G 305 -38.09 -43.74 -4.69
N THR G 306 -36.90 -43.30 -4.32
CA THR G 306 -36.75 -42.11 -3.50
C THR G 306 -36.25 -40.92 -4.34
N LYS G 307 -36.31 -41.09 -5.65
CA LYS G 307 -35.74 -40.11 -6.58
C LYS G 307 -36.46 -38.76 -6.58
N ALA G 308 -35.80 -37.76 -5.99
CA ALA G 308 -36.28 -36.38 -5.97
C ALA G 308 -37.71 -36.24 -5.47
N ASP G 309 -37.88 -36.44 -4.16
CA ASP G 309 -39.18 -36.25 -3.52
C ASP G 309 -40.23 -37.24 -4.01
N ASN G 310 -39.79 -38.33 -4.62
CA ASN G 310 -40.72 -39.34 -5.14
C ASN G 310 -41.44 -40.06 -4.02
N LEU G 311 -41.01 -39.80 -2.79
CA LEU G 311 -41.58 -40.45 -1.63
C LEU G 311 -42.23 -39.43 -0.70
N LEU G 312 -42.30 -38.19 -1.17
CA LEU G 312 -42.93 -37.11 -0.40
C LEU G 312 -44.42 -37.36 -0.17
N GLY G 313 -44.88 -37.04 1.03
CA GLY G 313 -46.29 -37.20 1.39
C GLY G 313 -46.60 -38.58 1.94
N SER G 314 -45.57 -39.28 2.41
CA SER G 314 -45.73 -40.61 2.96
C SER G 314 -45.57 -40.62 4.48
N ILE G 315 -45.85 -41.75 5.09
CA ILE G 315 -45.51 -41.96 6.50
C ILE G 315 -44.76 -43.27 6.62
N ILE G 316 -43.88 -43.34 7.62
CA ILE G 316 -43.06 -44.52 7.82
C ILE G 316 -43.30 -45.13 9.20
N THR G 317 -43.54 -46.44 9.20
CA THR G 317 -43.68 -47.19 10.44
C THR G 317 -42.87 -48.47 10.31
N LEU G 318 -42.98 -49.34 11.31
CA LEU G 318 -42.28 -50.61 11.26
C LEU G 318 -43.02 -51.58 10.33
N ALA G 319 -42.26 -52.37 9.57
CA ALA G 319 -42.86 -53.38 8.70
C ALA G 319 -43.71 -54.33 9.53
N ASP G 320 -43.47 -54.31 10.84
CA ASP G 320 -44.20 -55.13 11.79
C ASP G 320 -45.54 -54.48 12.15
N ALA G 321 -45.55 -53.16 12.24
CA ALA G 321 -46.72 -52.41 12.69
C ALA G 321 -47.97 -52.60 11.83
N GLU G 322 -49.10 -52.13 12.33
CA GLU G 322 -50.39 -52.24 11.64
C GLU G 322 -51.07 -50.88 11.54
N VAL G 323 -51.05 -50.30 10.35
CA VAL G 323 -51.65 -48.98 10.12
C VAL G 323 -52.65 -48.99 8.97
N PRO G 324 -53.87 -48.50 9.23
CA PRO G 324 -54.94 -48.39 8.23
C PRO G 324 -54.63 -47.33 7.17
N VAL G 325 -55.36 -47.38 6.06
CA VAL G 325 -55.16 -46.43 4.96
C VAL G 325 -56.20 -46.67 3.84
N LEU G 326 -57.23 -45.82 3.82
CA LEU G 326 -58.32 -45.97 2.85
C LEU G 326 -58.46 -44.76 1.92
N TRP G 327 -59.43 -44.85 1.01
CA TRP G 327 -59.73 -43.75 0.10
C TRP G 327 -60.94 -42.98 0.60
N ASN G 328 -61.70 -43.61 1.48
CA ASN G 328 -62.93 -43.02 2.01
C ASN G 328 -62.74 -42.52 3.43
N ILE G 329 -62.47 -41.22 3.58
CA ILE G 329 -62.22 -40.67 4.90
C ILE G 329 -63.39 -39.84 5.43
N ARG G 330 -63.61 -39.93 6.74
CA ARG G 330 -64.59 -39.09 7.40
C ARG G 330 -63.88 -37.87 7.97
N ILE G 331 -64.60 -36.76 8.04
CA ILE G 331 -64.03 -35.52 8.56
C ILE G 331 -65.07 -34.79 9.42
N LYS G 332 -64.62 -34.23 10.54
CA LYS G 332 -65.52 -33.50 11.42
C LYS G 332 -65.94 -32.17 10.80
N TYR G 333 -65.26 -31.75 9.75
CA TYR G 333 -65.58 -30.57 8.88
C TYR G 333 -65.70 -29.16 9.46
N ASN G 334 -64.54 -28.54 9.67
CA ASN G 334 -64.44 -27.20 10.28
C ASN G 334 -64.13 -26.06 9.32
N LEU G 335 -64.47 -24.83 9.73
CA LEU G 335 -64.31 -23.66 8.88
C LEU G 335 -63.73 -22.50 9.68
N LEU G 336 -62.89 -21.68 9.02
CA LEU G 336 -62.28 -20.52 9.68
C LEU G 336 -62.63 -19.21 8.96
N GLU G 337 -61.77 -18.21 9.11
CA GLU G 337 -62.04 -16.88 8.56
C GLU G 337 -61.40 -16.63 7.20
N ARG G 338 -60.67 -15.53 7.10
CA ARG G 338 -60.06 -15.13 5.84
C ARG G 338 -58.60 -15.57 5.76
N VAL G 339 -58.26 -16.30 4.70
CA VAL G 339 -56.88 -16.65 4.41
C VAL G 339 -56.28 -15.75 3.34
N VAL G 340 -54.96 -15.76 3.23
CA VAL G 340 -54.27 -14.81 2.38
C VAL G 340 -54.44 -15.14 0.90
N GLY G 341 -55.61 -14.79 0.36
CA GLY G 341 -55.86 -14.95 -1.06
C GLY G 341 -55.92 -13.62 -1.79
N ALA G 342 -56.41 -12.59 -1.09
CA ALA G 342 -56.68 -11.30 -1.72
C ALA G 342 -56.27 -10.15 -0.81
N LYS G 343 -57.25 -9.57 -0.12
CA LYS G 343 -57.08 -8.27 0.52
C LYS G 343 -57.26 -8.37 2.02
N GLU G 344 -58.51 -8.37 2.48
CA GLU G 344 -58.80 -8.31 3.91
C GLU G 344 -59.66 -9.49 4.34
N MET G 345 -60.83 -9.63 3.73
CA MET G 345 -61.79 -10.64 4.14
C MET G 345 -62.50 -11.26 2.93
N LEU G 346 -62.91 -12.51 3.06
CA LEU G 346 -63.70 -13.17 2.02
C LEU G 346 -64.84 -13.99 2.62
N LYS G 347 -65.81 -14.38 1.79
CA LYS G 347 -66.99 -15.11 2.26
C LYS G 347 -66.71 -16.58 2.52
N VAL G 348 -67.31 -17.11 3.59
CA VAL G 348 -67.16 -18.52 3.95
C VAL G 348 -68.31 -19.37 3.38
N ASP G 349 -68.10 -19.92 2.20
CA ASP G 349 -69.10 -20.77 1.54
C ASP G 349 -68.86 -22.24 1.88
N PRO G 350 -69.77 -22.83 2.68
CA PRO G 350 -69.71 -24.26 3.01
C PRO G 350 -69.66 -25.12 1.76
N ILE G 351 -69.16 -26.35 1.90
CA ILE G 351 -68.89 -27.22 0.76
C ILE G 351 -70.15 -27.59 -0.01
N ARG G 352 -69.95 -28.32 -1.10
CA ARG G 352 -71.07 -28.79 -1.92
C ARG G 352 -70.80 -30.20 -2.46
N ALA G 353 -71.86 -30.87 -2.90
CA ALA G 353 -71.77 -32.27 -3.35
C ALA G 353 -70.84 -32.43 -4.55
N LYS G 354 -70.12 -33.56 -4.56
CA LYS G 354 -69.12 -33.84 -5.59
C LYS G 354 -68.23 -32.64 -5.92
N GLU G 355 -67.73 -31.99 -4.89
CA GLU G 355 -66.80 -30.87 -5.05
C GLU G 355 -65.39 -31.30 -4.66
N THR G 356 -64.49 -31.30 -5.63
CA THR G 356 -63.12 -31.74 -5.42
C THR G 356 -62.32 -30.77 -4.54
N LEU G 357 -62.04 -31.17 -3.31
CA LEU G 357 -61.28 -30.33 -2.38
C LEU G 357 -59.90 -30.91 -2.07
N MET G 358 -59.03 -30.09 -1.50
CA MET G 358 -57.69 -30.53 -1.14
C MET G 358 -57.59 -30.89 0.34
N LEU G 359 -57.02 -32.04 0.63
CA LEU G 359 -56.92 -32.53 2.00
C LEU G 359 -55.49 -32.91 2.34
N SER G 360 -55.15 -32.86 3.63
CA SER G 360 -53.81 -33.21 4.08
C SER G 360 -53.77 -33.50 5.57
N VAL G 361 -53.58 -34.77 5.92
CA VAL G 361 -53.41 -35.16 7.32
C VAL G 361 -51.98 -34.84 7.78
N GLY G 362 -51.10 -34.70 6.80
CA GLY G 362 -49.71 -34.32 7.05
C GLY G 362 -49.11 -33.79 5.77
N SER G 363 -47.87 -34.18 5.49
CA SER G 363 -47.23 -33.80 4.24
C SER G 363 -47.95 -34.47 3.08
N SER G 364 -48.77 -35.46 3.42
CA SER G 364 -49.60 -36.16 2.44
C SER G 364 -50.72 -35.26 1.95
N THR G 365 -50.57 -34.74 0.73
CA THR G 365 -51.57 -33.85 0.15
C THR G 365 -52.22 -34.51 -1.06
N THR G 366 -53.32 -35.23 -0.81
CA THR G 366 -54.03 -35.93 -1.87
C THR G 366 -55.29 -35.19 -2.28
N LEU G 367 -55.84 -35.54 -3.43
CA LEU G 367 -57.06 -34.94 -3.93
C LEU G 367 -58.29 -35.48 -3.19
N GLY G 368 -59.25 -35.96 -3.95
CA GLY G 368 -60.50 -36.45 -3.40
C GLY G 368 -61.67 -35.54 -3.71
N ILE G 369 -62.85 -36.14 -3.87
CA ILE G 369 -64.06 -35.37 -4.17
C ILE G 369 -65.03 -35.41 -2.99
N VAL G 370 -65.25 -34.26 -2.36
CA VAL G 370 -66.17 -34.15 -1.23
C VAL G 370 -67.57 -34.61 -1.64
N THR G 371 -68.00 -35.74 -1.10
CA THR G 371 -69.28 -36.34 -1.48
C THR G 371 -70.23 -36.46 -0.29
N SER G 372 -70.60 -35.32 0.30
CA SER G 372 -71.56 -35.30 1.40
C SER G 372 -71.97 -33.88 1.78
N VAL G 373 -71.12 -33.22 2.57
CA VAL G 373 -71.36 -31.86 3.05
C VAL G 373 -72.51 -31.79 4.06
N LYS G 374 -73.23 -32.90 4.21
CA LYS G 374 -74.37 -32.96 5.13
C LYS G 374 -73.94 -32.72 6.57
N LYS G 375 -74.30 -31.55 7.09
CA LYS G 375 -73.95 -31.14 8.45
C LYS G 375 -72.43 -31.05 8.63
N ASP G 376 -71.96 -31.28 9.85
CA ASP G 376 -70.53 -31.27 10.13
C ASP G 376 -69.90 -32.63 9.86
N GLU G 377 -70.32 -33.27 8.77
CA GLU G 377 -69.78 -34.57 8.37
C GLU G 377 -69.38 -34.54 6.89
N ILE G 378 -68.13 -34.86 6.60
CA ILE G 378 -67.63 -34.80 5.23
C ILE G 378 -66.97 -36.10 4.78
N GLU G 379 -67.51 -36.70 3.73
CA GLU G 379 -66.88 -37.85 3.09
C GLU G 379 -66.20 -37.39 1.81
N VAL G 380 -65.01 -37.93 1.54
CA VAL G 380 -64.25 -37.52 0.36
C VAL G 380 -63.71 -38.73 -0.40
N GLU G 381 -64.11 -38.86 -1.66
CA GLU G 381 -63.60 -39.93 -2.53
C GLU G 381 -62.21 -39.59 -3.05
N LEU G 382 -61.18 -40.04 -2.34
CA LEU G 382 -59.80 -39.64 -2.63
C LEU G 382 -59.24 -40.24 -3.92
N ARG G 383 -58.25 -39.55 -4.48
CA ARG G 383 -57.49 -40.06 -5.61
C ARG G 383 -56.46 -41.07 -5.11
N ARG G 384 -55.82 -40.71 -4.00
CA ARG G 384 -54.78 -41.55 -3.39
C ARG G 384 -55.17 -41.84 -1.95
N PRO G 385 -54.87 -43.05 -1.47
CA PRO G 385 -55.18 -43.44 -0.08
C PRO G 385 -54.39 -42.61 0.92
N VAL G 386 -54.91 -42.50 2.14
CA VAL G 386 -54.24 -41.77 3.19
C VAL G 386 -54.14 -42.61 4.46
N ALA G 387 -52.92 -42.80 4.94
CA ALA G 387 -52.66 -43.60 6.13
C ALA G 387 -53.07 -42.85 7.40
N VAL G 388 -53.58 -43.59 8.38
CA VAL G 388 -54.05 -42.99 9.62
C VAL G 388 -53.40 -43.65 10.85
N TRP G 389 -52.27 -43.09 11.28
CA TRP G 389 -51.54 -43.61 12.44
C TRP G 389 -52.26 -43.30 13.74
N SER G 390 -52.99 -42.19 13.77
CA SER G 390 -53.74 -41.78 14.96
C SER G 390 -55.23 -41.70 14.64
N ASN G 391 -56.06 -41.67 15.69
CA ASN G 391 -57.50 -41.63 15.50
C ASN G 391 -57.97 -40.30 14.90
N ASN G 392 -57.42 -39.20 15.42
CA ASN G 392 -57.79 -37.87 14.95
C ASN G 392 -56.60 -37.09 14.40
N ILE G 393 -56.62 -36.83 13.10
CA ILE G 393 -55.50 -36.16 12.43
C ILE G 393 -55.93 -34.85 11.79
N ARG G 394 -55.13 -33.81 11.99
CA ARG G 394 -55.43 -32.47 11.48
C ARG G 394 -55.37 -32.43 9.95
N THR G 395 -56.39 -31.83 9.34
CA THR G 395 -56.46 -31.75 7.89
C THR G 395 -56.71 -30.33 7.40
N VAL G 396 -55.89 -29.90 6.44
CA VAL G 396 -56.06 -28.59 5.83
C VAL G 396 -56.84 -28.73 4.52
N ILE G 397 -58.12 -28.36 4.57
CA ILE G 397 -58.99 -28.47 3.41
C ILE G 397 -58.96 -27.18 2.61
N SER G 398 -58.79 -27.30 1.29
CA SER G 398 -58.68 -26.13 0.42
C SER G 398 -59.90 -25.93 -0.49
N ARG G 399 -59.76 -25.03 -1.46
CA ARG G 399 -60.83 -24.73 -2.39
C ARG G 399 -60.27 -24.43 -3.78
N GLN G 400 -60.76 -23.36 -4.40
CA GLN G 400 -60.30 -22.97 -5.74
C GLN G 400 -60.25 -21.45 -5.90
N ILE G 401 -59.26 -20.98 -6.65
CA ILE G 401 -59.16 -19.56 -6.95
C ILE G 401 -58.69 -19.40 -8.40
N ALA G 402 -58.38 -18.16 -8.78
CA ALA G 402 -57.95 -17.87 -10.14
C ALA G 402 -56.50 -18.28 -10.37
N GLY G 403 -56.19 -19.54 -10.03
CA GLY G 403 -54.84 -20.06 -10.19
C GLY G 403 -54.52 -21.14 -9.18
N ARG G 404 -54.51 -20.77 -7.90
CA ARG G 404 -54.19 -21.70 -6.84
C ARG G 404 -55.43 -22.35 -6.24
N TRP G 405 -55.23 -23.10 -5.16
CA TRP G 405 -56.31 -23.75 -4.44
C TRP G 405 -56.25 -23.31 -2.99
N ARG G 406 -56.66 -22.06 -2.74
CA ARG G 406 -56.58 -21.49 -1.39
C ARG G 406 -57.46 -22.22 -0.39
N MET G 407 -56.90 -22.50 0.79
CA MET G 407 -57.62 -23.19 1.84
C MET G 407 -58.74 -22.31 2.43
N ILE G 408 -59.70 -22.95 3.08
CA ILE G 408 -60.83 -22.23 3.66
C ILE G 408 -61.19 -22.75 5.06
N GLY G 409 -60.95 -24.03 5.30
CA GLY G 409 -61.32 -24.64 6.57
C GLY G 409 -60.36 -25.73 7.03
N TRP G 410 -60.32 -25.96 8.34
CA TRP G 410 -59.43 -26.94 8.93
C TRP G 410 -60.11 -28.29 9.14
N GLY G 411 -60.38 -28.63 10.39
CA GLY G 411 -61.05 -29.87 10.72
C GLY G 411 -60.08 -31.03 10.89
N LEU G 412 -60.59 -32.15 11.39
CA LEU G 412 -59.77 -33.35 11.57
C LEU G 412 -60.42 -34.58 10.95
N VAL G 413 -59.60 -35.56 10.59
CA VAL G 413 -60.11 -36.80 10.01
C VAL G 413 -60.49 -37.81 11.09
N GLU G 414 -61.77 -38.14 11.14
CA GLU G 414 -62.25 -39.20 12.02
C GLU G 414 -61.90 -40.55 11.38
N ILE G 415 -61.58 -41.54 12.20
CA ILE G 415 -61.27 -42.88 11.70
C ILE G 415 -62.54 -43.66 11.41
N ALA H 2 -22.49 -39.22 -17.83
CA ALA H 2 -21.44 -39.05 -16.84
C ALA H 2 -20.40 -40.17 -16.91
N TRP H 3 -19.20 -39.91 -16.44
CA TRP H 3 -18.13 -40.90 -16.43
C TRP H 3 -18.13 -41.71 -15.14
N PRO H 4 -17.50 -42.90 -15.18
CA PRO H 4 -17.36 -43.77 -14.00
C PRO H 4 -16.67 -43.06 -12.84
N LYS H 5 -17.16 -43.32 -11.63
CA LYS H 5 -16.58 -42.72 -10.44
C LYS H 5 -15.55 -43.66 -9.82
N VAL H 6 -14.28 -43.42 -10.15
CA VAL H 6 -13.19 -44.23 -9.64
C VAL H 6 -12.16 -43.37 -8.92
N GLN H 7 -11.22 -44.02 -8.27
CA GLN H 7 -10.15 -43.32 -7.57
C GLN H 7 -9.07 -42.89 -8.53
N PRO H 8 -8.15 -42.03 -8.07
CA PRO H 8 -6.99 -41.66 -8.89
C PRO H 8 -6.12 -42.87 -9.17
N GLU H 9 -5.61 -42.98 -10.39
CA GLU H 9 -4.81 -44.13 -10.78
C GLU H 9 -3.32 -43.78 -10.86
N VAL H 10 -2.98 -42.55 -10.50
CA VAL H 10 -1.60 -42.08 -10.55
C VAL H 10 -1.42 -40.80 -9.75
N ASN H 11 -0.24 -40.63 -9.14
CA ASN H 11 0.09 -39.41 -8.43
C ASN H 11 1.06 -38.53 -9.22
N ILE H 12 0.77 -37.24 -9.31
CA ILE H 12 1.64 -36.30 -10.01
C ILE H 12 2.17 -35.23 -9.07
N GLY H 13 3.43 -35.37 -8.65
CA GLY H 13 4.05 -34.41 -7.78
C GLY H 13 4.47 -33.15 -8.52
N VAL H 14 3.98 -32.01 -8.06
CA VAL H 14 4.34 -30.74 -8.67
C VAL H 14 5.38 -30.01 -7.82
N VAL H 15 6.57 -29.83 -8.39
CA VAL H 15 7.67 -29.21 -7.67
C VAL H 15 8.34 -28.14 -8.54
N GLY H 16 9.22 -27.36 -7.93
CA GLY H 16 9.91 -26.29 -8.61
C GLY H 16 10.24 -25.15 -7.66
N HIS H 17 10.38 -23.94 -8.21
CA HIS H 17 10.65 -22.75 -7.41
C HIS H 17 9.47 -22.42 -6.51
N VAL H 18 9.64 -21.39 -5.68
CA VAL H 18 8.56 -20.97 -4.78
C VAL H 18 7.41 -20.34 -5.56
N ASP H 19 7.56 -19.06 -5.90
CA ASP H 19 6.53 -18.34 -6.64
C ASP H 19 5.24 -18.30 -5.84
N HIS H 20 4.12 -18.11 -6.53
CA HIS H 20 2.80 -18.18 -5.92
C HIS H 20 1.95 -19.15 -6.71
N GLY H 21 2.33 -19.32 -7.98
CA GLY H 21 1.63 -20.22 -8.89
C GLY H 21 2.01 -21.68 -8.67
N LYS H 22 2.85 -21.92 -7.68
CA LYS H 22 3.21 -23.28 -7.32
C LYS H 22 1.94 -24.02 -6.90
N THR H 23 1.06 -23.31 -6.20
CA THR H 23 -0.22 -23.85 -5.77
C THR H 23 -1.31 -23.38 -6.74
N THR H 24 -1.01 -22.32 -7.49
CA THR H 24 -1.98 -21.77 -8.43
C THR H 24 -2.23 -22.68 -9.62
N LEU H 25 -1.15 -23.22 -10.19
CA LEU H 25 -1.26 -24.10 -11.35
C LEU H 25 -2.09 -25.33 -11.03
N VAL H 26 -2.12 -25.71 -9.77
CA VAL H 26 -2.93 -26.84 -9.32
C VAL H 26 -4.42 -26.57 -9.56
N GLN H 27 -4.89 -25.44 -9.05
CA GLN H 27 -6.28 -25.04 -9.25
C GLN H 27 -6.54 -24.79 -10.72
N ALA H 28 -5.49 -24.40 -11.44
CA ALA H 28 -5.59 -24.11 -12.86
C ALA H 28 -5.75 -25.39 -13.68
N ILE H 29 -5.80 -26.51 -12.98
CA ILE H 29 -6.00 -27.81 -13.62
C ILE H 29 -7.17 -28.56 -13.00
N THR H 30 -7.08 -28.80 -11.70
CA THR H 30 -8.12 -29.53 -10.98
C THR H 30 -9.32 -28.63 -10.73
N GLY H 31 -9.05 -27.38 -10.33
CA GLY H 31 -10.09 -26.44 -10.00
C GLY H 31 -10.19 -26.18 -8.52
N ILE H 32 -9.51 -27.02 -7.75
CA ILE H 32 -9.51 -26.90 -6.31
C ILE H 32 -8.18 -26.34 -5.82
N TRP H 33 -8.32 -25.39 -4.90
CA TRP H 33 -7.12 -24.72 -4.41
C TRP H 33 -6.52 -25.48 -3.22
N THR H 34 -5.28 -25.96 -3.35
CA THR H 34 -4.61 -26.72 -2.28
C THR H 34 -3.88 -25.77 -1.34
N SER H 35 -4.63 -24.84 -0.76
CA SER H 35 -4.06 -23.86 0.16
C SER H 35 -5.16 -23.17 0.97
N LYS H 36 -6.40 -23.43 0.60
CA LYS H 36 -7.54 -22.80 1.26
C LYS H 36 -7.82 -23.44 2.61
N HIS H 37 -9.10 -23.59 2.93
CA HIS H 37 -9.50 -24.26 4.18
C HIS H 37 -9.30 -25.76 4.09
N SER H 38 -9.20 -26.27 2.86
CA SER H 38 -9.58 -27.65 2.58
C SER H 38 -10.84 -28.05 3.33
N GLU H 39 -10.85 -29.26 3.87
CA GLU H 39 -12.07 -29.85 4.41
C GLU H 39 -12.02 -29.94 5.93
N GLU H 40 -12.15 -31.16 6.45
CA GLU H 40 -12.17 -31.39 7.90
C GLU H 40 -11.25 -32.54 8.28
N LEU H 41 -10.13 -32.21 8.90
CA LEU H 41 -9.13 -33.22 9.26
C LEU H 41 -8.58 -33.96 8.05
N LYS H 42 -8.05 -33.21 7.09
CA LYS H 42 -7.50 -33.78 5.87
C LYS H 42 -6.03 -33.40 5.73
N ARG H 43 -5.65 -32.30 6.38
CA ARG H 43 -4.30 -31.79 6.29
C ARG H 43 -3.35 -32.53 7.22
N GLY H 44 -2.06 -32.50 6.88
CA GLY H 44 -1.05 -33.14 7.71
C GLY H 44 -0.48 -32.19 8.74
N MET H 45 0.09 -32.75 9.81
CA MET H 45 0.67 -31.96 10.89
C MET H 45 1.83 -31.11 10.38
N THR H 46 2.39 -31.50 9.25
CA THR H 46 3.53 -30.82 8.66
C THR H 46 3.25 -29.32 8.45
N ILE H 47 2.41 -29.02 7.48
CA ILE H 47 2.05 -27.65 7.18
C ILE H 47 0.81 -27.62 6.30
N LYS H 48 -0.07 -28.59 6.54
CA LYS H 48 -1.31 -28.71 5.79
C LYS H 48 -1.03 -29.05 4.32
N LEU H 49 -0.65 -30.29 4.07
CA LEU H 49 -0.35 -30.76 2.72
C LEU H 49 -1.55 -30.61 1.79
N GLY H 50 -1.28 -30.18 0.56
CA GLY H 50 -2.32 -30.01 -0.44
C GLY H 50 -2.41 -31.21 -1.36
N TYR H 51 -3.63 -31.71 -1.56
CA TYR H 51 -3.86 -32.88 -2.40
C TYR H 51 -5.08 -32.68 -3.31
N ALA H 52 -4.81 -32.52 -4.61
CA ALA H 52 -5.87 -32.26 -5.58
C ALA H 52 -6.05 -33.43 -6.54
N GLU H 53 -7.29 -33.68 -6.95
CA GLU H 53 -7.58 -34.72 -7.93
C GLU H 53 -8.69 -34.30 -8.88
N THR H 54 -8.46 -34.49 -10.18
CA THR H 54 -9.42 -34.09 -11.21
C THR H 54 -9.60 -35.16 -12.29
N ASN H 55 -10.76 -35.14 -12.94
CA ASN H 55 -11.01 -36.01 -14.07
C ASN H 55 -10.35 -35.47 -15.33
N ILE H 56 -10.13 -36.33 -16.31
CA ILE H 56 -9.57 -35.93 -17.60
C ILE H 56 -10.19 -36.73 -18.73
N GLY H 57 -10.77 -36.04 -19.71
CA GLY H 57 -11.42 -36.69 -20.84
C GLY H 57 -11.00 -36.09 -22.17
N VAL H 58 -11.53 -36.65 -23.25
CA VAL H 58 -11.18 -36.20 -24.59
C VAL H 58 -12.40 -36.13 -25.50
N CYS H 59 -12.61 -34.96 -26.12
CA CYS H 59 -13.69 -34.78 -27.08
C CYS H 59 -13.25 -35.21 -28.48
N GLU H 60 -13.97 -36.16 -29.06
CA GLU H 60 -13.62 -36.70 -30.37
C GLU H 60 -14.03 -35.74 -31.50
N SER H 61 -14.62 -34.61 -31.12
CA SER H 61 -15.00 -33.60 -32.09
C SER H 61 -13.83 -32.66 -32.33
N CYS H 62 -13.35 -32.05 -31.25
CA CYS H 62 -12.22 -31.12 -31.32
C CYS H 62 -10.95 -31.84 -31.75
N LYS H 63 -9.96 -31.08 -32.21
CA LYS H 63 -8.71 -31.65 -32.70
C LYS H 63 -7.50 -31.26 -31.86
N LYS H 64 -7.35 -29.97 -31.61
CA LYS H 64 -6.22 -29.45 -30.83
C LYS H 64 -6.22 -29.96 -29.38
N PRO H 65 -5.19 -29.59 -28.61
CA PRO H 65 -5.17 -29.92 -27.18
C PRO H 65 -6.42 -29.41 -26.47
N GLU H 66 -7.17 -28.56 -27.17
CA GLU H 66 -8.40 -28.01 -26.65
C GLU H 66 -9.51 -29.07 -26.56
N ALA H 67 -9.25 -30.23 -27.14
CA ALA H 67 -10.18 -31.36 -27.09
C ALA H 67 -10.25 -31.96 -25.69
N TYR H 68 -9.11 -31.94 -24.99
CA TYR H 68 -9.02 -32.45 -23.63
C TYR H 68 -9.79 -31.57 -22.67
N VAL H 69 -10.38 -32.18 -21.64
CA VAL H 69 -11.15 -31.44 -20.65
C VAL H 69 -10.95 -31.99 -19.24
N THR H 70 -11.45 -31.25 -18.24
CA THR H 70 -11.39 -31.70 -16.85
C THR H 70 -12.79 -31.91 -16.29
N GLU H 71 -13.78 -31.43 -17.03
CA GLU H 71 -15.18 -31.69 -16.69
C GLU H 71 -15.68 -32.90 -17.48
N PRO H 72 -16.60 -33.66 -16.89
CA PRO H 72 -17.17 -34.88 -17.48
C PRO H 72 -18.07 -34.63 -18.69
N SER H 73 -17.96 -33.45 -19.31
CA SER H 73 -18.81 -33.13 -20.45
C SER H 73 -18.19 -32.05 -21.34
N CYS H 74 -18.64 -32.00 -22.60
CA CYS H 74 -18.15 -31.02 -23.55
C CYS H 74 -18.86 -29.68 -23.39
N LYS H 75 -19.77 -29.60 -22.43
CA LYS H 75 -20.54 -28.37 -22.19
C LYS H 75 -19.62 -27.16 -22.02
N SER H 76 -18.64 -27.28 -21.13
CA SER H 76 -17.71 -26.18 -20.87
C SER H 76 -16.51 -26.24 -21.81
N CYS H 77 -16.77 -25.97 -23.10
CA CYS H 77 -15.73 -26.05 -24.12
C CYS H 77 -16.28 -25.47 -25.42
N GLY H 78 -15.82 -26.04 -26.54
CA GLY H 78 -16.30 -25.61 -27.85
C GLY H 78 -17.33 -26.57 -28.41
N SER H 79 -18.18 -27.08 -27.52
CA SER H 79 -19.20 -28.04 -27.90
C SER H 79 -20.21 -28.15 -26.76
N ASP H 80 -21.06 -29.17 -26.83
CA ASP H 80 -22.02 -29.44 -25.77
C ASP H 80 -22.42 -30.92 -25.74
N ASP H 81 -21.48 -31.77 -26.14
CA ASP H 81 -21.71 -33.22 -26.15
C ASP H 81 -21.18 -33.86 -24.87
N GLU H 82 -20.58 -35.04 -25.00
CA GLU H 82 -19.92 -35.72 -23.89
C GLU H 82 -18.73 -36.55 -24.37
N PRO H 83 -17.54 -36.27 -23.83
CA PRO H 83 -16.27 -36.87 -24.26
C PRO H 83 -16.13 -38.33 -23.86
N LYS H 84 -14.92 -38.87 -24.06
CA LYS H 84 -14.60 -40.23 -23.65
C LYS H 84 -13.69 -40.19 -22.43
N PHE H 85 -13.88 -41.13 -21.52
CA PHE H 85 -13.15 -41.12 -20.25
C PHE H 85 -11.73 -41.66 -20.37
N LEU H 86 -10.78 -40.91 -19.84
CA LEU H 86 -9.38 -41.32 -19.85
C LEU H 86 -8.99 -41.88 -18.50
N ARG H 87 -8.81 -40.99 -17.52
CA ARG H 87 -8.41 -41.39 -16.18
C ARG H 87 -8.59 -40.25 -15.20
N ARG H 88 -8.25 -40.53 -13.94
CA ARG H 88 -8.25 -39.51 -12.90
C ARG H 88 -6.89 -39.50 -12.24
N ILE H 89 -6.24 -38.33 -12.25
CA ILE H 89 -4.92 -38.20 -11.64
C ILE H 89 -5.00 -37.35 -10.37
N SER H 90 -3.94 -37.37 -9.58
CA SER H 90 -3.89 -36.58 -8.36
C SER H 90 -2.64 -35.71 -8.32
N PHE H 91 -2.58 -34.80 -7.35
CA PHE H 91 -1.44 -33.91 -7.20
C PHE H 91 -1.06 -33.71 -5.74
N ILE H 92 0.24 -33.57 -5.48
CA ILE H 92 0.74 -33.40 -4.14
C ILE H 92 1.70 -32.21 -4.04
N ASP H 93 1.32 -31.24 -3.23
CA ASP H 93 2.13 -30.04 -3.05
C ASP H 93 1.81 -29.30 -1.76
N ALA H 94 2.87 -28.84 -1.09
CA ALA H 94 2.74 -28.03 0.12
C ALA H 94 4.05 -27.31 0.35
N PRO H 95 4.21 -26.17 -0.33
CA PRO H 95 5.53 -25.54 -0.48
C PRO H 95 6.26 -25.45 0.86
N GLY H 96 7.40 -26.14 0.97
CA GLY H 96 8.10 -26.26 2.22
C GLY H 96 9.10 -25.14 2.44
N HIS H 97 10.33 -25.34 1.99
CA HIS H 97 11.15 -24.26 1.47
C HIS H 97 11.98 -24.72 0.28
N GLU H 98 12.80 -25.75 0.50
CA GLU H 98 13.63 -26.30 -0.56
C GLU H 98 13.78 -27.81 -0.41
N VAL H 99 13.16 -28.57 -1.31
CA VAL H 99 12.82 -29.96 -1.05
C VAL H 99 11.97 -30.09 0.21
N LEU H 100 10.97 -29.21 0.34
CA LEU H 100 9.94 -29.37 1.35
C LEU H 100 10.52 -29.28 2.76
N MET H 101 9.78 -29.78 3.74
CA MET H 101 10.18 -29.69 5.13
C MET H 101 11.10 -30.84 5.53
N ALA H 102 10.59 -32.06 5.42
CA ALA H 102 11.44 -33.25 5.38
C ALA H 102 10.76 -34.39 4.65
N THR H 103 10.21 -34.09 3.47
CA THR H 103 9.24 -34.97 2.83
C THR H 103 9.48 -35.07 1.33
N MET H 104 10.43 -35.91 0.94
CA MET H 104 10.53 -36.37 -0.44
C MET H 104 10.95 -37.83 -0.51
N LEU H 105 11.39 -38.37 0.62
CA LEU H 105 11.68 -39.80 0.73
C LEU H 105 10.35 -40.54 0.82
N SER H 106 9.36 -39.88 1.39
CA SER H 106 8.03 -40.46 1.52
C SER H 106 7.39 -40.66 0.15
N GLY H 107 7.77 -39.82 -0.80
CA GLY H 107 7.24 -39.89 -2.15
C GLY H 107 7.96 -40.92 -3.01
N ALA H 108 8.06 -42.14 -2.49
CA ALA H 108 8.69 -43.23 -3.22
C ALA H 108 7.78 -43.76 -4.32
N ALA H 109 6.98 -44.77 -3.98
CA ALA H 109 6.02 -45.33 -4.91
C ALA H 109 4.79 -44.43 -5.00
N LEU H 110 4.82 -43.34 -4.25
CA LEU H 110 3.74 -42.35 -4.30
C LEU H 110 3.76 -41.62 -5.63
N MET H 111 4.76 -40.78 -5.82
CA MET H 111 4.89 -40.01 -7.05
C MET H 111 5.27 -40.89 -8.24
N ASP H 112 4.41 -40.90 -9.25
CA ASP H 112 4.65 -41.68 -10.46
C ASP H 112 5.06 -40.77 -11.62
N GLY H 113 5.01 -39.46 -11.37
CA GLY H 113 5.38 -38.46 -12.36
C GLY H 113 5.45 -37.08 -11.73
N ALA H 114 6.36 -36.26 -12.22
CA ALA H 114 6.59 -34.95 -11.62
C ALA H 114 6.48 -33.79 -12.62
N ILE H 115 5.79 -32.74 -12.21
CA ILE H 115 5.67 -31.54 -13.03
C ILE H 115 6.51 -30.41 -12.44
N LEU H 116 7.42 -29.88 -13.24
CA LEU H 116 8.31 -28.82 -12.79
C LEU H 116 7.80 -27.45 -13.26
N VAL H 117 7.34 -26.65 -12.31
CA VAL H 117 6.88 -25.30 -12.59
C VAL H 117 8.06 -24.32 -12.57
N VAL H 118 8.26 -23.62 -13.67
CA VAL H 118 9.33 -22.62 -13.75
C VAL H 118 8.83 -21.32 -14.37
N ALA H 119 8.97 -20.23 -13.63
CA ALA H 119 8.55 -18.92 -14.11
C ALA H 119 9.51 -18.39 -15.16
N ALA H 120 8.96 -17.69 -16.15
CA ALA H 120 9.77 -17.07 -17.20
C ALA H 120 10.16 -15.66 -16.80
N ASN H 121 10.60 -15.51 -15.55
CA ASN H 121 10.99 -14.20 -15.02
C ASN H 121 12.44 -14.18 -14.58
N GLU H 122 12.83 -15.18 -13.80
CA GLU H 122 14.19 -15.28 -13.28
C GLU H 122 15.09 -16.01 -14.27
N PRO H 123 16.35 -15.56 -14.37
CA PRO H 123 17.35 -16.17 -15.24
C PRO H 123 17.51 -17.67 -14.96
N PHE H 124 16.94 -18.49 -15.83
CA PHE H 124 16.97 -19.94 -15.66
C PHE H 124 18.40 -20.48 -15.59
N PRO H 125 18.64 -21.45 -14.69
CA PRO H 125 17.64 -22.03 -13.77
C PRO H 125 17.37 -21.12 -12.56
N GLN H 126 17.81 -21.59 -11.39
CA GLN H 126 17.59 -20.85 -10.14
C GLN H 126 18.09 -21.67 -8.96
N PRO H 127 18.61 -20.98 -7.93
CA PRO H 127 18.99 -21.64 -6.67
C PRO H 127 17.78 -22.09 -5.85
N GLN H 128 16.71 -22.47 -6.54
CA GLN H 128 15.50 -22.95 -5.89
C GLN H 128 14.95 -24.15 -6.66
N THR H 129 15.23 -24.19 -7.96
CA THR H 129 14.82 -25.30 -8.81
C THR H 129 15.95 -26.31 -8.93
N ARG H 130 17.12 -25.96 -8.40
CA ARG H 130 18.30 -26.80 -8.47
C ARG H 130 18.12 -28.09 -7.66
N GLU H 131 17.82 -27.94 -6.37
CA GLU H 131 17.69 -29.09 -5.48
C GLU H 131 16.47 -29.93 -5.82
N HIS H 132 15.44 -29.28 -6.36
CA HIS H 132 14.24 -29.98 -6.81
C HIS H 132 14.54 -30.83 -8.03
N PHE H 133 15.33 -30.28 -8.95
CA PHE H 133 15.76 -31.01 -10.14
C PHE H 133 16.72 -32.12 -9.75
N VAL H 134 17.48 -31.91 -8.68
CA VAL H 134 18.43 -32.90 -8.20
C VAL H 134 17.72 -34.04 -7.50
N ALA H 135 16.77 -33.69 -6.64
CA ALA H 135 16.01 -34.67 -5.86
C ALA H 135 15.23 -35.62 -6.77
N LEU H 136 14.80 -35.12 -7.92
CA LEU H 136 14.08 -35.93 -8.89
C LEU H 136 15.03 -36.86 -9.64
N GLY H 137 16.28 -36.42 -9.79
CA GLY H 137 17.30 -37.23 -10.44
C GLY H 137 17.79 -38.32 -9.50
N ILE H 138 17.47 -38.17 -8.23
CA ILE H 138 17.86 -39.15 -7.21
C ILE H 138 16.68 -40.04 -6.82
N ILE H 139 15.47 -39.48 -6.86
CA ILE H 139 14.26 -40.21 -6.49
C ILE H 139 13.89 -41.24 -7.56
N GLY H 140 14.40 -41.05 -8.77
CA GLY H 140 14.22 -42.02 -9.84
C GLY H 140 13.21 -41.62 -10.90
N VAL H 141 12.30 -40.72 -10.54
CA VAL H 141 11.23 -40.31 -11.44
C VAL H 141 11.74 -39.88 -12.82
N LYS H 142 11.19 -40.50 -13.86
CA LYS H 142 11.57 -40.20 -15.23
C LYS H 142 10.45 -39.50 -16.03
N ASN H 143 9.28 -39.37 -15.40
CA ASN H 143 8.15 -38.72 -16.06
C ASN H 143 8.05 -37.24 -15.70
N LEU H 144 8.95 -36.44 -16.27
CA LEU H 144 9.05 -35.03 -15.91
C LEU H 144 8.44 -34.11 -16.97
N ILE H 145 7.59 -33.19 -16.53
CA ILE H 145 7.00 -32.20 -17.41
C ILE H 145 7.22 -30.81 -16.85
N ILE H 146 8.03 -30.00 -17.53
CA ILE H 146 8.33 -28.65 -17.07
C ILE H 146 7.46 -27.64 -17.81
N VAL H 147 7.10 -26.56 -17.12
CA VAL H 147 6.19 -25.57 -17.68
C VAL H 147 6.66 -24.14 -17.46
N GLN H 148 6.67 -23.34 -18.52
CA GLN H 148 7.04 -21.95 -18.42
C GLN H 148 5.89 -21.15 -17.82
N ASN H 149 5.69 -21.30 -16.52
CA ASN H 149 4.65 -20.57 -15.82
C ASN H 149 4.86 -19.06 -15.94
N LYS H 150 3.76 -18.31 -15.86
CA LYS H 150 3.81 -16.85 -15.95
C LYS H 150 4.44 -16.35 -17.25
N VAL H 151 4.03 -16.93 -18.37
CA VAL H 151 4.45 -16.45 -19.67
C VAL H 151 3.67 -15.19 -20.02
N ASP H 152 2.70 -14.87 -19.17
CA ASP H 152 1.87 -13.69 -19.32
C ASP H 152 2.66 -12.42 -19.01
N VAL H 153 3.89 -12.60 -18.52
CA VAL H 153 4.74 -11.48 -18.16
C VAL H 153 5.58 -11.02 -19.35
N VAL H 154 6.34 -11.95 -19.93
CA VAL H 154 7.25 -11.63 -21.01
C VAL H 154 6.64 -11.86 -22.39
N SER H 155 7.34 -11.43 -23.43
CA SER H 155 6.89 -11.60 -24.81
C SER H 155 7.50 -12.84 -25.44
N LYS H 156 7.46 -12.93 -26.76
CA LYS H 156 7.98 -14.10 -27.47
C LYS H 156 9.50 -14.15 -27.46
N GLU H 157 10.14 -13.02 -27.79
CA GLU H 157 11.60 -12.93 -27.82
C GLU H 157 12.20 -13.04 -26.42
N GLU H 158 11.34 -12.97 -25.40
CA GLU H 158 11.77 -13.06 -24.02
C GLU H 158 11.63 -14.49 -23.50
N ALA H 159 10.47 -15.10 -23.77
CA ALA H 159 10.20 -16.46 -23.34
C ALA H 159 10.78 -17.47 -24.32
N LEU H 160 11.63 -16.98 -25.22
CA LEU H 160 12.29 -17.85 -26.20
C LEU H 160 13.77 -17.93 -25.86
N SER H 161 14.33 -16.84 -25.36
CA SER H 161 15.71 -16.80 -24.90
C SER H 161 15.83 -17.51 -23.56
N GLN H 162 14.82 -17.33 -22.71
CA GLN H 162 14.76 -18.01 -21.41
C GLN H 162 14.51 -19.51 -21.61
N TYR H 163 13.99 -19.85 -22.78
CA TYR H 163 13.73 -21.23 -23.15
C TYR H 163 15.01 -21.94 -23.58
N ARG H 164 15.92 -21.18 -24.19
CA ARG H 164 17.19 -21.71 -24.68
C ARG H 164 18.12 -22.05 -23.52
N GLN H 165 17.88 -21.41 -22.37
CA GLN H 165 18.69 -21.61 -21.18
C GLN H 165 18.27 -22.88 -20.45
N ILE H 166 17.17 -23.48 -20.89
CA ILE H 166 16.61 -24.66 -20.25
C ILE H 166 17.10 -25.94 -20.92
N LYS H 167 16.90 -26.02 -22.23
CA LYS H 167 17.33 -27.18 -23.00
C LYS H 167 18.85 -27.35 -22.90
N GLN H 168 19.57 -26.23 -22.93
CA GLN H 168 21.02 -26.26 -22.83
C GLN H 168 21.46 -26.60 -21.41
N PHE H 169 20.62 -26.27 -20.44
CA PHE H 169 20.88 -26.63 -19.05
C PHE H 169 20.62 -28.11 -18.82
N THR H 170 19.71 -28.68 -19.59
CA THR H 170 19.38 -30.10 -19.47
C THR H 170 20.20 -30.93 -20.45
N LYS H 171 21.45 -30.54 -20.65
CA LYS H 171 22.37 -31.26 -21.51
C LYS H 171 23.00 -32.45 -20.78
N GLY H 172 22.71 -33.66 -21.27
CA GLY H 172 23.30 -34.86 -20.69
C GLY H 172 22.48 -35.47 -19.57
N THR H 173 21.71 -34.65 -18.87
CA THR H 173 20.89 -35.12 -17.77
C THR H 173 19.78 -36.04 -18.26
N TRP H 174 19.25 -36.85 -17.36
CA TRP H 174 18.11 -37.71 -17.65
C TRP H 174 16.96 -36.87 -18.23
N ALA H 175 16.87 -35.63 -17.76
CA ALA H 175 15.84 -34.71 -18.20
C ALA H 175 16.23 -34.00 -19.48
N GLU H 176 16.62 -34.77 -20.49
CA GLU H 176 16.97 -34.22 -21.79
C GLU H 176 15.73 -33.99 -22.63
N ASN H 177 15.08 -35.08 -23.03
CA ASN H 177 13.94 -35.03 -23.92
C ASN H 177 12.70 -34.42 -23.27
N VAL H 178 12.77 -34.19 -21.96
CA VAL H 178 11.65 -33.60 -21.24
C VAL H 178 11.29 -32.24 -21.85
N PRO H 179 10.01 -32.08 -22.22
CA PRO H 179 9.49 -30.87 -22.88
C PRO H 179 9.24 -29.72 -21.90
N ILE H 180 8.78 -28.61 -22.44
CA ILE H 180 8.43 -27.43 -21.64
C ILE H 180 7.15 -26.81 -22.16
N ILE H 181 6.21 -26.52 -21.24
CA ILE H 181 4.89 -26.02 -21.63
C ILE H 181 4.57 -24.67 -20.99
N PRO H 182 4.62 -23.59 -21.78
CA PRO H 182 4.29 -22.24 -21.30
C PRO H 182 2.83 -22.14 -20.89
N VAL H 183 2.59 -21.81 -19.63
CA VAL H 183 1.22 -21.67 -19.13
C VAL H 183 1.02 -20.40 -18.33
N SER H 184 -0.24 -20.00 -18.17
CA SER H 184 -0.59 -18.79 -17.43
C SER H 184 -0.88 -19.09 -15.96
N ALA H 185 -0.13 -18.44 -15.08
CA ALA H 185 -0.31 -18.64 -13.64
C ALA H 185 -1.50 -17.85 -13.10
N LEU H 186 -2.36 -17.38 -14.00
CA LEU H 186 -3.51 -16.57 -13.62
C LEU H 186 -4.37 -16.14 -14.80
N HIS H 187 -4.38 -16.94 -15.87
CA HIS H 187 -5.19 -16.62 -17.04
C HIS H 187 -6.03 -17.81 -17.50
N LYS H 188 -5.73 -18.99 -16.99
CA LYS H 188 -6.48 -20.20 -17.35
C LYS H 188 -6.40 -20.51 -18.84
N ILE H 189 -5.23 -20.33 -19.43
CA ILE H 189 -5.05 -20.59 -20.86
C ILE H 189 -3.83 -21.47 -21.15
N ASN H 190 -3.87 -22.16 -22.29
CA ASN H 190 -2.81 -23.07 -22.70
C ASN H 190 -2.65 -24.24 -21.72
N ILE H 191 -3.69 -24.46 -20.92
CA ILE H 191 -3.69 -25.53 -19.93
C ILE H 191 -4.13 -26.86 -20.52
N ASP H 192 -4.92 -26.79 -21.58
CA ASP H 192 -5.40 -27.99 -22.25
C ASP H 192 -4.25 -28.70 -22.98
N SER H 193 -3.15 -27.97 -23.18
CA SER H 193 -1.95 -28.55 -23.76
C SER H 193 -1.13 -29.23 -22.67
N LEU H 194 -1.10 -28.61 -21.49
CA LEU H 194 -0.41 -29.18 -20.34
C LEU H 194 -1.06 -30.52 -19.99
N ILE H 195 -2.37 -30.61 -20.19
CA ILE H 195 -3.09 -31.85 -19.99
C ILE H 195 -2.65 -32.91 -21.00
N GLU H 196 -2.53 -32.49 -22.27
CA GLU H 196 -2.08 -33.40 -23.31
C GLU H 196 -0.68 -33.92 -23.01
N GLY H 197 0.11 -33.10 -22.31
CA GLY H 197 1.44 -33.49 -21.91
C GLY H 197 1.39 -34.56 -20.84
N ILE H 198 0.57 -34.31 -19.81
CA ILE H 198 0.33 -35.31 -18.78
C ILE H 198 -0.12 -36.60 -19.44
N GLU H 199 -0.99 -36.47 -20.44
CA GLU H 199 -1.47 -37.60 -21.20
C GLU H 199 -0.48 -37.94 -22.31
N GLU H 200 0.78 -38.09 -21.93
CA GLU H 200 1.84 -38.42 -22.88
C GLU H 200 3.07 -38.89 -22.12
N TYR H 201 3.77 -37.95 -21.49
CA TYR H 201 5.01 -38.27 -20.78
C TYR H 201 4.76 -39.00 -19.48
N ILE H 202 3.81 -38.49 -18.69
CA ILE H 202 3.48 -39.09 -17.41
C ILE H 202 2.31 -40.06 -17.54
N LYS H 203 2.61 -41.28 -17.97
CA LYS H 203 1.59 -42.30 -18.12
C LYS H 203 1.31 -42.99 -16.79
N THR H 204 0.28 -43.82 -16.76
CA THR H 204 0.00 -44.61 -15.57
C THR H 204 0.78 -45.91 -15.61
N PRO H 205 1.67 -46.11 -14.63
CA PRO H 205 2.49 -47.32 -14.54
C PRO H 205 1.62 -48.57 -14.40
N TYR H 206 2.15 -49.73 -14.77
CA TYR H 206 1.42 -50.98 -14.58
C TYR H 206 1.37 -51.34 -13.10
N ARG H 207 0.21 -51.79 -12.65
CA ARG H 207 0.01 -52.13 -11.25
C ARG H 207 -0.20 -53.63 -11.07
N ASP H 208 0.63 -54.24 -10.24
CA ASP H 208 0.55 -55.67 -9.96
C ASP H 208 -0.25 -55.90 -8.68
N LEU H 209 -1.55 -56.14 -8.83
CA LEU H 209 -2.42 -56.31 -7.68
C LEU H 209 -2.45 -57.75 -7.15
N SER H 210 -1.29 -58.38 -7.10
CA SER H 210 -1.19 -59.75 -6.60
C SER H 210 -0.04 -59.92 -5.61
N GLN H 211 0.78 -58.89 -5.46
CA GLN H 211 1.88 -58.92 -4.51
C GLN H 211 1.50 -58.27 -3.19
N LYS H 212 2.41 -58.36 -2.23
CA LYS H 212 2.16 -57.90 -0.85
C LYS H 212 1.51 -56.52 -0.79
N PRO H 213 0.26 -56.47 -0.27
CA PRO H 213 -0.46 -55.22 -0.03
C PRO H 213 0.25 -54.35 1.01
N VAL H 214 0.65 -53.14 0.64
CA VAL H 214 1.36 -52.25 1.55
C VAL H 214 0.95 -50.79 1.38
N MET H 215 0.73 -50.10 2.49
CA MET H 215 0.36 -48.69 2.47
C MET H 215 1.16 -47.90 3.49
N LEU H 216 1.73 -46.79 3.05
CA LEU H 216 2.46 -45.89 3.94
C LEU H 216 1.46 -45.04 4.69
N VAL H 217 1.66 -44.91 6.01
CA VAL H 217 0.83 -44.05 6.83
C VAL H 217 1.46 -42.66 6.94
N ILE H 218 0.75 -41.64 6.47
CA ILE H 218 1.28 -40.28 6.49
C ILE H 218 0.68 -39.45 7.63
N ARG H 219 -0.32 -40.01 8.30
CA ARG H 219 -0.90 -39.39 9.49
C ARG H 219 -2.06 -40.22 10.03
N SER H 220 -2.63 -39.78 11.15
CA SER H 220 -3.76 -40.48 11.75
C SER H 220 -4.64 -39.51 12.55
N PHE H 221 -5.95 -39.56 12.29
CA PHE H 221 -6.89 -38.65 12.93
C PHE H 221 -7.79 -39.35 13.95
N ASP H 222 -8.67 -38.57 14.57
CA ASP H 222 -9.76 -39.11 15.38
C ASP H 222 -11.06 -38.54 14.84
N VAL H 223 -11.86 -39.40 14.24
CA VAL H 223 -13.08 -38.98 13.56
C VAL H 223 -14.11 -38.34 14.49
N ASN H 224 -14.32 -38.94 15.66
CA ASN H 224 -15.32 -38.48 16.60
C ASN H 224 -15.01 -37.11 17.20
N LYS H 225 -16.01 -36.24 17.21
CA LYS H 225 -15.89 -34.95 17.90
C LYS H 225 -16.47 -35.06 19.31
N PRO H 226 -15.87 -34.34 20.26
CA PRO H 226 -16.22 -34.43 21.69
C PRO H 226 -17.73 -34.44 21.94
N GLY H 227 -18.18 -35.41 22.72
CA GLY H 227 -19.59 -35.57 23.02
C GLY H 227 -20.17 -36.83 22.43
N THR H 228 -19.49 -37.39 21.45
CA THR H 228 -19.94 -38.61 20.80
C THR H 228 -20.12 -39.73 21.82
N GLN H 229 -21.35 -40.22 21.97
CA GLN H 229 -21.61 -41.33 22.88
C GLN H 229 -21.04 -42.63 22.35
N PHE H 230 -20.83 -43.58 23.25
CA PHE H 230 -20.15 -44.83 22.93
C PHE H 230 -20.78 -45.61 21.78
N ASN H 231 -22.10 -45.58 21.69
CA ASN H 231 -22.80 -46.35 20.68
C ASN H 231 -22.60 -45.81 19.27
N GLU H 232 -22.14 -44.57 19.18
CA GLU H 232 -21.82 -43.96 17.90
C GLU H 232 -20.32 -43.65 17.81
N LEU H 233 -19.54 -44.27 18.68
CA LEU H 233 -18.09 -44.07 18.68
C LEU H 233 -17.44 -44.87 17.56
N LYS H 234 -16.63 -44.20 16.74
CA LYS H 234 -15.98 -44.85 15.60
C LYS H 234 -14.46 -44.95 15.76
N GLY H 235 -13.87 -45.95 15.10
CA GLY H 235 -12.44 -46.23 15.22
C GLY H 235 -11.53 -45.17 14.65
N GLY H 236 -10.22 -45.44 14.70
CA GLY H 236 -9.22 -44.49 14.25
C GLY H 236 -9.17 -44.31 12.75
N VAL H 237 -8.66 -43.16 12.32
CA VAL H 237 -8.53 -42.85 10.90
C VAL H 237 -7.05 -42.82 10.50
N ILE H 238 -6.72 -43.50 9.43
CA ILE H 238 -5.33 -43.60 8.97
C ILE H 238 -5.16 -43.13 7.53
N GLY H 239 -4.61 -41.93 7.36
CA GLY H 239 -4.32 -41.43 6.03
C GLY H 239 -3.00 -41.97 5.51
N GLY H 240 -2.72 -41.73 4.23
CA GLY H 240 -1.47 -42.18 3.64
C GLY H 240 -1.59 -42.52 2.17
N SER H 241 -0.86 -43.55 1.75
CA SER H 241 -0.84 -43.94 0.34
C SER H 241 -0.50 -45.40 0.16
N ILE H 242 -1.23 -46.07 -0.73
CA ILE H 242 -0.98 -47.46 -1.06
C ILE H 242 0.14 -47.53 -2.10
N ILE H 243 1.22 -48.21 -1.74
CA ILE H 243 2.40 -48.25 -2.59
C ILE H 243 2.44 -49.48 -3.50
N GLN H 244 1.73 -50.53 -3.10
CA GLN H 244 1.68 -51.76 -3.88
C GLN H 244 0.58 -52.69 -3.38
N GLY H 245 0.11 -53.57 -4.24
CA GLY H 245 -1.02 -54.45 -3.92
C GLY H 245 -2.29 -53.64 -3.84
N LEU H 246 -3.33 -54.21 -3.24
CA LEU H 246 -4.56 -53.46 -3.05
C LEU H 246 -5.31 -53.89 -1.79
N PHE H 247 -5.94 -52.91 -1.15
CA PHE H 247 -6.72 -53.14 0.06
C PHE H 247 -8.19 -53.01 -0.26
N LYS H 248 -9.03 -53.32 0.73
CA LYS H 248 -10.48 -53.23 0.58
C LYS H 248 -11.19 -53.49 1.90
N VAL H 249 -12.39 -52.93 2.03
CA VAL H 249 -13.16 -53.00 3.27
C VAL H 249 -13.27 -54.43 3.83
N ASP H 250 -13.34 -54.52 5.17
CA ASP H 250 -13.53 -55.78 5.87
C ASP H 250 -12.26 -56.64 5.90
N GLN H 251 -11.18 -56.11 5.32
CA GLN H 251 -9.90 -56.82 5.28
C GLN H 251 -9.14 -56.60 6.59
N GLU H 252 -8.53 -57.67 7.11
CA GLU H 252 -7.75 -57.58 8.34
C GLU H 252 -6.31 -57.19 8.05
N ILE H 253 -5.83 -56.14 8.70
CA ILE H 253 -4.49 -55.61 8.47
C ILE H 253 -3.70 -55.55 9.77
N LYS H 254 -2.55 -54.87 9.71
CA LYS H 254 -1.72 -54.65 10.88
C LYS H 254 -0.76 -53.49 10.64
N VAL H 255 -0.57 -52.67 11.66
CA VAL H 255 0.32 -51.51 11.56
C VAL H 255 1.72 -51.84 12.06
N LEU H 256 2.72 -51.50 11.26
CA LEU H 256 4.11 -51.78 11.59
C LEU H 256 4.91 -50.50 11.73
N PRO H 257 5.92 -50.50 12.62
CA PRO H 257 6.25 -51.65 13.47
C PRO H 257 5.19 -51.89 14.55
N GLY H 258 4.70 -50.82 15.15
CA GLY H 258 3.74 -50.91 16.23
C GLY H 258 4.05 -49.92 17.34
N LEU H 259 3.79 -50.32 18.58
CA LEU H 259 4.08 -49.48 19.74
C LEU H 259 5.05 -50.16 20.70
N ARG H 260 5.84 -49.35 21.40
CA ARG H 260 6.89 -49.86 22.27
C ARG H 260 6.35 -50.73 23.39
N VAL H 261 6.87 -51.96 23.49
CA VAL H 261 6.50 -52.88 24.55
C VAL H 261 7.73 -53.26 25.37
N GLU H 262 7.75 -52.83 26.63
CA GLU H 262 8.92 -52.98 27.48
C GLU H 262 8.76 -54.13 28.48
N LYS H 263 8.36 -55.29 27.99
CA LYS H 263 8.11 -56.45 28.85
C LYS H 263 9.38 -57.11 29.38
N GLN H 264 9.45 -57.27 30.71
CA GLN H 264 10.50 -58.04 31.37
C GLN H 264 11.90 -57.88 30.78
N GLY H 265 12.48 -56.69 30.93
CA GLY H 265 13.85 -56.45 30.50
C GLY H 265 13.98 -56.02 29.06
N LYS H 266 14.20 -56.99 28.17
CA LYS H 266 14.35 -56.72 26.74
C LYS H 266 13.09 -56.08 26.18
N VAL H 267 13.26 -55.14 25.26
CA VAL H 267 12.13 -54.44 24.66
C VAL H 267 11.97 -54.76 23.18
N SER H 268 10.73 -54.72 22.70
CA SER H 268 10.43 -54.99 21.31
C SER H 268 9.21 -54.20 20.85
N TYR H 269 8.83 -54.38 19.59
CA TYR H 269 7.65 -53.73 19.04
C TYR H 269 6.65 -54.76 18.52
N GLU H 270 5.53 -54.88 19.21
CA GLU H 270 4.47 -55.81 18.80
C GLU H 270 3.47 -55.09 17.89
N PRO H 271 3.22 -55.67 16.70
CA PRO H 271 2.35 -55.10 15.67
C PRO H 271 0.93 -54.87 16.18
N ILE H 272 0.21 -53.95 15.52
CA ILE H 272 -1.15 -53.63 15.91
C ILE H 272 -2.15 -54.14 14.87
N PHE H 273 -2.91 -55.17 15.24
CA PHE H 273 -3.82 -55.82 14.31
C PHE H 273 -5.20 -55.15 14.32
N THR H 274 -5.74 -54.88 13.14
CA THR H 274 -7.04 -54.25 13.00
C THR H 274 -7.77 -54.80 11.78
N LYS H 275 -8.86 -54.13 11.41
CA LYS H 275 -9.62 -54.46 10.22
C LYS H 275 -10.08 -53.16 9.58
N ILE H 276 -10.33 -53.20 8.27
CA ILE H 276 -10.75 -52.02 7.54
C ILE H 276 -12.24 -51.77 7.75
N SER H 277 -12.61 -50.48 7.84
CA SER H 277 -13.99 -50.09 8.01
C SER H 277 -14.46 -49.29 6.80
N SER H 278 -13.71 -48.24 6.47
CA SER H 278 -14.07 -47.38 5.35
C SER H 278 -12.84 -47.00 4.53
N ILE H 279 -13.01 -46.98 3.22
CA ILE H 279 -12.00 -46.47 2.30
C ILE H 279 -12.56 -45.19 1.68
N ARG H 280 -11.76 -44.12 1.64
CA ARG H 280 -12.25 -42.86 1.12
C ARG H 280 -11.19 -42.02 0.41
N PHE H 281 -11.30 -41.95 -0.91
CA PHE H 281 -10.44 -41.10 -1.72
C PHE H 281 -11.11 -39.74 -1.95
N GLY H 282 -10.50 -38.68 -1.40
CA GLY H 282 -11.04 -37.35 -1.53
C GLY H 282 -12.33 -37.17 -0.75
N ASP H 283 -13.45 -37.21 -1.44
CA ASP H 283 -14.76 -37.00 -0.80
C ASP H 283 -15.61 -38.27 -0.84
N GLU H 284 -15.42 -39.08 -1.88
CA GLU H 284 -16.30 -40.24 -2.13
C GLU H 284 -15.85 -41.52 -1.42
N GLU H 285 -16.80 -42.39 -1.12
CA GLU H 285 -16.52 -43.64 -0.44
C GLU H 285 -16.29 -44.77 -1.45
N PHE H 286 -15.23 -45.54 -1.22
CA PHE H 286 -14.87 -46.64 -2.10
C PHE H 286 -14.79 -47.95 -1.32
N LYS H 287 -14.73 -49.07 -2.04
CA LYS H 287 -14.73 -50.38 -1.41
C LYS H 287 -13.35 -51.02 -1.51
N GLU H 288 -12.51 -50.49 -2.39
CA GLU H 288 -11.15 -50.98 -2.55
C GLU H 288 -10.16 -49.82 -2.64
N ALA H 289 -8.91 -50.09 -2.26
CA ALA H 289 -7.88 -49.06 -2.27
C ALA H 289 -6.59 -49.52 -2.95
N LYS H 290 -6.53 -49.33 -4.26
CA LYS H 290 -5.31 -49.59 -5.03
C LYS H 290 -4.44 -48.34 -5.07
N PRO H 291 -3.16 -48.50 -5.40
CA PRO H 291 -2.22 -47.37 -5.47
C PRO H 291 -2.72 -46.26 -6.38
N GLY H 292 -2.39 -45.02 -6.02
CA GLY H 292 -2.81 -43.86 -6.80
C GLY H 292 -3.68 -42.93 -6.01
N GLY H 293 -3.21 -41.71 -5.80
CA GLY H 293 -3.91 -40.74 -4.99
C GLY H 293 -3.77 -41.03 -3.50
N LEU H 294 -4.02 -40.02 -2.68
CA LEU H 294 -3.91 -40.15 -1.23
C LEU H 294 -5.20 -40.69 -0.63
N VAL H 295 -5.08 -41.73 0.19
CA VAL H 295 -6.25 -42.44 0.72
C VAL H 295 -6.43 -42.24 2.23
N ALA H 296 -7.68 -42.27 2.67
CA ALA H 296 -8.00 -42.25 4.09
C ALA H 296 -8.64 -43.57 4.48
N ILE H 297 -8.08 -44.22 5.49
CA ILE H 297 -8.52 -45.56 5.88
C ILE H 297 -9.21 -45.58 7.24
N GLY H 298 -10.46 -46.02 7.26
CA GLY H 298 -11.19 -46.22 8.50
C GLY H 298 -10.86 -47.56 9.11
N THR H 299 -10.81 -47.61 10.43
CA THR H 299 -10.45 -48.84 11.13
C THR H 299 -11.32 -49.07 12.37
N TYR H 300 -11.03 -50.16 13.08
CA TYR H 300 -11.71 -50.49 14.32
C TYR H 300 -10.82 -50.21 15.52
N LEU H 301 -9.85 -49.33 15.32
CA LEU H 301 -8.86 -49.02 16.35
C LEU H 301 -9.39 -48.07 17.41
N ASP H 302 -8.85 -48.21 18.62
CA ASP H 302 -9.10 -47.24 19.68
C ASP H 302 -8.54 -45.90 19.22
N PRO H 303 -9.40 -44.87 19.17
CA PRO H 303 -9.03 -43.54 18.71
C PRO H 303 -7.89 -42.93 19.52
N SER H 304 -7.55 -43.55 20.64
CA SER H 304 -6.48 -43.07 21.49
C SER H 304 -5.12 -43.48 20.93
N LEU H 305 -5.14 -44.34 19.91
CA LEU H 305 -3.91 -44.80 19.28
C LEU H 305 -3.59 -44.00 18.03
N THR H 306 -4.61 -43.73 17.22
CA THR H 306 -4.44 -43.01 15.96
C THR H 306 -4.64 -41.51 16.16
N LYS H 307 -4.51 -41.06 17.40
CA LYS H 307 -4.73 -39.65 17.72
C LYS H 307 -3.51 -38.80 17.44
N ALA H 308 -3.75 -37.61 16.90
CA ALA H 308 -2.71 -36.61 16.64
C ALA H 308 -1.47 -37.16 15.92
N ASP H 309 -1.70 -37.95 14.88
CA ASP H 309 -0.62 -38.48 14.04
C ASP H 309 0.35 -39.37 14.83
N ASN H 310 -0.16 -40.10 15.80
CA ASN H 310 0.66 -41.07 16.53
C ASN H 310 1.04 -42.21 15.60
N LEU H 311 0.46 -42.23 14.41
CA LEU H 311 0.70 -43.29 13.44
C LEU H 311 1.54 -42.84 12.24
N LEU H 312 1.89 -41.56 12.22
CA LEU H 312 2.75 -41.01 11.17
C LEU H 312 4.09 -41.75 11.12
N GLY H 313 4.38 -42.35 9.96
CA GLY H 313 5.62 -43.08 9.77
C GLY H 313 5.39 -44.57 9.60
N SER H 314 4.51 -45.12 10.42
CA SER H 314 4.20 -46.55 10.38
C SER H 314 3.68 -46.96 9.00
N ILE H 315 3.82 -48.24 8.68
CA ILE H 315 3.26 -48.76 7.44
C ILE H 315 2.33 -49.94 7.74
N ILE H 316 1.31 -50.09 6.92
CA ILE H 316 0.30 -51.13 7.15
C ILE H 316 0.38 -52.22 6.08
N THR H 317 0.25 -53.47 6.52
CA THR H 317 0.14 -54.60 5.63
C THR H 317 -1.01 -55.49 6.10
N LEU H 318 -1.32 -56.52 5.33
CA LEU H 318 -2.34 -57.48 5.75
C LEU H 318 -1.92 -58.13 7.07
N ALA H 319 -2.91 -58.45 7.90
CA ALA H 319 -2.65 -59.05 9.21
C ALA H 319 -1.73 -60.25 9.12
N ASP H 320 -1.91 -61.06 8.08
CA ASP H 320 -1.15 -62.28 7.91
C ASP H 320 0.05 -62.12 6.98
N ALA H 321 0.48 -60.88 6.77
CA ALA H 321 1.63 -60.60 5.92
C ALA H 321 2.93 -61.03 6.61
N GLU H 322 4.01 -61.10 5.84
CA GLU H 322 5.30 -61.52 6.38
C GLU H 322 6.37 -60.44 6.18
N VAL H 323 6.28 -59.36 6.94
CA VAL H 323 7.20 -58.23 6.80
C VAL H 323 8.24 -58.17 7.91
N PRO H 324 9.52 -58.18 7.54
CA PRO H 324 10.65 -58.07 8.47
C PRO H 324 10.70 -56.72 9.16
N VAL H 325 10.76 -56.73 10.49
CA VAL H 325 10.94 -55.51 11.27
C VAL H 325 12.15 -55.64 12.20
N LEU H 326 13.12 -54.76 12.03
CA LEU H 326 14.39 -54.84 12.75
C LEU H 326 14.86 -53.48 13.25
N TRP H 327 15.86 -53.49 14.13
CA TRP H 327 16.43 -52.26 14.65
C TRP H 327 17.67 -51.88 13.85
N ASN H 328 18.78 -52.56 14.13
CA ASN H 328 20.04 -52.32 13.43
C ASN H 328 19.96 -52.71 11.95
N ILE H 329 20.13 -51.72 11.08
CA ILE H 329 19.98 -51.94 9.65
C ILE H 329 21.32 -52.18 8.97
N ARG H 330 21.31 -52.12 7.64
CA ARG H 330 22.51 -52.28 6.85
C ARG H 330 22.40 -51.51 5.55
N ILE H 331 22.47 -50.18 5.66
CA ILE H 331 22.34 -49.29 4.50
C ILE H 331 23.58 -49.31 3.61
N LYS H 332 23.38 -49.44 2.31
CA LYS H 332 24.47 -49.34 1.34
C LYS H 332 24.41 -48.00 0.62
N TYR H 333 24.76 -46.95 1.36
CA TYR H 333 24.57 -45.57 0.90
C TYR H 333 25.38 -45.19 -0.33
N ASN H 334 25.00 -44.07 -0.93
CA ASN H 334 25.75 -43.48 -2.04
C ASN H 334 26.22 -42.07 -1.66
N LEU H 335 25.64 -41.52 -0.60
CA LEU H 335 26.02 -40.20 -0.07
C LEU H 335 25.81 -39.07 -1.08
N LEU H 336 26.12 -37.85 -0.66
CA LEU H 336 25.91 -36.68 -1.50
C LEU H 336 27.23 -36.02 -1.91
N GLU H 337 27.23 -35.36 -3.07
CA GLU H 337 28.45 -34.75 -3.61
C GLU H 337 28.54 -33.26 -3.29
N ARG H 338 27.42 -32.55 -3.39
CA ARG H 338 27.39 -31.11 -3.13
C ARG H 338 26.09 -30.70 -2.46
N VAL H 339 26.15 -30.43 -1.16
CA VAL H 339 24.97 -29.99 -0.41
C VAL H 339 24.70 -28.50 -0.60
N VAL H 340 23.67 -28.19 -1.38
CA VAL H 340 23.29 -26.81 -1.61
C VAL H 340 22.53 -26.26 -0.39
N GLY H 341 23.28 -25.74 0.57
CA GLY H 341 22.67 -25.22 1.79
C GLY H 341 23.50 -24.13 2.42
N ALA H 342 24.82 -24.19 2.19
CA ALA H 342 25.74 -23.19 2.71
C ALA H 342 25.72 -21.94 1.84
N LYS H 343 26.89 -21.55 1.35
CA LYS H 343 27.00 -20.38 0.48
C LYS H 343 26.34 -20.66 -0.87
N GLU H 344 27.11 -21.24 -1.79
CA GLU H 344 26.57 -21.65 -3.08
C GLU H 344 26.16 -23.12 -3.03
N MET H 345 27.13 -24.00 -3.26
CA MET H 345 26.88 -25.45 -3.23
C MET H 345 27.95 -26.15 -2.41
N LEU H 346 28.42 -27.30 -2.91
CA LEU H 346 29.48 -28.06 -2.24
C LEU H 346 29.21 -28.25 -0.75
N LYS H 347 30.28 -28.22 0.04
CA LYS H 347 30.18 -28.35 1.50
C LYS H 347 29.76 -29.77 1.91
N VAL H 348 30.65 -30.73 1.71
CA VAL H 348 30.36 -32.12 2.03
C VAL H 348 31.53 -32.82 2.71
N ASP H 349 31.32 -34.06 3.13
CA ASP H 349 32.38 -34.88 3.71
C ASP H 349 31.99 -36.36 3.75
N PRO H 350 32.96 -37.25 3.49
CA PRO H 350 32.72 -38.70 3.62
C PRO H 350 32.25 -39.02 5.03
N ILE H 351 31.23 -39.87 5.15
CA ILE H 351 30.65 -40.18 6.45
C ILE H 351 31.67 -40.70 7.44
N ARG H 352 31.70 -40.10 8.62
CA ARG H 352 32.63 -40.54 9.68
C ARG H 352 32.14 -41.80 10.38
N ALA H 353 32.53 -41.94 11.65
CA ALA H 353 32.23 -43.15 12.40
C ALA H 353 30.92 -43.05 13.18
N LYS H 354 30.99 -43.28 14.49
CA LYS H 354 29.82 -43.25 15.34
C LYS H 354 29.36 -41.83 15.63
N GLU H 355 28.71 -41.21 14.65
CA GLU H 355 28.17 -39.87 14.82
C GLU H 355 26.65 -39.93 14.91
N THR H 356 26.08 -39.07 15.75
CA THR H 356 24.63 -39.03 15.93
C THR H 356 23.93 -38.41 14.72
N LEU H 357 23.10 -39.19 14.06
CA LEU H 357 22.37 -38.72 12.87
C LEU H 357 20.90 -39.13 12.89
N MET H 358 20.25 -39.10 11.73
CA MET H 358 18.84 -39.41 11.63
C MET H 358 18.47 -39.95 10.24
N LEU H 359 18.22 -41.26 10.17
CA LEU H 359 17.82 -41.89 8.91
C LEU H 359 16.32 -41.68 8.67
N SER H 360 15.89 -41.93 7.45
CA SER H 360 14.48 -41.78 7.10
C SER H 360 14.05 -42.75 6.01
N VAL H 361 13.40 -43.84 6.41
CA VAL H 361 12.84 -44.79 5.47
C VAL H 361 11.32 -44.60 5.38
N GLY H 362 10.82 -44.45 4.16
CA GLY H 362 9.41 -44.15 3.96
C GLY H 362 9.05 -42.85 4.65
N SER H 363 8.38 -42.95 5.79
CA SER H 363 8.01 -41.77 6.56
C SER H 363 8.72 -41.79 7.93
N SER H 364 9.21 -42.95 8.32
CA SER H 364 9.86 -43.10 9.62
C SER H 364 11.21 -42.40 9.69
N THR H 365 11.46 -41.77 10.83
CA THR H 365 12.73 -41.06 11.06
C THR H 365 13.29 -41.44 12.43
N THR H 366 14.37 -42.19 12.43
CA THR H 366 14.96 -42.67 13.69
C THR H 366 16.30 -42.00 14.00
N LEU H 367 16.58 -41.83 15.28
CA LEU H 367 17.84 -41.23 15.72
C LEU H 367 18.92 -42.30 15.89
N GLY H 368 18.79 -43.40 15.14
CA GLY H 368 19.76 -44.47 15.18
C GLY H 368 21.15 -44.00 14.80
N ILE H 369 22.13 -44.28 15.67
CA ILE H 369 23.50 -43.84 15.45
C ILE H 369 24.33 -44.85 14.67
N VAL H 370 24.91 -44.40 13.55
CA VAL H 370 25.73 -45.26 12.71
C VAL H 370 26.95 -45.80 13.47
N THR H 371 27.36 -47.01 13.12
CA THR H 371 28.49 -47.66 13.79
C THR H 371 29.71 -47.77 12.87
N SER H 372 29.61 -48.64 11.86
CA SER H 372 30.73 -48.87 10.95
C SER H 372 30.50 -48.27 9.58
N VAL H 373 31.60 -47.97 8.88
CA VAL H 373 31.52 -47.39 7.54
C VAL H 373 32.61 -47.97 6.64
N LYS H 374 32.21 -48.45 5.46
CA LYS H 374 33.14 -48.95 4.47
C LYS H 374 33.12 -48.06 3.24
N LYS H 375 32.34 -48.47 2.23
CA LYS H 375 32.09 -47.66 1.05
C LYS H 375 30.59 -47.53 0.85
N ASP H 376 29.88 -48.63 1.07
CA ASP H 376 28.43 -48.65 1.05
C ASP H 376 27.89 -49.25 2.34
N GLU H 377 28.21 -50.51 2.59
CA GLU H 377 27.68 -51.24 3.72
C GLU H 377 27.98 -50.57 5.06
N ILE H 378 26.97 -49.95 5.65
CA ILE H 378 27.09 -49.39 6.99
C ILE H 378 26.05 -50.01 7.91
N GLU H 379 26.41 -50.20 9.17
CA GLU H 379 25.51 -50.78 10.17
C GLU H 379 25.06 -49.72 11.16
N VAL H 380 23.75 -49.50 11.25
CA VAL H 380 23.21 -48.46 12.13
C VAL H 380 22.18 -49.01 13.12
N GLU H 381 22.45 -48.85 14.41
CA GLU H 381 21.51 -49.27 15.46
C GLU H 381 20.42 -48.23 15.68
N LEU H 382 19.26 -48.46 15.07
CA LEU H 382 18.14 -47.53 15.13
C LEU H 382 17.42 -47.59 16.48
N ARG H 383 16.98 -46.44 16.97
CA ARG H 383 16.27 -46.35 18.24
C ARG H 383 14.83 -46.86 18.12
N ARG H 384 14.26 -46.70 16.94
CA ARG H 384 12.93 -47.22 16.65
C ARG H 384 12.99 -48.14 15.44
N PRO H 385 12.53 -49.39 15.61
CA PRO H 385 12.62 -50.42 14.56
C PRO H 385 11.97 -49.95 13.25
N VAL H 386 12.37 -50.57 12.15
CA VAL H 386 11.80 -50.26 10.85
C VAL H 386 11.46 -51.54 10.08
N ALA H 387 10.28 -51.57 9.49
CA ALA H 387 9.86 -52.70 8.68
C ALA H 387 10.30 -52.49 7.24
N VAL H 388 10.63 -53.58 6.55
CA VAL H 388 11.01 -53.51 5.14
C VAL H 388 10.17 -54.47 4.31
N TRP H 389 9.26 -53.92 3.51
CA TRP H 389 8.35 -54.74 2.71
C TRP H 389 9.06 -55.43 1.54
N SER H 390 9.51 -54.64 0.58
CA SER H 390 10.15 -55.17 -0.62
C SER H 390 11.64 -55.37 -0.40
N ASN H 391 12.44 -54.95 -1.37
CA ASN H 391 13.90 -55.07 -1.28
C ASN H 391 14.60 -53.78 -1.68
N ASN H 392 13.89 -52.96 -2.45
CA ASN H 392 14.44 -51.70 -2.96
C ASN H 392 13.90 -50.50 -2.18
N ILE H 393 14.51 -50.21 -1.04
CA ILE H 393 14.04 -49.14 -0.17
C ILE H 393 15.13 -48.11 0.11
N ARG H 394 14.82 -46.84 -0.16
CA ARG H 394 15.79 -45.76 0.05
C ARG H 394 15.64 -45.14 1.44
N THR H 395 16.58 -44.26 1.77
CA THR H 395 16.55 -43.56 3.06
C THR H 395 17.40 -42.28 3.01
N VAL H 396 16.74 -41.13 3.11
CA VAL H 396 17.45 -39.86 3.17
C VAL H 396 18.12 -39.71 4.53
N ILE H 397 19.34 -39.20 4.51
CA ILE H 397 20.15 -39.15 5.72
C ILE H 397 20.12 -37.77 6.37
N SER H 398 20.64 -37.67 7.59
CA SER H 398 20.66 -36.42 8.33
C SER H 398 21.67 -36.45 9.48
N ARG H 399 22.96 -36.44 9.13
CA ARG H 399 24.03 -36.45 10.13
C ARG H 399 24.28 -35.08 10.74
N GLN H 400 23.44 -34.12 10.39
CA GLN H 400 23.56 -32.76 10.92
C GLN H 400 22.37 -32.41 11.82
N ILE H 401 22.50 -32.72 13.11
CA ILE H 401 21.48 -32.37 14.09
C ILE H 401 21.79 -31.00 14.70
N ALA H 402 23.06 -30.63 14.70
CA ALA H 402 23.50 -29.34 15.21
C ALA H 402 23.59 -28.30 14.11
N GLY H 403 22.56 -28.25 13.26
CA GLY H 403 22.52 -27.32 12.16
C GLY H 403 21.32 -27.57 11.26
N ARG H 404 21.57 -27.68 9.95
CA ARG H 404 20.50 -27.93 9.00
C ARG H 404 20.48 -29.42 8.62
N TRP H 405 19.31 -30.04 8.78
CA TRP H 405 19.14 -31.47 8.55
C TRP H 405 18.89 -31.78 7.07
N ARG H 406 19.77 -31.34 6.19
CA ARG H 406 19.64 -31.64 4.76
C ARG H 406 19.74 -33.15 4.50
N MET H 407 19.43 -33.56 3.28
CA MET H 407 19.43 -34.97 2.93
C MET H 407 20.83 -35.59 3.04
N ILE H 408 21.84 -34.77 2.79
CA ILE H 408 23.25 -35.17 2.90
C ILE H 408 23.52 -36.65 2.60
N GLY H 409 23.12 -37.08 1.42
CA GLY H 409 23.32 -38.46 1.01
C GLY H 409 22.06 -39.31 1.13
N TRP H 410 22.19 -40.60 0.83
CA TRP H 410 21.07 -41.52 0.88
C TRP H 410 21.51 -42.96 0.67
N GLY H 411 20.95 -43.88 1.46
CA GLY H 411 21.30 -45.29 1.36
C GLY H 411 20.15 -46.16 0.89
N LEU H 412 20.37 -47.47 0.90
CA LEU H 412 19.33 -48.41 0.48
C LEU H 412 19.03 -49.45 1.56
N VAL H 413 18.90 -50.72 1.16
CA VAL H 413 18.51 -51.77 2.09
C VAL H 413 19.16 -53.11 1.75
N GLU H 414 19.73 -53.75 2.76
CA GLU H 414 20.36 -55.05 2.59
C GLU H 414 19.85 -56.07 3.63
N ILE H 415 20.65 -56.33 4.65
CA ILE H 415 20.31 -57.33 5.65
C ILE H 415 19.84 -56.69 6.96
N MET I 1 13.15 -61.02 -34.09
CA MET I 1 13.10 -62.26 -34.85
C MET I 1 12.58 -63.42 -33.99
N ILE I 2 12.05 -64.45 -34.64
CA ILE I 2 11.40 -65.56 -33.94
C ILE I 2 12.12 -66.89 -34.11
N TYR I 3 12.14 -67.69 -33.05
CA TYR I 3 12.74 -69.03 -33.11
C TYR I 3 11.82 -70.09 -32.50
N SER I 4 12.24 -71.35 -32.59
CA SER I 4 11.47 -72.47 -32.06
C SER I 4 12.34 -73.45 -31.29
N ARG I 5 11.77 -74.03 -30.23
CA ARG I 5 12.48 -74.96 -29.36
C ARG I 5 12.58 -76.35 -29.97
N SER I 6 11.55 -76.74 -30.72
CA SER I 6 11.53 -78.03 -31.41
C SER I 6 12.65 -78.10 -32.44
N LYS I 7 13.48 -79.14 -32.35
CA LYS I 7 14.55 -79.35 -33.32
C LYS I 7 13.97 -79.34 -34.73
N LEU I 8 12.86 -80.05 -34.90
CA LEU I 8 12.12 -80.09 -36.16
C LEU I 8 10.62 -80.08 -35.88
N PRO I 9 9.85 -79.54 -36.84
CA PRO I 9 8.39 -79.44 -36.73
C PRO I 9 7.71 -80.80 -36.60
N SER I 10 6.42 -80.78 -36.29
CA SER I 10 5.61 -81.99 -36.27
C SER I 10 4.76 -82.04 -37.53
N GLU I 11 4.50 -83.24 -38.04
CA GLU I 11 3.70 -83.39 -39.24
C GLU I 11 2.28 -82.84 -39.05
N GLY I 12 1.83 -82.04 -40.01
CA GLY I 12 0.50 -81.46 -39.94
C GLY I 12 0.47 -80.12 -39.24
N GLU I 13 1.62 -79.67 -38.77
CA GLU I 13 1.73 -78.40 -38.05
C GLU I 13 1.70 -77.22 -39.01
N ILE I 14 0.55 -76.54 -39.07
CA ILE I 14 0.37 -75.39 -39.94
C ILE I 14 1.27 -74.22 -39.53
N LEU I 15 2.18 -73.86 -40.42
CA LEU I 15 3.12 -72.78 -40.15
C LEU I 15 3.09 -71.75 -41.26
N ILE I 16 3.72 -70.60 -41.02
CA ILE I 16 3.85 -69.58 -42.05
C ILE I 16 5.31 -69.44 -42.45
N ALA I 17 5.56 -69.18 -43.73
CA ALA I 17 6.92 -69.09 -44.24
C ALA I 17 7.07 -68.10 -45.38
N THR I 18 8.32 -67.75 -45.70
CA THR I 18 8.63 -66.83 -46.79
C THR I 18 9.27 -67.57 -47.97
N VAL I 19 8.73 -67.33 -49.17
CA VAL I 19 9.24 -67.95 -50.38
C VAL I 19 10.70 -67.58 -50.62
N LYS I 20 11.58 -68.58 -50.62
CA LYS I 20 13.01 -68.36 -50.82
C LYS I 20 13.40 -68.50 -52.30
N GLN I 21 13.20 -69.69 -52.86
CA GLN I 21 13.54 -69.94 -54.27
C GLN I 21 12.44 -70.69 -55.02
N VAL I 22 12.03 -70.13 -56.16
CA VAL I 22 10.94 -70.71 -56.95
C VAL I 22 11.46 -71.50 -58.15
N PHE I 23 10.80 -72.60 -58.45
CA PHE I 23 11.20 -73.46 -59.56
C PHE I 23 9.98 -74.09 -60.23
N ASP I 24 10.22 -74.87 -61.27
CA ASP I 24 9.13 -75.53 -61.97
C ASP I 24 8.68 -76.76 -61.22
N TYR I 25 9.62 -77.45 -60.59
CA TYR I 25 9.32 -78.71 -59.91
C TYR I 25 8.98 -78.50 -58.44
N GLY I 26 8.94 -77.24 -58.01
CA GLY I 26 8.64 -76.93 -56.62
C GLY I 26 9.01 -75.52 -56.21
N SER I 27 9.48 -75.37 -54.97
CA SER I 27 9.82 -74.07 -54.39
C SER I 27 10.33 -74.21 -52.96
N TYR I 28 11.62 -73.93 -52.75
CA TYR I 28 12.20 -73.96 -51.42
C TYR I 28 11.69 -72.78 -50.60
N VAL I 29 11.54 -72.98 -49.30
CA VAL I 29 10.94 -71.96 -48.45
C VAL I 29 11.78 -71.65 -47.21
N SER I 30 11.19 -70.87 -46.31
CA SER I 30 11.86 -70.45 -45.09
C SER I 30 10.83 -70.28 -43.97
N LEU I 31 10.73 -71.29 -43.12
CA LEU I 31 9.77 -71.29 -42.01
C LEU I 31 10.18 -70.32 -40.91
N ASP I 32 9.58 -69.14 -40.90
CA ASP I 32 9.98 -68.07 -39.98
C ASP I 32 9.94 -68.47 -38.51
N GLU I 33 9.04 -69.38 -38.16
CA GLU I 33 8.85 -69.79 -36.77
C GLU I 33 10.02 -70.58 -36.22
N TYR I 34 10.65 -71.40 -37.05
CA TYR I 34 11.75 -72.26 -36.61
C TYR I 34 13.13 -71.64 -36.90
N GLY I 35 13.14 -70.35 -37.20
CA GLY I 35 14.39 -69.65 -37.46
C GLY I 35 14.67 -69.46 -38.94
N GLY I 36 13.73 -69.91 -39.77
CA GLY I 36 13.90 -69.82 -41.21
C GLY I 36 14.31 -71.16 -41.79
N LEU I 37 13.85 -72.23 -41.17
CA LEU I 37 14.19 -73.59 -41.60
C LEU I 37 13.85 -73.79 -43.08
N GLN I 38 14.76 -74.43 -43.79
CA GLN I 38 14.57 -74.70 -45.22
C GLN I 38 13.48 -75.74 -45.42
N ALA I 39 12.27 -75.27 -45.71
CA ALA I 39 11.19 -76.16 -46.07
C ALA I 39 11.28 -76.48 -47.56
N PHE I 40 10.18 -76.97 -48.12
CA PHE I 40 10.14 -77.29 -49.54
C PHE I 40 8.73 -77.60 -50.02
N LEU I 41 8.19 -76.74 -50.88
CA LEU I 41 6.85 -76.93 -51.43
C LEU I 41 6.91 -77.37 -52.88
N PRO I 42 6.71 -78.68 -53.12
CA PRO I 42 6.70 -79.24 -54.48
C PRO I 42 5.65 -78.58 -55.35
N TRP I 43 5.86 -78.58 -56.66
CA TRP I 43 4.92 -77.98 -57.59
C TRP I 43 3.54 -78.61 -57.44
N SER I 44 3.51 -79.94 -57.43
CA SER I 44 2.26 -80.68 -57.27
C SER I 44 1.63 -80.41 -55.90
N GLU I 45 2.46 -80.06 -54.92
CA GLU I 45 1.99 -79.80 -53.58
C GLU I 45 1.57 -78.34 -53.39
N VAL I 46 1.97 -77.47 -54.32
CA VAL I 46 1.54 -76.09 -54.32
C VAL I 46 0.03 -76.04 -54.49
N SER I 47 -0.48 -76.95 -55.32
CA SER I 47 -1.92 -77.09 -55.53
C SER I 47 -2.21 -78.36 -56.32
N SER I 48 -2.14 -78.26 -57.64
CA SER I 48 -2.31 -79.40 -58.53
C SER I 48 -2.02 -79.01 -59.97
N LYS I 49 -2.56 -79.77 -60.92
CA LYS I 49 -2.35 -79.49 -62.34
C LYS I 49 -3.20 -78.31 -62.82
N TRP I 50 -2.87 -77.12 -62.33
CA TRP I 50 -3.53 -75.89 -62.78
C TRP I 50 -2.68 -74.66 -62.48
N VAL I 51 -1.36 -74.83 -62.52
CA VAL I 51 -0.45 -73.71 -62.29
C VAL I 51 0.45 -73.49 -63.51
N LYS I 52 -0.01 -72.64 -64.42
CA LYS I 52 0.76 -72.31 -65.62
C LYS I 52 1.99 -71.49 -65.23
N ASN I 53 1.76 -70.34 -64.59
CA ASN I 53 2.85 -69.52 -64.07
C ASN I 53 2.99 -69.66 -62.56
N ILE I 54 3.92 -70.50 -62.13
CA ILE I 54 4.18 -70.69 -60.71
C ILE I 54 4.89 -69.47 -60.13
N ARG I 55 5.44 -68.64 -61.01
CA ARG I 55 6.13 -67.43 -60.59
C ARG I 55 5.16 -66.31 -60.21
N ASP I 56 3.89 -66.48 -60.57
CA ASP I 56 2.86 -65.50 -60.26
C ASP I 56 2.17 -65.83 -58.94
N VAL I 57 2.55 -66.96 -58.36
CA VAL I 57 1.96 -67.42 -57.11
C VAL I 57 3.00 -67.34 -55.98
N LEU I 58 4.26 -67.57 -56.33
CA LEU I 58 5.33 -67.52 -55.34
C LEU I 58 6.43 -66.54 -55.75
N LYS I 59 6.61 -65.49 -54.97
CA LYS I 59 7.63 -64.48 -55.24
C LYS I 59 8.48 -64.26 -53.99
N GLU I 60 9.48 -63.40 -54.11
CA GLU I 60 10.42 -63.16 -53.00
C GLU I 60 9.76 -62.50 -51.79
N ASN I 61 10.06 -63.03 -50.62
CA ASN I 61 9.60 -62.47 -49.34
C ASN I 61 8.09 -62.50 -49.09
N ARG I 62 7.30 -62.78 -50.12
CA ARG I 62 5.84 -62.83 -49.92
C ARG I 62 5.52 -64.09 -49.11
N LYS I 63 4.92 -63.88 -47.94
CA LYS I 63 4.65 -64.97 -47.02
C LYS I 63 3.36 -65.69 -47.37
N VAL I 64 3.41 -67.02 -47.33
CA VAL I 64 2.22 -67.84 -47.51
C VAL I 64 2.09 -68.81 -46.35
N ILE I 65 0.92 -69.42 -46.22
CA ILE I 65 0.70 -70.37 -45.13
C ILE I 65 0.51 -71.78 -45.68
N VAL I 66 1.37 -72.69 -45.22
CA VAL I 66 1.36 -74.06 -45.69
C VAL I 66 1.29 -75.04 -44.52
N LYS I 67 0.84 -76.26 -44.81
CA LYS I 67 0.81 -77.31 -43.81
C LYS I 67 1.91 -78.34 -44.09
N VAL I 68 2.73 -78.61 -43.07
CA VAL I 68 3.86 -79.53 -43.22
C VAL I 68 3.41 -80.93 -43.63
N ILE I 69 4.02 -81.46 -44.69
CA ILE I 69 3.70 -82.80 -45.16
C ILE I 69 4.33 -83.86 -44.25
N ARG I 70 5.65 -83.96 -44.29
CA ARG I 70 6.35 -84.87 -43.38
C ARG I 70 7.77 -84.39 -43.08
N VAL I 71 8.43 -85.06 -42.15
CA VAL I 71 9.74 -84.65 -41.69
C VAL I 71 10.71 -85.82 -41.61
N ASP I 72 11.95 -85.59 -42.05
CA ASP I 72 13.00 -86.59 -41.92
C ASP I 72 13.97 -86.15 -40.83
N ARG I 73 13.61 -86.45 -39.58
CA ARG I 73 14.40 -86.05 -38.42
C ARG I 73 15.74 -86.79 -38.34
N ARG I 74 15.97 -87.70 -39.28
CA ARG I 74 17.22 -88.44 -39.35
C ARG I 74 18.34 -87.55 -39.88
N LYS I 75 18.10 -86.94 -41.04
CA LYS I 75 19.07 -86.04 -41.66
C LYS I 75 18.84 -84.60 -41.22
N GLY I 76 17.66 -84.06 -41.53
CA GLY I 76 17.31 -82.71 -41.15
C GLY I 76 16.73 -81.87 -42.28
N THR I 77 15.62 -82.34 -42.85
CA THR I 77 14.96 -81.64 -43.94
C THR I 77 13.45 -81.86 -43.88
N VAL I 78 12.69 -80.80 -44.15
CA VAL I 78 11.23 -80.89 -44.15
C VAL I 78 10.64 -80.46 -45.49
N ASP I 79 9.55 -81.12 -45.88
CA ASP I 79 8.82 -80.78 -47.10
C ASP I 79 7.38 -80.43 -46.73
N VAL I 80 6.89 -79.31 -47.26
CA VAL I 80 5.56 -78.81 -46.91
C VAL I 80 4.61 -78.77 -48.10
N SER I 81 3.36 -78.42 -47.85
CA SER I 81 2.35 -78.33 -48.90
C SER I 81 1.39 -77.17 -48.65
N LEU I 82 0.97 -76.51 -49.71
CA LEU I 82 0.04 -75.39 -49.58
C LEU I 82 -1.38 -75.84 -49.93
N LYS I 83 -1.50 -76.96 -50.62
CA LYS I 83 -2.81 -77.50 -51.01
C LYS I 83 -3.47 -78.15 -49.80
N LYS I 84 -2.68 -78.83 -48.98
CA LYS I 84 -3.18 -79.51 -47.81
C LYS I 84 -3.59 -78.53 -46.71
N VAL I 85 -3.58 -77.24 -47.05
CA VAL I 85 -4.04 -76.19 -46.16
C VAL I 85 -5.55 -75.97 -46.33
N THR I 86 -6.30 -76.06 -45.24
CA THR I 86 -7.75 -75.94 -45.27
C THR I 86 -8.18 -74.48 -45.36
N ASP I 87 -9.42 -74.19 -44.95
CA ASP I 87 -9.95 -72.84 -45.00
C ASP I 87 -9.90 -72.14 -43.65
N ASP I 88 -10.71 -72.60 -42.70
CA ASP I 88 -10.72 -72.01 -41.37
C ASP I 88 -9.43 -72.32 -40.62
N GLU I 89 -8.73 -73.37 -41.07
CA GLU I 89 -7.45 -73.75 -40.49
C GLU I 89 -6.36 -72.84 -41.04
N ARG I 90 -6.76 -71.91 -41.90
CA ARG I 90 -5.84 -70.96 -42.52
C ARG I 90 -6.16 -69.54 -42.08
N ARG I 91 -7.45 -69.25 -41.90
CA ARG I 91 -7.89 -67.91 -41.51
C ARG I 91 -7.66 -67.66 -40.03
N LYS I 92 -7.60 -68.74 -39.26
CA LYS I 92 -7.34 -68.62 -37.83
C LYS I 92 -5.84 -68.49 -37.56
N LYS I 93 -5.03 -68.89 -38.54
CA LYS I 93 -3.58 -68.77 -38.44
C LYS I 93 -3.18 -67.33 -38.74
N ASN I 94 -4.07 -66.59 -39.41
CA ASN I 94 -3.84 -65.18 -39.69
C ASN I 94 -3.78 -64.36 -38.41
N LEU I 95 -4.57 -64.78 -37.44
CA LEU I 95 -4.69 -64.05 -36.18
C LEU I 95 -3.52 -64.37 -35.24
N GLN I 96 -3.18 -65.65 -35.11
CA GLN I 96 -2.08 -66.05 -34.25
C GLN I 96 -0.73 -65.58 -34.81
N TRP I 97 -0.57 -65.60 -36.13
CA TRP I 97 0.59 -65.00 -36.74
C TRP I 97 0.40 -63.48 -36.79
N LYS I 98 0.18 -62.90 -35.61
CA LYS I 98 -0.04 -61.47 -35.46
C LYS I 98 0.02 -61.24 -33.97
N LYS I 99 -0.27 -62.31 -33.24
CA LYS I 99 -0.02 -62.38 -31.81
C LYS I 99 1.46 -62.73 -31.63
N ILE I 100 1.99 -63.51 -32.57
CA ILE I 100 3.41 -63.84 -32.59
C ILE I 100 4.16 -62.68 -33.24
N GLN I 101 3.48 -61.98 -34.14
CA GLN I 101 4.01 -60.76 -34.73
C GLN I 101 4.12 -59.71 -33.63
N ARG I 102 3.42 -59.97 -32.54
CA ARG I 102 3.43 -59.09 -31.38
C ARG I 102 4.45 -59.59 -30.37
N LEU I 103 4.34 -60.87 -30.02
CA LEU I 103 5.25 -61.50 -29.05
C LEU I 103 6.72 -61.31 -29.43
N ASP I 104 7.01 -61.44 -30.72
CA ASP I 104 8.37 -61.21 -31.21
C ASP I 104 8.81 -59.80 -30.85
N LYS I 105 8.06 -58.82 -31.34
CA LYS I 105 8.36 -57.42 -31.09
C LYS I 105 8.57 -57.13 -29.61
N ILE I 106 7.85 -57.85 -28.75
CA ILE I 106 8.01 -57.70 -27.31
C ILE I 106 9.40 -58.16 -26.88
N LEU I 107 9.66 -59.46 -27.03
CA LEU I 107 10.93 -60.04 -26.60
C LEU I 107 12.09 -59.46 -27.39
N GLU I 108 11.81 -59.03 -28.62
CA GLU I 108 12.81 -58.46 -29.50
C GLU I 108 13.30 -57.09 -29.02
N LEU I 109 12.42 -56.38 -28.31
CA LEU I 109 12.74 -55.03 -27.85
C LEU I 109 12.57 -54.87 -26.34
N VAL I 110 12.37 -55.98 -25.65
CA VAL I 110 12.36 -55.99 -24.18
C VAL I 110 13.80 -56.19 -23.69
N SER I 111 14.54 -57.04 -24.40
CA SER I 111 15.95 -57.26 -24.11
C SER I 111 16.74 -55.99 -24.37
N GLN I 112 16.10 -55.02 -25.02
CA GLN I 112 16.68 -53.70 -25.22
C GLN I 112 17.01 -53.09 -23.87
N LYS I 113 15.98 -52.82 -23.07
CA LYS I 113 16.18 -52.38 -21.69
C LYS I 113 16.78 -53.55 -20.91
N LEU I 114 17.78 -53.26 -20.08
CA LEU I 114 18.55 -54.30 -19.42
C LEU I 114 19.20 -55.18 -20.49
N LYS I 115 20.10 -54.61 -21.28
CA LYS I 115 20.84 -55.21 -22.42
C LYS I 115 21.14 -56.71 -22.37
N LEU I 116 20.26 -57.49 -22.97
CA LEU I 116 20.33 -58.96 -22.94
C LEU I 116 20.26 -59.61 -24.32
N SER I 117 20.65 -60.87 -24.39
CA SER I 117 20.57 -61.63 -25.64
C SER I 117 19.12 -61.97 -25.97
N GLU I 118 18.71 -61.71 -27.20
CA GLU I 118 17.36 -62.06 -27.65
C GLU I 118 17.20 -63.57 -27.67
N LYS I 119 18.32 -64.27 -27.78
CA LYS I 119 18.33 -65.72 -27.64
C LYS I 119 17.92 -66.12 -26.23
N ASP I 120 18.54 -65.47 -25.24
CA ASP I 120 18.21 -65.72 -23.85
C ASP I 120 16.76 -65.33 -23.55
N ALA I 121 16.31 -64.25 -24.19
CA ALA I 121 14.97 -63.72 -23.96
C ALA I 121 13.89 -64.65 -24.52
N TRP I 122 14.28 -65.56 -25.40
CA TRP I 122 13.34 -66.50 -26.00
C TRP I 122 13.50 -67.87 -25.37
N GLU I 123 14.70 -68.17 -24.88
CA GLU I 123 15.02 -69.48 -24.30
C GLU I 123 14.72 -69.52 -22.81
N GLN I 124 14.79 -68.38 -22.15
CA GLN I 124 14.58 -68.32 -20.71
C GLN I 124 13.20 -67.75 -20.38
N VAL I 125 12.48 -67.31 -21.41
CA VAL I 125 11.17 -66.71 -21.21
C VAL I 125 10.08 -67.41 -22.01
N ALA I 126 10.26 -67.45 -23.33
CA ALA I 126 9.25 -67.97 -24.25
C ALA I 126 9.02 -69.48 -24.09
N TRP I 127 10.11 -70.24 -24.04
CA TRP I 127 10.00 -71.71 -23.95
C TRP I 127 9.42 -72.18 -22.63
N LYS I 128 9.61 -71.39 -21.58
CA LYS I 128 9.14 -71.74 -20.25
C LYS I 128 7.65 -71.51 -20.09
N LEU I 129 7.12 -70.52 -20.82
CA LEU I 129 5.69 -70.30 -20.88
C LEU I 129 5.06 -71.35 -21.80
N GLU I 130 5.78 -71.69 -22.85
CA GLU I 130 5.31 -72.68 -23.82
C GLU I 130 5.31 -74.07 -23.19
N ALA I 131 6.11 -74.23 -22.14
CA ALA I 131 6.19 -75.50 -21.42
C ALA I 131 5.55 -75.38 -20.04
N LYS I 132 4.72 -74.36 -19.85
CA LYS I 132 3.97 -74.21 -18.60
C LYS I 132 2.83 -75.22 -18.60
N TYR I 133 1.60 -74.73 -18.65
CA TYR I 133 0.44 -75.60 -18.82
C TYR I 133 -0.29 -75.19 -20.09
N GLY I 134 0.41 -74.44 -20.95
CA GLY I 134 -0.15 -73.98 -22.21
C GLY I 134 0.91 -73.38 -23.12
N ASP I 135 0.53 -72.36 -23.88
CA ASP I 135 1.47 -71.67 -24.78
C ASP I 135 1.61 -70.19 -24.40
N PRO I 136 2.79 -69.61 -24.72
CA PRO I 136 3.19 -68.25 -24.30
C PRO I 136 2.27 -67.16 -24.83
N ILE I 137 1.46 -67.49 -25.81
CA ILE I 137 0.53 -66.54 -26.40
C ILE I 137 -0.35 -65.88 -25.35
N THR I 138 -1.17 -66.68 -24.68
CA THR I 138 -2.13 -66.16 -23.70
C THR I 138 -1.44 -65.91 -22.37
N ALA I 139 -0.33 -66.61 -22.14
CA ALA I 139 0.44 -66.47 -20.90
C ALA I 139 0.71 -64.99 -20.61
N ILE I 140 1.04 -64.24 -21.65
CA ILE I 140 1.33 -62.83 -21.50
C ILE I 140 0.07 -62.04 -21.18
N GLU I 141 -0.98 -62.26 -21.97
CA GLU I 141 -2.23 -61.53 -21.83
C GLU I 141 -2.89 -61.80 -20.48
N LYS I 142 -2.59 -62.95 -19.89
CA LYS I 142 -3.15 -63.32 -18.60
C LYS I 142 -2.26 -62.80 -17.47
N ALA I 143 -0.97 -62.62 -17.78
CA ALA I 143 -0.02 -62.11 -16.80
C ALA I 143 -0.30 -60.66 -16.47
N VAL I 144 -0.77 -59.89 -17.47
CA VAL I 144 -1.08 -58.49 -17.27
C VAL I 144 -2.44 -58.32 -16.59
N LYS I 145 -3.04 -59.45 -16.18
CA LYS I 145 -4.32 -59.44 -15.50
C LYS I 145 -4.17 -59.97 -14.08
N GLU I 146 -3.88 -61.27 -13.98
CA GLU I 146 -3.76 -61.92 -12.67
C GLU I 146 -2.43 -61.67 -11.99
N GLY I 147 -1.58 -60.85 -12.62
CA GLY I 147 -0.33 -60.45 -12.01
C GLY I 147 0.90 -61.22 -12.45
N GLU I 148 2.01 -61.01 -11.75
CA GLU I 148 3.28 -61.65 -12.07
C GLU I 148 3.36 -63.06 -11.51
N LYS I 149 2.29 -63.52 -10.87
CA LYS I 149 2.25 -64.85 -10.27
C LYS I 149 2.54 -65.92 -11.33
N ILE I 150 2.04 -65.68 -12.54
CA ILE I 150 2.13 -66.65 -13.61
C ILE I 150 3.56 -66.88 -14.09
N LEU I 151 4.24 -65.81 -14.44
CA LEU I 151 5.58 -65.89 -15.00
C LEU I 151 6.55 -66.57 -14.05
N ILE I 152 6.76 -65.96 -12.89
CA ILE I 152 7.74 -66.45 -11.92
C ILE I 152 7.61 -67.95 -11.65
N ASP I 153 6.38 -68.43 -11.56
CA ASP I 153 6.14 -69.84 -11.27
C ASP I 153 6.31 -70.70 -12.51
N ALA I 154 6.11 -70.10 -13.68
CA ALA I 154 6.26 -70.80 -14.95
C ALA I 154 7.72 -71.00 -15.33
N GLY I 155 8.62 -70.74 -14.37
CA GLY I 155 10.03 -70.99 -14.58
C GLY I 155 10.84 -69.78 -14.98
N VAL I 156 10.25 -68.90 -15.80
CA VAL I 156 10.97 -67.74 -16.32
C VAL I 156 11.55 -66.86 -15.20
N PRO I 157 12.88 -66.62 -15.26
CA PRO I 157 13.60 -65.83 -14.26
C PRO I 157 12.90 -64.51 -13.92
N GLU I 158 12.51 -64.39 -12.65
CA GLU I 158 11.75 -63.24 -12.16
C GLU I 158 12.62 -62.01 -12.03
N ILE I 159 13.83 -62.19 -11.49
CA ILE I 159 14.70 -61.08 -11.15
C ILE I 159 15.00 -60.14 -12.33
N TRP I 160 15.15 -60.70 -13.53
CA TRP I 160 15.55 -59.87 -14.67
C TRP I 160 14.40 -59.39 -15.55
N VAL I 161 13.58 -60.33 -16.04
CA VAL I 161 12.64 -60.02 -17.10
C VAL I 161 11.20 -59.81 -16.63
N LYS I 162 10.85 -60.44 -15.51
CA LYS I 162 9.47 -60.41 -15.03
C LYS I 162 8.84 -59.02 -15.02
N PRO I 163 9.41 -58.08 -14.26
CA PRO I 163 8.81 -56.74 -14.14
C PRO I 163 8.86 -55.97 -15.45
N LEU I 164 9.90 -56.21 -16.25
CA LEU I 164 10.05 -55.51 -17.51
C LEU I 164 9.07 -56.05 -18.54
N LEU I 165 8.71 -57.31 -18.38
CA LEU I 165 7.74 -57.94 -19.26
C LEU I 165 6.35 -57.37 -19.00
N GLU I 166 6.28 -56.42 -18.08
CA GLU I 166 5.01 -55.80 -17.71
C GLU I 166 4.77 -54.53 -18.52
N GLU I 167 5.76 -54.12 -19.31
CA GLU I 167 5.56 -53.03 -20.25
C GLU I 167 4.72 -53.53 -21.44
N ALA I 168 4.33 -54.80 -21.36
CA ALA I 168 3.47 -55.41 -22.36
C ALA I 168 2.04 -54.88 -22.23
N SER I 169 1.76 -54.19 -21.13
CA SER I 169 0.47 -53.55 -20.94
C SER I 169 0.40 -52.27 -21.75
N LYS I 170 1.56 -51.83 -22.24
CA LYS I 170 1.64 -50.68 -23.13
C LYS I 170 0.98 -51.03 -24.47
N HIS I 171 1.02 -52.31 -24.81
CA HIS I 171 0.39 -52.80 -26.03
C HIS I 171 -1.14 -52.85 -25.86
N ALA I 172 -1.57 -53.37 -24.72
CA ALA I 172 -3.00 -53.49 -24.42
C ALA I 172 -3.65 -52.13 -24.22
N GLU I 173 -2.96 -51.24 -23.50
CA GLU I 173 -3.48 -49.90 -23.21
C GLU I 173 -3.65 -49.04 -24.47
N GLU I 174 -3.14 -49.53 -25.60
CA GLU I 174 -3.26 -48.80 -26.86
C GLU I 174 -4.26 -49.46 -27.81
N ARG I 175 -4.30 -50.79 -27.79
CA ARG I 175 -5.20 -51.55 -28.64
C ARG I 175 -6.49 -51.90 -27.90
N LYS I 176 -6.77 -51.19 -26.82
CA LYS I 176 -7.98 -51.41 -26.06
C LYS I 176 -9.11 -50.54 -26.59
N VAL I 177 -10.32 -51.10 -26.63
CA VAL I 177 -11.49 -50.38 -27.08
C VAL I 177 -12.56 -50.45 -25.99
N LYS I 178 -13.65 -49.70 -26.17
CA LYS I 178 -14.73 -49.69 -25.20
C LYS I 178 -16.10 -49.68 -25.88
N MET I 179 -17.07 -50.34 -25.25
CA MET I 179 -18.44 -50.37 -25.74
C MET I 179 -19.43 -50.09 -24.61
N SER I 180 -20.01 -48.91 -24.62
CA SER I 180 -20.88 -48.47 -23.53
C SER I 180 -22.37 -48.78 -23.79
N GLY I 181 -22.85 -49.86 -23.19
CA GLY I 181 -24.26 -50.19 -23.25
C GLY I 181 -25.03 -49.47 -22.17
N LEU I 182 -26.36 -49.48 -22.28
CA LEU I 182 -27.20 -48.78 -21.32
C LEU I 182 -28.42 -49.62 -20.93
N ILE I 183 -28.63 -49.80 -19.64
CA ILE I 183 -29.72 -50.62 -19.14
C ILE I 183 -30.55 -49.89 -18.09
N THR I 184 -31.84 -50.20 -18.01
CA THR I 184 -32.70 -49.63 -16.99
C THR I 184 -33.01 -50.66 -15.91
N VAL I 185 -32.43 -50.46 -14.73
CA VAL I 185 -32.59 -51.37 -13.61
C VAL I 185 -33.52 -50.81 -12.55
N ARG I 186 -34.31 -51.69 -11.93
CA ARG I 186 -35.29 -51.27 -10.94
C ARG I 186 -35.81 -52.48 -10.16
N THR I 187 -36.07 -52.28 -8.86
CA THR I 187 -36.58 -53.36 -8.01
C THR I 187 -37.43 -52.79 -6.87
N ASN I 188 -38.33 -53.62 -6.35
CA ASN I 188 -39.15 -53.24 -5.20
C ASN I 188 -38.93 -54.19 -4.04
N GLU I 189 -37.82 -54.91 -4.09
CA GLU I 189 -37.43 -55.83 -3.03
C GLU I 189 -36.94 -55.06 -1.81
N PRO I 190 -37.14 -55.64 -0.61
CA PRO I 190 -36.68 -55.04 0.64
C PRO I 190 -35.18 -54.73 0.59
N LEU I 191 -34.41 -55.66 0.03
CA LEU I 191 -32.98 -55.43 -0.20
C LEU I 191 -32.82 -54.72 -1.53
N GLY I 192 -33.25 -53.47 -1.59
CA GLY I 192 -33.26 -52.71 -2.82
C GLY I 192 -31.95 -52.75 -3.57
N VAL I 193 -31.01 -51.91 -3.16
CA VAL I 193 -29.72 -51.83 -3.82
C VAL I 193 -28.91 -53.11 -3.64
N GLU I 194 -29.24 -53.91 -2.64
CA GLU I 194 -28.49 -55.12 -2.36
C GLU I 194 -28.89 -56.27 -3.28
N LYS I 195 -30.10 -56.19 -3.81
CA LYS I 195 -30.56 -57.15 -4.81
C LYS I 195 -30.02 -56.76 -6.18
N ILE I 196 -29.95 -55.45 -6.41
CA ILE I 196 -29.34 -54.94 -7.63
C ILE I 196 -27.89 -55.37 -7.71
N LYS I 197 -27.17 -55.20 -6.60
CA LYS I 197 -25.76 -55.59 -6.52
C LYS I 197 -25.58 -57.09 -6.76
N GLU I 198 -26.33 -57.90 -6.01
CA GLU I 198 -26.26 -59.36 -6.14
C GLU I 198 -26.50 -59.81 -7.58
N VAL I 199 -27.45 -59.16 -8.24
CA VAL I 199 -27.78 -59.46 -9.63
C VAL I 199 -26.58 -59.19 -10.54
N ILE I 200 -26.15 -57.93 -10.57
CA ILE I 200 -24.98 -57.54 -11.34
C ILE I 200 -23.78 -58.41 -11.02
N SER I 201 -23.63 -58.77 -9.75
CA SER I 201 -22.53 -59.62 -9.32
C SER I 201 -22.70 -61.05 -9.82
N LYS I 202 -23.93 -61.53 -9.84
CA LYS I 202 -24.23 -62.89 -10.27
C LYS I 202 -24.08 -62.98 -11.79
N ALA I 203 -24.18 -61.83 -12.45
CA ALA I 203 -24.07 -61.77 -13.91
C ALA I 203 -22.64 -61.56 -14.38
N LEU I 204 -21.71 -61.52 -13.43
CA LEU I 204 -20.28 -61.39 -13.77
C LEU I 204 -19.54 -62.67 -13.41
N GLU I 205 -20.26 -63.63 -12.85
CA GLU I 205 -19.69 -64.94 -12.51
C GLU I 205 -19.26 -65.67 -13.77
N ASN I 206 -17.96 -65.95 -13.87
CA ASN I 206 -17.40 -66.66 -15.02
C ASN I 206 -17.61 -65.91 -16.34
N ILE I 207 -17.52 -64.59 -16.28
CA ILE I 207 -17.67 -63.75 -17.47
C ILE I 207 -16.34 -63.14 -17.88
N GLU I 208 -15.69 -62.46 -16.94
CA GLU I 208 -14.36 -61.91 -17.19
C GLU I 208 -13.36 -63.06 -17.26
N GLN I 209 -13.81 -64.22 -16.79
CA GLN I 209 -12.98 -65.42 -16.79
C GLN I 209 -13.10 -66.16 -18.12
N ASP I 210 -14.30 -66.13 -18.71
CA ASP I 210 -14.57 -66.86 -19.94
C ASP I 210 -14.25 -66.06 -21.22
N TYR I 211 -13.35 -65.09 -21.09
CA TYR I 211 -12.88 -64.31 -22.24
C TYR I 211 -11.38 -64.05 -22.11
N GLU I 212 -10.79 -63.39 -23.10
CA GLU I 212 -9.34 -63.18 -23.15
C GLU I 212 -8.91 -61.72 -23.20
N SER I 213 -9.14 -61.09 -24.35
CA SER I 213 -8.65 -59.73 -24.61
C SER I 213 -9.12 -58.70 -23.59
N LEU I 214 -10.36 -58.86 -23.11
CA LEU I 214 -10.94 -57.92 -22.15
C LEU I 214 -10.05 -57.72 -20.92
N LEU I 215 -10.12 -56.53 -20.33
CA LEU I 215 -9.24 -56.20 -19.21
C LEU I 215 -9.93 -55.41 -18.09
N ASN I 216 -11.14 -54.91 -18.37
CA ASN I 216 -11.85 -54.11 -17.38
C ASN I 216 -13.34 -54.02 -17.65
N ILE I 217 -14.14 -54.20 -16.59
CA ILE I 217 -15.60 -54.14 -16.70
C ILE I 217 -16.19 -53.37 -15.54
N LYS I 218 -16.98 -52.35 -15.84
CA LYS I 218 -17.60 -51.53 -14.80
C LYS I 218 -19.06 -51.21 -15.12
N ILE I 219 -19.95 -51.55 -14.19
CA ILE I 219 -21.36 -51.23 -14.34
C ILE I 219 -21.76 -50.17 -13.31
N TYR I 220 -21.70 -48.91 -13.71
CA TYR I 220 -21.95 -47.79 -12.81
C TYR I 220 -23.30 -47.12 -13.05
N THR I 221 -23.74 -46.31 -12.09
CA THR I 221 -25.01 -45.61 -12.20
C THR I 221 -24.87 -44.35 -13.04
N ILE I 222 -25.89 -44.06 -13.83
CA ILE I 222 -25.89 -42.86 -14.65
C ILE I 222 -27.10 -41.99 -14.31
N GLY I 223 -28.09 -42.63 -13.68
CA GLY I 223 -29.28 -41.93 -13.23
C GLY I 223 -29.73 -42.55 -11.92
N ALA I 224 -30.98 -43.01 -11.90
CA ALA I 224 -31.49 -43.73 -10.74
C ALA I 224 -31.90 -45.14 -11.14
N PRO I 225 -32.75 -45.26 -12.17
CA PRO I 225 -32.98 -46.57 -12.77
C PRO I 225 -32.07 -46.73 -13.99
N ARG I 226 -31.36 -45.67 -14.32
CA ARG I 226 -30.54 -45.64 -15.51
C ARG I 226 -29.10 -46.02 -15.19
N TYR I 227 -28.53 -46.92 -15.99
CA TYR I 227 -27.17 -47.38 -15.77
C TYR I 227 -26.42 -47.59 -17.08
N ARG I 228 -25.09 -47.54 -17.01
CA ARG I 228 -24.26 -47.79 -18.18
C ARG I 228 -23.23 -48.90 -17.95
N VAL I 229 -23.36 -49.98 -18.70
CA VAL I 229 -22.39 -51.08 -18.65
C VAL I 229 -21.21 -50.77 -19.55
N ASP I 230 -20.00 -50.95 -19.02
CA ASP I 230 -18.77 -50.67 -19.77
C ASP I 230 -17.86 -51.89 -19.83
N VAL I 231 -17.67 -52.43 -21.03
CA VAL I 231 -16.72 -53.51 -21.25
C VAL I 231 -15.51 -52.98 -22.00
N VAL I 232 -14.31 -53.27 -21.49
CA VAL I 232 -13.08 -52.83 -22.13
C VAL I 232 -12.16 -54.02 -22.39
N GLY I 233 -11.71 -54.15 -23.64
CA GLY I 233 -10.87 -55.27 -24.03
C GLY I 233 -10.01 -54.98 -25.23
N THR I 234 -8.98 -55.79 -25.43
CA THR I 234 -8.05 -55.61 -26.54
C THR I 234 -8.52 -56.35 -27.79
N ASN I 235 -9.82 -56.30 -28.06
CA ASN I 235 -10.39 -56.94 -29.24
C ASN I 235 -11.87 -56.61 -29.40
N PRO I 236 -12.22 -55.92 -30.50
CA PRO I 236 -13.62 -55.62 -30.84
C PRO I 236 -14.42 -56.91 -31.05
N LYS I 237 -13.71 -58.00 -31.31
CA LYS I 237 -14.35 -59.30 -31.45
C LYS I 237 -14.81 -59.84 -30.09
N GLU I 238 -14.50 -59.10 -29.04
CA GLU I 238 -14.97 -59.42 -27.70
C GLU I 238 -15.67 -58.21 -27.09
N ALA I 239 -15.55 -57.07 -27.77
CA ALA I 239 -16.12 -55.82 -27.29
C ALA I 239 -17.62 -55.92 -27.06
N SER I 240 -18.38 -55.94 -28.15
CA SER I 240 -19.83 -56.00 -28.05
C SER I 240 -20.33 -57.45 -27.95
N GLU I 241 -19.40 -58.39 -28.08
CA GLU I 241 -19.76 -59.81 -27.92
C GLU I 241 -19.91 -60.17 -26.45
N ALA I 242 -19.00 -59.67 -25.62
CA ALA I 242 -19.11 -59.85 -24.17
C ALA I 242 -20.20 -58.95 -23.60
N LEU I 243 -20.32 -57.76 -24.19
CA LEU I 243 -21.32 -56.78 -23.76
C LEU I 243 -22.73 -57.35 -23.77
N ASN I 244 -23.13 -57.92 -24.91
CA ASN I 244 -24.45 -58.54 -25.02
C ASN I 244 -24.64 -59.67 -24.02
N GLN I 245 -23.56 -60.38 -23.73
CA GLN I 245 -23.59 -61.50 -22.79
C GLN I 245 -23.98 -61.01 -21.40
N ILE I 246 -23.30 -59.97 -20.93
CA ILE I 246 -23.57 -59.41 -19.62
C ILE I 246 -25.01 -58.94 -19.53
N ILE I 247 -25.37 -58.00 -20.38
CA ILE I 247 -26.73 -57.46 -20.41
C ILE I 247 -27.78 -58.55 -20.50
N SER I 248 -27.45 -59.64 -21.19
CA SER I 248 -28.37 -60.76 -21.33
C SER I 248 -28.51 -61.50 -20.00
N ASN I 249 -27.41 -61.66 -19.30
CA ASN I 249 -27.41 -62.31 -18.00
C ASN I 249 -28.11 -61.44 -16.95
N LEU I 250 -27.91 -60.14 -17.04
CA LEU I 250 -28.56 -59.20 -16.14
C LEU I 250 -30.07 -59.33 -16.28
N ILE I 251 -30.56 -59.29 -17.51
CA ILE I 251 -31.97 -59.49 -17.81
C ILE I 251 -32.43 -60.85 -17.30
N LYS I 252 -31.59 -61.85 -17.53
CA LYS I 252 -31.87 -63.22 -17.13
C LYS I 252 -32.08 -63.34 -15.61
N ILE I 253 -31.02 -63.09 -14.86
CA ILE I 253 -31.06 -63.23 -13.40
C ILE I 253 -32.10 -62.29 -12.78
N GLY I 254 -32.20 -61.09 -13.33
CA GLY I 254 -33.13 -60.09 -12.82
C GLY I 254 -34.56 -60.56 -12.90
N LYS I 255 -34.91 -61.20 -14.00
CA LYS I 255 -36.25 -61.74 -14.19
C LYS I 255 -36.43 -63.04 -13.40
N GLU I 256 -35.67 -63.18 -12.33
CA GLU I 256 -35.76 -64.34 -11.46
C GLU I 256 -35.55 -63.93 -10.01
N GLU I 257 -35.09 -62.69 -9.82
CA GLU I 257 -34.79 -62.18 -8.49
C GLU I 257 -35.65 -60.96 -8.14
N ASN I 258 -36.71 -60.76 -8.92
CA ASN I 258 -37.64 -59.65 -8.68
C ASN I 258 -37.03 -58.29 -9.00
N VAL I 259 -36.08 -58.27 -9.93
CA VAL I 259 -35.44 -57.04 -10.38
C VAL I 259 -35.57 -56.91 -11.90
N ASP I 260 -36.42 -55.99 -12.36
CA ASP I 260 -36.72 -55.88 -13.78
C ASP I 260 -35.75 -54.96 -14.52
N ILE I 261 -34.93 -55.55 -15.39
CA ILE I 261 -34.00 -54.78 -16.20
C ILE I 261 -34.35 -54.89 -17.69
N SER I 262 -34.32 -53.75 -18.37
CA SER I 262 -34.54 -53.72 -19.81
C SER I 262 -33.53 -52.82 -20.51
N VAL I 263 -32.87 -53.35 -21.52
CA VAL I 263 -31.87 -52.59 -22.27
C VAL I 263 -32.52 -51.48 -23.08
N VAL I 264 -32.05 -50.26 -22.87
CA VAL I 264 -32.82 -49.07 -23.23
C VAL I 264 -33.11 -49.03 -24.73
N LYS I 265 -34.26 -49.59 -25.12
CA LYS I 265 -34.59 -49.74 -26.53
C LYS I 265 -34.73 -48.39 -27.22
N LYS I 266 -33.69 -47.58 -27.14
CA LYS I 266 -33.71 -46.24 -27.72
C LYS I 266 -32.30 -45.73 -27.97
N MET J 1 -56.04 -33.45 49.19
CA MET J 1 -56.19 -34.23 50.41
C MET J 1 -55.88 -35.70 50.15
N ILE J 2 -55.44 -36.40 51.19
CA ILE J 2 -55.08 -37.81 51.09
C ILE J 2 -56.22 -38.69 51.60
N TYR J 3 -56.36 -39.87 51.00
CA TYR J 3 -57.38 -40.83 51.42
C TYR J 3 -56.84 -42.26 51.46
N SER J 4 -57.71 -43.21 51.78
CA SER J 4 -57.36 -44.62 51.79
C SER J 4 -58.58 -45.48 51.49
N ARG J 5 -58.35 -46.62 50.86
CA ARG J 5 -59.44 -47.53 50.48
C ARG J 5 -60.19 -48.03 51.70
N SER J 6 -59.48 -48.76 52.56
CA SER J 6 -60.04 -49.22 53.82
C SER J 6 -60.37 -48.02 54.70
N LYS J 7 -61.65 -47.87 55.04
CA LYS J 7 -62.11 -46.73 55.81
C LYS J 7 -61.40 -46.62 57.16
N LEU J 8 -60.93 -47.75 57.66
CA LEU J 8 -60.19 -47.78 58.91
C LEU J 8 -58.93 -48.63 58.77
N PRO J 9 -57.90 -48.32 59.57
CA PRO J 9 -56.64 -49.05 59.55
C PRO J 9 -56.77 -50.47 60.09
N SER J 10 -55.72 -50.95 60.75
CA SER J 10 -55.69 -52.30 61.29
C SER J 10 -54.91 -52.36 62.60
N GLU J 11 -54.28 -53.50 62.87
CA GLU J 11 -53.45 -53.65 64.06
C GLU J 11 -51.97 -53.81 63.71
N GLY J 12 -51.21 -52.74 63.87
CA GLY J 12 -49.78 -52.77 63.59
C GLY J 12 -49.39 -51.94 62.39
N GLU J 13 -50.35 -51.23 61.82
CA GLU J 13 -50.08 -50.39 60.66
C GLU J 13 -49.45 -49.06 61.06
N ILE J 14 -48.25 -48.79 60.56
CA ILE J 14 -47.57 -47.53 60.82
C ILE J 14 -48.07 -46.45 59.85
N LEU J 15 -48.36 -45.26 60.40
CA LEU J 15 -48.88 -44.17 59.59
C LEU J 15 -48.60 -42.79 60.21
N ILE J 16 -48.70 -41.76 59.38
CA ILE J 16 -48.45 -40.38 59.83
C ILE J 16 -49.71 -39.68 60.30
N ALA J 17 -49.71 -39.27 61.56
CA ALA J 17 -50.82 -38.51 62.12
C ALA J 17 -50.35 -37.12 62.54
N THR J 18 -51.27 -36.17 62.56
CA THR J 18 -50.96 -34.81 62.98
C THR J 18 -51.77 -34.42 64.21
N VAL J 19 -51.08 -33.95 65.24
CA VAL J 19 -51.67 -33.66 66.54
C VAL J 19 -52.90 -32.75 66.48
N LYS J 20 -54.08 -33.34 66.60
CA LYS J 20 -55.31 -32.55 66.71
C LYS J 20 -55.39 -31.90 68.09
N GLN J 21 -55.65 -32.72 69.10
CA GLN J 21 -55.76 -32.23 70.47
C GLN J 21 -54.61 -32.79 71.32
N VAL J 22 -54.61 -32.45 72.60
CA VAL J 22 -53.60 -32.93 73.52
C VAL J 22 -53.96 -32.58 74.96
N PHE J 23 -54.73 -33.44 75.60
CA PHE J 23 -55.16 -33.23 76.98
C PHE J 23 -54.60 -34.32 77.87
N ASP J 24 -55.07 -34.34 79.13
CA ASP J 24 -54.71 -35.39 80.07
C ASP J 24 -55.90 -36.34 80.19
N TYR J 25 -57.06 -35.88 79.74
CA TYR J 25 -58.26 -36.68 79.70
C TYR J 25 -58.33 -37.43 78.36
N GLY J 26 -57.77 -36.80 77.33
CA GLY J 26 -57.74 -37.39 76.00
C GLY J 26 -56.90 -36.60 75.01
N SER J 27 -55.81 -37.20 74.54
CA SER J 27 -54.97 -36.57 73.52
C SER J 27 -55.26 -37.13 72.14
N TYR J 28 -56.09 -36.42 71.39
CA TYR J 28 -56.56 -36.90 70.09
C TYR J 28 -55.61 -36.50 68.96
N VAL J 29 -55.82 -37.07 67.78
CA VAL J 29 -54.93 -36.87 66.64
C VAL J 29 -55.62 -37.33 65.34
N SER J 30 -55.10 -36.91 64.20
CA SER J 30 -55.72 -37.26 62.92
C SER J 30 -54.77 -37.97 61.95
N LEU J 31 -55.20 -39.12 61.42
CA LEU J 31 -54.39 -39.91 60.51
C LEU J 31 -54.55 -39.42 59.07
N ASP J 32 -53.57 -38.68 58.58
CA ASP J 32 -53.65 -38.03 57.28
C ASP J 32 -53.90 -39.00 56.12
N GLU J 33 -53.04 -40.00 55.99
CA GLU J 33 -53.11 -40.94 54.88
C GLU J 33 -54.38 -41.80 54.91
N TYR J 34 -55.20 -41.62 55.93
CA TYR J 34 -56.45 -42.35 56.06
C TYR J 34 -57.67 -41.44 56.10
N GLY J 35 -57.56 -40.28 55.47
CA GLY J 35 -58.69 -39.36 55.37
C GLY J 35 -58.80 -38.43 56.56
N GLY J 36 -57.73 -38.30 57.33
CA GLY J 36 -57.71 -37.43 58.49
C GLY J 36 -58.77 -37.78 59.52
N LEU J 37 -58.90 -39.07 59.83
CA LEU J 37 -59.91 -39.52 60.78
C LEU J 37 -59.48 -39.33 62.22
N GLN J 38 -60.41 -39.53 63.15
CA GLN J 38 -60.15 -39.33 64.56
C GLN J 38 -59.52 -40.56 65.22
N ALA J 39 -58.37 -40.37 65.84
CA ALA J 39 -57.70 -41.45 66.55
C ALA J 39 -57.54 -41.09 68.04
N PHE J 40 -56.56 -41.68 68.69
CA PHE J 40 -56.26 -41.37 70.09
C PHE J 40 -54.91 -41.91 70.52
N LEU J 41 -54.14 -41.08 71.19
CA LEU J 41 -52.85 -41.50 71.74
C LEU J 41 -52.89 -41.49 73.27
N PRO J 42 -52.81 -42.68 73.88
CA PRO J 42 -52.84 -42.84 75.34
C PRO J 42 -51.66 -42.18 76.04
N TRP J 43 -51.44 -42.55 77.29
CA TRP J 43 -50.52 -41.82 78.16
C TRP J 43 -49.16 -42.51 78.29
N SER J 44 -49.19 -43.80 78.61
CA SER J 44 -47.95 -44.57 78.69
C SER J 44 -47.33 -44.70 77.31
N GLU J 45 -48.12 -44.37 76.28
CA GLU J 45 -47.66 -44.43 74.90
C GLU J 45 -46.88 -43.18 74.52
N VAL J 46 -45.72 -43.00 75.13
CA VAL J 46 -44.84 -41.88 74.81
C VAL J 46 -43.37 -42.22 75.13
N SER J 47 -43.11 -42.54 76.40
CA SER J 47 -41.77 -42.93 76.83
C SER J 47 -41.72 -43.19 78.34
N SER J 48 -42.90 -43.18 78.97
CA SER J 48 -42.98 -43.37 80.41
C SER J 48 -44.33 -43.96 80.84
N LYS J 49 -44.70 -43.71 82.08
CA LYS J 49 -45.99 -44.16 82.60
C LYS J 49 -46.86 -42.97 83.00
N TRP J 50 -48.08 -42.94 82.46
CA TRP J 50 -49.01 -41.84 82.70
C TRP J 50 -48.34 -40.50 82.44
N VAL J 51 -47.68 -40.39 81.29
CA VAL J 51 -47.01 -39.15 80.88
C VAL J 51 -46.14 -38.55 81.98
N LYS J 52 -45.94 -37.24 81.92
CA LYS J 52 -45.21 -36.48 82.93
C LYS J 52 -45.23 -34.99 82.56
N ASN J 53 -45.32 -34.73 81.26
CA ASN J 53 -45.54 -33.38 80.75
C ASN J 53 -45.77 -33.40 79.24
N ILE J 54 -46.80 -32.69 78.78
CA ILE J 54 -47.19 -32.71 77.38
C ILE J 54 -46.42 -31.72 76.50
N ARG J 55 -45.12 -31.96 76.34
CA ARG J 55 -44.27 -31.09 75.53
C ARG J 55 -43.77 -31.82 74.27
N ASP J 56 -42.53 -31.53 73.90
CA ASP J 56 -41.88 -32.13 72.73
C ASP J 56 -42.64 -31.83 71.43
N VAL J 57 -42.58 -32.75 70.48
CA VAL J 57 -43.29 -32.59 69.21
C VAL J 57 -44.79 -32.72 69.41
N LEU J 58 -45.20 -33.04 70.64
CA LEU J 58 -46.61 -33.12 70.98
C LEU J 58 -47.14 -31.73 71.32
N LYS J 59 -47.10 -30.83 70.34
CA LYS J 59 -47.51 -29.46 70.56
C LYS J 59 -48.36 -28.90 69.41
N GLU J 60 -49.62 -29.34 69.35
CA GLU J 60 -50.62 -28.76 68.45
C GLU J 60 -50.45 -29.12 66.98
N ASN J 61 -49.25 -29.55 66.60
CA ASN J 61 -48.98 -29.88 65.20
C ASN J 61 -47.63 -30.57 64.99
N ARG J 62 -47.68 -31.78 64.45
CA ARG J 62 -46.47 -32.53 64.12
C ARG J 62 -46.78 -33.76 63.29
N LYS J 63 -45.81 -34.17 62.47
CA LYS J 63 -45.94 -35.39 61.67
C LYS J 63 -45.54 -36.63 62.47
N VAL J 64 -46.07 -36.74 63.69
CA VAL J 64 -45.74 -37.85 64.56
C VAL J 64 -46.05 -39.22 63.93
N ILE J 65 -45.02 -40.00 63.68
CA ILE J 65 -45.18 -41.33 63.10
C ILE J 65 -45.56 -42.34 64.18
N VAL J 66 -46.79 -42.86 64.09
CA VAL J 66 -47.34 -43.70 65.14
C VAL J 66 -47.72 -45.09 64.65
N LYS J 67 -48.17 -45.92 65.59
CA LYS J 67 -48.60 -47.28 65.27
C LYS J 67 -50.10 -47.39 65.41
N VAL J 68 -50.57 -48.50 65.97
CA VAL J 68 -52.00 -48.72 66.18
C VAL J 68 -52.25 -50.12 66.76
N ILE J 69 -53.33 -50.25 67.52
CA ILE J 69 -53.69 -51.53 68.14
C ILE J 69 -55.19 -51.84 68.05
N ARG J 70 -55.98 -51.34 69.00
CA ARG J 70 -57.41 -51.65 69.03
C ARG J 70 -58.17 -50.97 67.90
N VAL J 71 -59.24 -51.62 67.44
CA VAL J 71 -60.04 -51.12 66.33
C VAL J 71 -61.53 -51.05 66.69
N ASP J 72 -62.32 -50.53 65.76
CA ASP J 72 -63.76 -50.43 65.94
C ASP J 72 -64.47 -50.13 64.62
N ARG J 73 -64.92 -51.18 63.94
CA ARG J 73 -65.62 -51.04 62.67
C ARG J 73 -67.13 -50.86 62.90
N ARG J 74 -67.50 -50.59 64.15
CA ARG J 74 -68.90 -50.42 64.52
C ARG J 74 -69.26 -48.95 64.71
N LYS J 75 -68.36 -48.18 65.30
CA LYS J 75 -68.59 -46.75 65.49
C LYS J 75 -67.51 -45.92 64.81
N GLY J 76 -66.25 -46.28 65.05
CA GLY J 76 -65.14 -45.59 64.42
C GLY J 76 -64.17 -44.95 65.40
N THR J 77 -63.41 -45.79 66.09
CA THR J 77 -62.39 -45.30 67.02
C THR J 77 -61.05 -45.99 66.76
N VAL J 78 -59.96 -45.24 66.93
CA VAL J 78 -58.62 -45.79 66.71
C VAL J 78 -57.68 -45.37 67.83
N ASP J 79 -56.89 -46.32 68.31
CA ASP J 79 -55.91 -46.05 69.37
C ASP J 79 -54.52 -46.42 68.93
N VAL J 80 -53.65 -45.42 68.81
CA VAL J 80 -52.29 -45.63 68.34
C VAL J 80 -51.29 -45.64 69.49
N SER J 81 -50.05 -46.02 69.20
CA SER J 81 -49.00 -46.06 70.21
C SER J 81 -47.68 -45.57 69.63
N LEU J 82 -47.30 -44.35 69.99
CA LEU J 82 -46.02 -43.78 69.56
C LEU J 82 -44.90 -44.27 70.47
N LYS J 83 -44.70 -45.58 70.48
CA LYS J 83 -43.75 -46.19 71.40
C LYS J 83 -43.33 -47.57 70.88
N LYS J 84 -44.32 -48.36 70.48
CA LYS J 84 -44.10 -49.70 69.94
C LYS J 84 -43.48 -49.65 68.55
N VAL J 85 -43.49 -48.47 67.94
CA VAL J 85 -42.95 -48.27 66.60
C VAL J 85 -41.43 -48.44 66.59
N THR J 86 -40.95 -49.33 65.73
CA THR J 86 -39.51 -49.61 65.61
C THR J 86 -38.76 -48.41 65.03
N ASP J 87 -37.49 -48.28 65.39
CA ASP J 87 -36.68 -47.15 64.93
C ASP J 87 -36.45 -47.21 63.43
N ASP J 88 -36.41 -48.42 62.87
CA ASP J 88 -36.25 -48.60 61.43
C ASP J 88 -37.55 -48.38 60.70
N GLU J 89 -38.67 -48.57 61.40
CA GLU J 89 -40.00 -48.31 60.85
C GLU J 89 -40.22 -46.81 60.76
N ARG J 90 -39.43 -46.06 61.51
CA ARG J 90 -39.43 -44.60 61.45
C ARG J 90 -38.83 -44.16 60.13
N ARG J 91 -37.84 -44.92 59.68
CA ARG J 91 -37.16 -44.66 58.41
C ARG J 91 -38.00 -45.18 57.25
N LYS J 92 -38.53 -46.39 57.42
CA LYS J 92 -39.35 -47.02 56.39
C LYS J 92 -40.77 -46.47 56.39
N LYS J 93 -40.88 -45.16 56.55
CA LYS J 93 -42.17 -44.46 56.56
C LYS J 93 -41.91 -42.97 56.48
N ASN J 94 -40.74 -42.55 56.92
CA ASN J 94 -40.34 -41.14 56.86
C ASN J 94 -40.13 -40.69 55.42
N LEU J 95 -39.62 -41.61 54.59
CA LEU J 95 -39.38 -41.34 53.17
C LEU J 95 -40.64 -41.58 52.34
N GLN J 96 -41.49 -42.47 52.82
CA GLN J 96 -42.73 -42.81 52.12
C GLN J 96 -43.81 -41.74 52.33
N TRP J 97 -43.43 -40.67 53.03
CA TRP J 97 -44.32 -39.53 53.23
C TRP J 97 -44.08 -38.51 52.13
N LYS J 98 -42.87 -38.55 51.55
CA LYS J 98 -42.56 -37.72 50.39
C LYS J 98 -43.09 -38.38 49.13
N LYS J 99 -43.07 -39.72 49.12
CA LYS J 99 -43.55 -40.50 47.98
C LYS J 99 -45.07 -40.54 47.93
N ILE J 100 -45.72 -40.33 49.07
CA ILE J 100 -47.17 -40.35 49.15
C ILE J 100 -47.73 -38.93 49.18
N GLN J 101 -46.83 -37.95 49.36
CA GLN J 101 -47.22 -36.55 49.33
C GLN J 101 -46.94 -35.96 47.95
N ARG J 102 -46.02 -36.59 47.24
CA ARG J 102 -45.77 -36.26 45.84
C ARG J 102 -46.94 -36.76 45.01
N LEU J 103 -47.38 -37.97 45.32
CA LEU J 103 -48.56 -38.55 44.68
C LEU J 103 -49.79 -37.68 44.92
N ASP J 104 -49.86 -37.06 46.10
CA ASP J 104 -50.97 -36.18 46.45
C ASP J 104 -50.94 -34.90 45.64
N LYS J 105 -49.78 -34.23 45.62
CA LYS J 105 -49.66 -32.95 44.94
C LYS J 105 -49.93 -33.05 43.45
N ILE J 106 -49.47 -34.13 42.83
CA ILE J 106 -49.66 -34.34 41.40
C ILE J 106 -51.15 -34.46 41.05
N LEU J 107 -51.85 -35.29 41.81
CA LEU J 107 -53.29 -35.46 41.63
C LEU J 107 -54.04 -34.17 41.98
N GLU J 108 -53.49 -33.44 42.94
CA GLU J 108 -54.10 -32.20 43.41
C GLU J 108 -53.69 -31.03 42.53
N LEU J 109 -53.05 -31.34 41.41
CA LEU J 109 -52.63 -30.34 40.43
C LEU J 109 -53.12 -30.74 39.05
N VAL J 110 -53.20 -32.04 38.80
CA VAL J 110 -53.73 -32.56 37.55
C VAL J 110 -55.22 -32.25 37.45
N SER J 111 -55.93 -32.42 38.57
CA SER J 111 -57.37 -32.17 38.59
C SER J 111 -57.70 -30.85 39.29
N GLN J 112 -56.71 -29.98 39.44
CA GLN J 112 -56.94 -28.67 40.02
C GLN J 112 -57.48 -27.72 38.95
N LYS J 113 -57.26 -28.09 37.69
CA LYS J 113 -57.82 -27.35 36.56
C LYS J 113 -58.75 -28.23 35.74
N LEU J 114 -58.65 -29.54 35.94
CA LEU J 114 -59.45 -30.50 35.19
C LEU J 114 -60.89 -30.60 35.71
N LYS J 115 -61.65 -31.52 35.15
CA LYS J 115 -63.08 -31.64 35.44
C LYS J 115 -63.36 -31.99 36.90
N LEU J 116 -63.47 -33.28 37.18
CA LEU J 116 -63.87 -33.78 38.49
C LEU J 116 -62.93 -33.32 39.61
N SER J 117 -63.44 -33.35 40.84
CA SER J 117 -62.70 -32.90 42.01
C SER J 117 -61.60 -33.87 42.43
N GLU J 118 -61.94 -34.82 43.28
CA GLU J 118 -60.94 -35.73 43.84
C GLU J 118 -61.36 -37.20 43.74
N LYS J 119 -62.61 -37.44 43.38
CA LYS J 119 -63.13 -38.80 43.25
C LYS J 119 -62.30 -39.62 42.26
N ASP J 120 -62.29 -39.19 41.00
CA ASP J 120 -61.51 -39.88 39.98
C ASP J 120 -60.01 -39.74 40.21
N ALA J 121 -59.61 -38.64 40.83
CA ALA J 121 -58.20 -38.37 41.09
C ALA J 121 -57.57 -39.45 41.96
N TRP J 122 -58.37 -40.05 42.83
CA TRP J 122 -57.89 -41.09 43.73
C TRP J 122 -58.48 -42.46 43.40
N GLU J 123 -59.81 -42.54 43.38
CA GLU J 123 -60.50 -43.78 43.08
C GLU J 123 -60.14 -44.32 41.71
N GLN J 124 -59.86 -43.42 40.77
CA GLN J 124 -59.61 -43.81 39.39
C GLN J 124 -58.15 -43.60 39.01
N VAL J 125 -57.27 -43.59 40.01
CA VAL J 125 -55.83 -43.46 39.77
C VAL J 125 -55.06 -44.32 40.77
N ALA J 126 -54.95 -43.81 41.99
CA ALA J 126 -54.21 -44.50 43.03
C ALA J 126 -54.90 -45.77 43.48
N TRP J 127 -56.22 -45.81 43.35
CA TRP J 127 -57.00 -46.99 43.70
C TRP J 127 -56.78 -48.10 42.69
N LYS J 128 -56.51 -47.72 41.44
CA LYS J 128 -56.22 -48.68 40.39
C LYS J 128 -54.77 -49.16 40.49
N LEU J 129 -53.92 -48.34 41.09
CA LEU J 129 -52.51 -48.68 41.25
C LEU J 129 -52.26 -49.47 42.53
N GLU J 130 -52.98 -49.13 43.59
CA GLU J 130 -52.91 -49.87 44.84
C GLU J 130 -53.55 -51.24 44.67
N ALA J 131 -54.32 -51.40 43.60
CA ALA J 131 -54.90 -52.69 43.24
C ALA J 131 -54.28 -53.21 41.94
N LYS J 132 -52.96 -53.22 41.88
CA LYS J 132 -52.22 -53.70 40.71
C LYS J 132 -50.76 -54.01 41.05
N TYR J 133 -49.95 -52.96 41.17
CA TYR J 133 -48.53 -53.11 41.48
C TYR J 133 -48.28 -52.94 42.98
N GLY J 134 -49.16 -52.20 43.65
CA GLY J 134 -49.05 -51.99 45.08
C GLY J 134 -48.95 -50.52 45.45
N ASP J 135 -47.83 -49.91 45.08
CA ASP J 135 -47.61 -48.49 45.37
C ASP J 135 -47.90 -47.64 44.13
N PRO J 136 -48.91 -46.76 44.22
CA PRO J 136 -49.34 -45.85 43.15
C PRO J 136 -48.18 -45.05 42.56
N ILE J 137 -47.38 -44.42 43.42
CA ILE J 137 -46.25 -43.61 42.97
C ILE J 137 -45.17 -44.47 42.31
N THR J 138 -44.95 -45.66 42.85
CA THR J 138 -43.96 -46.59 42.31
C THR J 138 -44.40 -47.13 40.95
N ALA J 139 -45.70 -47.01 40.67
CA ALA J 139 -46.24 -47.42 39.38
C ALA J 139 -46.10 -46.29 38.36
N ILE J 140 -46.42 -45.07 38.78
CA ILE J 140 -46.29 -43.89 37.93
C ILE J 140 -44.83 -43.58 37.65
N GLU J 141 -43.99 -43.77 38.67
CA GLU J 141 -42.56 -43.58 38.55
C GLU J 141 -41.99 -44.52 37.48
N LYS J 142 -42.44 -45.77 37.53
CA LYS J 142 -42.02 -46.78 36.57
C LYS J 142 -43.00 -46.84 35.40
N ALA J 143 -43.66 -45.72 35.15
CA ALA J 143 -44.58 -45.61 34.02
C ALA J 143 -44.04 -44.62 33.02
N VAL J 144 -43.44 -43.54 33.52
CA VAL J 144 -42.86 -42.52 32.66
C VAL J 144 -41.73 -43.11 31.83
N LYS J 145 -41.05 -44.11 32.38
CA LYS J 145 -39.96 -44.78 31.69
C LYS J 145 -40.34 -46.22 31.35
N GLU J 146 -41.55 -46.38 30.82
CA GLU J 146 -42.05 -47.71 30.45
C GLU J 146 -43.17 -47.61 29.42
N GLY J 147 -44.03 -46.59 29.57
CA GLY J 147 -45.11 -46.38 28.63
C GLY J 147 -46.48 -46.16 29.28
N GLU J 148 -47.52 -46.22 28.47
CA GLU J 148 -48.89 -45.99 28.93
C GLU J 148 -49.54 -47.28 29.42
N LYS J 149 -48.86 -48.41 29.22
CA LYS J 149 -49.38 -49.71 29.61
C LYS J 149 -49.66 -49.81 31.10
N ILE J 150 -48.89 -49.08 31.91
CA ILE J 150 -49.09 -49.07 33.36
C ILE J 150 -50.50 -48.63 33.72
N LEU J 151 -50.94 -47.51 33.13
CA LEU J 151 -52.27 -46.98 33.39
C LEU J 151 -53.34 -47.77 32.64
N ILE J 152 -52.91 -48.77 31.88
CA ILE J 152 -53.82 -49.62 31.14
C ILE J 152 -54.05 -50.94 31.88
N ASP J 153 -52.98 -51.46 32.49
CA ASP J 153 -53.07 -52.66 33.31
C ASP J 153 -53.81 -52.38 34.60
N ALA J 154 -53.92 -51.09 34.93
CA ALA J 154 -54.68 -50.65 36.09
C ALA J 154 -56.09 -50.28 35.67
N GLY J 155 -56.28 -50.09 34.37
CA GLY J 155 -57.57 -49.73 33.82
C GLY J 155 -57.92 -48.29 34.11
N VAL J 156 -56.89 -47.48 34.38
CA VAL J 156 -57.07 -46.07 34.67
C VAL J 156 -57.83 -45.38 33.55
N PRO J 157 -58.87 -44.59 33.91
CA PRO J 157 -59.69 -43.85 32.95
C PRO J 157 -58.86 -42.92 32.06
N GLU J 158 -58.77 -43.27 30.78
CA GLU J 158 -58.09 -42.42 29.81
C GLU J 158 -58.76 -41.05 29.74
N ILE J 159 -60.09 -41.07 29.69
CA ILE J 159 -60.87 -39.84 29.63
C ILE J 159 -60.60 -38.95 30.84
N TRP J 160 -60.01 -39.52 31.89
CA TRP J 160 -59.70 -38.77 33.10
C TRP J 160 -58.23 -38.33 33.17
N VAL J 161 -57.47 -38.98 34.04
CA VAL J 161 -56.13 -38.52 34.37
C VAL J 161 -55.10 -38.82 33.30
N LYS J 162 -55.31 -39.90 32.54
CA LYS J 162 -54.34 -40.35 31.54
C LYS J 162 -53.57 -39.23 30.82
N PRO J 163 -54.29 -38.20 30.31
CA PRO J 163 -53.65 -37.08 29.61
C PRO J 163 -52.50 -36.43 30.40
N LEU J 164 -52.84 -35.47 31.26
CA LEU J 164 -51.84 -34.75 32.03
C LEU J 164 -51.27 -35.54 33.20
N LEU J 165 -51.54 -36.84 33.22
CA LEU J 165 -50.92 -37.71 34.21
C LEU J 165 -49.43 -37.71 33.95
N GLU J 166 -49.07 -37.34 32.73
CA GLU J 166 -47.68 -37.31 32.31
C GLU J 166 -46.96 -36.06 32.85
N GLU J 167 -47.60 -35.41 33.82
CA GLU J 167 -46.96 -34.34 34.58
C GLU J 167 -46.13 -34.96 35.69
N ALA J 168 -46.06 -36.28 35.68
CA ALA J 168 -45.17 -37.01 36.58
C ALA J 168 -43.75 -36.92 36.05
N SER J 169 -43.64 -36.74 34.73
CA SER J 169 -42.36 -36.53 34.07
C SER J 169 -42.00 -35.06 34.05
N LYS J 170 -43.00 -34.21 33.88
CA LYS J 170 -42.82 -32.77 33.96
C LYS J 170 -42.74 -32.35 35.43
N HIS J 171 -42.45 -33.31 36.29
CA HIS J 171 -42.31 -33.07 37.73
C HIS J 171 -40.93 -33.52 38.17
N ALA J 172 -40.58 -34.76 37.84
CA ALA J 172 -39.25 -35.30 38.15
C ALA J 172 -38.18 -34.66 37.29
N GLU J 173 -38.59 -34.07 36.16
CA GLU J 173 -37.68 -33.33 35.30
C GLU J 173 -37.44 -31.95 35.91
N GLU J 174 -36.90 -31.94 37.11
CA GLU J 174 -36.65 -30.72 37.86
C GLU J 174 -36.09 -31.11 39.21
N ARG J 175 -36.62 -32.21 39.76
CA ARG J 175 -36.16 -32.77 41.02
C ARG J 175 -34.91 -33.61 40.79
N LYS J 176 -34.64 -33.92 39.52
CA LYS J 176 -33.51 -34.77 39.16
C LYS J 176 -32.17 -34.04 39.20
N VAL J 177 -31.09 -34.81 39.34
CA VAL J 177 -29.74 -34.24 39.41
C VAL J 177 -28.71 -35.13 38.71
N LYS J 178 -27.53 -34.58 38.44
CA LYS J 178 -26.49 -35.26 37.68
C LYS J 178 -25.34 -35.76 38.55
N MET J 179 -24.92 -37.00 38.30
CA MET J 179 -23.75 -37.56 38.95
C MET J 179 -22.72 -37.95 37.89
N SER J 180 -21.62 -37.21 37.84
CA SER J 180 -20.64 -37.37 36.78
C SER J 180 -19.38 -38.11 37.24
N GLY J 181 -18.72 -38.76 36.29
CA GLY J 181 -17.47 -39.43 36.54
C GLY J 181 -16.48 -39.10 35.43
N LEU J 182 -15.28 -39.68 35.50
CA LEU J 182 -14.26 -39.38 34.50
C LEU J 182 -13.27 -40.53 34.37
N ILE J 183 -13.58 -41.48 33.48
CA ILE J 183 -12.69 -42.62 33.26
C ILE J 183 -11.77 -42.40 32.06
N THR J 184 -10.87 -43.36 31.85
CA THR J 184 -10.00 -43.35 30.68
C THR J 184 -9.91 -44.74 30.09
N VAL J 185 -10.49 -44.92 28.91
CA VAL J 185 -10.54 -46.23 28.27
C VAL J 185 -9.46 -46.40 27.19
N ARG J 186 -8.64 -47.43 27.37
CA ARG J 186 -7.56 -47.75 26.43
C ARG J 186 -7.58 -49.24 26.09
N THR J 187 -7.27 -49.57 24.84
CA THR J 187 -7.22 -50.98 24.41
C THR J 187 -6.42 -51.16 23.13
N ASN J 188 -5.80 -52.33 22.99
CA ASN J 188 -5.01 -52.65 21.80
C ASN J 188 -5.60 -53.86 21.09
N GLU J 189 -6.88 -54.10 21.31
CA GLU J 189 -7.57 -55.23 20.70
C GLU J 189 -7.80 -55.04 19.21
N PRO J 190 -7.96 -56.15 18.47
CA PRO J 190 -8.23 -56.11 17.03
C PRO J 190 -9.38 -55.16 16.72
N LEU J 191 -10.60 -55.60 17.02
CA LEU J 191 -11.76 -54.74 16.91
C LEU J 191 -12.04 -54.08 18.25
N GLY J 192 -11.14 -53.20 18.64
CA GLY J 192 -11.19 -52.54 19.94
C GLY J 192 -12.50 -51.82 20.23
N VAL J 193 -12.95 -51.00 19.30
CA VAL J 193 -14.19 -50.23 19.49
C VAL J 193 -15.39 -51.15 19.70
N GLU J 194 -15.24 -52.40 19.30
CA GLU J 194 -16.29 -53.40 19.51
C GLU J 194 -16.18 -53.99 20.91
N LYS J 195 -14.98 -53.97 21.45
CA LYS J 195 -14.73 -54.45 22.81
C LYS J 195 -15.01 -53.37 23.85
N ILE J 196 -14.71 -52.11 23.50
CA ILE J 196 -15.05 -50.99 24.36
C ILE J 196 -16.56 -50.90 24.51
N LYS J 197 -17.25 -50.86 23.38
CA LYS J 197 -18.71 -50.81 23.36
C LYS J 197 -19.32 -52.01 24.09
N GLU J 198 -18.78 -53.19 23.83
CA GLU J 198 -19.29 -54.41 24.46
C GLU J 198 -19.20 -54.31 25.98
N VAL J 199 -18.05 -53.86 26.47
CA VAL J 199 -17.83 -53.72 27.91
C VAL J 199 -18.77 -52.69 28.53
N ILE J 200 -18.95 -51.57 27.85
CA ILE J 200 -19.84 -50.51 28.33
C ILE J 200 -21.29 -50.96 28.35
N SER J 201 -21.68 -51.74 27.34
CA SER J 201 -23.03 -52.29 27.28
C SER J 201 -23.23 -53.36 28.36
N LYS J 202 -22.23 -54.21 28.55
CA LYS J 202 -22.30 -55.31 29.52
C LYS J 202 -22.02 -54.79 30.93
N ALA J 203 -21.92 -53.48 31.07
CA ALA J 203 -21.76 -52.86 32.37
C ALA J 203 -23.01 -52.05 32.70
N LEU J 204 -23.58 -51.40 31.69
CA LEU J 204 -24.78 -50.60 31.86
C LEU J 204 -26.01 -51.49 32.00
N GLU J 205 -25.87 -52.75 31.58
CA GLU J 205 -26.99 -53.68 31.66
C GLU J 205 -27.41 -53.93 33.10
N ASN J 206 -28.71 -53.78 33.33
CA ASN J 206 -29.28 -53.94 34.67
C ASN J 206 -28.82 -52.86 35.65
N ILE J 207 -28.92 -51.61 35.23
CA ILE J 207 -28.62 -50.48 36.10
C ILE J 207 -29.81 -49.52 36.12
N GLU J 208 -30.34 -49.21 34.94
CA GLU J 208 -31.57 -48.43 34.86
C GLU J 208 -32.72 -49.28 35.37
N GLN J 209 -32.53 -50.59 35.34
CA GLN J 209 -33.51 -51.52 35.88
C GLN J 209 -33.42 -51.63 37.40
N ASP J 210 -32.28 -52.13 37.89
CA ASP J 210 -32.06 -52.31 39.31
C ASP J 210 -32.35 -51.04 40.12
N TYR J 211 -31.51 -50.03 39.93
CA TYR J 211 -31.75 -48.72 40.54
C TYR J 211 -33.04 -48.15 40.00
N GLU J 212 -34.03 -48.03 40.89
CA GLU J 212 -35.39 -47.68 40.49
C GLU J 212 -35.49 -46.29 39.88
N SER J 213 -35.49 -45.27 40.75
CA SER J 213 -35.74 -43.89 40.33
C SER J 213 -34.52 -43.23 39.70
N LEU J 214 -34.41 -43.33 38.38
CA LEU J 214 -33.36 -42.64 37.64
C LEU J 214 -33.74 -42.51 36.17
N LEU J 215 -33.28 -41.43 35.54
CA LEU J 215 -33.70 -41.11 34.19
C LEU J 215 -32.85 -41.82 33.12
N ASN J 216 -31.74 -41.21 32.74
CA ASN J 216 -30.90 -41.76 31.68
C ASN J 216 -29.41 -41.72 32.01
N ILE J 217 -28.62 -42.33 31.14
CA ILE J 217 -27.16 -42.36 31.29
C ILE J 217 -26.50 -42.11 29.94
N LYS J 218 -25.35 -41.45 29.95
CA LYS J 218 -24.63 -41.13 28.73
C LYS J 218 -23.12 -41.19 28.96
N ILE J 219 -22.43 -42.00 28.17
CA ILE J 219 -20.97 -42.08 28.24
C ILE J 219 -20.36 -41.54 26.96
N TYR J 220 -19.79 -40.34 27.03
CA TYR J 220 -19.25 -39.70 25.84
C TYR J 220 -17.76 -39.40 25.93
N THR J 221 -17.20 -38.92 24.82
CA THR J 221 -15.75 -38.71 24.71
C THR J 221 -15.37 -37.23 24.75
N ILE J 222 -14.99 -36.77 25.94
CA ILE J 222 -14.55 -35.39 26.12
C ILE J 222 -13.21 -35.17 25.41
N GLY J 223 -12.34 -36.18 25.49
CA GLY J 223 -11.04 -36.14 24.85
C GLY J 223 -10.90 -37.22 23.79
N ALA J 224 -10.00 -38.18 24.04
CA ALA J 224 -9.82 -39.30 23.13
C ALA J 224 -9.74 -40.61 23.91
N PRO J 225 -8.78 -40.71 24.85
CA PRO J 225 -8.78 -41.84 25.79
C PRO J 225 -9.68 -41.54 26.98
N ARG J 226 -10.02 -40.26 27.16
CA ARG J 226 -10.83 -39.85 28.29
C ARG J 226 -12.31 -39.77 27.93
N TYR J 227 -13.14 -40.23 28.86
CA TYR J 227 -14.59 -40.24 28.70
C TYR J 227 -15.23 -39.78 29.99
N ARG J 228 -16.49 -39.36 29.91
CA ARG J 228 -17.22 -38.88 31.09
C ARG J 228 -18.55 -39.60 31.22
N VAL J 229 -18.71 -40.37 32.28
CA VAL J 229 -19.96 -41.07 32.54
C VAL J 229 -20.91 -40.24 33.40
N ASP J 230 -22.06 -39.88 32.82
CA ASP J 230 -23.06 -39.10 33.52
C ASP J 230 -24.25 -39.96 33.92
N VAL J 231 -24.75 -39.75 35.13
CA VAL J 231 -25.88 -40.50 35.62
C VAL J 231 -26.95 -39.55 36.14
N VAL J 232 -28.08 -39.51 35.44
CA VAL J 232 -29.20 -38.67 35.87
C VAL J 232 -30.31 -39.49 36.51
N GLY J 233 -30.68 -39.09 37.72
CA GLY J 233 -31.74 -39.77 38.46
C GLY J 233 -32.56 -38.80 39.29
N THR J 234 -33.75 -39.22 39.68
CA THR J 234 -34.65 -38.38 40.45
C THR J 234 -34.44 -38.59 41.95
N ASN J 235 -33.53 -39.50 42.28
CA ASN J 235 -33.13 -39.73 43.66
C ASN J 235 -31.64 -39.49 43.82
N PRO J 236 -31.27 -38.32 44.37
CA PRO J 236 -29.88 -37.85 44.51
C PRO J 236 -28.96 -38.89 45.16
N LYS J 237 -29.30 -39.31 46.37
CA LYS J 237 -28.49 -40.30 47.09
C LYS J 237 -28.33 -41.60 46.30
N GLU J 238 -29.38 -42.02 45.62
CA GLU J 238 -29.35 -43.25 44.84
C GLU J 238 -28.44 -43.14 43.62
N ALA J 239 -28.40 -41.94 43.03
CA ALA J 239 -27.64 -41.70 41.78
C ALA J 239 -26.14 -41.93 41.95
N SER J 240 -25.57 -41.40 43.02
CA SER J 240 -24.14 -41.60 43.29
C SER J 240 -23.86 -43.07 43.58
N GLU J 241 -24.81 -43.74 44.24
CA GLU J 241 -24.66 -45.14 44.57
C GLU J 241 -24.75 -46.01 43.32
N ALA J 242 -25.24 -45.43 42.23
CA ALA J 242 -25.37 -46.12 40.96
C ALA J 242 -24.13 -45.91 40.08
N LEU J 243 -23.68 -44.66 40.00
CA LEU J 243 -22.49 -44.33 39.22
C LEU J 243 -21.28 -45.11 39.71
N ASN J 244 -21.25 -45.39 41.01
CA ASN J 244 -20.18 -46.18 41.59
C ASN J 244 -20.20 -47.61 41.04
N GLN J 245 -21.37 -48.24 41.09
CA GLN J 245 -21.55 -49.58 40.56
C GLN J 245 -21.26 -49.62 39.07
N ILE J 246 -21.60 -48.53 38.39
CA ILE J 246 -21.35 -48.41 36.96
C ILE J 246 -19.86 -48.45 36.66
N ILE J 247 -19.11 -47.56 37.28
CA ILE J 247 -17.66 -47.49 37.07
C ILE J 247 -16.99 -48.77 37.58
N SER J 248 -17.65 -49.47 38.51
CA SER J 248 -17.14 -50.74 39.01
C SER J 248 -17.24 -51.82 37.93
N ASN J 249 -18.38 -51.86 37.24
CA ASN J 249 -18.60 -52.84 36.19
C ASN J 249 -17.70 -52.63 34.98
N LEU J 250 -17.02 -51.49 34.94
CA LEU J 250 -16.09 -51.21 33.85
C LEU J 250 -14.76 -51.90 34.12
N ILE J 251 -14.70 -52.63 35.23
CA ILE J 251 -13.54 -53.46 35.55
C ILE J 251 -14.04 -54.86 35.88
N LYS J 252 -15.34 -54.95 36.11
CA LYS J 252 -16.01 -56.23 36.35
C LYS J 252 -15.97 -57.09 35.08
N ILE J 253 -16.01 -56.41 33.93
CA ILE J 253 -15.97 -57.09 32.64
C ILE J 253 -14.69 -56.73 31.86
N GLY J 254 -14.31 -55.45 31.91
CA GLY J 254 -13.15 -54.98 31.20
C GLY J 254 -11.88 -55.73 31.53
N LYS J 255 -11.74 -56.15 32.79
CA LYS J 255 -10.58 -56.92 33.23
C LYS J 255 -10.39 -58.18 32.40
N GLU J 256 -11.51 -58.72 31.92
CA GLU J 256 -11.48 -59.98 31.18
C GLU J 256 -11.23 -59.75 29.69
N GLU J 257 -11.86 -58.73 29.14
CA GLU J 257 -11.81 -58.50 27.69
C GLU J 257 -10.63 -57.62 27.28
N ASN J 258 -9.70 -57.40 28.21
CA ASN J 258 -8.50 -56.61 27.97
C ASN J 258 -8.82 -55.15 27.65
N VAL J 259 -9.64 -54.55 28.50
CA VAL J 259 -10.02 -53.14 28.33
C VAL J 259 -9.66 -52.36 29.59
N ASP J 260 -8.55 -51.62 29.52
CA ASP J 260 -8.04 -50.87 30.67
C ASP J 260 -8.78 -49.56 30.91
N ILE J 261 -9.75 -49.58 31.83
CA ILE J 261 -10.53 -48.40 32.17
C ILE J 261 -10.16 -47.87 33.56
N SER J 262 -9.34 -46.82 33.60
CA SER J 262 -8.95 -46.21 34.86
C SER J 262 -9.87 -45.04 35.21
N VAL J 263 -9.52 -44.32 36.26
CA VAL J 263 -10.31 -43.18 36.70
C VAL J 263 -9.40 -42.01 37.03
N VAL J 264 -9.82 -40.80 36.65
CA VAL J 264 -9.06 -39.60 36.94
C VAL J 264 -9.74 -38.79 38.04
N LYS J 265 -9.00 -37.90 38.68
CA LYS J 265 -9.54 -37.06 39.75
C LYS J 265 -9.45 -35.58 39.41
N LYS J 266 -10.59 -34.90 39.39
CA LYS J 266 -10.64 -33.47 39.07
C LYS J 266 -11.19 -32.64 40.23
N SER K 2 -41.12 -13.37 33.13
CA SER K 2 -41.30 -11.97 32.80
C SER K 2 -42.22 -11.81 31.59
N SER K 3 -43.33 -11.10 31.79
CA SER K 3 -44.32 -10.89 30.74
C SER K 3 -44.98 -9.52 30.85
N GLU K 4 -45.90 -9.40 31.80
CA GLU K 4 -46.66 -8.17 32.00
C GLU K 4 -45.98 -7.21 32.96
N LYS K 5 -45.55 -6.06 32.45
CA LYS K 5 -44.89 -5.04 33.24
C LYS K 5 -43.43 -5.40 33.54
N GLU K 6 -42.99 -6.54 33.01
CA GLU K 6 -41.58 -6.94 33.08
C GLU K 6 -40.90 -6.65 31.75
N TYR K 7 -41.63 -6.01 30.86
CA TYR K 7 -41.12 -5.61 29.56
C TYR K 7 -40.18 -4.42 29.73
N VAL K 8 -40.30 -3.74 30.86
CA VAL K 8 -39.53 -2.54 31.15
C VAL K 8 -38.02 -2.80 31.25
N GLU K 9 -37.62 -3.68 32.17
CA GLU K 9 -36.20 -3.93 32.39
C GLU K 9 -35.56 -4.66 31.20
N MET K 10 -36.38 -5.39 30.45
CA MET K 10 -35.89 -6.08 29.26
C MET K 10 -35.87 -5.15 28.07
N LEU K 11 -36.27 -3.89 28.28
CA LEU K 11 -36.22 -2.87 27.25
C LEU K 11 -35.15 -1.84 27.58
N ASP K 12 -35.05 -1.48 28.85
CA ASP K 12 -34.02 -0.55 29.32
C ASP K 12 -32.66 -1.22 29.23
N ARG K 13 -32.66 -2.54 29.23
CA ARG K 13 -31.44 -3.32 29.05
C ARG K 13 -31.02 -3.31 27.58
N LEU K 14 -31.96 -2.97 26.71
CA LEU K 14 -31.69 -2.90 25.27
C LEU K 14 -31.13 -1.53 24.90
N TYR K 15 -31.60 -0.49 25.58
CA TYR K 15 -31.10 0.87 25.35
C TYR K 15 -29.85 1.14 26.18
N SER K 16 -29.25 0.06 26.67
CA SER K 16 -27.98 0.13 27.38
C SER K 16 -26.94 -0.72 26.67
N LYS K 17 -27.39 -1.45 25.65
CA LYS K 17 -26.52 -2.26 24.81
C LYS K 17 -26.44 -1.67 23.41
N LEU K 18 -27.57 -1.19 22.91
CA LEU K 18 -27.65 -0.63 21.56
C LEU K 18 -27.09 0.78 21.45
N PRO K 19 -27.56 1.71 22.30
CA PRO K 19 -27.12 3.11 22.25
C PRO K 19 -25.70 3.32 22.74
N GLU K 20 -24.73 2.71 22.07
CA GLU K 20 -23.32 2.94 22.36
C GLU K 20 -22.52 2.92 21.05
N LYS K 21 -22.99 2.13 20.09
CA LYS K 21 -22.36 2.08 18.78
C LYS K 21 -23.34 1.53 17.74
N GLY K 22 -24.43 0.93 18.22
CA GLY K 22 -25.46 0.41 17.34
C GLY K 22 -26.43 1.51 16.96
N ARG K 23 -26.72 2.37 17.92
CA ARG K 23 -27.62 3.50 17.69
C ARG K 23 -26.87 4.63 17.00
N LYS K 24 -25.54 4.51 16.95
CA LYS K 24 -24.69 5.55 16.40
C LYS K 24 -24.63 5.51 14.87
N GLU K 25 -25.60 6.14 14.23
CA GLU K 25 -25.62 6.26 12.78
C GLU K 25 -25.24 7.68 12.36
N GLY K 26 -24.06 7.82 11.78
CA GLY K 26 -23.60 9.13 11.34
C GLY K 26 -22.23 9.09 10.70
N THR K 27 -21.90 10.14 9.96
CA THR K 27 -20.61 10.24 9.29
C THR K 27 -19.51 10.64 10.27
N GLN K 28 -18.79 9.65 10.78
CA GLN K 28 -17.70 9.90 11.72
C GLN K 28 -16.37 9.44 11.14
N SER K 29 -15.28 10.07 11.58
CA SER K 29 -13.94 9.74 11.10
C SER K 29 -13.85 9.81 9.58
N LEU K 30 -14.03 11.01 9.04
CA LEU K 30 -14.06 11.24 7.59
C LEU K 30 -12.69 11.08 6.94
N PRO K 31 -12.49 9.98 6.19
CA PRO K 31 -11.24 9.71 5.50
C PRO K 31 -11.20 10.32 4.09
N ASN K 32 -12.31 10.18 3.36
CA ASN K 32 -12.36 10.56 1.94
C ASN K 32 -12.72 12.03 1.70
N MET K 33 -11.92 12.69 0.85
CA MET K 33 -12.14 14.09 0.53
C MET K 33 -11.12 14.55 -0.52
N ILE K 34 -11.47 14.40 -1.79
CA ILE K 34 -10.58 14.80 -2.88
C ILE K 34 -11.09 16.04 -3.61
N ILE K 35 -10.17 16.87 -4.07
CA ILE K 35 -10.49 18.14 -4.72
C ILE K 35 -10.85 17.96 -6.18
N LEU K 36 -11.37 19.02 -6.80
CA LEU K 36 -11.74 18.99 -8.22
C LEU K 36 -10.50 19.16 -9.10
N ASN K 37 -9.86 18.04 -9.45
CA ASN K 37 -8.62 18.07 -10.22
C ASN K 37 -8.37 16.80 -11.02
N ILE K 38 -8.91 16.75 -12.23
CA ILE K 38 -8.72 15.60 -13.12
C ILE K 38 -8.13 16.03 -14.46
N GLY K 39 -8.60 17.17 -14.97
CA GLY K 39 -8.14 17.70 -16.23
C GLY K 39 -6.64 17.96 -16.26
N ASN K 40 -6.14 18.70 -15.26
CA ASN K 40 -4.71 18.95 -15.15
C ASN K 40 -3.93 17.64 -15.07
N THR K 41 -4.18 16.90 -13.99
CA THR K 41 -3.59 15.57 -13.81
C THR K 41 -4.66 14.61 -13.28
N THR K 42 -4.57 13.34 -13.66
CA THR K 42 -5.56 12.35 -13.26
C THR K 42 -5.07 11.50 -12.10
N ILE K 43 -4.96 12.11 -10.91
CA ILE K 43 -4.42 11.42 -9.75
C ILE K 43 -5.16 11.80 -8.47
N ILE K 44 -5.05 10.94 -7.46
CA ILE K 44 -5.60 11.21 -6.14
C ILE K 44 -4.54 11.89 -5.27
N ARG K 45 -4.96 12.89 -4.50
CA ARG K 45 -4.04 13.64 -3.64
C ARG K 45 -3.10 12.71 -2.87
N ASN K 46 -3.68 11.72 -2.20
CA ASN K 46 -2.92 10.72 -1.46
C ASN K 46 -3.73 9.44 -1.30
N PHE K 47 -3.16 8.32 -1.72
CA PHE K 47 -3.88 7.04 -1.70
C PHE K 47 -3.18 5.99 -0.84
N ALA K 48 -1.85 6.01 -0.85
CA ALA K 48 -1.07 5.00 -0.14
C ALA K 48 -1.20 5.15 1.37
N GLU K 49 -0.87 6.33 1.88
CA GLU K 49 -0.92 6.59 3.32
C GLU K 49 -2.34 6.94 3.75
N TYR K 50 -3.32 6.24 3.18
CA TYR K 50 -4.73 6.53 3.41
C TYR K 50 -5.55 5.24 3.58
N CYS K 51 -5.38 4.31 2.65
CA CYS K 51 -6.13 3.05 2.68
C CYS K 51 -5.68 2.14 3.82
N ASP K 52 -4.51 2.43 4.38
CA ASP K 52 -3.96 1.67 5.50
C ASP K 52 -4.91 1.70 6.70
N ARG K 53 -5.84 2.65 6.67
CA ARG K 53 -6.78 2.84 7.76
C ARG K 53 -7.61 1.60 8.06
N ILE K 54 -7.78 0.75 7.05
CA ILE K 54 -8.66 -0.41 7.18
C ILE K 54 -8.02 -1.71 6.69
N ARG K 55 -6.80 -1.97 7.13
CA ARG K 55 -6.10 -3.21 6.79
C ARG K 55 -5.90 -3.40 5.29
N ARG K 56 -6.04 -2.33 4.52
CA ARG K 56 -5.81 -2.38 3.08
C ARG K 56 -4.31 -2.34 2.81
N GLU K 57 -3.77 -3.43 2.28
CA GLU K 57 -2.33 -3.56 2.09
C GLU K 57 -1.79 -2.43 1.22
N ASP K 58 -2.36 -2.29 0.03
CA ASP K 58 -1.85 -1.33 -0.94
C ASP K 58 -2.74 -1.28 -2.18
N LYS K 59 -2.88 -2.42 -2.83
CA LYS K 59 -3.60 -2.50 -4.10
C LYS K 59 -4.86 -3.36 -4.04
N ILE K 60 -5.60 -3.26 -2.94
CA ILE K 60 -6.91 -3.91 -2.85
C ILE K 60 -7.95 -3.09 -3.60
N CYS K 61 -8.10 -1.83 -3.20
CA CYS K 61 -8.98 -0.90 -3.90
C CYS K 61 -8.21 -0.08 -4.93
N MET K 62 -7.14 -0.69 -5.46
CA MET K 62 -6.35 -0.06 -6.53
C MET K 62 -6.54 -0.84 -7.82
N LYS K 63 -6.54 -2.16 -7.72
CA LYS K 63 -6.87 -3.03 -8.84
C LYS K 63 -8.39 -3.09 -8.95
N TYR K 64 -9.05 -2.57 -7.92
CA TYR K 64 -10.49 -2.39 -7.91
C TYR K 64 -10.86 -1.20 -8.79
N LEU K 65 -10.00 -0.18 -8.75
CA LEU K 65 -10.15 1.01 -9.59
C LEU K 65 -9.55 0.73 -10.97
N LEU K 66 -8.83 -0.38 -11.08
CA LEU K 66 -8.37 -0.86 -12.37
C LEU K 66 -9.57 -1.31 -13.19
N LYS K 67 -10.62 -1.71 -12.47
CA LYS K 67 -11.86 -2.16 -13.07
C LYS K 67 -12.91 -1.06 -13.07
N GLU K 68 -12.45 0.17 -12.90
CA GLU K 68 -13.34 1.33 -12.87
C GLU K 68 -13.09 2.23 -14.07
N LEU K 69 -11.99 1.99 -14.77
CA LEU K 69 -11.62 2.76 -15.94
C LEU K 69 -10.95 1.88 -16.99
N ALA K 70 -9.64 1.76 -16.88
CA ALA K 70 -8.86 0.94 -17.78
C ALA K 70 -7.42 0.82 -17.26
N ALA K 71 -6.98 1.86 -16.56
CA ALA K 71 -5.62 1.89 -16.02
C ALA K 71 -5.53 1.19 -14.67
N PRO K 72 -4.52 0.32 -14.51
CA PRO K 72 -4.28 -0.41 -13.27
C PRO K 72 -3.83 0.51 -12.14
N GLY K 73 -3.41 1.73 -12.49
CA GLY K 73 -2.85 2.65 -11.52
C GLY K 73 -1.39 2.32 -11.28
N ASN K 74 -0.86 2.70 -10.13
CA ASN K 74 0.50 2.33 -9.76
C ASN K 74 0.85 2.60 -8.30
N VAL K 75 1.82 1.87 -7.79
CA VAL K 75 2.30 2.07 -6.43
C VAL K 75 3.45 3.08 -6.46
N ASP K 76 3.10 4.35 -6.60
CA ASP K 76 4.09 5.41 -6.69
C ASP K 76 4.95 5.46 -5.44
N ASP K 77 6.18 5.96 -5.58
CA ASP K 77 7.08 6.10 -4.46
C ASP K 77 6.61 7.18 -3.48
N LYS K 78 5.74 8.06 -3.97
CA LYS K 78 5.14 9.09 -3.13
C LYS K 78 3.87 8.56 -2.46
N GLY K 79 3.05 7.86 -3.23
CA GLY K 79 1.81 7.32 -2.72
C GLY K 79 0.60 7.78 -3.53
N GLU K 80 0.84 8.68 -4.47
CA GLU K 80 -0.22 9.23 -5.32
C GLU K 80 -0.62 8.26 -6.43
N LEU K 81 -1.87 7.81 -6.40
CA LEU K 81 -2.38 6.85 -7.37
C LEU K 81 -2.67 7.50 -8.72
N VAL K 82 -1.83 7.18 -9.71
CA VAL K 82 -1.99 7.74 -11.04
C VAL K 82 -3.02 6.96 -11.86
N ILE K 83 -4.25 7.46 -11.88
CA ILE K 83 -5.31 6.80 -12.62
C ILE K 83 -5.70 7.64 -13.83
N GLN K 84 -5.12 7.30 -14.99
CA GLN K 84 -5.37 8.03 -16.22
C GLN K 84 -6.78 7.77 -16.75
N GLY K 85 -7.74 8.52 -16.24
CA GLY K 85 -9.12 8.41 -16.67
C GLY K 85 -9.54 9.60 -17.50
N LYS K 86 -10.08 9.33 -18.69
CA LYS K 86 -10.50 10.39 -19.60
C LYS K 86 -11.95 10.81 -19.36
N PHE K 87 -12.70 9.97 -18.65
CA PHE K 87 -14.08 10.28 -18.30
C PHE K 87 -14.25 10.29 -16.78
N SER K 88 -13.14 10.42 -16.07
CA SER K 88 -13.16 10.51 -14.62
C SER K 88 -13.68 11.87 -14.18
N SER K 89 -15.00 12.01 -14.16
CA SER K 89 -15.65 13.27 -13.80
C SER K 89 -16.01 13.28 -12.31
N GLN K 90 -15.02 13.58 -11.47
CA GLN K 90 -15.21 13.64 -10.03
C GLN K 90 -15.73 12.32 -9.46
N VAL K 91 -15.43 11.22 -10.16
CA VAL K 91 -15.87 9.89 -9.75
C VAL K 91 -14.90 9.27 -8.76
N ILE K 92 -13.91 10.05 -8.34
CA ILE K 92 -12.91 9.58 -7.40
C ILE K 92 -13.54 9.20 -6.06
N ASN K 93 -14.33 10.11 -5.51
CA ASN K 93 -14.99 9.88 -4.22
C ASN K 93 -16.22 9.00 -4.34
N THR K 94 -16.62 8.70 -5.57
CA THR K 94 -17.81 7.89 -5.82
C THR K 94 -17.51 6.41 -5.56
N LEU K 95 -16.22 6.07 -5.58
CA LEU K 95 -15.78 4.71 -5.34
C LEU K 95 -15.03 4.66 -4.00
N MET K 96 -14.72 5.84 -3.47
CA MET K 96 -13.98 5.95 -2.21
C MET K 96 -14.90 5.82 -1.00
N GLU K 97 -16.19 5.61 -1.26
CA GLU K 97 -17.16 5.45 -0.19
C GLU K 97 -17.84 4.07 -0.26
N ARG K 98 -17.71 3.41 -1.40
CA ARG K 98 -18.30 2.09 -1.60
C ARG K 98 -17.60 1.05 -0.76
N PHE K 99 -18.21 0.73 0.39
CA PHE K 99 -17.70 -0.27 1.32
C PHE K 99 -18.35 -0.04 2.68
N LEU K 100 -19.54 0.56 2.65
CA LEU K 100 -20.30 0.86 3.86
C LEU K 100 -20.69 -0.41 4.61
N LYS K 101 -20.92 -1.48 3.87
CA LYS K 101 -21.34 -2.75 4.45
C LYS K 101 -20.34 -3.84 4.13
N ALA K 102 -19.05 -3.55 4.37
CA ALA K 102 -17.99 -4.50 4.03
C ALA K 102 -16.79 -4.40 4.97
N TYR K 103 -16.49 -3.19 5.43
CA TYR K 103 -15.35 -2.98 6.32
C TYR K 103 -15.72 -3.34 7.75
N VAL K 104 -16.89 -2.89 8.18
CA VAL K 104 -17.45 -3.27 9.48
C VAL K 104 -18.93 -3.50 9.29
N GLU K 105 -19.45 -4.46 10.03
CA GLU K 105 -20.86 -4.80 9.91
C GLU K 105 -21.13 -5.47 8.57
N CYS K 106 -21.26 -6.80 8.58
CA CYS K 106 -21.39 -7.55 7.33
C CYS K 106 -21.99 -8.94 7.60
N SER K 107 -21.63 -9.90 6.75
CA SER K 107 -22.17 -11.24 6.85
C SER K 107 -21.87 -11.86 8.22
N THR K 108 -22.83 -11.80 9.11
CA THR K 108 -22.78 -12.58 10.35
C THR K 108 -21.77 -12.00 11.33
N CYS K 109 -21.02 -10.98 10.88
CA CYS K 109 -19.84 -10.52 11.59
C CYS K 109 -19.90 -9.02 11.84
N LYS K 110 -20.00 -8.64 13.12
CA LYS K 110 -19.53 -7.34 13.57
C LYS K 110 -18.33 -7.49 14.51
N SER K 111 -18.57 -8.14 15.65
CA SER K 111 -18.49 -7.48 16.95
C SER K 111 -17.78 -6.13 16.83
N LEU K 112 -16.45 -6.16 16.87
CA LEU K 112 -15.70 -5.52 17.95
C LEU K 112 -14.40 -4.92 17.45
N ASP K 113 -13.59 -5.75 16.78
CA ASP K 113 -12.22 -5.39 16.48
C ASP K 113 -12.11 -4.62 15.17
N THR K 114 -11.59 -5.28 14.14
CA THR K 114 -11.37 -4.63 12.86
C THR K 114 -11.83 -5.52 11.71
N ILE K 115 -10.91 -5.83 10.79
CA ILE K 115 -11.25 -6.54 9.57
C ILE K 115 -10.06 -7.32 9.03
N LEU K 116 -10.31 -8.54 8.59
CA LEU K 116 -9.28 -9.34 7.92
C LEU K 116 -9.82 -9.95 6.62
N LYS K 117 -9.13 -10.95 6.10
CA LYS K 117 -9.58 -11.63 4.88
C LYS K 117 -9.23 -13.11 4.92
N LYS K 118 -9.78 -13.87 3.96
CA LYS K 118 -9.46 -15.28 3.85
C LYS K 118 -9.07 -15.65 2.41
N GLU K 119 -9.93 -16.41 1.73
CA GLU K 119 -9.60 -16.92 0.40
C GLU K 119 -10.66 -16.59 -0.66
N LYS K 120 -10.86 -17.53 -1.59
CA LYS K 120 -11.75 -17.31 -2.72
C LYS K 120 -13.22 -17.36 -2.33
N LYS K 121 -13.79 -18.57 -2.33
CA LYS K 121 -15.20 -18.77 -2.02
C LYS K 121 -15.47 -18.76 -0.52
N SER K 122 -14.57 -18.12 0.24
CA SER K 122 -14.71 -18.07 1.70
C SER K 122 -14.54 -16.65 2.24
N TRP K 123 -15.37 -16.29 3.21
CA TRP K 123 -15.28 -14.99 3.87
C TRP K 123 -14.86 -15.12 5.32
N TYR K 124 -13.77 -15.85 5.55
CA TYR K 124 -13.15 -15.98 6.86
C TYR K 124 -14.13 -16.24 8.03
N ILE K 125 -14.44 -17.52 8.24
CA ILE K 125 -15.25 -17.99 9.38
C ILE K 125 -16.55 -17.20 9.59
N VAL K 126 -17.00 -17.35 10.84
CA VAL K 126 -18.08 -16.55 11.46
C VAL K 126 -17.44 -15.73 12.59
N CYS K 127 -16.99 -14.54 12.26
CA CYS K 127 -16.38 -13.60 13.22
C CYS K 127 -14.93 -13.87 13.63
N LEU K 128 -14.70 -13.88 14.96
CA LEU K 128 -13.37 -13.96 15.60
C LEU K 128 -13.00 -12.60 16.20
N ALA K 129 -14.00 -12.06 16.86
CA ALA K 129 -13.87 -10.84 17.66
C ALA K 129 -13.66 -11.20 19.13
N CYS K 130 -14.71 -11.72 19.76
CA CYS K 130 -14.61 -12.17 21.14
C CYS K 130 -14.79 -13.69 21.26
N GLY K 131 -14.78 -14.36 20.11
CA GLY K 131 -14.86 -15.81 20.08
C GLY K 131 -16.25 -16.38 20.31
N ALA K 132 -16.30 -17.60 20.83
CA ALA K 132 -17.56 -18.28 21.15
C ALA K 132 -18.44 -18.50 19.93
N GLN K 133 -18.27 -19.64 19.27
CA GLN K 133 -18.79 -19.85 17.93
C GLN K 133 -19.43 -21.22 17.79
N THR K 134 -20.67 -21.26 17.32
CA THR K 134 -21.31 -22.50 16.92
C THR K 134 -20.47 -23.25 15.89
N PRO K 135 -20.36 -24.56 16.05
CA PRO K 135 -19.13 -25.29 15.69
C PRO K 135 -19.02 -25.47 14.17
N VAL K 136 -19.49 -26.60 13.67
CA VAL K 136 -19.87 -26.72 12.27
C VAL K 136 -18.64 -26.72 11.37
N LYS K 137 -18.73 -26.00 10.25
CA LYS K 137 -17.56 -25.40 9.62
C LYS K 137 -17.97 -24.38 8.57
N PRO K 138 -19.08 -24.64 7.90
CA PRO K 138 -19.60 -23.72 6.87
C PRO K 138 -20.61 -22.74 7.46
N LEU K 139 -20.14 -21.56 7.84
CA LEU K 139 -21.03 -20.51 8.32
C LEU K 139 -20.95 -19.28 7.43
N SER L 2 6.67 -34.91 -27.67
CA SER L 2 7.34 -34.27 -28.80
C SER L 2 7.65 -32.81 -28.50
N SER L 3 8.95 -32.47 -28.51
CA SER L 3 9.38 -31.10 -28.24
C SER L 3 10.76 -30.81 -28.82
N GLU L 4 11.18 -31.61 -29.80
CA GLU L 4 12.49 -31.43 -30.43
C GLU L 4 12.38 -30.84 -31.83
N LYS L 5 11.21 -30.99 -32.44
CA LYS L 5 10.92 -30.34 -33.72
C LYS L 5 9.66 -29.50 -33.57
N GLU L 6 8.69 -30.05 -32.84
CA GLU L 6 7.49 -29.31 -32.47
C GLU L 6 7.53 -29.01 -30.98
N TYR L 7 8.06 -27.84 -30.62
CA TYR L 7 8.20 -27.46 -29.22
C TYR L 7 7.35 -26.23 -28.86
N VAL L 8 8.00 -25.16 -28.43
CA VAL L 8 7.30 -23.94 -28.05
C VAL L 8 6.84 -23.16 -29.27
N GLU L 9 6.29 -23.87 -30.25
CA GLU L 9 5.75 -23.24 -31.45
C GLU L 9 4.42 -22.58 -31.13
N MET L 10 3.77 -23.05 -30.07
CA MET L 10 2.47 -22.52 -29.66
C MET L 10 2.61 -21.32 -28.70
N LEU L 11 3.84 -20.89 -28.48
CA LEU L 11 4.09 -19.69 -27.66
C LEU L 11 3.48 -18.44 -28.30
N ASP L 12 3.76 -18.25 -29.59
CA ASP L 12 3.30 -17.07 -30.32
C ASP L 12 1.77 -16.99 -30.36
N ARG L 13 1.12 -18.14 -30.48
CA ARG L 13 -0.34 -18.20 -30.59
C ARG L 13 -1.01 -18.20 -29.21
N LEU L 14 -0.20 -17.95 -28.18
CA LEU L 14 -0.72 -17.84 -26.82
C LEU L 14 -1.01 -16.38 -26.49
N TYR L 15 -0.12 -15.50 -26.92
CA TYR L 15 -0.28 -14.06 -26.69
C TYR L 15 -1.46 -13.51 -27.49
N SER L 16 -1.79 -14.18 -28.59
CA SER L 16 -2.91 -13.77 -29.42
C SER L 16 -4.23 -14.15 -28.73
N LYS L 17 -4.18 -15.20 -27.91
CA LYS L 17 -5.37 -15.64 -27.18
C LYS L 17 -5.40 -15.04 -25.78
N LEU L 18 -4.38 -14.25 -25.44
CA LEU L 18 -4.38 -13.48 -24.20
C LEU L 18 -5.59 -12.56 -24.16
N PRO L 19 -5.90 -11.93 -25.32
CA PRO L 19 -7.19 -11.27 -25.51
C PRO L 19 -8.03 -12.11 -26.46
N GLU L 20 -8.62 -11.44 -27.46
CA GLU L 20 -9.36 -12.10 -28.52
C GLU L 20 -9.20 -11.30 -29.80
N LYS L 21 -7.96 -11.20 -30.27
CA LYS L 21 -7.60 -10.28 -31.35
C LYS L 21 -8.23 -8.90 -31.16
N GLY L 22 -8.22 -8.44 -29.91
CA GLY L 22 -8.79 -7.15 -29.57
C GLY L 22 -10.18 -7.26 -28.97
N ARG L 23 -11.09 -6.41 -29.43
CA ARG L 23 -12.48 -6.47 -28.99
C ARG L 23 -13.23 -7.45 -29.89
N LYS L 24 -13.50 -8.64 -29.36
CA LYS L 24 -14.13 -9.70 -30.14
C LYS L 24 -15.63 -9.46 -30.30
N GLU L 25 -16.38 -9.59 -29.21
CA GLU L 25 -17.83 -9.41 -29.25
C GLU L 25 -18.25 -8.07 -28.65
N GLY L 26 -18.78 -7.19 -29.49
CA GLY L 26 -19.23 -5.88 -29.07
C GLY L 26 -19.16 -4.86 -30.18
N THR L 27 -20.05 -4.98 -31.16
CA THR L 27 -20.08 -4.06 -32.29
C THR L 27 -21.32 -3.17 -32.24
N GLN L 28 -21.16 -1.89 -32.56
CA GLN L 28 -22.27 -0.94 -32.54
C GLN L 28 -22.68 -0.51 -33.96
N SER L 29 -23.65 -1.23 -34.52
CA SER L 29 -24.16 -0.91 -35.85
C SER L 29 -25.68 -0.92 -35.84
N LEU L 30 -26.24 -0.84 -34.64
CA LEU L 30 -27.70 -0.83 -34.48
C LEU L 30 -28.27 0.56 -34.72
N PRO L 31 -27.89 1.54 -33.87
CA PRO L 31 -28.38 2.91 -34.09
C PRO L 31 -27.78 3.52 -35.36
#